data_8HJU
#
_entry.id   8HJU
#
loop_
_entity.id
_entity.type
_entity.pdbx_description
1 polymer 'Beta subunit of light-harvesting 1'
2 polymer 'Alpha subunit of light-harvesting 1'
3 polymer 'Reaction center protein L chain'
4 polymer 'Reaction center protein M chain'
5 polymer 'MULTIHEME_CYTC DOMAIN-CONTAINING PROTEIN'
6 polymer 'SUBUNIT X'
7 polymer 'SUBUNIT Y'
8 polymer 'SUBUNIT Z'
9 non-polymer 'BACTERIOCHLOROPHYLL A'
10 non-polymer beta,psi-caroten-4-one
11 non-polymer 'BACTERIOPHEOPHYTIN A'
12 non-polymer '2-methyl-3-[(2E,6E,10E,14E,18E,22E,26E,30E,34E,38E)-3,7,11,15,19,23,27,31,35,39,43-undecamethyltetratetraconta-2,6,10,1 4,18,22,26,30,34,38,42-undecaen-1-yl]naphthalene-1,4-dione'
13 non-polymer '(1R)-2-{[{[(2S)-2,3-DIHYDROXYPROPYL]OXY}(HYDROXY)PHOSPHORYL]OXY}-1-[(PALMITOYLOXY)METHYL]ETHYL (11E)-OCTADEC-11-ENOATE'
14 non-polymer 'FE (III) ION'
15 non-polymer 'PROTOPORPHYRIN IX CONTAINING FE'
16 non-polymer 'DIACYL GLYCEROL'
#
loop_
_entity_poly.entity_id
_entity_poly.type
_entity_poly.pdbx_seq_one_letter_code
_entity_poly.pdbx_strand_id
1 'polypeptide(L)' MTDKPQNDLVPDQWKPLFNNAQWLVHDIVVKTIYGGLIIAVIAHVLCWAWTPWIR 0,2,4,6,8,B,E,G,I,K,O,Q,S,U,W
2 'polypeptide(L)' MKDRPFEFRTSVVVSTLLGLVMALLIHFVVLSSGAFNWLRAP 1,3,5,7,9,A,D,F,H,J,N,P,R,T,V
3 'polypeptide(L)'
;MSAVPRALPLPSGETLPAEAISSTGSQAASAEVIPFSIIEEFYKRPGKTLAARFFGVDPFDFWIGRFYVGLFGAISIIGI
ILGVAFYLYEGVVNEGTLNILAMRIEPPPVSQGLNVDPAQPGFFWFLTMVAATIAFVGWLLRQIDISLKLDMGMEVPIAF
GAVVSSWITLQWLRPIAMGAWGHGFPLGITHHLDWVSNIGYQYYNFFYNPFHAIGITLLFASTLFLHMHGSAVLSEAKRN
ISDQNIHVFWRNILGYSIGEIGIHRVAFWTGAASVLFSNLCIFLSGTFVKDWNAFWGFWDKMPIWNGVGQGALVA
;
L
4 'polypeptide(L)'
;PIDLHDEEYRDGLEGTIAKPPGHVGWMQRLLGEGQVGPIYVGLWGVISFITFFASAFIILVDYGRQVGWNPIIYLREFWN
LAVYPPPTEYGLSWNVPWDKGGAWLAATFFLHISVLTWWARLYTRAKATGVGTQLAWGFASALSLYFVIYLFHPLALGNW
SAAPGHGFRAILDWTNYVSIHWGNFYYNPFHMLSIFFLLGSTLLLAMHGATIVATSKWKSEMEFTEMMAEGPGTQRAQLF
WRWVMGWNANSYNIHIWAWWFAAFTAITGAIGLFLSGTLVPDWYAWGETAKIVAPWPNPDWAQYVFR
;
M
5 'polypeptide(L)'
;MIQQPPTLFPEITNTVRGRFYIVAGIISVVMAVASIAIFWWIFYTITPAPAPPLQNPIYVNYTQEPTDYISAESLAAMNA
YIQANPQPQAVQVLKGMTTAQISAYMVAQVSGGLKVDCSYCHNIANFAQQDGYPNAAKKVTARKMMLMSADLNQNYTAKL
PASVGGYQITCATCHNGKAAGLEPYPIEIMNTLPNDWRLPLELDYPGGLVVTGRKDVSNHEVEQNQFAMYHMNVSMGQGC
TFCHNARYFPSYEIAQKNHSIIMLQMTKHIQETYVAPGGRIADGIMAGKSPSCWLCHQGANIPPGAAKPGQVPAVLSSTP
;
C
6 'polypeptide(L)' MAPFLMAFFTIVLIVATLYFLSMIMSGKPESR X
7 'polypeptide(L)' MNWIVATFMLMFVLVAFLPLVVSLAYTWVTNPETQSTEE Y
8 'polypeptide(L)' MDFLILLQAEPSPWPVWSGYALCFVPLAAVILGFIIAARFTDKQATSAYLRLDPAKANEPEQG Z
#
loop_
_chem_comp.id
_chem_comp.type
_chem_comp.name
_chem_comp.formula
BCL non-polymer 'BACTERIOCHLOROPHYLL A' 'C55 H74 Mg N4 O6'
BPH non-polymer 'BACTERIOPHEOPHYTIN A' 'C55 H76 N4 O6'
DGA non-polymer 'DIACYL GLYCEROL' 'C39 H76 O5'
FE non-polymer 'FE (III) ION' 'Fe 3'
HEM non-polymer 'PROTOPORPHYRIN IX CONTAINING FE' 'C34 H32 Fe N4 O4'
KGD non-polymer beta,psi-caroten-4-one 'C40 H54 O'
MQE non-polymer '2-methyl-3-[(2E,6E,10E,14E,18E,22E,26E,30E,34E,38E)-3,7,11,15,19,23,27,31,35,39,43-undecamethyltetratetraconta-2,6,10,1 4,18,22,26,30,34,38,42-undecaen-1-yl]naphthalene-1,4-dione' 'C66 H96 O2'
PGV non-polymer '(1R)-2-{[{[(2S)-2,3-DIHYDROXYPROPYL]OXY}(HYDROXY)PHOSPHORYL]OXY}-1-[(PALMITOYLOXY)METHYL]ETHYL (11E)-OCTADEC-11-ENOATE' 'C40 H77 O10 P'
#
# COMPACT_ATOMS: atom_id res chain seq x y z
N ASN A 7 -39.36 -43.63 8.65
CA ASN A 7 -39.62 -43.42 7.23
C ASN A 7 -40.78 -44.27 6.74
N ASP A 8 -41.65 -44.68 7.66
CA ASP A 8 -42.79 -45.51 7.30
C ASP A 8 -43.74 -44.77 6.36
N LEU A 9 -43.97 -43.50 6.62
CA LEU A 9 -44.90 -42.72 5.81
C LEU A 9 -44.34 -42.51 4.41
N VAL A 10 -43.04 -42.71 4.23
CA VAL A 10 -42.46 -42.59 2.89
C VAL A 10 -42.79 -43.85 2.09
N PRO A 11 -43.12 -43.71 0.77
CA PRO A 11 -43.30 -44.95 0.01
C PRO A 11 -42.01 -45.73 -0.09
N ASP A 12 -42.08 -47.00 -0.48
CA ASP A 12 -40.89 -47.84 -0.47
C ASP A 12 -39.88 -47.47 -1.51
N GLN A 13 -40.34 -46.95 -2.62
CA GLN A 13 -39.44 -46.48 -3.66
C GLN A 13 -38.54 -45.36 -3.19
N TRP A 14 -39.05 -44.47 -2.34
CA TRP A 14 -38.27 -43.31 -1.94
C TRP A 14 -37.76 -43.42 -0.51
N LYS A 15 -37.90 -44.57 0.13
CA LYS A 15 -37.36 -44.76 1.46
C LYS A 15 -35.84 -44.58 1.53
N PRO A 16 -35.03 -45.00 0.54
CA PRO A 16 -33.59 -44.75 0.65
C PRO A 16 -33.22 -43.28 0.63
N LEU A 17 -34.13 -42.40 0.21
CA LEU A 17 -33.82 -40.99 0.03
C LEU A 17 -34.48 -40.07 1.04
N PHE A 18 -35.69 -40.38 1.47
CA PHE A 18 -36.49 -39.45 2.26
C PHE A 18 -36.69 -39.97 3.67
N ASN A 19 -36.40 -39.12 4.65
CA ASN A 19 -36.75 -39.36 6.03
C ASN A 19 -38.26 -39.26 6.21
N ASN A 20 -38.73 -39.54 7.42
CA ASN A 20 -40.14 -39.38 7.71
C ASN A 20 -40.54 -37.92 7.72
N ALA A 21 -39.71 -37.06 8.33
CA ALA A 21 -40.00 -35.64 8.35
C ALA A 21 -39.67 -34.97 7.03
N GLN A 22 -38.64 -35.44 6.33
CA GLN A 22 -38.29 -34.84 5.05
C GLN A 22 -39.37 -35.09 4.01
N TRP A 23 -40.15 -36.15 4.16
CA TRP A 23 -41.20 -36.43 3.19
C TRP A 23 -42.34 -35.42 3.30
N LEU A 24 -42.70 -35.02 4.51
CA LEU A 24 -43.76 -34.03 4.68
C LEU A 24 -43.33 -32.66 4.18
N VAL A 25 -42.12 -32.24 4.54
CA VAL A 25 -41.59 -30.98 4.02
C VAL A 25 -41.48 -31.04 2.51
N HIS A 26 -41.17 -32.26 1.88
CA HIS A 26 -41.13 -32.38 0.43
C HIS A 26 -42.51 -32.23 -0.16
N ASP A 27 -43.47 -32.76 0.53
CA ASP A 27 -44.82 -32.61 0.04
C ASP A 27 -45.23 -31.14 0.04
N ILE A 28 -44.89 -30.42 1.10
CA ILE A 28 -45.19 -28.98 1.14
C ILE A 28 -44.47 -28.26 0.01
N VAL A 29 -43.20 -28.59 -0.21
CA VAL A 29 -42.42 -27.93 -1.26
C VAL A 29 -43.03 -28.22 -2.63
N VAL A 30 -43.45 -29.45 -2.86
CA VAL A 30 -44.03 -29.82 -4.15
C VAL A 30 -45.34 -29.07 -4.38
N LYS A 31 -46.19 -29.03 -3.36
CA LYS A 31 -47.47 -28.33 -3.54
C LYS A 31 -47.25 -26.83 -3.70
N THR A 32 -46.27 -26.26 -3.01
CA THR A 32 -45.95 -24.86 -3.19
C THR A 32 -45.43 -24.58 -4.58
N ILE A 33 -44.58 -25.46 -5.11
CA ILE A 33 -44.06 -25.29 -6.45
C ILE A 33 -45.19 -25.38 -7.47
N TYR A 34 -46.15 -26.29 -7.25
CA TYR A 34 -47.26 -26.42 -8.17
C TYR A 34 -48.16 -25.19 -8.14
N GLY A 35 -48.48 -24.70 -6.94
CA GLY A 35 -49.26 -23.49 -6.85
C GLY A 35 -48.57 -22.31 -7.48
N GLY A 36 -47.27 -22.16 -7.22
CA GLY A 36 -46.50 -21.11 -7.85
C GLY A 36 -46.43 -21.23 -9.35
N LEU A 37 -46.43 -22.46 -9.85
CA LEU A 37 -46.42 -22.67 -11.30
C LEU A 37 -47.75 -22.24 -11.90
N ILE A 38 -48.86 -22.61 -11.26
CA ILE A 38 -50.16 -22.17 -11.76
C ILE A 38 -50.25 -20.65 -11.77
N ILE A 39 -49.79 -20.03 -10.68
CA ILE A 39 -49.83 -18.57 -10.61
C ILE A 39 -48.91 -17.96 -11.66
N ALA A 40 -47.77 -18.60 -11.93
CA ALA A 40 -46.84 -18.07 -12.91
C ALA A 40 -47.41 -18.19 -14.33
N VAL A 41 -48.10 -19.30 -14.61
CA VAL A 41 -48.75 -19.44 -15.91
C VAL A 41 -49.84 -18.39 -16.07
N ILE A 42 -50.63 -18.16 -15.03
CA ILE A 42 -51.67 -17.14 -15.11
C ILE A 42 -51.04 -15.76 -15.32
N ALA A 43 -49.96 -15.48 -14.61
CA ALA A 43 -49.30 -14.19 -14.74
C ALA A 43 -48.72 -14.00 -16.14
N HIS A 44 -48.17 -15.06 -16.72
CA HIS A 44 -47.62 -14.97 -18.06
C HIS A 44 -48.72 -14.77 -19.10
N VAL A 45 -49.84 -15.47 -18.95
CA VAL A 45 -50.94 -15.26 -19.89
C VAL A 45 -51.48 -13.84 -19.78
N LEU A 46 -51.58 -13.32 -18.56
CA LEU A 46 -52.07 -11.96 -18.39
C LEU A 46 -51.09 -10.94 -18.98
N CYS A 47 -49.80 -11.10 -18.72
CA CYS A 47 -48.82 -10.18 -19.28
C CYS A 47 -48.73 -10.30 -20.79
N TRP A 48 -49.02 -11.47 -21.35
CA TRP A 48 -49.03 -11.58 -22.81
C TRP A 48 -50.25 -10.88 -23.40
N ALA A 49 -51.43 -11.12 -22.80
CA ALA A 49 -52.62 -10.42 -23.27
C ALA A 49 -52.47 -8.91 -23.13
N TRP A 50 -51.66 -8.47 -22.17
CA TRP A 50 -51.43 -7.04 -21.97
C TRP A 50 -50.42 -6.49 -22.97
N THR A 51 -49.21 -7.02 -22.95
CA THR A 51 -48.16 -6.58 -23.86
C THR A 51 -47.31 -7.77 -24.29
N PRO A 52 -47.49 -8.28 -25.51
CA PRO A 52 -46.67 -9.41 -25.97
C PRO A 52 -45.20 -9.01 -26.07
N TRP A 53 -44.34 -9.81 -25.45
CA TRP A 53 -42.92 -9.53 -25.41
C TRP A 53 -42.17 -10.13 -26.59
N ILE A 54 -42.76 -11.10 -27.28
CA ILE A 54 -42.06 -11.78 -28.37
C ILE A 54 -42.25 -11.03 -29.67
N ARG A 55 -43.41 -10.41 -29.87
CA ARG A 55 -43.64 -9.61 -31.06
C ARG A 55 -43.02 -10.22 -32.32
N GLU B 7 22.63 -28.94 -8.42
CA GLU B 7 21.71 -29.99 -8.84
C GLU B 7 21.50 -29.92 -10.34
N PHE B 8 21.51 -31.09 -10.98
CA PHE B 8 21.31 -31.12 -12.42
C PHE B 8 19.92 -30.64 -12.81
N ARG B 9 18.92 -30.95 -11.98
CA ARG B 9 17.56 -30.48 -12.25
C ARG B 9 17.48 -28.96 -12.25
N THR B 10 18.20 -28.33 -11.32
CA THR B 10 18.19 -26.86 -11.26
C THR B 10 18.79 -26.27 -12.52
N SER B 11 19.95 -26.77 -12.94
CA SER B 11 20.58 -26.26 -14.15
C SER B 11 19.68 -26.49 -15.37
N VAL B 12 18.99 -27.65 -15.42
CA VAL B 12 18.11 -27.91 -16.54
C VAL B 12 16.96 -26.92 -16.56
N VAL B 13 16.32 -26.70 -15.42
CA VAL B 13 15.20 -25.76 -15.35
C VAL B 13 15.65 -24.37 -15.77
N VAL B 14 16.78 -23.91 -15.20
CA VAL B 14 17.25 -22.56 -15.50
C VAL B 14 17.61 -22.41 -16.96
N SER B 15 18.36 -23.36 -17.51
CA SER B 15 18.77 -23.27 -18.92
C SER B 15 17.57 -23.32 -19.85
N THR B 16 16.62 -24.21 -19.58
CA THR B 16 15.46 -24.34 -20.45
C THR B 16 14.60 -23.09 -20.41
N LEU B 17 14.40 -22.54 -19.21
CA LEU B 17 13.59 -21.34 -19.10
C LEU B 17 14.30 -20.16 -19.74
N LEU B 18 15.61 -20.04 -19.55
CA LEU B 18 16.36 -18.97 -20.19
C LEU B 18 16.29 -19.09 -21.71
N GLY B 19 16.42 -20.30 -22.24
CA GLY B 19 16.35 -20.48 -23.67
C GLY B 19 14.98 -20.14 -24.23
N LEU B 20 13.92 -20.54 -23.53
CA LEU B 20 12.57 -20.24 -23.99
C LEU B 20 12.31 -18.73 -23.95
N VAL B 21 12.69 -18.09 -22.84
CA VAL B 21 12.51 -16.65 -22.72
C VAL B 21 13.30 -15.92 -23.79
N MET B 22 14.52 -16.38 -24.03
CA MET B 22 15.40 -15.74 -25.05
C MET B 22 14.75 -15.91 -26.43
N ALA B 23 14.30 -17.12 -26.77
CA ALA B 23 13.69 -17.36 -28.06
C ALA B 23 12.47 -16.48 -28.27
N LEU B 24 11.62 -16.39 -27.25
CA LEU B 24 10.45 -15.52 -27.35
C LEU B 24 10.85 -14.06 -27.52
N LEU B 25 11.82 -13.60 -26.73
CA LEU B 25 12.26 -12.21 -26.82
C LEU B 25 12.84 -11.89 -28.18
N ILE B 26 13.68 -12.79 -28.70
CA ILE B 26 14.31 -12.52 -29.99
C ILE B 26 13.29 -12.58 -31.11
N HIS B 27 12.36 -13.54 -31.05
CA HIS B 27 11.30 -13.57 -32.04
C HIS B 27 10.49 -12.28 -32.03
N PHE B 28 10.19 -11.77 -30.84
CA PHE B 28 9.33 -10.60 -30.76
C PHE B 28 10.07 -9.36 -31.21
N VAL B 29 11.36 -9.26 -30.88
CA VAL B 29 12.18 -8.14 -31.33
C VAL B 29 12.32 -8.17 -32.85
N VAL B 30 12.53 -9.35 -33.43
CA VAL B 30 12.71 -9.44 -34.87
C VAL B 30 11.39 -9.17 -35.59
N LEU B 31 10.28 -9.63 -35.03
CA LEU B 31 9.00 -9.42 -35.69
C LEU B 31 8.56 -7.96 -35.61
N SER B 32 8.82 -7.31 -34.46
CA SER B 32 8.45 -5.92 -34.31
C SER B 32 9.36 -4.99 -35.09
N SER B 33 10.56 -5.43 -35.45
CA SER B 33 11.51 -4.56 -36.14
C SER B 33 11.02 -4.22 -37.54
N GLY B 34 10.15 -5.06 -38.11
CA GLY B 34 9.72 -4.85 -39.47
C GLY B 34 10.83 -4.93 -40.49
N ALA B 35 11.90 -5.67 -40.16
CA ALA B 35 13.08 -5.84 -41.02
C ALA B 35 13.02 -6.99 -41.96
N PHE B 36 12.55 -8.11 -41.47
CA PHE B 36 12.38 -9.27 -42.29
C PHE B 36 10.96 -9.23 -42.76
N ASN B 37 10.67 -9.78 -43.94
CA ASN B 37 9.32 -9.78 -44.49
C ASN B 37 8.47 -10.90 -43.97
N TRP B 38 8.26 -10.96 -42.67
CA TRP B 38 7.54 -12.03 -42.03
C TRP B 38 6.17 -11.57 -41.52
N LEU B 39 5.10 -12.29 -41.83
CA LEU B 39 3.73 -11.97 -41.41
C LEU B 39 3.38 -10.54 -41.84
N ARG B 40 3.62 -10.25 -43.11
CA ARG B 40 3.29 -8.95 -43.72
C ARG B 40 3.98 -7.81 -42.99
N ALA B 41 5.31 -7.79 -43.09
CA ALA B 41 6.09 -6.73 -42.48
C ALA B 41 6.99 -6.06 -43.53
N ASN C 7 24.53 -45.67 -10.04
CA ASN C 7 25.32 -45.00 -11.07
C ASN C 7 26.09 -46.00 -11.92
N ASP C 8 25.51 -47.17 -12.13
CA ASP C 8 26.19 -48.21 -12.90
C ASP C 8 26.47 -47.84 -14.35
N LEU C 9 25.51 -47.20 -15.00
CA LEU C 9 25.67 -46.87 -16.42
C LEU C 9 26.52 -45.63 -16.65
N VAL C 10 26.84 -44.91 -15.58
CA VAL C 10 27.62 -43.67 -15.72
C VAL C 10 29.10 -44.02 -15.85
N PRO C 11 29.84 -43.36 -16.74
CA PRO C 11 31.30 -43.52 -16.72
C PRO C 11 31.87 -43.08 -15.39
N ASP C 12 32.93 -43.75 -14.95
CA ASP C 12 33.48 -43.49 -13.63
C ASP C 12 34.03 -42.08 -13.50
N GLN C 13 34.35 -41.43 -14.62
CA GLN C 13 34.74 -40.02 -14.56
C GLN C 13 33.62 -39.17 -14.00
N TRP C 14 32.38 -39.43 -14.43
CA TRP C 14 31.23 -38.62 -14.05
C TRP C 14 30.37 -39.27 -12.98
N LYS C 15 30.84 -40.37 -12.40
CA LYS C 15 30.10 -40.99 -11.31
C LYS C 15 29.90 -40.08 -10.09
N PRO C 16 30.85 -39.22 -9.69
CA PRO C 16 30.57 -38.32 -8.57
C PRO C 16 29.45 -37.34 -8.83
N LEU C 17 29.07 -37.13 -10.09
CA LEU C 17 28.11 -36.09 -10.45
C LEU C 17 26.77 -36.62 -10.91
N PHE C 18 26.74 -37.75 -11.60
CA PHE C 18 25.54 -38.21 -12.29
C PHE C 18 25.01 -39.49 -11.65
N ASN C 19 23.73 -39.49 -11.33
CA ASN C 19 23.03 -40.68 -10.93
C ASN C 19 22.85 -41.61 -12.14
N ASN C 20 22.29 -42.78 -11.89
CA ASN C 20 22.00 -43.69 -12.99
C ASN C 20 20.89 -43.15 -13.88
N ALA C 21 19.84 -42.62 -13.27
CA ALA C 21 18.73 -42.04 -14.03
C ALA C 21 19.09 -40.67 -14.58
N GLN C 22 19.88 -39.89 -13.85
CA GLN C 22 20.26 -38.57 -14.34
C GLN C 22 21.14 -38.65 -15.58
N TRP C 23 21.86 -39.76 -15.75
CA TRP C 23 22.72 -39.90 -16.91
C TRP C 23 21.91 -40.08 -18.19
N LEU C 24 20.81 -40.84 -18.11
CA LEU C 24 19.97 -41.04 -19.29
C LEU C 24 19.24 -39.75 -19.68
N VAL C 25 18.68 -39.07 -18.69
CA VAL C 25 18.05 -37.77 -18.96
C VAL C 25 19.07 -36.78 -19.50
N HIS C 26 20.36 -36.83 -19.00
CA HIS C 26 21.39 -35.95 -19.54
C HIS C 26 21.70 -36.30 -20.98
N ASP C 27 21.69 -37.58 -21.30
CA ASP C 27 21.93 -37.96 -22.68
C ASP C 27 20.82 -37.43 -23.58
N ILE C 28 19.57 -37.52 -23.13
CA ILE C 28 18.47 -36.96 -23.89
C ILE C 28 18.63 -35.45 -24.06
N VAL C 29 19.01 -34.76 -22.99
CA VAL C 29 19.18 -33.31 -23.05
C VAL C 29 20.30 -32.94 -24.02
N VAL C 30 21.40 -33.69 -23.99
CA VAL C 30 22.52 -33.41 -24.87
C VAL C 30 22.13 -33.61 -26.33
N LYS C 31 21.45 -34.72 -26.62
CA LYS C 31 21.05 -34.97 -28.00
C LYS C 31 20.02 -33.95 -28.47
N THR C 32 19.12 -33.53 -27.58
CA THR C 32 18.16 -32.49 -27.93
C THR C 32 18.85 -31.17 -28.21
N ILE C 33 19.85 -30.82 -27.40
CA ILE C 33 20.59 -29.58 -27.61
C ILE C 33 21.34 -29.64 -28.92
N TYR C 34 21.89 -30.80 -29.27
CA TYR C 34 22.62 -30.92 -30.54
C TYR C 34 21.67 -30.81 -31.73
N GLY C 35 20.53 -31.49 -31.66
CA GLY C 35 19.56 -31.35 -32.74
C GLY C 35 19.06 -29.93 -32.88
N GLY C 36 18.77 -29.28 -31.76
CA GLY C 36 18.35 -27.90 -31.80
C GLY C 36 19.42 -26.98 -32.34
N LEU C 37 20.69 -27.29 -32.07
CA LEU C 37 21.78 -26.48 -32.61
C LEU C 37 21.89 -26.65 -34.12
N ILE C 38 21.77 -27.88 -34.61
CA ILE C 38 21.78 -28.08 -36.06
C ILE C 38 20.63 -27.33 -36.71
N ILE C 39 19.44 -27.42 -36.11
CA ILE C 39 18.28 -26.72 -36.67
C ILE C 39 18.48 -25.21 -36.59
N ALA C 40 19.11 -24.73 -35.53
CA ALA C 40 19.36 -23.30 -35.39
C ALA C 40 20.37 -22.80 -36.41
N VAL C 41 21.41 -23.59 -36.67
CA VAL C 41 22.37 -23.23 -37.70
C VAL C 41 21.69 -23.18 -39.07
N ILE C 42 20.87 -24.18 -39.37
CA ILE C 42 20.15 -24.18 -40.65
C ILE C 42 19.24 -22.97 -40.75
N ALA C 43 18.54 -22.65 -39.66
CA ALA C 43 17.63 -21.50 -39.66
C ALA C 43 18.39 -20.20 -39.86
N HIS C 44 19.57 -20.08 -39.25
CA HIS C 44 20.36 -18.87 -39.40
C HIS C 44 20.90 -18.74 -40.81
N VAL C 45 21.36 -19.84 -41.41
CA VAL C 45 21.83 -19.77 -42.79
C VAL C 45 20.69 -19.39 -43.72
N LEU C 46 19.50 -19.95 -43.49
CA LEU C 46 18.36 -19.60 -44.34
C LEU C 46 17.96 -18.15 -44.18
N CYS C 47 17.89 -17.66 -42.94
CA CYS C 47 17.53 -16.27 -42.72
C CYS C 47 18.60 -15.32 -43.25
N TRP C 48 19.87 -15.75 -43.28
CA TRP C 48 20.90 -14.90 -43.87
C TRP C 48 20.77 -14.86 -45.38
N ALA C 49 20.59 -16.02 -46.01
CA ALA C 49 20.37 -16.05 -47.45
C ALA C 49 19.14 -15.25 -47.84
N TRP C 50 18.16 -15.15 -46.95
CA TRP C 50 16.95 -14.41 -47.22
C TRP C 50 17.15 -12.91 -47.02
N THR C 51 17.52 -12.50 -45.82
CA THR C 51 17.77 -11.11 -45.51
C THR C 51 18.94 -10.97 -44.54
N PRO C 52 20.12 -10.57 -45.00
CA PRO C 52 21.26 -10.41 -44.10
C PRO C 52 21.00 -9.30 -43.09
N TRP C 53 21.19 -9.63 -41.81
CA TRP C 53 20.92 -8.68 -40.74
C TRP C 53 22.13 -7.84 -40.39
N ILE C 54 23.32 -8.22 -40.85
CA ILE C 54 24.52 -7.44 -40.55
C ILE C 54 24.72 -6.35 -41.60
N ARG C 55 24.57 -6.69 -42.94
CA ARG C 55 24.65 -5.72 -44.05
C ARG C 55 25.90 -4.86 -43.98
N ARG D 4 14.92 -40.32 -10.19
CA ARG D 4 14.93 -39.55 -11.42
C ARG D 4 14.95 -38.06 -11.14
N PRO D 5 15.51 -37.28 -12.07
CA PRO D 5 15.51 -35.82 -11.86
C PRO D 5 14.14 -35.20 -11.96
N PHE D 6 13.22 -35.80 -12.71
CA PHE D 6 11.92 -35.20 -12.97
C PHE D 6 10.82 -36.26 -12.93
N GLU D 7 9.83 -36.04 -12.07
CA GLU D 7 8.57 -36.75 -12.12
C GLU D 7 7.97 -36.64 -13.51
N PHE D 8 7.46 -37.75 -14.02
CA PHE D 8 6.86 -37.73 -15.35
C PHE D 8 5.61 -36.86 -15.39
N ARG D 9 4.84 -36.84 -14.30
CA ARG D 9 3.66 -35.99 -14.25
C ARG D 9 4.03 -34.51 -14.35
N THR D 10 5.13 -34.12 -13.71
CA THR D 10 5.55 -32.72 -13.79
C THR D 10 5.93 -32.35 -15.22
N SER D 11 6.73 -33.18 -15.88
CA SER D 11 7.09 -32.89 -17.26
C SER D 11 5.87 -32.85 -18.16
N VAL D 12 4.91 -33.74 -17.92
CA VAL D 12 3.69 -33.74 -18.74
C VAL D 12 2.92 -32.43 -18.54
N VAL D 13 2.72 -32.02 -17.28
CA VAL D 13 2.00 -30.79 -17.02
C VAL D 13 2.69 -29.60 -17.68
N VAL D 14 4.01 -29.50 -17.47
CA VAL D 14 4.75 -28.37 -18.00
C VAL D 14 4.71 -28.34 -19.52
N SER D 15 4.96 -29.48 -20.16
CA SER D 15 4.96 -29.52 -21.62
C SER D 15 3.59 -29.22 -22.20
N THR D 16 2.54 -29.78 -21.60
CA THR D 16 1.19 -29.55 -22.11
C THR D 16 0.79 -28.11 -21.95
N LEU D 17 1.10 -27.51 -20.81
CA LEU D 17 0.75 -26.12 -20.59
C LEU D 17 1.55 -25.20 -21.51
N LEU D 18 2.84 -25.50 -21.69
CA LEU D 18 3.65 -24.71 -22.60
C LEU D 18 3.12 -24.81 -24.03
N GLY D 19 2.74 -26.01 -24.46
CA GLY D 19 2.21 -26.17 -25.80
C GLY D 19 0.90 -25.43 -25.99
N LEU D 20 0.01 -25.50 -25.00
CA LEU D 20 -1.26 -24.79 -25.12
C LEU D 20 -1.05 -23.29 -25.14
N VAL D 21 -0.20 -22.78 -24.25
CA VAL D 21 0.09 -21.35 -24.22
C VAL D 21 0.72 -20.90 -25.52
N MET D 22 1.62 -21.71 -26.08
CA MET D 22 2.27 -21.31 -27.31
C MET D 22 1.32 -21.37 -28.49
N ALA D 23 0.44 -22.37 -28.52
CA ALA D 23 -0.55 -22.42 -29.58
C ALA D 23 -1.47 -21.22 -29.54
N LEU D 24 -1.94 -20.86 -28.34
CA LEU D 24 -2.78 -19.68 -28.21
C LEU D 24 -2.04 -18.42 -28.61
N LEU D 25 -0.80 -18.26 -28.15
CA LEU D 25 -0.02 -17.08 -28.48
C LEU D 25 0.22 -16.96 -29.98
N ILE D 26 0.58 -18.07 -30.63
CA ILE D 26 0.88 -18.02 -32.05
C ILE D 26 -0.40 -17.77 -32.84
N HIS D 27 -1.51 -18.40 -32.45
CA HIS D 27 -2.77 -18.12 -33.11
C HIS D 27 -3.13 -16.65 -33.00
N PHE D 28 -2.92 -16.06 -31.83
CA PHE D 28 -3.35 -14.68 -31.63
C PHE D 28 -2.43 -13.72 -32.39
N VAL D 29 -1.13 -14.02 -32.41
CA VAL D 29 -0.19 -13.21 -33.17
C VAL D 29 -0.50 -13.28 -34.66
N VAL D 30 -0.81 -14.48 -35.16
CA VAL D 30 -1.09 -14.63 -36.59
C VAL D 30 -2.41 -13.98 -36.96
N LEU D 31 -3.41 -14.08 -36.08
CA LEU D 31 -4.70 -13.47 -36.34
C LEU D 31 -4.57 -11.96 -36.36
N SER D 32 -3.91 -11.42 -35.35
CA SER D 32 -3.80 -9.97 -35.24
C SER D 32 -2.91 -9.37 -36.31
N SER D 33 -2.04 -10.17 -36.93
CA SER D 33 -1.13 -9.62 -37.94
C SER D 33 -1.87 -9.17 -39.18
N GLY D 34 -3.08 -9.70 -39.41
CA GLY D 34 -3.80 -9.38 -40.63
C GLY D 34 -3.09 -9.81 -41.89
N ALA D 35 -2.17 -10.77 -41.79
CA ALA D 35 -1.37 -11.18 -42.93
C ALA D 35 -1.99 -12.31 -43.73
N PHE D 36 -3.15 -12.82 -43.32
CA PHE D 36 -3.64 -14.05 -43.91
C PHE D 36 -5.00 -13.96 -44.56
N ASN D 37 -5.86 -13.02 -44.15
CA ASN D 37 -7.26 -12.99 -44.57
C ASN D 37 -8.01 -14.20 -44.03
N TRP D 38 -7.96 -14.34 -42.71
CA TRP D 38 -8.68 -15.38 -41.99
C TRP D 38 -9.58 -14.69 -40.97
N LEU D 39 -10.84 -15.11 -40.91
CA LEU D 39 -11.87 -14.45 -40.12
C LEU D 39 -12.03 -13.00 -40.58
N ARG D 40 -12.18 -12.83 -41.89
CA ARG D 40 -12.39 -11.52 -42.52
C ARG D 40 -11.22 -10.57 -42.23
N ALA D 41 -10.05 -10.92 -42.78
CA ALA D 41 -8.89 -10.04 -42.70
C ALA D 41 -8.34 -9.74 -44.08
N ASN E 7 7.47 -51.95 -13.04
CA ASN E 7 8.17 -51.41 -14.20
C ASN E 7 8.66 -52.50 -15.15
N ASP E 8 7.95 -53.61 -15.21
CA ASP E 8 8.35 -54.72 -16.06
C ASP E 8 8.21 -54.36 -17.53
N LEU E 9 7.07 -53.79 -17.88
CA LEU E 9 6.81 -53.41 -19.27
C LEU E 9 7.83 -52.42 -19.81
N VAL E 10 8.55 -51.72 -18.94
CA VAL E 10 9.52 -50.72 -19.38
C VAL E 10 10.79 -51.40 -19.86
N PRO E 11 11.39 -50.96 -20.96
CA PRO E 11 12.72 -51.47 -21.32
C PRO E 11 13.71 -51.15 -20.22
N ASP E 12 14.68 -52.05 -20.02
CA ASP E 12 15.60 -51.89 -18.91
C ASP E 12 16.48 -50.65 -19.06
N GLN E 13 16.62 -50.12 -20.27
CA GLN E 13 17.31 -48.85 -20.44
C GLN E 13 16.61 -47.74 -19.68
N TRP E 14 15.28 -47.70 -19.75
CA TRP E 14 14.49 -46.63 -19.17
C TRP E 14 13.83 -47.04 -17.86
N LYS E 15 14.18 -48.20 -17.32
CA LYS E 15 13.65 -48.60 -16.02
C LYS E 15 14.00 -47.64 -14.88
N PRO E 16 15.17 -47.02 -14.81
CA PRO E 16 15.43 -46.06 -13.74
C PRO E 16 14.52 -44.84 -13.79
N LEU E 17 13.87 -44.58 -14.92
CA LEU E 17 13.12 -43.35 -15.12
C LEU E 17 11.62 -43.55 -15.15
N PHE E 18 11.15 -44.66 -15.71
CA PHE E 18 9.73 -44.84 -16.02
C PHE E 18 9.14 -45.93 -15.16
N ASN E 19 8.02 -45.61 -14.51
CA ASN E 19 7.20 -46.61 -13.85
C ASN E 19 6.50 -47.48 -14.88
N ASN E 20 5.77 -48.49 -14.39
CA ASN E 20 5.00 -49.33 -15.29
C ASN E 20 3.85 -48.56 -15.91
N ALA E 21 3.14 -47.77 -15.09
CA ALA E 21 2.03 -46.97 -15.59
C ALA E 21 2.52 -45.74 -16.34
N GLN E 22 3.63 -45.14 -15.91
CA GLN E 22 4.15 -43.97 -16.59
C GLN E 22 4.62 -44.29 -18.00
N TRP E 23 4.99 -45.55 -18.25
CA TRP E 23 5.46 -45.91 -19.59
C TRP E 23 4.30 -45.91 -20.58
N LEU E 24 3.12 -46.39 -20.17
CA LEU E 24 1.97 -46.41 -21.07
C LEU E 24 1.48 -45.00 -21.35
N VAL E 25 1.37 -44.17 -20.32
CA VAL E 25 1.00 -42.78 -20.53
C VAL E 25 2.04 -42.08 -21.39
N HIS E 26 3.40 -42.42 -21.25
CA HIS E 26 4.41 -41.82 -22.10
C HIS E 26 4.24 -42.26 -23.54
N ASP E 27 3.81 -43.51 -23.74
CA ASP E 27 3.57 -43.98 -25.10
C ASP E 27 2.41 -43.22 -25.73
N ILE E 28 1.34 -42.99 -24.95
CA ILE E 28 0.22 -42.21 -25.45
C ILE E 28 0.67 -40.79 -25.79
N VAL E 29 1.47 -40.18 -24.92
CA VAL E 29 1.94 -38.82 -25.15
C VAL E 29 2.80 -38.75 -26.41
N VAL E 30 3.67 -39.74 -26.59
CA VAL E 30 4.55 -39.75 -27.76
C VAL E 30 3.72 -39.89 -29.04
N LYS E 31 2.76 -40.80 -29.05
CA LYS E 31 1.96 -40.99 -30.25
C LYS E 31 1.10 -39.76 -30.52
N THR E 32 0.59 -39.12 -29.48
CA THR E 32 -0.17 -37.89 -29.65
C THR E 32 0.70 -36.79 -30.22
N ILE E 33 1.93 -36.67 -29.72
CA ILE E 33 2.84 -35.64 -30.23
C ILE E 33 3.17 -35.91 -31.68
N TYR E 34 3.34 -37.18 -32.06
CA TYR E 34 3.64 -37.49 -33.44
C TYR E 34 2.46 -37.19 -34.35
N GLY E 35 1.25 -37.58 -33.95
CA GLY E 35 0.08 -37.25 -34.72
C GLY E 35 -0.11 -35.75 -34.87
N GLY E 36 0.07 -35.02 -33.77
CA GLY E 36 -0.02 -33.57 -33.82
C GLY E 36 1.04 -32.95 -34.70
N LEU E 37 2.23 -33.56 -34.74
CA LEU E 37 3.29 -33.06 -35.60
C LEU E 37 2.94 -33.27 -37.06
N ILE E 38 2.41 -34.44 -37.42
CA ILE E 38 1.98 -34.67 -38.80
C ILE E 38 0.90 -33.68 -39.19
N ILE E 39 -0.07 -33.48 -38.30
CA ILE E 39 -1.16 -32.53 -38.58
C ILE E 39 -0.61 -31.12 -38.71
N ALA E 40 0.39 -30.77 -37.89
CA ALA E 40 0.97 -29.44 -37.94
C ALA E 40 1.75 -29.23 -39.22
N VAL E 41 2.47 -30.25 -39.68
CA VAL E 41 3.17 -30.14 -40.96
C VAL E 41 2.18 -29.97 -42.09
N ILE E 42 1.09 -30.75 -42.08
CA ILE E 42 0.07 -30.60 -43.12
C ILE E 42 -0.53 -29.21 -43.08
N ALA E 43 -0.82 -28.71 -41.89
CA ALA E 43 -1.41 -27.39 -41.76
C ALA E 43 -0.46 -26.31 -42.25
N HIS E 44 0.83 -26.46 -41.98
CA HIS E 44 1.79 -25.47 -42.45
C HIS E 44 1.95 -25.51 -43.95
N VAL E 45 1.97 -26.70 -44.55
CA VAL E 45 2.05 -26.78 -46.00
C VAL E 45 0.81 -26.16 -46.65
N LEU E 46 -0.37 -26.41 -46.07
CA LEU E 46 -1.59 -25.83 -46.62
C LEU E 46 -1.59 -24.32 -46.48
N CYS E 47 -1.21 -23.80 -45.31
CA CYS E 47 -1.16 -22.36 -45.13
C CYS E 47 -0.10 -21.71 -46.00
N TRP E 48 0.98 -22.43 -46.32
CA TRP E 48 1.97 -21.86 -47.23
C TRP E 48 1.44 -21.82 -48.66
N ALA E 49 0.84 -22.92 -49.11
CA ALA E 49 0.24 -22.93 -50.44
C ALA E 49 -0.84 -21.87 -50.57
N TRP E 50 -1.49 -21.53 -49.46
CA TRP E 50 -2.53 -20.52 -49.47
C TRP E 50 -1.95 -19.10 -49.47
N THR E 51 -1.18 -18.76 -48.44
CA THR E 51 -0.55 -17.46 -48.32
C THR E 51 0.83 -17.59 -47.71
N PRO E 52 1.89 -17.49 -48.50
CA PRO E 52 3.25 -17.59 -47.95
C PRO E 52 3.53 -16.43 -47.00
N TRP E 53 3.98 -16.76 -45.79
CA TRP E 53 4.25 -15.76 -44.78
C TRP E 53 5.66 -15.21 -44.83
N ILE E 54 6.58 -15.89 -45.50
CA ILE E 54 7.98 -15.45 -45.50
C ILE E 54 8.24 -14.43 -46.59
N ARG E 55 7.68 -14.64 -47.78
CA ARG E 55 7.84 -13.68 -48.87
C ARG E 55 9.26 -13.13 -48.98
N ARG F 4 1.42 -44.32 -10.29
CA ARG F 4 0.45 -43.80 -11.24
C ARG F 4 0.66 -42.31 -11.44
N PRO F 5 1.03 -41.91 -12.67
CA PRO F 5 1.26 -40.50 -12.96
C PRO F 5 0.04 -39.63 -12.80
N PHE F 6 -1.14 -40.10 -13.22
CA PHE F 6 -2.31 -39.23 -13.20
C PHE F 6 -3.65 -39.79 -12.78
N GLU F 7 -4.21 -39.32 -11.67
CA GLU F 7 -5.58 -39.68 -11.33
C GLU F 7 -6.49 -39.42 -12.53
N PHE F 8 -7.39 -40.36 -12.79
CA PHE F 8 -8.31 -40.20 -13.90
C PHE F 8 -9.25 -39.03 -13.68
N ARG F 9 -9.66 -38.80 -12.43
CA ARG F 9 -10.52 -37.67 -12.13
C ARG F 9 -9.84 -36.35 -12.44
N THR F 10 -8.55 -36.25 -12.16
CA THR F 10 -7.83 -35.02 -12.46
C THR F 10 -7.78 -34.75 -13.96
N SER F 11 -7.44 -35.77 -14.74
CA SER F 11 -7.40 -35.60 -16.19
C SER F 11 -8.79 -35.25 -16.72
N VAL F 12 -9.84 -35.84 -16.17
CA VAL F 12 -11.18 -35.53 -16.63
C VAL F 12 -11.52 -34.07 -16.34
N VAL F 13 -11.26 -33.62 -15.11
CA VAL F 13 -11.54 -32.22 -14.75
C VAL F 13 -10.78 -31.28 -15.66
N VAL F 14 -9.48 -31.53 -15.84
CA VAL F 14 -8.65 -30.62 -16.63
C VAL F 14 -9.11 -30.60 -18.07
N SER F 15 -9.35 -31.77 -18.67
CA SER F 15 -9.75 -31.82 -20.07
C SER F 15 -11.11 -31.17 -20.27
N THR F 16 -12.06 -31.44 -19.38
CA THR F 16 -13.39 -30.87 -19.53
C THR F 16 -13.36 -29.35 -19.38
N LEU F 17 -12.60 -28.85 -18.41
CA LEU F 17 -12.52 -27.41 -18.22
C LEU F 17 -11.80 -26.75 -19.38
N LEU F 18 -10.74 -27.38 -19.88
CA LEU F 18 -10.03 -26.84 -21.04
C LEU F 18 -10.95 -26.80 -22.25
N GLY F 19 -11.72 -27.86 -22.48
CA GLY F 19 -12.63 -27.88 -23.61
C GLY F 19 -13.72 -26.83 -23.50
N LEU F 20 -14.27 -26.65 -22.31
CA LEU F 20 -15.31 -25.63 -22.13
C LEU F 20 -14.74 -24.23 -22.33
N VAL F 21 -13.58 -23.96 -21.74
CA VAL F 21 -12.95 -22.66 -21.90
C VAL F 21 -12.62 -22.40 -23.36
N MET F 22 -12.13 -23.43 -24.07
CA MET F 22 -11.77 -23.22 -25.46
C MET F 22 -13.00 -23.03 -26.33
N ALA F 23 -14.07 -23.77 -26.05
CA ALA F 23 -15.31 -23.57 -26.81
C ALA F 23 -15.85 -22.16 -26.60
N LEU F 24 -15.85 -21.68 -25.36
CA LEU F 24 -16.30 -20.32 -25.09
C LEU F 24 -15.41 -19.30 -25.78
N LEU F 25 -14.09 -19.47 -25.69
CA LEU F 25 -13.16 -18.54 -26.30
C LEU F 25 -13.33 -18.50 -27.81
N ILE F 26 -13.46 -19.67 -28.45
CA ILE F 26 -13.57 -19.70 -29.90
C ILE F 26 -14.91 -19.13 -30.34
N HIS F 27 -15.98 -19.44 -29.62
CA HIS F 27 -17.26 -18.84 -29.94
C HIS F 27 -17.20 -17.33 -29.85
N PHE F 28 -16.59 -16.82 -28.79
CA PHE F 28 -16.49 -15.38 -28.61
C PHE F 28 -15.71 -14.79 -29.75
N VAL F 29 -14.52 -15.32 -30.02
CA VAL F 29 -13.66 -14.79 -31.06
C VAL F 29 -14.38 -14.79 -32.41
N VAL F 30 -15.11 -15.85 -32.71
CA VAL F 30 -15.80 -15.95 -33.99
C VAL F 30 -16.97 -14.98 -34.04
N LEU F 31 -17.67 -14.79 -32.93
CA LEU F 31 -18.81 -13.88 -32.92
C LEU F 31 -18.36 -12.44 -33.00
N SER F 32 -17.27 -12.09 -32.31
CA SER F 32 -16.77 -10.73 -32.34
C SER F 32 -16.09 -10.38 -33.66
N SER F 33 -15.66 -11.39 -34.42
CA SER F 33 -14.96 -11.12 -35.67
C SER F 33 -15.89 -10.48 -36.71
N GLY F 34 -17.19 -10.69 -36.57
CA GLY F 34 -18.12 -10.19 -37.56
C GLY F 34 -17.92 -10.80 -38.93
N ALA F 35 -17.29 -11.96 -39.01
CA ALA F 35 -16.95 -12.59 -40.28
C ALA F 35 -18.05 -13.51 -40.80
N PHE F 36 -19.06 -13.75 -39.96
CA PHE F 36 -20.19 -14.62 -40.26
C PHE F 36 -21.40 -13.88 -39.77
N ASN F 37 -22.53 -13.95 -40.47
CA ASN F 37 -23.77 -13.27 -40.07
C ASN F 37 -24.47 -14.04 -38.98
N TRP F 38 -23.87 -14.17 -37.82
CA TRP F 38 -24.45 -14.89 -36.74
C TRP F 38 -24.87 -13.87 -35.78
N LEU F 39 -26.12 -13.90 -35.39
CA LEU F 39 -26.66 -12.97 -34.42
C LEU F 39 -26.54 -11.53 -34.87
N ARG F 40 -27.04 -11.24 -36.08
CA ARG F 40 -26.99 -9.89 -36.65
C ARG F 40 -25.55 -9.36 -36.69
N ALA F 41 -24.74 -10.00 -37.52
CA ALA F 41 -23.34 -9.60 -37.66
C ALA F 41 -22.96 -9.48 -39.13
N ASN G 7 -10.73 -54.08 -10.76
CA ASN G 7 -10.12 -53.77 -12.04
C ASN G 7 -10.26 -54.92 -13.03
N ASP G 8 -11.15 -55.84 -12.74
CA ASP G 8 -11.32 -57.00 -13.61
C ASP G 8 -11.78 -56.61 -15.00
N LEU G 9 -12.74 -55.69 -15.08
CA LEU G 9 -13.27 -55.27 -16.38
C LEU G 9 -12.23 -54.57 -17.23
N VAL G 10 -11.15 -54.08 -16.63
CA VAL G 10 -10.13 -53.35 -17.39
C VAL G 10 -9.24 -54.33 -18.13
N PRO G 11 -8.87 -54.07 -19.38
CA PRO G 11 -7.85 -54.90 -20.03
C PRO G 11 -6.54 -54.82 -19.26
N ASP G 12 -5.81 -55.94 -19.24
CA ASP G 12 -4.60 -56.01 -18.43
C ASP G 12 -3.53 -55.03 -18.89
N GLN G 13 -3.60 -54.55 -20.14
CA GLN G 13 -2.70 -53.50 -20.58
C GLN G 13 -2.89 -52.24 -19.75
N TRP G 14 -4.13 -51.88 -19.46
CA TRP G 14 -4.46 -50.64 -18.78
C TRP G 14 -4.81 -50.86 -17.32
N LYS G 15 -4.62 -52.06 -16.80
CA LYS G 15 -4.86 -52.30 -15.39
C LYS G 15 -4.00 -51.46 -14.45
N PRO G 16 -2.73 -51.15 -14.74
CA PRO G 16 -1.98 -50.27 -13.84
C PRO G 16 -2.53 -48.86 -13.75
N LEU G 17 -3.39 -48.46 -14.69
CA LEU G 17 -3.85 -47.08 -14.77
C LEU G 17 -5.31 -46.90 -14.39
N PHE G 18 -6.17 -47.86 -14.74
CA PHE G 18 -7.61 -47.69 -14.65
C PHE G 18 -8.20 -48.59 -13.59
N ASN G 19 -8.99 -47.99 -12.70
CA ASN G 19 -9.80 -48.74 -11.76
C ASN G 19 -10.95 -49.43 -12.51
N ASN G 20 -11.74 -50.20 -11.78
CA ASN G 20 -12.90 -50.84 -12.39
C ASN G 20 -13.96 -49.80 -12.73
N ALA G 21 -14.21 -48.85 -11.82
CA ALA G 21 -15.18 -47.81 -12.07
C ALA G 21 -14.64 -46.74 -13.01
N GLN G 22 -13.34 -46.45 -12.93
CA GLN G 22 -12.75 -45.44 -13.81
C GLN G 22 -12.79 -45.89 -15.26
N TRP G 23 -12.80 -47.20 -15.52
CA TRP G 23 -12.83 -47.68 -16.90
C TRP G 23 -14.16 -47.40 -17.55
N LEU G 24 -15.26 -47.57 -16.81
CA LEU G 24 -16.58 -47.30 -17.37
C LEU G 24 -16.79 -45.81 -17.62
N VAL G 25 -16.41 -44.97 -16.66
CA VAL G 25 -16.48 -43.54 -16.87
C VAL G 25 -15.59 -43.12 -18.03
N HIS G 26 -14.40 -43.80 -18.21
CA HIS G 26 -13.53 -43.49 -19.34
C HIS G 26 -14.20 -43.88 -20.65
N ASP G 27 -14.91 -44.98 -20.64
CA ASP G 27 -15.61 -45.38 -21.85
C ASP G 27 -16.68 -44.36 -22.20
N ILE G 28 -17.41 -43.86 -21.20
CA ILE G 28 -18.40 -42.82 -21.45
C ILE G 28 -17.73 -41.57 -22.00
N VAL G 29 -16.60 -41.17 -21.41
CA VAL G 29 -15.91 -39.97 -21.87
C VAL G 29 -15.43 -40.13 -23.30
N VAL G 30 -14.91 -41.31 -23.63
CA VAL G 30 -14.41 -41.55 -24.98
C VAL G 30 -15.54 -41.48 -25.99
N LYS G 31 -16.67 -42.14 -25.68
CA LYS G 31 -17.80 -42.12 -26.62
C LYS G 31 -18.38 -40.72 -26.74
N THR G 32 -18.40 -39.96 -25.65
CA THR G 32 -18.88 -38.58 -25.71
C THR G 32 -17.95 -37.73 -26.56
N ILE G 33 -16.64 -37.93 -26.42
CA ILE G 33 -15.68 -37.17 -27.22
C ILE G 33 -15.84 -37.52 -28.69
N TYR G 34 -16.08 -38.79 -29.00
CA TYR G 34 -16.25 -39.19 -30.39
C TYR G 34 -17.53 -38.60 -30.99
N GLY G 35 -18.63 -38.67 -30.24
CA GLY G 35 -19.86 -38.06 -30.71
C GLY G 35 -19.72 -36.56 -30.92
N GLY G 36 -19.08 -35.89 -29.96
CA GLY G 36 -18.82 -34.47 -30.10
C GLY G 36 -17.92 -34.14 -31.27
N LEU G 37 -16.98 -35.03 -31.57
CA LEU G 37 -16.10 -34.82 -32.71
C LEU G 37 -16.87 -34.94 -34.01
N ILE G 38 -17.75 -35.95 -34.12
CA ILE G 38 -18.57 -36.08 -35.32
C ILE G 38 -19.46 -34.85 -35.48
N ILE G 39 -20.07 -34.39 -34.39
CA ILE G 39 -20.93 -33.22 -34.47
C ILE G 39 -20.11 -31.98 -34.82
N ALA G 40 -18.88 -31.89 -34.33
CA ALA G 40 -18.03 -30.75 -34.63
C ALA G 40 -17.61 -30.75 -36.09
N VAL G 41 -17.30 -31.92 -36.63
CA VAL G 41 -16.97 -32.01 -38.06
C VAL G 41 -18.16 -31.60 -38.90
N ILE G 42 -19.35 -32.08 -38.55
CA ILE G 42 -20.55 -31.70 -39.29
C ILE G 42 -20.77 -30.20 -39.21
N ALA G 43 -20.60 -29.62 -38.02
CA ALA G 43 -20.80 -28.20 -37.84
C ALA G 43 -19.79 -27.39 -38.64
N HIS G 44 -18.54 -27.86 -38.71
CA HIS G 44 -17.53 -27.15 -39.48
C HIS G 44 -17.81 -27.24 -40.97
N VAL G 45 -18.23 -28.40 -41.46
CA VAL G 45 -18.58 -28.50 -42.87
C VAL G 45 -19.76 -27.60 -43.21
N LEU G 46 -20.76 -27.54 -42.33
CA LEU G 46 -21.90 -26.68 -42.58
C LEU G 46 -21.51 -25.22 -42.57
N CYS G 47 -20.71 -24.80 -41.59
CA CYS G 47 -20.28 -23.41 -41.53
C CYS G 47 -19.37 -23.06 -42.69
N TRP G 48 -18.62 -24.02 -43.23
CA TRP G 48 -17.81 -23.73 -44.40
C TRP G 48 -18.67 -23.59 -45.64
N ALA G 49 -19.62 -24.50 -45.84
CA ALA G 49 -20.54 -24.36 -46.96
C ALA G 49 -21.32 -23.06 -46.88
N TRP G 50 -21.55 -22.56 -45.67
CA TRP G 50 -22.28 -21.32 -45.48
C TRP G 50 -21.40 -20.10 -45.74
N THR G 51 -20.33 -19.96 -44.98
CA THR G 51 -19.39 -18.86 -45.12
C THR G 51 -17.97 -19.32 -44.88
N PRO G 52 -17.17 -19.50 -45.94
CA PRO G 52 -15.78 -19.93 -45.74
C PRO G 52 -14.98 -18.87 -44.99
N TRP G 53 -14.32 -19.30 -43.93
CA TRP G 53 -13.55 -18.37 -43.09
C TRP G 53 -12.12 -18.21 -43.56
N ILE G 54 -11.63 -19.11 -44.39
CA ILE G 54 -10.24 -19.05 -44.84
C ILE G 54 -10.11 -18.14 -46.06
N ARG G 55 -11.03 -18.26 -47.01
CA ARG G 55 -10.99 -17.40 -48.19
C ARG G 55 -9.60 -17.27 -48.77
N ARG H 4 -14.22 -45.31 -7.15
CA ARG H 4 -15.12 -44.40 -7.82
C ARG H 4 -14.42 -43.09 -8.12
N PRO H 5 -14.18 -42.82 -9.41
CA PRO H 5 -13.48 -41.59 -9.80
C PRO H 5 -14.25 -40.35 -9.43
N PHE H 6 -15.57 -40.37 -9.60
CA PHE H 6 -16.35 -39.16 -9.36
C PHE H 6 -17.59 -39.32 -8.52
N GLU H 7 -17.62 -38.69 -7.36
CA GLU H 7 -18.86 -38.66 -6.60
C GLU H 7 -20.00 -38.18 -7.49
N PHE H 8 -21.14 -38.85 -7.39
CA PHE H 8 -22.28 -38.47 -8.20
C PHE H 8 -22.79 -37.08 -7.83
N ARG H 9 -22.73 -36.73 -6.54
CA ARG H 9 -23.15 -35.40 -6.11
C ARG H 9 -22.29 -34.32 -6.74
N THR H 10 -20.98 -34.57 -6.86
CA THR H 10 -20.10 -33.58 -7.47
C THR H 10 -20.45 -33.36 -8.94
N SER H 11 -20.63 -34.44 -9.68
CA SER H 11 -21.00 -34.32 -11.08
C SER H 11 -22.35 -33.61 -11.23
N VAL H 12 -23.28 -33.90 -10.33
CA VAL H 12 -24.58 -33.24 -10.41
C VAL H 12 -24.44 -31.73 -10.18
N VAL H 13 -23.71 -31.35 -9.13
CA VAL H 13 -23.51 -29.93 -8.84
C VAL H 13 -22.85 -29.23 -10.02
N VAL H 14 -21.76 -29.82 -10.53
CA VAL H 14 -21.03 -29.19 -11.62
C VAL H 14 -21.88 -29.07 -12.87
N SER H 15 -22.57 -30.14 -13.26
CA SER H 15 -23.38 -30.10 -14.46
C SER H 15 -24.53 -29.11 -14.33
N THR H 16 -25.20 -29.10 -13.17
CA THR H 16 -26.32 -28.19 -12.99
C THR H 16 -25.87 -26.75 -13.00
N LEU H 17 -24.75 -26.46 -12.35
CA LEU H 17 -24.26 -25.09 -12.32
C LEU H 17 -23.79 -24.66 -13.70
N LEU H 18 -23.11 -25.56 -14.42
CA LEU H 18 -22.70 -25.24 -15.78
C LEU H 18 -23.89 -24.98 -16.68
N GLY H 19 -24.93 -25.80 -16.57
CA GLY H 19 -26.12 -25.59 -17.38
C GLY H 19 -26.82 -24.29 -17.06
N LEU H 20 -26.92 -23.94 -15.78
CA LEU H 20 -27.56 -22.68 -15.42
C LEU H 20 -26.76 -21.49 -15.90
N VAL H 21 -25.44 -21.53 -15.70
CA VAL H 21 -24.58 -20.44 -16.15
C VAL H 21 -24.65 -20.32 -17.67
N MET H 22 -24.68 -21.44 -18.38
CA MET H 22 -24.72 -21.36 -19.84
C MET H 22 -26.06 -20.86 -20.33
N ALA H 23 -27.15 -21.28 -19.68
CA ALA H 23 -28.47 -20.76 -20.05
C ALA H 23 -28.55 -19.26 -19.85
N LEU H 24 -28.05 -18.78 -18.71
CA LEU H 24 -28.05 -17.35 -18.45
C LEU H 24 -27.17 -16.61 -19.47
N LEU H 25 -25.99 -17.14 -19.74
CA LEU H 25 -25.08 -16.49 -20.69
C LEU H 25 -25.69 -16.43 -22.09
N ILE H 26 -26.29 -17.53 -22.53
CA ILE H 26 -26.85 -17.56 -23.88
C ILE H 26 -28.06 -16.66 -23.97
N HIS H 27 -28.90 -16.66 -22.94
CA HIS H 27 -30.04 -15.74 -22.93
C HIS H 27 -29.57 -14.29 -23.01
N PHE H 28 -28.51 -13.96 -22.28
CA PHE H 28 -28.09 -12.58 -22.23
C PHE H 28 -27.43 -12.16 -23.54
N VAL H 29 -26.65 -13.08 -24.14
CA VAL H 29 -26.05 -12.82 -25.44
C VAL H 29 -27.12 -12.64 -26.51
N VAL H 30 -28.15 -13.49 -26.48
CA VAL H 30 -29.20 -13.40 -27.49
C VAL H 30 -30.04 -12.16 -27.30
N LEU H 31 -30.30 -11.77 -26.05
CA LEU H 31 -31.12 -10.60 -25.80
C LEU H 31 -30.36 -9.32 -26.14
N SER H 32 -29.07 -9.28 -25.83
CA SER H 32 -28.28 -8.09 -26.15
C SER H 32 -27.97 -7.97 -27.62
N SER H 33 -28.06 -9.06 -28.39
CA SER H 33 -27.73 -9.00 -29.81
C SER H 33 -28.73 -8.17 -30.58
N GLY H 34 -29.93 -8.00 -30.05
CA GLY H 34 -30.98 -7.30 -30.78
C GLY H 34 -31.36 -7.95 -32.08
N ALA H 35 -31.09 -9.24 -32.22
CA ALA H 35 -31.34 -9.95 -33.47
C ALA H 35 -32.72 -10.56 -33.56
N PHE H 36 -33.54 -10.44 -32.52
CA PHE H 36 -34.76 -11.22 -32.47
C PHE H 36 -36.05 -10.41 -32.35
N ASN H 37 -36.00 -9.19 -31.81
CA ASN H 37 -37.21 -8.44 -31.47
C ASN H 37 -37.98 -9.13 -30.35
N TRP H 38 -37.28 -9.35 -29.24
CA TRP H 38 -37.84 -9.91 -28.04
C TRP H 38 -37.61 -8.92 -26.90
N LEU H 39 -38.65 -8.60 -26.14
CA LEU H 39 -38.52 -7.60 -25.07
C LEU H 39 -38.05 -6.27 -25.65
N ARG H 40 -38.60 -5.90 -26.80
CA ARG H 40 -38.27 -4.65 -27.49
C ARG H 40 -36.79 -4.59 -27.85
N ALA H 41 -36.34 -5.54 -28.67
CA ALA H 41 -34.93 -5.60 -29.04
C ALA H 41 -34.76 -5.31 -30.54
N ASN I 7 -27.55 -51.45 -3.25
CA ASN I 7 -27.51 -51.19 -4.67
C ASN I 7 -28.20 -52.27 -5.50
N ASP I 8 -29.19 -52.93 -4.91
CA ASP I 8 -29.88 -54.01 -5.61
C ASP I 8 -30.62 -53.52 -6.85
N LEU I 9 -31.08 -52.28 -6.82
CA LEU I 9 -31.84 -51.74 -7.94
C LEU I 9 -30.94 -51.36 -9.12
N VAL I 10 -29.65 -51.19 -8.88
CA VAL I 10 -28.74 -50.76 -9.96
C VAL I 10 -28.41 -51.96 -10.83
N PRO I 11 -28.35 -51.82 -12.15
CA PRO I 11 -27.83 -52.90 -12.98
C PRO I 11 -26.38 -53.18 -12.62
N ASP I 12 -25.99 -54.45 -12.72
CA ASP I 12 -24.66 -54.84 -12.27
C ASP I 12 -23.55 -54.20 -13.09
N GLN I 13 -23.86 -53.74 -14.30
CA GLN I 13 -22.89 -52.98 -15.07
C GLN I 13 -22.48 -51.70 -14.33
N TRP I 14 -23.45 -51.01 -13.75
CA TRP I 14 -23.23 -49.73 -13.11
C TRP I 14 -23.18 -49.82 -11.59
N LYS I 15 -23.17 -51.04 -11.04
CA LYS I 15 -23.03 -51.20 -9.61
C LYS I 15 -21.76 -50.61 -9.03
N PRO I 16 -20.59 -50.67 -9.69
CA PRO I 16 -19.40 -50.02 -9.11
C PRO I 16 -19.53 -48.52 -8.99
N LEU I 17 -20.47 -47.90 -9.68
CA LEU I 17 -20.57 -46.45 -9.75
C LEU I 17 -21.76 -45.87 -9.01
N PHE I 18 -22.89 -46.56 -9.01
CA PHE I 18 -24.14 -45.99 -8.54
C PHE I 18 -24.61 -46.69 -7.27
N ASN I 19 -24.92 -45.90 -6.25
CA ASN I 19 -25.60 -46.38 -5.06
C ASN I 19 -27.05 -46.73 -5.40
N ASN I 20 -27.76 -47.26 -4.41
CA ASN I 20 -29.18 -47.56 -4.62
C ASN I 20 -29.98 -46.28 -4.73
N ALA I 21 -29.70 -45.29 -3.87
CA ALA I 21 -30.39 -44.01 -3.94
C ALA I 21 -29.89 -43.14 -5.08
N GLN I 22 -28.60 -43.22 -5.39
CA GLN I 22 -28.05 -42.42 -6.48
C GLN I 22 -28.62 -42.85 -7.83
N TRP I 23 -29.05 -44.11 -7.95
CA TRP I 23 -29.60 -44.56 -9.22
C TRP I 23 -30.96 -43.94 -9.49
N LEU I 24 -31.79 -43.79 -8.47
CA LEU I 24 -33.10 -43.18 -8.66
C LEU I 24 -32.97 -41.69 -8.97
N VAL I 25 -32.13 -40.98 -8.23
CA VAL I 25 -31.87 -39.58 -8.53
C VAL I 25 -31.28 -39.44 -9.93
N HIS I 26 -30.38 -40.35 -10.34
CA HIS I 26 -29.84 -40.30 -11.70
C HIS I 26 -30.94 -40.51 -12.72
N ASP I 27 -31.91 -41.42 -12.46
CA ASP I 27 -33.02 -41.62 -13.38
C ASP I 27 -33.84 -40.35 -13.51
N ILE I 28 -34.09 -39.68 -12.39
CA ILE I 28 -34.79 -38.40 -12.44
C ILE I 28 -34.02 -37.38 -13.26
N VAL I 29 -32.70 -37.31 -13.05
CA VAL I 29 -31.89 -36.34 -13.78
C VAL I 29 -31.91 -36.64 -15.27
N VAL I 30 -31.83 -37.92 -15.64
CA VAL I 30 -31.83 -38.29 -17.05
C VAL I 30 -33.16 -37.93 -17.69
N LYS I 31 -34.26 -38.24 -17.03
CA LYS I 31 -35.56 -37.92 -17.61
C LYS I 31 -35.78 -36.42 -17.69
N THR I 32 -35.29 -35.67 -16.70
CA THR I 32 -35.38 -34.22 -16.75
C THR I 32 -34.55 -33.66 -17.90
N ILE I 33 -33.35 -34.20 -18.10
CA ILE I 33 -32.51 -33.75 -19.20
C ILE I 33 -33.17 -34.05 -20.54
N TYR I 34 -33.82 -35.20 -20.65
CA TYR I 34 -34.49 -35.55 -21.90
C TYR I 34 -35.68 -34.64 -22.16
N GLY I 35 -36.50 -34.40 -21.14
CA GLY I 35 -37.60 -33.47 -21.30
C GLY I 35 -37.14 -32.08 -21.66
N GLY I 36 -36.09 -31.60 -20.98
CA GLY I 36 -35.55 -30.31 -21.31
C GLY I 36 -34.97 -30.25 -22.71
N LEU I 37 -34.41 -31.36 -23.18
CA LEU I 37 -33.90 -31.41 -24.54
C LEU I 37 -35.02 -31.32 -25.56
N ILE I 38 -36.11 -32.05 -25.33
CA ILE I 38 -37.26 -31.96 -26.23
C ILE I 38 -37.79 -30.53 -26.25
N ILE I 39 -37.92 -29.92 -25.07
CA ILE I 39 -38.42 -28.56 -25.00
C ILE I 39 -37.45 -27.59 -25.68
N ALA I 40 -36.15 -27.85 -25.56
CA ALA I 40 -35.17 -26.98 -26.18
C ALA I 40 -35.19 -27.11 -27.70
N VAL I 41 -35.38 -28.32 -28.21
CA VAL I 41 -35.52 -28.50 -29.64
C VAL I 41 -36.75 -27.79 -30.16
N ILE I 42 -37.87 -27.92 -29.45
CA ILE I 42 -39.09 -27.23 -29.86
C ILE I 42 -38.88 -25.72 -29.85
N ALA I 43 -38.22 -25.22 -28.81
CA ALA I 43 -37.98 -23.78 -28.71
C ALA I 43 -37.07 -23.29 -29.82
N HIS I 44 -36.08 -24.09 -30.19
CA HIS I 44 -35.18 -23.69 -31.28
C HIS I 44 -35.89 -23.70 -32.62
N VAL I 45 -36.74 -24.71 -32.86
CA VAL I 45 -37.50 -24.73 -34.11
C VAL I 45 -38.44 -23.54 -34.18
N LEU I 46 -39.08 -23.20 -33.06
CA LEU I 46 -39.99 -22.05 -33.06
C LEU I 46 -39.24 -20.76 -33.29
N CYS I 47 -38.11 -20.57 -32.60
CA CYS I 47 -37.33 -19.35 -32.79
C CYS I 47 -36.74 -19.27 -34.19
N TRP I 48 -36.46 -20.41 -34.82
CA TRP I 48 -35.98 -20.35 -36.20
C TRP I 48 -37.10 -19.99 -37.16
N ALA I 49 -38.27 -20.60 -36.99
CA ALA I 49 -39.41 -20.24 -37.83
C ALA I 49 -39.78 -18.77 -37.64
N TRP I 50 -39.49 -18.21 -36.46
CA TRP I 50 -39.79 -16.82 -36.19
C TRP I 50 -38.74 -15.89 -36.79
N THR I 51 -37.49 -16.04 -36.37
CA THR I 51 -36.39 -15.23 -36.87
C THR I 51 -35.13 -16.08 -37.00
N PRO I 52 -34.75 -16.48 -38.21
CA PRO I 52 -33.52 -17.27 -38.38
C PRO I 52 -32.30 -16.46 -37.98
N TRP I 53 -31.48 -17.05 -37.10
CA TRP I 53 -30.29 -16.37 -36.60
C TRP I 53 -29.06 -16.60 -37.46
N ILE I 54 -29.08 -17.61 -38.30
CA ILE I 54 -27.90 -17.94 -39.10
C ILE I 54 -27.83 -17.05 -40.33
N ARG I 55 -28.96 -16.84 -40.99
CA ARG I 55 -29.00 -15.96 -42.15
C ARG I 55 -27.83 -16.17 -43.11
N ARG J 4 -27.57 -41.56 1.35
CA ARG J 4 -28.20 -40.80 0.27
C ARG J 4 -27.25 -39.75 -0.30
N PRO J 5 -27.23 -39.62 -1.63
CA PRO J 5 -26.35 -38.65 -2.27
C PRO J 5 -26.67 -37.21 -1.91
N PHE J 6 -27.95 -36.87 -1.83
CA PHE J 6 -28.31 -35.49 -1.60
C PHE J 6 -29.25 -35.23 -0.44
N GLU J 7 -28.74 -34.60 0.62
CA GLU J 7 -29.61 -34.18 1.70
C GLU J 7 -30.77 -33.36 1.14
N PHE J 8 -31.97 -33.64 1.65
CA PHE J 8 -33.13 -32.90 1.19
C PHE J 8 -33.04 -31.42 1.56
N ARG J 9 -32.47 -31.11 2.72
CA ARG J 9 -32.31 -29.71 3.12
C ARG J 9 -31.41 -28.97 2.15
N THR J 10 -30.34 -29.62 1.67
CA THR J 10 -29.45 -28.97 0.72
C THR J 10 -30.16 -28.66 -0.58
N SER J 11 -30.90 -29.62 -1.13
CA SER J 11 -31.63 -29.39 -2.36
C SER J 11 -32.67 -28.29 -2.16
N VAL J 12 -33.32 -28.25 -1.00
CA VAL J 12 -34.30 -27.21 -0.76
C VAL J 12 -33.65 -25.84 -0.73
N VAL J 13 -32.53 -25.71 0.00
CA VAL J 13 -31.84 -24.42 0.06
C VAL J 13 -31.41 -23.98 -1.32
N VAL J 14 -30.78 -24.88 -2.07
CA VAL J 14 -30.26 -24.52 -3.39
C VAL J 14 -31.39 -24.14 -4.33
N SER J 15 -32.47 -24.93 -4.38
CA SER J 15 -33.57 -24.64 -5.28
C SER J 15 -34.26 -23.32 -4.91
N THR J 16 -34.48 -23.10 -3.61
CA THR J 16 -35.16 -21.89 -3.19
C THR J 16 -34.32 -20.65 -3.49
N LEU J 17 -33.01 -20.73 -3.24
CA LEU J 17 -32.15 -19.60 -3.50
C LEU J 17 -32.04 -19.35 -5.00
N LEU J 18 -31.93 -20.42 -5.79
CA LEU J 18 -31.89 -20.26 -7.24
C LEU J 18 -33.17 -19.62 -7.76
N GLY J 19 -34.32 -20.07 -7.25
CA GLY J 19 -35.58 -19.49 -7.68
C GLY J 19 -35.72 -18.03 -7.31
N LEU J 20 -35.29 -17.66 -6.10
CA LEU J 20 -35.38 -16.26 -5.69
C LEU J 20 -34.43 -15.40 -6.52
N VAL J 21 -33.20 -15.86 -6.72
CA VAL J 21 -32.25 -15.11 -7.52
C VAL J 21 -32.75 -14.96 -8.95
N MET J 22 -33.35 -16.02 -9.50
CA MET J 22 -33.82 -15.94 -10.88
C MET J 22 -35.04 -15.04 -10.99
N ALA J 23 -35.93 -15.07 -10.00
CA ALA J 23 -37.08 -14.17 -10.02
C ALA J 23 -36.62 -12.72 -9.95
N LEU J 24 -35.67 -12.42 -9.08
CA LEU J 24 -35.14 -11.06 -8.99
C LEU J 24 -34.46 -10.64 -10.28
N LEU J 25 -33.64 -11.53 -10.85
CA LEU J 25 -32.94 -11.21 -12.08
C LEU J 25 -33.91 -10.96 -13.23
N ILE J 26 -34.92 -11.81 -13.36
CA ILE J 26 -35.85 -11.66 -14.47
C ILE J 26 -36.71 -10.42 -14.28
N HIS J 27 -37.14 -10.14 -13.05
CA HIS J 27 -37.87 -8.91 -12.80
C HIS J 27 -37.04 -7.70 -13.15
N PHE J 28 -35.75 -7.72 -12.82
CA PHE J 28 -34.92 -6.53 -13.05
C PHE J 28 -34.63 -6.37 -14.53
N VAL J 29 -34.41 -7.48 -15.24
CA VAL J 29 -34.20 -7.43 -16.68
C VAL J 29 -35.45 -6.93 -17.38
N VAL J 30 -36.62 -7.39 -16.96
CA VAL J 30 -37.86 -6.97 -17.61
C VAL J 30 -38.18 -5.52 -17.30
N LEU J 31 -37.89 -5.08 -16.08
CA LEU J 31 -38.19 -3.69 -15.73
C LEU J 31 -37.24 -2.73 -16.40
N SER J 32 -35.96 -3.11 -16.50
CA SER J 32 -34.99 -2.24 -17.16
C SER J 32 -35.15 -2.22 -18.68
N SER J 33 -35.80 -3.23 -19.25
CA SER J 33 -35.93 -3.28 -20.70
C SER J 33 -36.83 -2.17 -21.22
N GLY J 34 -37.70 -1.62 -20.37
CA GLY J 34 -38.64 -0.63 -20.82
C GLY J 34 -39.60 -1.12 -21.88
N ALA J 35 -39.80 -2.43 -21.96
CA ALA J 35 -40.63 -3.03 -23.00
C ALA J 35 -42.08 -3.16 -22.59
N PHE J 36 -42.46 -2.78 -21.37
CA PHE J 36 -43.77 -3.12 -20.88
C PHE J 36 -44.64 -1.95 -20.48
N ASN J 37 -44.06 -0.81 -20.10
CA ASN J 37 -44.80 0.30 -19.49
C ASN J 37 -45.35 -0.12 -18.12
N TRP J 38 -44.41 -0.49 -17.24
CA TRP J 38 -44.71 -0.92 -15.87
C TRP J 38 -43.78 -0.12 -15.05
N LEU J 39 -44.27 0.54 -14.02
CA LEU J 39 -43.48 1.44 -13.19
C LEU J 39 -42.94 2.57 -14.07
N ARG J 40 -43.84 3.24 -14.84
CA ARG J 40 -43.38 4.34 -15.70
C ARG J 40 -42.35 3.87 -16.71
N ALA J 41 -42.61 2.73 -17.35
CA ALA J 41 -41.75 2.17 -18.40
C ALA J 41 -40.27 2.20 -18.03
N ARG K 4 -34.40 -33.57 13.81
CA ARG K 4 -35.17 -33.14 12.64
C ARG K 4 -34.30 -32.56 11.54
N PRO K 5 -34.66 -32.81 10.28
CA PRO K 5 -33.89 -32.25 9.15
C PRO K 5 -33.91 -30.73 9.10
N PHE K 6 -35.06 -30.13 9.40
CA PHE K 6 -35.18 -28.67 9.33
C PHE K 6 -35.46 -28.08 10.69
N GLU K 7 -34.67 -27.09 11.10
CA GLU K 7 -34.99 -26.42 12.35
C GLU K 7 -35.98 -25.29 12.08
N PHE K 8 -36.98 -25.19 12.96
CA PHE K 8 -37.97 -24.14 12.80
C PHE K 8 -37.35 -22.75 12.97
N ARG K 9 -36.37 -22.63 13.86
CA ARG K 9 -35.71 -21.35 14.04
C ARG K 9 -34.98 -20.91 12.78
N THR K 10 -34.36 -21.86 12.08
CA THR K 10 -33.67 -21.51 10.84
C THR K 10 -34.64 -21.00 9.79
N SER K 11 -35.75 -21.71 9.59
CA SER K 11 -36.75 -21.26 8.63
C SER K 11 -37.31 -19.91 9.00
N VAL K 12 -37.52 -19.67 10.30
CA VAL K 12 -38.03 -18.37 10.73
C VAL K 12 -37.03 -17.27 10.40
N VAL K 13 -35.76 -17.47 10.75
CA VAL K 13 -34.75 -16.46 10.47
C VAL K 13 -34.68 -16.17 8.98
N VAL K 14 -34.61 -17.24 8.17
CA VAL K 14 -34.45 -17.06 6.73
C VAL K 14 -35.67 -16.34 6.14
N SER K 15 -36.87 -16.78 6.51
CA SER K 15 -38.07 -16.17 5.95
C SER K 15 -38.20 -14.72 6.38
N THR K 16 -37.93 -14.42 7.65
CA THR K 16 -38.07 -13.05 8.13
C THR K 16 -37.05 -12.14 7.47
N LEU K 17 -35.80 -12.62 7.32
CA LEU K 17 -34.79 -11.80 6.69
C LEU K 17 -35.09 -11.59 5.21
N LEU K 18 -35.56 -12.65 4.54
CA LEU K 18 -35.93 -12.52 3.13
C LEU K 18 -37.08 -11.53 2.97
N GLY K 19 -38.08 -11.61 3.85
CA GLY K 19 -39.19 -10.67 3.76
C GLY K 19 -38.77 -9.25 3.99
N LEU K 20 -37.91 -9.01 4.98
CA LEU K 20 -37.45 -7.66 5.25
C LEU K 20 -36.62 -7.11 4.09
N VAL K 21 -35.70 -7.93 3.58
CA VAL K 21 -34.88 -7.51 2.45
C VAL K 21 -35.75 -7.23 1.23
N MET K 22 -36.77 -8.05 1.00
CA MET K 22 -37.61 -7.84 -0.16
C MET K 22 -38.48 -6.62 0.00
N ALA K 23 -39.00 -6.37 1.21
CA ALA K 23 -39.77 -5.16 1.45
C ALA K 23 -38.92 -3.92 1.22
N LEU K 24 -37.70 -3.91 1.74
CA LEU K 24 -36.82 -2.78 1.53
C LEU K 24 -36.49 -2.60 0.05
N LEU K 25 -36.18 -3.69 -0.64
CA LEU K 25 -35.85 -3.62 -2.06
C LEU K 25 -37.01 -3.09 -2.88
N ILE K 26 -38.22 -3.59 -2.60
CA ILE K 26 -39.37 -3.17 -3.39
C ILE K 26 -39.73 -1.73 -3.09
N HIS K 27 -39.65 -1.33 -1.81
CA HIS K 27 -39.87 0.07 -1.48
C HIS K 27 -38.89 0.97 -2.20
N PHE K 28 -37.62 0.56 -2.19
CA PHE K 28 -36.49 1.30 -2.82
C PHE K 28 -36.71 1.46 -4.32
N VAL K 29 -37.13 0.37 -4.98
CA VAL K 29 -37.37 0.34 -6.42
C VAL K 29 -38.59 1.20 -6.76
N VAL K 30 -39.65 1.12 -5.95
CA VAL K 30 -40.85 1.88 -6.25
C VAL K 30 -40.63 3.37 -6.01
N LEU K 31 -39.85 3.71 -4.99
CA LEU K 31 -39.61 5.12 -4.69
C LEU K 31 -38.69 5.74 -5.72
N SER K 32 -37.68 5.00 -6.17
CA SER K 32 -36.77 5.53 -7.17
C SER K 32 -37.38 5.59 -8.55
N SER K 33 -38.44 4.82 -8.80
CA SER K 33 -39.05 4.80 -10.13
C SER K 33 -39.70 6.13 -10.47
N GLY K 34 -40.06 6.92 -9.46
CA GLY K 34 -40.78 8.15 -9.70
C GLY K 34 -42.12 7.96 -10.36
N ALA K 35 -42.70 6.77 -10.24
CA ALA K 35 -43.95 6.45 -10.91
C ALA K 35 -45.18 6.76 -10.08
N PHE K 36 -45.02 7.24 -8.86
CA PHE K 36 -46.15 7.32 -7.95
C PHE K 36 -46.47 8.70 -7.43
N ASN K 37 -45.50 9.62 -7.36
CA ASN K 37 -45.65 10.90 -6.67
C ASN K 37 -45.84 10.68 -5.17
N TRP K 38 -44.85 10.01 -4.57
CA TRP K 38 -44.81 9.72 -3.14
C TRP K 38 -43.52 10.35 -2.66
N LEU K 39 -43.54 11.13 -1.59
CA LEU K 39 -42.42 11.94 -1.14
C LEU K 39 -41.95 12.87 -2.25
N ARG K 40 -42.91 13.54 -2.89
CA ARG K 40 -42.65 14.52 -3.95
C ARG K 40 -41.95 13.87 -5.14
N ALA K 41 -42.63 12.92 -5.77
CA ALA K 41 -42.10 12.28 -6.97
C ALA K 41 -42.92 12.67 -8.19
N ASN L 7 -44.02 -31.95 22.84
CA ASN L 7 -44.64 -32.24 21.55
C ASN L 7 -46.12 -32.55 21.69
N ASP L 8 -46.62 -32.52 22.92
CA ASP L 8 -48.02 -32.83 23.16
C ASP L 8 -48.96 -31.91 22.41
N LEU L 9 -48.69 -30.60 22.46
CA LEU L 9 -49.58 -29.64 21.83
C LEU L 9 -49.57 -29.74 20.31
N VAL L 10 -48.55 -30.35 19.73
CA VAL L 10 -48.43 -30.42 18.28
C VAL L 10 -49.34 -31.53 17.76
N PRO L 11 -50.05 -31.32 16.65
CA PRO L 11 -50.77 -32.44 16.03
C PRO L 11 -49.78 -33.52 15.61
N ASP L 12 -50.23 -34.77 15.74
CA ASP L 12 -49.37 -35.91 15.41
C ASP L 12 -48.77 -35.81 14.03
N GLN L 13 -49.54 -35.27 13.09
CA GLN L 13 -49.03 -35.13 11.73
C GLN L 13 -47.70 -34.38 11.72
N TRP L 14 -47.60 -33.32 12.49
CA TRP L 14 -46.44 -32.45 12.50
C TRP L 14 -45.54 -32.69 13.70
N LYS L 15 -45.79 -33.72 14.47
CA LYS L 15 -44.90 -34.05 15.58
C LYS L 15 -43.46 -34.35 15.17
N PRO L 16 -43.18 -35.01 14.03
CA PRO L 16 -41.77 -35.20 13.65
C PRO L 16 -41.03 -33.91 13.37
N LEU L 17 -41.74 -32.80 13.16
CA LEU L 17 -41.13 -31.56 12.72
C LEU L 17 -41.12 -30.47 13.79
N PHE L 18 -42.16 -30.39 14.60
CA PHE L 18 -42.37 -29.26 15.49
C PHE L 18 -42.23 -29.67 16.94
N ASN L 19 -41.40 -28.93 17.67
CA ASN L 19 -41.33 -29.04 19.12
C ASN L 19 -42.61 -28.48 19.75
N ASN L 20 -42.71 -28.59 21.07
CA ASN L 20 -43.85 -28.01 21.76
C ASN L 20 -43.78 -26.49 21.73
N ALA L 21 -42.60 -25.91 21.96
CA ALA L 21 -42.44 -24.47 21.91
C ALA L 21 -42.39 -23.95 20.47
N GLN L 22 -41.82 -24.72 19.55
CA GLN L 22 -41.77 -24.28 18.16
C GLN L 22 -43.15 -24.20 17.54
N TRP L 23 -44.10 -24.97 18.04
CA TRP L 23 -45.45 -24.93 17.49
C TRP L 23 -46.15 -23.62 17.82
N LEU L 24 -45.97 -23.12 19.04
CA LEU L 24 -46.59 -21.85 19.42
C LEU L 24 -45.97 -20.68 18.67
N VAL L 25 -44.65 -20.64 18.58
CA VAL L 25 -43.99 -19.61 17.79
C VAL L 25 -44.41 -19.71 16.33
N HIS L 26 -44.63 -20.96 15.78
CA HIS L 26 -45.09 -21.11 14.42
C HIS L 26 -46.50 -20.57 14.26
N ASP L 27 -47.32 -20.77 15.27
CA ASP L 27 -48.66 -20.22 15.20
C ASP L 27 -48.63 -18.71 15.17
N ILE L 28 -47.77 -18.10 15.99
CA ILE L 28 -47.61 -16.66 15.96
C ILE L 28 -47.12 -16.19 14.59
N VAL L 29 -46.15 -16.90 14.02
CA VAL L 29 -45.61 -16.52 12.71
C VAL L 29 -46.69 -16.62 11.64
N VAL L 30 -47.49 -17.68 11.70
CA VAL L 30 -48.54 -17.87 10.70
C VAL L 30 -49.58 -16.76 10.79
N LYS L 31 -50.01 -16.44 12.02
CA LYS L 31 -51.01 -15.39 12.17
C LYS L 31 -50.44 -14.04 11.78
N THR L 32 -49.18 -13.79 12.07
CA THR L 32 -48.55 -12.54 11.65
C THR L 32 -48.46 -12.45 10.13
N ILE L 33 -48.11 -13.56 9.48
CA ILE L 33 -48.05 -13.58 8.01
C ILE L 33 -49.42 -13.33 7.41
N TYR L 34 -50.45 -13.91 8.02
CA TYR L 34 -51.81 -13.70 7.51
C TYR L 34 -52.26 -12.26 7.69
N GLY L 35 -52.02 -11.68 8.86
CA GLY L 35 -52.34 -10.28 9.06
C GLY L 35 -51.59 -9.37 8.11
N GLY L 36 -50.29 -9.63 7.94
CA GLY L 36 -49.51 -8.86 6.99
C GLY L 36 -49.98 -9.02 5.57
N LEU L 37 -50.49 -10.20 5.23
CA LEU L 37 -51.02 -10.42 3.89
C LEU L 37 -52.29 -9.62 3.68
N ILE L 38 -53.18 -9.62 4.66
CA ILE L 38 -54.40 -8.82 4.54
C ILE L 38 -54.05 -7.35 4.40
N ILE L 39 -53.10 -6.88 5.21
CA ILE L 39 -52.70 -5.48 5.14
C ILE L 39 -52.05 -5.19 3.80
N ALA L 40 -51.28 -6.14 3.26
CA ALA L 40 -50.62 -5.94 1.98
C ALA L 40 -51.64 -5.89 0.83
N VAL L 41 -52.67 -6.75 0.90
CA VAL L 41 -53.71 -6.69 -0.11
C VAL L 41 -54.45 -5.36 -0.05
N ILE L 42 -54.76 -4.90 1.16
CA ILE L 42 -55.43 -3.60 1.28
C ILE L 42 -54.55 -2.50 0.74
N ALA L 43 -53.26 -2.54 1.05
CA ALA L 43 -52.33 -1.52 0.57
C ALA L 43 -52.22 -1.53 -0.94
N HIS L 44 -52.22 -2.72 -1.54
CA HIS L 44 -52.13 -2.80 -2.99
C HIS L 44 -53.41 -2.30 -3.66
N VAL L 45 -54.57 -2.62 -3.09
CA VAL L 45 -55.82 -2.10 -3.65
C VAL L 45 -55.86 -0.59 -3.55
N LEU L 46 -55.41 -0.04 -2.42
CA LEU L 46 -55.40 1.41 -2.27
C LEU L 46 -54.43 2.07 -3.24
N CYS L 47 -53.23 1.53 -3.37
CA CYS L 47 -52.26 2.10 -4.29
C CYS L 47 -52.71 1.94 -5.74
N TRP L 48 -53.49 0.91 -6.06
CA TRP L 48 -54.01 0.79 -7.41
C TRP L 48 -55.10 1.81 -7.67
N ALA L 49 -56.04 1.96 -6.72
CA ALA L 49 -57.07 2.98 -6.86
C ALA L 49 -56.45 4.37 -6.96
N TRP L 50 -55.29 4.56 -6.35
CA TRP L 50 -54.61 5.85 -6.38
C TRP L 50 -53.87 6.06 -7.69
N THR L 51 -52.92 5.19 -8.00
CA THR L 51 -52.15 5.26 -9.24
C THR L 51 -51.87 3.88 -9.77
N PRO L 52 -52.56 3.43 -10.81
CA PRO L 52 -52.30 2.11 -11.37
C PRO L 52 -50.90 2.03 -11.97
N TRP L 53 -50.14 1.02 -11.55
CA TRP L 53 -48.77 0.86 -12.00
C TRP L 53 -48.65 0.04 -13.27
N ILE L 54 -49.69 -0.70 -13.63
CA ILE L 54 -49.61 -1.57 -14.80
C ILE L 54 -49.84 -0.75 -16.07
N ARG L 55 -50.85 0.10 -16.07
CA ARG L 55 -51.10 0.95 -17.23
C ARG L 55 -51.07 0.17 -18.53
N ARG M 4 -34.38 -24.19 24.73
CA ARG M 4 -34.66 -22.86 24.22
C ARG M 4 -34.41 -22.75 22.72
N PRO M 5 -35.44 -23.02 21.92
CA PRO M 5 -35.31 -22.79 20.47
C PRO M 5 -35.08 -21.33 20.12
N PHE M 6 -35.67 -20.41 20.89
CA PHE M 6 -35.49 -18.97 20.70
C PHE M 6 -35.17 -18.34 22.04
N GLU M 7 -34.06 -17.61 22.11
CA GLU M 7 -33.78 -16.86 23.32
C GLU M 7 -34.49 -15.51 23.26
N PHE M 8 -35.10 -15.13 24.37
CA PHE M 8 -35.80 -13.85 24.42
C PHE M 8 -34.84 -12.69 24.26
N ARG M 9 -33.62 -12.81 24.80
CA ARG M 9 -32.64 -11.75 24.64
C ARG M 9 -32.27 -11.54 23.18
N THR M 10 -32.16 -12.63 22.42
CA THR M 10 -31.83 -12.51 21.00
C THR M 10 -32.92 -11.78 20.25
N SER M 11 -34.18 -12.16 20.47
CA SER M 11 -35.29 -11.48 19.80
C SER M 11 -35.33 -10.01 20.20
N VAL M 12 -35.06 -9.70 21.47
CA VAL M 12 -35.08 -8.31 21.90
C VAL M 12 -33.99 -7.52 21.18
N VAL M 13 -32.77 -8.05 21.15
CA VAL M 13 -31.67 -7.35 20.48
C VAL M 13 -32.00 -7.12 19.02
N VAL M 14 -32.46 -8.18 18.33
CA VAL M 14 -32.73 -8.07 16.90
C VAL M 14 -33.85 -7.07 16.64
N SER M 15 -34.95 -7.16 17.39
CA SER M 15 -36.07 -6.25 17.17
C SER M 15 -35.70 -4.81 17.47
N THR M 16 -34.97 -4.59 18.56
CA THR M 16 -34.60 -3.22 18.92
C THR M 16 -33.64 -2.62 17.89
N LEU M 17 -32.67 -3.41 17.43
CA LEU M 17 -31.74 -2.91 16.45
C LEU M 17 -32.44 -2.66 15.11
N LEU M 18 -33.34 -3.56 14.72
CA LEU M 18 -34.09 -3.36 13.49
C LEU M 18 -34.95 -2.10 13.58
N GLY M 19 -35.60 -1.89 14.71
CA GLY M 19 -36.41 -0.70 14.87
C GLY M 19 -35.61 0.58 14.84
N LEU M 20 -34.44 0.58 15.48
CA LEU M 20 -33.59 1.77 15.47
C LEU M 20 -33.06 2.05 14.07
N VAL M 21 -32.59 1.01 13.38
CA VAL M 21 -32.09 1.17 12.02
C VAL M 21 -33.20 1.67 11.10
N MET M 22 -34.41 1.13 11.27
CA MET M 22 -35.50 1.55 10.39
C MET M 22 -35.95 2.96 10.69
N ALA M 23 -35.97 3.35 11.98
CA ALA M 23 -36.30 4.73 12.31
C ALA M 23 -35.29 5.70 11.72
N LEU M 24 -34.00 5.38 11.84
CA LEU M 24 -32.97 6.24 11.26
C LEU M 24 -33.11 6.30 9.75
N LEU M 25 -33.31 5.15 9.10
CA LEU M 25 -33.43 5.12 7.65
C LEU M 25 -34.63 5.92 7.17
N ILE M 26 -35.76 5.77 7.84
CA ILE M 26 -36.97 6.47 7.41
C ILE M 26 -36.83 7.96 7.66
N HIS M 27 -36.26 8.34 8.80
CA HIS M 27 -36.01 9.75 9.05
C HIS M 27 -35.12 10.35 7.98
N PHE M 28 -34.05 9.62 7.64
CA PHE M 28 -33.05 10.04 6.64
C PHE M 28 -33.72 10.23 5.27
N VAL M 29 -34.52 9.25 4.86
CA VAL M 29 -35.22 9.27 3.59
C VAL M 29 -36.22 10.41 3.54
N VAL M 30 -36.96 10.64 4.63
CA VAL M 30 -37.96 11.69 4.64
C VAL M 30 -37.30 13.06 4.64
N LEU M 31 -36.21 13.20 5.38
CA LEU M 31 -35.52 14.48 5.40
C LEU M 31 -34.95 14.80 4.05
N SER M 32 -34.26 13.84 3.44
CA SER M 32 -33.60 14.09 2.17
C SER M 32 -34.59 14.28 1.04
N SER M 33 -35.83 13.82 1.20
CA SER M 33 -36.81 13.95 0.12
C SER M 33 -37.19 15.40 -0.13
N GLY M 34 -36.99 16.27 0.86
CA GLY M 34 -37.42 17.65 0.71
C GLY M 34 -38.90 17.82 0.52
N ALA M 35 -39.70 16.83 0.92
CA ALA M 35 -41.12 16.85 0.69
C ALA M 35 -41.91 17.49 1.81
N PHE M 36 -41.21 17.90 2.87
CA PHE M 36 -41.87 18.44 4.06
C PHE M 36 -41.38 19.77 4.65
N ASN M 37 -40.51 20.52 4.00
CA ASN M 37 -40.13 21.83 4.57
C ASN M 37 -39.66 21.78 6.03
N TRP M 38 -38.68 20.94 6.33
CA TRP M 38 -38.19 20.80 7.69
C TRP M 38 -36.88 21.54 7.83
N LEU M 39 -36.76 22.37 8.87
CA LEU M 39 -35.54 23.15 9.07
C LEU M 39 -35.16 23.95 7.85
N ARG M 40 -36.08 24.78 7.35
CA ARG M 40 -35.83 25.58 6.14
C ARG M 40 -35.58 24.72 4.92
N ALA M 41 -36.32 23.61 4.79
CA ALA M 41 -36.16 22.72 3.64
C ALA M 41 -34.72 22.56 3.18
N ASN N 7 -40.44 -19.66 36.74
CA ASN N 7 -41.48 -19.47 35.74
C ASN N 7 -42.85 -19.46 36.38
N ASP N 8 -42.90 -19.19 37.68
CA ASP N 8 -44.17 -19.19 38.39
C ASP N 8 -45.07 -18.05 37.92
N LEU N 9 -44.47 -17.02 37.36
CA LEU N 9 -45.25 -15.87 36.91
C LEU N 9 -45.70 -15.99 35.46
N VAL N 10 -45.06 -16.86 34.68
CA VAL N 10 -45.40 -17.00 33.26
C VAL N 10 -46.67 -17.84 33.14
N PRO N 11 -47.60 -17.49 32.25
CA PRO N 11 -48.71 -18.39 31.96
C PRO N 11 -48.19 -19.70 31.40
N ASP N 12 -48.87 -20.79 31.75
CA ASP N 12 -48.43 -22.11 31.31
C ASP N 12 -48.25 -22.20 29.82
N GLN N 13 -49.12 -21.50 29.08
CA GLN N 13 -49.01 -21.54 27.63
C GLN N 13 -47.61 -21.15 27.17
N TRP N 14 -47.02 -20.13 27.79
CA TRP N 14 -45.74 -19.60 27.39
C TRP N 14 -44.60 -20.03 28.30
N LYS N 15 -44.87 -20.96 29.22
CA LYS N 15 -43.80 -21.47 30.07
C LYS N 15 -42.66 -22.14 29.29
N PRO N 16 -42.89 -22.87 28.19
CA PRO N 16 -41.75 -23.43 27.46
C PRO N 16 -40.84 -22.38 26.85
N LEU N 17 -41.28 -21.14 26.75
CA LEU N 17 -40.54 -20.11 26.04
C LEU N 17 -39.96 -19.04 26.96
N PHE N 18 -40.67 -18.67 28.02
CA PHE N 18 -40.32 -17.50 28.81
C PHE N 18 -39.87 -17.90 30.20
N ASN N 19 -38.72 -17.38 30.60
CA ASN N 19 -38.26 -17.48 31.97
C ASN N 19 -39.12 -16.60 32.87
N ASN N 20 -38.85 -16.65 34.16
CA ASN N 20 -39.56 -15.78 35.10
C ASN N 20 -39.15 -14.32 34.89
N ALA N 21 -37.84 -14.07 34.73
CA ALA N 21 -37.37 -12.72 34.50
C ALA N 21 -37.62 -12.26 33.08
N GLN N 22 -37.55 -13.18 32.11
CA GLN N 22 -37.80 -12.79 30.72
C GLN N 22 -39.24 -12.37 30.50
N TRP N 23 -40.16 -12.86 31.33
CA TRP N 23 -41.55 -12.48 31.15
C TRP N 23 -41.79 -11.03 31.54
N LEU N 24 -41.14 -10.56 32.61
CA LEU N 24 -41.30 -9.17 33.02
C LEU N 24 -40.67 -8.22 32.02
N VAL N 25 -39.46 -8.53 31.56
CA VAL N 25 -38.83 -7.72 30.53
C VAL N 25 -39.67 -7.74 29.26
N HIS N 26 -40.33 -8.86 28.94
CA HIS N 26 -41.19 -8.92 27.76
C HIS N 26 -42.41 -8.03 27.95
N ASP N 27 -42.93 -8.04 29.15
CA ASP N 27 -44.06 -7.16 29.42
C ASP N 27 -43.67 -5.70 29.21
N ILE N 28 -42.48 -5.33 29.71
CA ILE N 28 -42.00 -3.96 29.50
C ILE N 28 -41.84 -3.68 28.01
N VAL N 29 -41.27 -4.62 27.26
CA VAL N 29 -41.07 -4.42 25.83
C VAL N 29 -42.40 -4.27 25.11
N VAL N 30 -43.39 -5.09 25.49
CA VAL N 30 -44.70 -5.02 24.84
C VAL N 30 -45.36 -3.67 25.12
N LYS N 31 -45.33 -3.23 26.37
CA LYS N 31 -45.95 -1.95 26.70
C LYS N 31 -45.22 -0.79 26.03
N THR N 32 -43.90 -0.88 25.94
CA THR N 32 -43.14 0.16 25.23
C THR N 32 -43.48 0.18 23.75
N ILE N 33 -43.63 -0.99 23.14
CA ILE N 33 -43.99 -1.06 21.73
C ILE N 33 -45.38 -0.48 21.52
N TYR N 34 -46.30 -0.75 22.44
CA TYR N 34 -47.64 -0.22 22.30
C TYR N 34 -47.66 1.30 22.45
N GLY N 35 -46.96 1.82 23.45
CA GLY N 35 -46.87 3.26 23.60
C GLY N 35 -46.22 3.92 22.40
N GLY N 36 -45.14 3.34 21.90
CA GLY N 36 -44.50 3.85 20.71
C GLY N 36 -45.40 3.79 19.49
N LEU N 37 -46.24 2.77 19.41
CA LEU N 37 -47.19 2.66 18.30
C LEU N 37 -48.23 3.76 18.37
N ILE N 38 -48.77 4.01 19.56
CA ILE N 38 -49.73 5.10 19.71
C ILE N 38 -49.10 6.43 19.34
N ILE N 39 -47.87 6.66 19.80
CA ILE N 39 -47.18 7.90 19.49
C ILE N 39 -46.90 8.00 17.99
N ALA N 40 -46.58 6.86 17.36
CA ALA N 40 -46.30 6.86 15.93
C ALA N 40 -47.55 7.13 15.13
N VAL N 41 -48.70 6.58 15.55
CA VAL N 41 -49.96 6.87 14.87
C VAL N 41 -50.29 8.36 15.01
N ILE N 42 -50.11 8.91 16.20
CA ILE N 42 -50.39 10.33 16.38
C ILE N 42 -49.46 11.17 15.51
N ALA N 43 -48.18 10.79 15.45
CA ALA N 43 -47.23 11.54 14.65
C ALA N 43 -47.57 11.46 13.17
N HIS N 44 -48.03 10.30 12.71
CA HIS N 44 -48.39 10.16 11.30
C HIS N 44 -49.64 10.96 10.97
N VAL N 45 -50.63 10.97 11.86
CA VAL N 45 -51.83 11.77 11.61
C VAL N 45 -51.47 13.25 11.58
N LEU N 46 -50.59 13.68 12.49
CA LEU N 46 -50.18 15.09 12.49
C LEU N 46 -49.41 15.45 11.23
N CYS N 47 -48.47 14.61 10.83
CA CYS N 47 -47.70 14.89 9.62
C CYS N 47 -48.58 14.83 8.37
N TRP N 48 -49.64 14.03 8.39
CA TRP N 48 -50.55 14.02 7.25
C TRP N 48 -51.39 15.28 7.21
N ALA N 49 -51.94 15.69 8.35
CA ALA N 49 -52.69 16.93 8.40
C ALA N 49 -51.82 18.12 8.02
N TRP N 50 -50.51 18.02 8.26
CA TRP N 50 -49.59 19.09 7.91
C TRP N 50 -49.24 19.06 6.43
N THR N 51 -48.65 17.97 5.96
CA THR N 51 -48.28 17.82 4.56
C THR N 51 -48.51 16.39 4.11
N PRO N 52 -49.58 16.12 3.35
CA PRO N 52 -49.82 14.76 2.86
C PRO N 52 -48.71 14.32 1.92
N TRP N 53 -48.13 13.15 2.20
CA TRP N 53 -47.03 12.63 1.41
C TRP N 53 -47.49 11.77 0.24
N ILE N 54 -48.75 11.35 0.23
CA ILE N 54 -49.24 10.52 -0.85
C ILE N 54 -49.63 11.39 -2.04
N ARG N 55 -50.32 12.50 -1.80
CA ARG N 55 -50.67 13.42 -2.89
C ARG N 55 -51.19 12.69 -4.12
N ARG O 4 -29.28 -13.51 35.09
CA ARG O 4 -29.80 -12.33 34.41
C ARG O 4 -29.73 -12.47 32.90
N PRO O 5 -30.90 -12.39 32.22
CA PRO O 5 -30.90 -12.43 30.77
C PRO O 5 -30.14 -11.24 30.21
N PHE O 6 -30.33 -10.07 30.82
CA PHE O 6 -29.63 -8.86 30.39
C PHE O 6 -28.89 -8.26 31.56
N GLU O 7 -27.60 -7.94 31.38
CA GLU O 7 -26.91 -7.26 32.45
C GLU O 7 -27.32 -5.79 32.48
N PHE O 8 -27.55 -5.28 33.68
CA PHE O 8 -27.95 -3.88 33.82
C PHE O 8 -26.84 -2.94 33.38
N ARG O 9 -25.58 -3.32 33.62
CA ARG O 9 -24.46 -2.49 33.19
C ARG O 9 -24.42 -2.38 31.67
N THR O 10 -24.72 -3.47 30.97
CA THR O 10 -24.72 -3.43 29.51
C THR O 10 -25.79 -2.48 28.98
N SER O 11 -27.01 -2.59 29.52
CA SER O 11 -28.07 -1.69 29.09
C SER O 11 -27.73 -0.25 29.40
N VAL O 12 -27.10 -0.01 30.55
CA VAL O 12 -26.73 1.36 30.90
C VAL O 12 -25.71 1.91 29.91
N VAL O 13 -24.66 1.13 29.62
CA VAL O 13 -23.64 1.58 28.68
C VAL O 13 -24.26 1.86 27.32
N VAL O 14 -25.08 0.93 26.82
CA VAL O 14 -25.65 1.08 25.49
C VAL O 14 -26.57 2.28 25.44
N SER O 15 -27.45 2.44 26.42
CA SER O 15 -28.40 3.56 26.42
C SER O 15 -27.67 4.89 26.55
N THR O 16 -26.67 4.96 27.42
CA THR O 16 -25.96 6.22 27.60
C THR O 16 -25.18 6.60 26.35
N LEU O 17 -24.53 5.62 25.73
CA LEU O 17 -23.77 5.91 24.52
C LEU O 17 -24.70 6.29 23.38
N LEU O 18 -25.83 5.60 23.26
CA LEU O 18 -26.80 5.95 22.23
C LEU O 18 -27.34 7.35 22.44
N GLY O 19 -27.65 7.71 23.68
CA GLY O 19 -28.14 9.05 23.96
C GLY O 19 -27.12 10.12 23.66
N LEU O 20 -25.86 9.88 24.03
CA LEU O 20 -24.82 10.87 23.75
C LEU O 20 -24.60 11.03 22.24
N VAL O 21 -24.52 9.90 21.53
CA VAL O 21 -24.33 9.96 20.09
C VAL O 21 -25.51 10.66 19.42
N MET O 22 -26.73 10.40 19.90
CA MET O 22 -27.88 11.02 19.27
C MET O 22 -27.95 12.51 19.59
N ALA O 23 -27.59 12.90 20.82
CA ALA O 23 -27.54 14.31 21.15
C ALA O 23 -26.53 15.05 20.29
N LEU O 24 -25.34 14.47 20.12
CA LEU O 24 -24.32 15.08 19.27
C LEU O 24 -24.80 15.17 17.82
N LEU O 25 -25.38 14.08 17.31
CA LEU O 25 -25.85 14.06 15.94
C LEU O 25 -26.94 15.10 15.70
N ILE O 26 -27.89 15.19 16.63
CA ILE O 26 -29.00 16.12 16.45
C ILE O 26 -28.50 17.56 16.57
N HIS O 27 -27.61 17.82 17.53
CA HIS O 27 -27.02 19.15 17.64
C HIS O 27 -26.31 19.54 16.35
N PHE O 28 -25.57 18.60 15.77
CA PHE O 28 -24.78 18.95 14.59
C PHE O 28 -25.68 19.13 13.37
N VAL O 29 -26.72 18.32 13.25
CA VAL O 29 -27.68 18.48 12.17
C VAL O 29 -28.41 19.81 12.29
N VAL O 30 -28.80 20.18 13.51
CA VAL O 30 -29.55 21.42 13.70
C VAL O 30 -28.64 22.63 13.48
N LEU O 31 -27.37 22.54 13.89
CA LEU O 31 -26.48 23.66 13.74
C LEU O 31 -26.08 23.85 12.28
N SER O 32 -25.87 22.75 11.56
CA SER O 32 -25.51 22.84 10.16
C SER O 32 -26.68 23.24 9.28
N SER O 33 -27.91 23.05 9.74
CA SER O 33 -29.07 23.37 8.92
C SER O 33 -29.19 24.87 8.68
N GLY O 34 -28.60 25.69 9.54
CA GLY O 34 -28.76 27.11 9.43
C GLY O 34 -30.18 27.59 9.57
N ALA O 35 -31.03 26.80 10.20
CA ALA O 35 -32.45 27.11 10.31
C ALA O 35 -32.79 27.92 11.55
N PHE O 36 -31.82 28.21 12.42
CA PHE O 36 -32.15 28.75 13.72
C PHE O 36 -31.54 30.11 14.03
N ASN O 37 -30.41 30.47 13.42
CA ASN O 37 -29.64 31.65 13.82
C ASN O 37 -29.07 31.47 15.21
N TRP O 38 -28.26 30.42 15.35
CA TRP O 38 -27.61 30.13 16.59
C TRP O 38 -26.16 30.15 16.18
N LEU O 39 -25.29 30.71 17.00
CA LEU O 39 -23.86 30.85 16.74
C LEU O 39 -23.60 31.50 15.38
N ARG O 40 -24.19 32.68 15.20
CA ARG O 40 -24.11 33.47 13.97
C ARG O 40 -24.57 32.65 12.77
N ALA O 41 -25.86 32.32 12.80
CA ALA O 41 -26.52 31.52 11.76
C ALA O 41 -25.77 30.23 11.46
N ASN P 7 -30.21 -8.65 47.35
CA ASN P 7 -31.25 -7.95 46.61
C ASN P 7 -32.46 -7.61 47.48
N ASP P 8 -32.22 -7.33 48.75
CA ASP P 8 -33.32 -7.03 49.68
C ASP P 8 -34.05 -5.76 49.32
N LEU P 9 -33.32 -4.68 49.07
CA LEU P 9 -33.92 -3.40 48.74
C LEU P 9 -34.75 -3.45 47.47
N VAL P 10 -34.55 -4.46 46.63
CA VAL P 10 -35.27 -4.54 45.36
C VAL P 10 -36.68 -5.07 45.62
N PRO P 11 -37.71 -4.53 44.98
CA PRO P 11 -39.02 -5.17 45.05
C PRO P 11 -38.96 -6.57 44.48
N ASP P 12 -39.76 -7.47 45.06
CA ASP P 12 -39.68 -8.87 44.67
C ASP P 12 -40.10 -9.09 43.22
N GLN P 13 -40.84 -8.16 42.63
CA GLN P 13 -41.13 -8.25 41.20
C GLN P 13 -39.85 -8.21 40.37
N TRP P 14 -38.92 -7.33 40.75
CA TRP P 14 -37.70 -7.12 39.98
C TRP P 14 -36.49 -7.77 40.61
N LYS P 15 -36.66 -8.56 41.67
CA LYS P 15 -35.52 -9.29 42.23
C LYS P 15 -34.79 -10.20 41.20
N PRO P 16 -35.52 -10.94 40.30
CA PRO P 16 -34.76 -11.76 39.35
C PRO P 16 -33.83 -10.96 38.46
N LEU P 17 -34.01 -9.65 38.36
CA LEU P 17 -33.28 -8.82 37.41
C LEU P 17 -32.27 -7.90 38.05
N PHE P 18 -32.57 -7.36 39.23
CA PHE P 18 -31.79 -6.29 39.81
C PHE P 18 -31.08 -6.75 41.07
N ASN P 19 -29.78 -6.49 41.12
CA ASN P 19 -29.00 -6.66 42.34
C ASN P 19 -29.39 -5.59 43.35
N ASN P 20 -28.80 -5.67 44.54
CA ASN P 20 -29.03 -4.64 45.54
C ASN P 20 -28.38 -3.33 45.14
N ALA P 21 -27.15 -3.39 44.62
CA ALA P 21 -26.48 -2.19 44.17
C ALA P 21 -26.99 -1.71 42.82
N GLN P 22 -27.36 -2.63 41.94
CA GLN P 22 -27.89 -2.24 40.64
C GLN P 22 -29.21 -1.50 40.76
N TRP P 23 -29.97 -1.75 41.83
CA TRP P 23 -31.24 -1.06 41.99
C TRP P 23 -31.05 0.41 42.31
N LEU P 24 -30.06 0.74 43.14
CA LEU P 24 -29.80 2.14 43.46
C LEU P 24 -29.27 2.91 42.26
N VAL P 25 -28.31 2.32 41.54
CA VAL P 25 -27.83 2.94 40.31
C VAL P 25 -28.95 3.08 39.31
N HIS P 26 -29.92 2.10 39.25
CA HIS P 26 -31.06 2.23 38.35
C HIS P 26 -31.95 3.37 38.77
N ASP P 27 -32.11 3.54 40.05
CA ASP P 27 -32.92 4.66 40.52
C ASP P 27 -32.29 5.98 40.12
N ILE P 28 -30.96 6.08 40.26
CA ILE P 28 -30.27 7.29 39.82
C ILE P 28 -30.46 7.50 38.33
N VAL P 29 -30.32 6.44 37.54
CA VAL P 29 -30.46 6.56 36.09
C VAL P 29 -31.88 6.99 35.72
N VAL P 30 -32.87 6.44 36.40
CA VAL P 30 -34.26 6.79 36.10
C VAL P 30 -34.53 8.25 36.43
N LYS P 31 -34.07 8.71 37.60
CA LYS P 31 -34.29 10.10 37.97
C LYS P 31 -33.53 11.04 37.05
N THR P 32 -32.34 10.66 36.62
CA THR P 32 -31.59 11.48 35.68
C THR P 32 -32.29 11.54 34.34
N ILE P 33 -32.84 10.42 33.87
CA ILE P 33 -33.57 10.42 32.61
C ILE P 33 -34.81 11.29 32.71
N TYR P 34 -35.49 11.26 33.86
CA TYR P 34 -36.68 12.08 34.01
C TYR P 34 -36.33 13.56 34.05
N GLY P 35 -35.29 13.93 34.80
CA GLY P 35 -34.85 15.32 34.80
C GLY P 35 -34.43 15.79 33.42
N GLY P 36 -33.67 14.96 32.72
CA GLY P 36 -33.27 15.30 31.37
C GLY P 36 -34.45 15.42 30.42
N LEU P 37 -35.48 14.61 30.64
CA LEU P 37 -36.68 14.71 29.81
C LEU P 37 -37.40 16.02 30.06
N ILE P 38 -37.55 16.40 31.33
CA ILE P 38 -38.19 17.68 31.63
C ILE P 38 -37.39 18.83 31.00
N ILE P 39 -36.07 18.78 31.12
CA ILE P 39 -35.24 19.82 30.55
C ILE P 39 -35.35 19.81 29.02
N ALA P 40 -35.47 18.62 28.42
CA ALA P 40 -35.58 18.53 26.98
C ALA P 40 -36.92 19.06 26.49
N VAL P 41 -38.00 18.79 27.23
CA VAL P 41 -39.29 19.36 26.88
C VAL P 41 -39.25 20.87 26.97
N ILE P 42 -38.66 21.40 28.04
CA ILE P 42 -38.56 22.86 28.17
C ILE P 42 -37.74 23.44 27.02
N ALA P 43 -36.63 22.78 26.67
CA ALA P 43 -35.78 23.28 25.60
C ALA P 43 -36.51 23.24 24.26
N HIS P 44 -37.32 22.20 24.04
CA HIS P 44 -38.07 22.13 22.78
C HIS P 44 -39.15 23.18 22.72
N VAL P 45 -39.86 23.43 23.83
CA VAL P 45 -40.86 24.49 23.83
C VAL P 45 -40.21 25.84 23.59
N LEU P 46 -39.06 26.08 24.19
CA LEU P 46 -38.37 27.36 23.99
C LEU P 46 -37.91 27.51 22.55
N CYS P 47 -37.30 26.47 21.99
CA CYS P 47 -36.84 26.55 20.61
C CYS P 47 -38.02 26.66 19.63
N TRP P 48 -39.18 26.12 19.98
CA TRP P 48 -40.34 26.30 19.11
C TRP P 48 -40.87 27.71 19.18
N ALA P 49 -40.99 28.26 20.41
CA ALA P 49 -41.42 29.64 20.53
C ALA P 49 -40.45 30.58 19.85
N TRP P 50 -39.18 30.20 19.76
CA TRP P 50 -38.17 31.02 19.10
C TRP P 50 -38.24 30.89 17.58
N THR P 51 -38.05 29.68 17.07
CA THR P 51 -38.10 29.42 15.64
C THR P 51 -38.75 28.07 15.38
N PRO P 52 -40.00 28.03 14.93
CA PRO P 52 -40.65 26.75 14.63
C PRO P 52 -39.96 26.04 13.48
N TRP P 53 -39.59 24.79 13.70
CA TRP P 53 -38.88 24.01 12.70
C TRP P 53 -39.79 23.27 11.75
N ILE P 54 -41.07 23.18 12.08
CA ILE P 54 -41.99 22.43 11.24
C ILE P 54 -42.56 23.31 10.13
N ARG P 55 -42.90 24.55 10.45
CA ARG P 55 -43.40 25.48 9.43
C ARG P 55 -44.43 24.84 8.50
N ARG Q 4 -21.58 -4.72 42.44
CA ARG Q 4 -21.67 -3.38 41.86
C ARG Q 4 -21.63 -3.43 40.34
N PRO Q 5 -22.51 -2.66 39.70
CA PRO Q 5 -22.48 -2.61 38.23
C PRO Q 5 -21.22 -1.98 37.68
N PHE Q 6 -20.74 -0.89 38.29
CA PHE Q 6 -19.65 -0.11 37.74
C PHE Q 6 -18.58 0.16 38.78
N GLU Q 7 -17.33 -0.06 38.40
CA GLU Q 7 -16.21 0.45 39.18
C GLU Q 7 -16.25 1.96 39.19
N PHE Q 8 -16.01 2.55 40.37
CA PHE Q 8 -16.02 4.00 40.47
C PHE Q 8 -14.90 4.62 39.66
N ARG Q 9 -13.75 3.96 39.58
CA ARG Q 9 -12.64 4.48 38.78
C ARG Q 9 -13.02 4.56 37.31
N THR Q 10 -13.75 3.55 36.81
CA THR Q 10 -14.16 3.58 35.41
C THR Q 10 -15.10 4.73 35.13
N SER Q 11 -16.10 4.94 35.98
CA SER Q 11 -17.01 6.05 35.79
C SER Q 11 -16.27 7.38 35.87
N VAL Q 12 -15.30 7.49 36.78
CA VAL Q 12 -14.54 8.73 36.88
C VAL Q 12 -13.76 8.99 35.61
N VAL Q 13 -13.05 7.98 35.11
CA VAL Q 13 -12.26 8.15 33.88
C VAL Q 13 -13.17 8.55 32.73
N VAL Q 14 -14.28 7.83 32.56
CA VAL Q 14 -15.17 8.09 31.43
C VAL Q 14 -15.76 9.48 31.53
N SER Q 15 -16.27 9.87 32.71
CA SER Q 15 -16.89 11.18 32.87
C SER Q 15 -15.88 12.30 32.67
N THR Q 16 -14.67 12.15 33.22
CA THR Q 16 -13.67 13.19 33.09
C THR Q 16 -13.23 13.34 31.64
N LEU Q 17 -13.02 12.23 30.95
CA LEU Q 17 -12.61 12.31 29.56
C LEU Q 17 -13.72 12.88 28.69
N LEU Q 18 -14.96 12.48 28.95
CA LEU Q 18 -16.08 13.04 28.20
C LEU Q 18 -16.20 14.54 28.43
N GLY Q 19 -16.04 14.98 29.68
CA GLY Q 19 -16.12 16.40 29.96
C GLY Q 19 -15.00 17.19 29.30
N LEU Q 20 -13.78 16.66 29.32
CA LEU Q 20 -12.68 17.35 28.67
C LEU Q 20 -12.87 17.42 27.17
N VAL Q 21 -13.26 16.30 26.56
CA VAL Q 21 -13.50 16.27 25.11
C VAL Q 21 -14.61 17.23 24.75
N MET Q 22 -15.68 17.29 25.55
CA MET Q 22 -16.79 18.17 25.24
C MET Q 22 -16.41 19.63 25.43
N ALA Q 23 -15.63 19.94 26.46
CA ALA Q 23 -15.17 21.31 26.64
C ALA Q 23 -14.31 21.76 25.46
N LEU Q 24 -13.39 20.89 25.04
CA LEU Q 24 -12.55 21.24 23.88
C LEU Q 24 -13.40 21.40 22.62
N LEU Q 25 -14.33 20.48 22.38
CA LEU Q 25 -15.18 20.55 21.21
C LEU Q 25 -16.02 21.82 21.20
N ILE Q 26 -16.62 22.16 22.33
CA ILE Q 26 -17.48 23.33 22.38
C ILE Q 26 -16.66 24.60 22.25
N HIS Q 27 -15.49 24.66 22.89
CA HIS Q 27 -14.61 25.81 22.70
C HIS Q 27 -14.24 25.98 21.25
N PHE Q 28 -13.87 24.88 20.60
CA PHE Q 28 -13.45 24.94 19.17
C PHE Q 28 -14.61 25.44 18.31
N VAL Q 29 -15.80 24.84 18.51
CA VAL Q 29 -16.96 25.21 17.72
C VAL Q 29 -17.30 26.68 17.92
N VAL Q 30 -17.23 27.16 19.16
CA VAL Q 30 -17.58 28.55 19.44
C VAL Q 30 -16.54 29.49 18.88
N LEU Q 31 -15.26 29.10 18.93
CA LEU Q 31 -14.21 29.98 18.43
C LEU Q 31 -14.23 30.03 16.91
N SER Q 32 -14.49 28.90 16.26
CA SER Q 32 -14.53 28.87 14.80
C SER Q 32 -15.79 29.52 14.25
N SER Q 33 -16.84 29.66 15.05
CA SER Q 33 -18.09 30.23 14.56
C SER Q 33 -17.92 31.71 14.23
N GLY Q 34 -16.94 32.37 14.82
CA GLY Q 34 -16.79 33.80 14.64
C GLY Q 34 -17.96 34.61 15.12
N ALA Q 35 -18.76 34.06 16.04
CA ALA Q 35 -19.96 34.70 16.51
C ALA Q 35 -19.75 35.59 17.71
N PHE Q 36 -18.52 35.62 18.25
CA PHE Q 36 -18.27 36.35 19.49
C PHE Q 36 -17.21 37.45 19.47
N ASN Q 37 -16.32 37.50 18.49
CA ASN Q 37 -15.21 38.47 18.49
C ASN Q 37 -14.20 38.31 19.63
N TRP Q 38 -13.83 37.07 19.93
CA TRP Q 38 -12.80 36.80 20.94
C TRP Q 38 -11.46 36.83 20.25
N LEU Q 39 -10.46 37.48 20.85
CA LEU Q 39 -9.13 37.57 20.25
C LEU Q 39 -9.18 38.09 18.83
N ARG Q 40 -9.95 39.15 18.59
CA ARG Q 40 -10.08 39.75 17.27
C ARG Q 40 -10.82 38.87 16.26
N ALA Q 41 -11.87 38.17 16.68
CA ALA Q 41 -12.66 37.40 15.73
C ALA Q 41 -13.76 38.23 15.11
N ASN R 7 -15.26 0.19 54.25
CA ASN R 7 -16.35 1.02 53.78
C ASN R 7 -17.20 1.55 54.94
N ASP R 8 -16.57 1.89 56.04
CA ASP R 8 -17.31 2.38 57.21
C ASP R 8 -17.78 3.80 57.01
N LEU R 9 -16.92 4.65 56.47
CA LEU R 9 -17.27 6.04 56.22
C LEU R 9 -18.43 6.18 55.24
N VAL R 10 -18.71 5.16 54.46
CA VAL R 10 -19.77 5.24 53.45
C VAL R 10 -21.12 5.08 54.14
N PRO R 11 -22.15 5.85 53.77
CA PRO R 11 -23.49 5.56 54.26
C PRO R 11 -23.93 4.18 53.80
N ASP R 12 -24.69 3.51 54.66
CA ASP R 12 -25.14 2.15 54.37
C ASP R 12 -25.84 2.05 53.03
N GLN R 13 -26.59 3.09 52.67
CA GLN R 13 -27.29 3.06 51.40
C GLN R 13 -26.34 2.78 50.25
N TRP R 14 -25.16 3.41 50.27
CA TRP R 14 -24.19 3.31 49.20
C TRP R 14 -23.04 2.37 49.51
N LYS R 15 -23.13 1.63 50.61
CA LYS R 15 -22.09 0.65 50.92
C LYS R 15 -21.93 -0.43 49.86
N PRO R 16 -22.97 -0.93 49.19
CA PRO R 16 -22.73 -1.93 48.13
C PRO R 16 -21.95 -1.39 46.95
N LEU R 17 -21.84 -0.07 46.81
CA LEU R 17 -21.24 0.54 45.63
C LEU R 17 -19.89 1.19 45.90
N PHE R 18 -19.71 1.80 47.06
CA PHE R 18 -18.56 2.65 47.31
C PHE R 18 -17.65 2.03 48.35
N ASN R 19 -16.36 1.96 48.03
CA ASN R 19 -15.34 1.61 48.99
C ASN R 19 -15.14 2.76 49.97
N ASN R 20 -14.28 2.53 50.95
CA ASN R 20 -13.96 3.60 51.90
C ASN R 20 -13.17 4.71 51.22
N ALA R 21 -12.18 4.34 50.39
CA ALA R 21 -11.40 5.33 49.67
C ALA R 21 -12.16 5.92 48.49
N GLN R 22 -12.99 5.11 47.83
CA GLN R 22 -13.76 5.61 46.69
C GLN R 22 -14.77 6.65 47.12
N TRP R 23 -15.22 6.61 48.37
CA TRP R 23 -16.20 7.59 48.83
C TRP R 23 -15.58 8.97 48.96
N LEU R 24 -14.34 9.04 49.45
CA LEU R 24 -13.68 10.35 49.58
C LEU R 24 -13.36 10.94 48.22
N VAL R 25 -12.82 10.13 47.31
CA VAL R 25 -12.58 10.60 45.96
C VAL R 25 -13.88 11.01 45.29
N HIS R 26 -15.03 10.28 45.57
CA HIS R 26 -16.32 10.68 45.01
C HIS R 26 -16.76 12.01 45.58
N ASP R 27 -16.49 12.24 46.86
CA ASP R 27 -16.84 13.53 47.44
C ASP R 27 -16.06 14.66 46.77
N ILE R 28 -14.77 14.43 46.53
CA ILE R 28 -13.97 15.43 45.83
C ILE R 28 -14.52 15.67 44.42
N VAL R 29 -14.87 14.60 43.71
CA VAL R 29 -15.40 14.73 42.37
C VAL R 29 -16.71 15.51 42.37
N VAL R 30 -17.58 15.22 43.34
CA VAL R 30 -18.86 15.90 43.42
C VAL R 30 -18.67 17.38 43.68
N LYS R 31 -17.80 17.72 44.64
CA LYS R 31 -17.58 19.13 44.95
C LYS R 31 -16.92 19.84 43.79
N THR R 32 -16.02 19.17 43.07
CA THR R 32 -15.40 19.77 41.90
C THR R 32 -16.44 20.00 40.80
N ILE R 33 -17.34 19.05 40.60
CA ILE R 33 -18.37 19.21 39.59
C ILE R 33 -19.30 20.36 39.96
N TYR R 34 -19.61 20.51 41.26
CA TYR R 34 -20.47 21.61 41.68
C TYR R 34 -19.78 22.96 41.49
N GLY R 35 -18.52 23.06 41.89
CA GLY R 35 -17.79 24.30 41.66
C GLY R 35 -17.69 24.63 40.19
N GLY R 36 -17.38 23.63 39.35
CA GLY R 36 -17.32 23.86 37.93
C GLY R 36 -18.66 24.25 37.35
N LEU R 37 -19.75 23.73 37.91
CA LEU R 37 -21.07 24.11 37.44
C LEU R 37 -21.36 25.57 37.78
N ILE R 38 -21.05 25.99 39.00
CA ILE R 38 -21.25 27.38 39.37
C ILE R 38 -20.43 28.29 38.45
N ILE R 39 -19.18 27.92 38.20
CA ILE R 39 -18.32 28.72 37.34
C ILE R 39 -18.87 28.73 35.91
N ALA R 40 -19.43 27.60 35.47
CA ALA R 40 -19.98 27.52 34.12
C ALA R 40 -21.24 28.36 33.99
N VAL R 41 -22.08 28.39 35.02
CA VAL R 41 -23.25 29.24 35.00
C VAL R 41 -22.83 30.71 34.95
N ILE R 42 -21.85 31.09 35.76
CA ILE R 42 -21.38 32.47 35.75
C ILE R 42 -20.81 32.82 34.38
N ALA R 43 -20.04 31.91 33.79
CA ALA R 43 -19.46 32.16 32.48
C ALA R 43 -20.52 32.30 31.42
N HIS R 44 -21.58 31.50 31.49
CA HIS R 44 -22.65 31.59 30.51
C HIS R 44 -23.43 32.88 30.67
N VAL R 45 -23.70 33.31 31.91
CA VAL R 45 -24.39 34.58 32.11
C VAL R 45 -23.54 35.73 31.59
N LEU R 46 -22.23 35.69 31.83
CA LEU R 46 -21.37 36.75 31.35
C LEU R 46 -21.30 36.77 29.82
N CYS R 47 -21.15 35.60 29.20
CA CYS R 47 -21.12 35.55 27.74
C CYS R 47 -22.45 35.94 27.13
N TRP R 48 -23.56 35.71 27.83
CA TRP R 48 -24.85 36.16 27.31
C TRP R 48 -24.99 37.67 27.41
N ALA R 49 -24.63 38.23 28.57
CA ALA R 49 -24.65 39.68 28.71
C ALA R 49 -23.73 40.35 27.70
N TRP R 50 -22.67 39.66 27.29
CA TRP R 50 -21.74 40.21 26.32
C TRP R 50 -22.26 40.08 24.89
N THR R 51 -22.52 38.86 24.45
CA THR R 51 -23.05 38.61 23.12
C THR R 51 -24.04 37.46 23.15
N PRO R 52 -25.34 37.73 23.08
CA PRO R 52 -26.32 36.65 23.08
C PRO R 52 -26.18 35.78 21.83
N TRP R 53 -26.07 34.47 22.04
CA TRP R 53 -25.88 33.54 20.95
C TRP R 53 -27.19 33.04 20.35
N ILE R 54 -28.31 33.24 21.05
CA ILE R 54 -29.59 32.79 20.53
C ILE R 54 -30.22 33.86 19.64
N ARG R 55 -30.21 35.17 20.09
CA ARG R 55 -30.70 36.32 19.30
C ARG R 55 -32.09 36.07 18.73
N ARG S 4 -8.67 2.62 46.88
CA ARG S 4 -7.78 3.42 46.06
C ARG S 4 -8.17 3.33 44.59
N PRO S 5 -9.03 4.24 44.13
CA PRO S 5 -9.43 4.19 42.73
C PRO S 5 -8.30 4.51 41.78
N PHE S 6 -7.49 5.52 42.07
CA PHE S 6 -6.42 5.91 41.17
C PHE S 6 -5.11 5.98 41.91
N GLU S 7 -4.07 5.40 41.32
CA GLU S 7 -2.74 5.67 41.82
C GLU S 7 -2.47 7.17 41.77
N PHE S 8 -1.86 7.69 42.84
CA PHE S 8 -1.56 9.11 42.89
C PHE S 8 -0.54 9.49 41.83
N ARG S 9 0.42 8.60 41.54
CA ARG S 9 1.41 8.88 40.50
C ARG S 9 0.75 9.02 39.14
N THR S 10 -0.25 8.20 38.86
CA THR S 10 -0.94 8.29 37.57
C THR S 10 -1.65 9.63 37.43
N SER S 11 -2.39 10.03 38.46
CA SER S 11 -3.08 11.32 38.42
C SER S 11 -2.09 12.45 38.27
N VAL S 12 -0.94 12.36 38.96
CA VAL S 12 0.05 13.42 38.84
C VAL S 12 0.59 13.50 37.42
N VAL S 13 0.96 12.37 36.84
CA VAL S 13 1.48 12.37 35.47
C VAL S 13 0.45 12.94 34.51
N VAL S 14 -0.80 12.47 34.61
CA VAL S 14 -1.83 12.92 33.67
C VAL S 14 -2.10 14.40 33.83
N SER S 15 -2.25 14.88 35.07
CA SER S 15 -2.55 16.29 35.29
C SER S 15 -1.39 17.17 34.83
N THR S 16 -0.15 16.78 35.13
CA THR S 16 0.99 17.59 34.75
C THR S 16 1.13 17.64 33.24
N LEU S 17 0.96 16.51 32.57
CA LEU S 17 1.07 16.49 31.12
C LEU S 17 -0.05 17.28 30.48
N LEU S 18 -1.27 17.15 31.01
CA LEU S 18 -2.38 17.93 30.47
C LEU S 18 -2.15 19.41 30.65
N GLY S 19 -1.64 19.82 31.81
CA GLY S 19 -1.37 21.23 32.04
C GLY S 19 -0.28 21.77 31.13
N LEU S 20 0.78 20.99 30.92
CA LEU S 20 1.84 21.44 30.04
C LEU S 20 1.36 21.55 28.60
N VAL S 21 0.63 20.53 28.13
CA VAL S 21 0.09 20.55 26.77
C VAL S 21 -0.87 21.72 26.60
N MET S 22 -1.69 21.99 27.61
CA MET S 22 -2.65 23.08 27.48
C MET S 22 -1.96 24.43 27.52
N ALA S 23 -0.93 24.58 28.36
CA ALA S 23 -0.18 25.82 28.37
C ALA S 23 0.49 26.08 27.03
N LEU S 24 1.11 25.05 26.45
CA LEU S 24 1.72 25.20 25.15
C LEU S 24 0.69 25.53 24.08
N LEU S 25 -0.43 24.83 24.09
CA LEU S 25 -1.48 25.07 23.09
C LEU S 25 -2.03 26.48 23.20
N ILE S 26 -2.30 26.95 24.42
CA ILE S 26 -2.88 28.27 24.59
C ILE S 26 -1.86 29.34 24.23
N HIS S 27 -0.60 29.16 24.61
CA HIS S 27 0.44 30.10 24.21
C HIS S 27 0.52 30.19 22.70
N PHE S 28 0.44 29.05 22.01
CA PHE S 28 0.64 29.06 20.57
C PHE S 28 -0.57 29.67 19.87
N VAL S 29 -1.77 29.39 20.39
CA VAL S 29 -2.98 29.99 19.84
C VAL S 29 -2.97 31.50 20.04
N VAL S 30 -2.54 31.96 21.22
CA VAL S 30 -2.53 33.38 21.50
C VAL S 30 -1.46 34.09 20.68
N LEU S 31 -0.31 33.44 20.49
CA LEU S 31 0.77 34.07 19.75
C LEU S 31 0.44 34.13 18.26
N SER S 32 -0.18 33.07 17.73
CA SER S 32 -0.53 33.05 16.32
C SER S 32 -1.72 33.95 16.01
N SER S 33 -2.53 34.30 17.00
CA SER S 33 -3.71 35.12 16.75
C SER S 33 -3.33 36.53 16.32
N GLY S 34 -2.12 36.98 16.68
CA GLY S 34 -1.74 38.33 16.39
C GLY S 34 -2.59 39.38 17.07
N ALA S 35 -3.26 39.00 18.15
CA ALA S 35 -4.19 39.89 18.83
C ALA S 35 -3.54 40.72 19.92
N PHE S 36 -2.25 40.53 20.19
CA PHE S 36 -1.67 41.12 21.38
C PHE S 36 -0.50 42.05 21.14
N ASN S 37 0.22 41.91 20.03
CA ASN S 37 1.48 42.63 19.82
C ASN S 37 2.54 42.17 20.81
N TRP S 38 2.88 40.87 20.75
CA TRP S 38 3.85 40.23 21.61
C TRP S 38 4.76 39.57 20.63
N LEU S 39 6.06 39.77 20.76
CA LEU S 39 7.04 39.24 19.81
C LEU S 39 6.72 39.69 18.38
N ARG S 40 6.83 41.00 18.17
CA ARG S 40 6.65 41.64 16.86
C ARG S 40 5.24 41.44 16.33
N ALA S 41 4.27 41.99 17.05
CA ALA S 41 2.87 42.02 16.63
C ALA S 41 2.33 40.64 16.31
N ASN T 7 2.04 5.63 56.80
CA ASN T 7 1.20 6.78 56.48
C ASN T 7 0.83 7.58 57.72
N ASP T 8 1.74 7.63 58.69
CA ASP T 8 1.47 8.36 59.93
C ASP T 8 1.27 9.85 59.70
N LEU T 9 2.10 10.46 58.86
CA LEU T 9 2.00 11.88 58.60
C LEU T 9 0.69 12.26 57.93
N VAL T 10 0.01 11.31 57.31
CA VAL T 10 -1.24 11.61 56.59
C VAL T 10 -2.37 11.76 57.60
N PRO T 11 -3.27 12.73 57.42
CA PRO T 11 -4.48 12.77 58.25
C PRO T 11 -5.29 11.51 58.02
N ASP T 12 -5.96 11.04 59.08
CA ASP T 12 -6.68 9.77 59.00
C ASP T 12 -7.82 9.82 58.01
N GLN T 13 -8.31 11.01 57.66
CA GLN T 13 -9.31 11.12 56.60
C GLN T 13 -8.75 10.60 55.28
N TRP T 14 -7.51 10.96 54.96
CA TRP T 14 -6.89 10.63 53.68
C TRP T 14 -5.92 9.46 53.79
N LYS T 15 -5.88 8.78 54.93
CA LYS T 15 -5.03 7.60 55.05
C LYS T 15 -5.37 6.49 54.06
N PRO T 16 -6.63 6.22 53.71
CA PRO T 16 -6.89 5.18 52.70
C PRO T 16 -6.33 5.51 51.33
N LEU T 17 -5.98 6.77 51.07
CA LEU T 17 -5.59 7.20 49.74
C LEU T 17 -4.12 7.54 49.61
N PHE T 18 -3.52 8.11 50.64
CA PHE T 18 -2.19 8.69 50.55
C PHE T 18 -1.19 7.90 51.38
N ASN T 19 -0.08 7.54 50.75
CA ASN T 19 1.06 6.99 51.46
C ASN T 19 1.74 8.08 52.28
N ASN T 20 2.75 7.69 53.04
CA ASN T 20 3.52 8.68 53.79
C ASN T 20 4.33 9.57 52.86
N ALA T 21 4.97 8.98 51.85
CA ALA T 21 5.73 9.77 50.89
C ALA T 21 4.84 10.48 49.89
N GLN T 22 3.72 9.86 49.51
CA GLN T 22 2.81 10.50 48.56
C GLN T 22 2.18 11.75 49.14
N TRP T 23 2.06 11.83 50.47
CA TRP T 23 1.46 13.01 51.08
C TRP T 23 2.38 14.22 50.95
N LEU T 24 3.69 14.04 51.11
CA LEU T 24 4.62 15.15 50.98
C LEU T 24 4.70 15.63 49.54
N VAL T 25 4.80 14.71 48.59
CA VAL T 25 4.79 15.08 47.18
C VAL T 25 3.47 15.76 46.83
N HIS T 26 2.34 15.35 47.45
CA HIS T 26 1.06 16.01 47.19
C HIS T 26 1.06 17.41 47.74
N ASP T 27 1.67 17.57 48.89
CA ASP T 27 1.76 18.91 49.44
C ASP T 27 2.56 19.82 48.53
N ILE T 28 3.67 19.31 47.99
CA ILE T 28 4.46 20.09 47.04
C ILE T 28 3.63 20.43 45.81
N VAL T 29 2.89 19.44 45.28
CA VAL T 29 2.08 19.67 44.08
C VAL T 29 1.01 20.71 44.36
N VAL T 30 0.37 20.64 45.53
CA VAL T 30 -0.68 21.60 45.86
C VAL T 30 -0.11 23.00 45.96
N LYS T 31 1.02 23.15 46.65
CA LYS T 31 1.60 24.48 46.79
C LYS T 31 2.09 25.02 45.45
N THR T 32 2.62 24.14 44.59
CA THR T 32 3.02 24.57 43.26
C THR T 32 1.82 25.01 42.44
N ILE T 33 0.71 24.27 42.54
CA ILE T 33 -0.50 24.64 41.80
C ILE T 33 -1.03 25.98 42.30
N TYR T 34 -0.96 26.22 43.60
CA TYR T 34 -1.43 27.49 44.15
C TYR T 34 -0.55 28.64 43.69
N GLY T 35 0.77 28.47 43.77
CA GLY T 35 1.65 29.51 43.27
C GLY T 35 1.46 29.79 41.80
N GLY T 36 1.33 28.73 40.99
CA GLY T 36 1.06 28.90 39.59
C GLY T 36 -0.27 29.58 39.32
N LEU T 37 -1.26 29.32 40.16
CA LEU T 37 -2.56 29.98 40.00
C LEU T 37 -2.44 31.47 40.31
N ILE T 38 -1.74 31.83 41.37
CA ILE T 38 -1.53 33.25 41.67
C ILE T 38 -0.81 33.93 40.52
N ILE T 39 0.23 33.28 40.00
CA ILE T 39 0.98 33.86 38.89
C ILE T 39 0.11 33.96 37.65
N ALA T 40 -0.76 32.97 37.44
CA ALA T 40 -1.65 33.00 36.28
C ALA T 40 -2.68 34.09 36.39
N VAL T 41 -3.22 34.32 37.59
CA VAL T 41 -4.15 35.42 37.79
C VAL T 41 -3.46 36.75 37.53
N ILE T 42 -2.24 36.91 38.06
CA ILE T 42 -1.51 38.15 37.81
C ILE T 42 -1.25 38.34 36.34
N ALA T 43 -0.87 37.27 35.64
CA ALA T 43 -0.59 37.36 34.21
C ALA T 43 -1.84 37.72 33.44
N HIS T 44 -2.98 37.17 33.83
CA HIS T 44 -4.23 37.49 33.13
C HIS T 44 -4.65 38.93 33.38
N VAL T 45 -4.50 39.41 34.61
CA VAL T 45 -4.84 40.81 34.88
C VAL T 45 -3.93 41.73 34.07
N LEU T 46 -2.63 41.40 34.00
CA LEU T 46 -1.71 42.24 33.24
C LEU T 46 -2.04 42.22 31.75
N CYS T 47 -2.30 41.04 31.20
CA CYS T 47 -2.65 40.95 29.78
C CYS T 47 -3.98 41.62 29.49
N TRP T 48 -4.90 41.65 30.45
CA TRP T 48 -6.15 42.37 30.22
C TRP T 48 -5.94 43.87 30.25
N ALA T 49 -5.18 44.37 31.24
CA ALA T 49 -4.87 45.79 31.27
C ALA T 49 -4.12 46.21 30.02
N TRP T 50 -3.36 45.29 29.42
CA TRP T 50 -2.61 45.60 28.21
C TRP T 50 -3.50 45.56 26.97
N THR T 51 -4.12 44.42 26.69
CA THR T 51 -5.00 44.27 25.54
C THR T 51 -6.17 43.36 25.90
N PRO T 52 -7.36 43.92 26.13
CA PRO T 52 -8.52 43.08 26.45
C PRO T 52 -8.88 42.19 25.28
N TRP T 53 -9.00 40.90 25.55
CA TRP T 53 -9.30 39.92 24.52
C TRP T 53 -10.79 39.71 24.30
N ILE T 54 -11.62 40.16 25.22
CA ILE T 54 -13.05 39.90 25.08
C ILE T 54 -13.69 40.95 24.18
N ARG T 55 -13.39 42.22 24.41
CA ARG T 55 -13.94 43.28 23.57
C ARG T 55 -15.42 43.11 23.28
N ARG U 6 4.70 -18.71 45.97
CA ARG U 6 5.24 -17.50 45.35
C ARG U 6 4.36 -17.03 44.20
N ALA U 7 4.48 -15.73 43.90
CA ALA U 7 3.57 -15.09 42.96
C ALA U 7 3.75 -15.62 41.54
N LEU U 8 4.98 -15.96 41.15
CA LEU U 8 5.23 -16.47 39.81
C LEU U 8 4.80 -15.50 38.70
N PRO U 9 5.55 -14.43 38.45
CA PRO U 9 5.19 -13.50 37.38
C PRO U 9 5.40 -14.10 35.99
N LEU U 10 4.50 -13.79 35.08
CA LEU U 10 4.46 -14.36 33.74
C LEU U 10 4.93 -13.35 32.70
N PRO U 11 5.22 -13.82 31.48
CA PRO U 11 5.64 -12.87 30.43
C PRO U 11 4.59 -11.83 30.09
N SER U 12 3.31 -12.15 30.22
CA SER U 12 2.29 -11.19 29.87
C SER U 12 2.23 -10.05 30.88
N GLY U 13 2.50 -10.34 32.14
CA GLY U 13 2.41 -9.33 33.18
C GLY U 13 1.49 -9.83 34.27
N GLU U 14 0.82 -10.93 33.97
CA GLU U 14 0.00 -11.60 34.96
C GLU U 14 0.87 -12.29 36.00
N THR U 15 0.50 -12.17 37.26
CA THR U 15 1.07 -12.98 38.32
C THR U 15 0.09 -14.10 38.62
N LEU U 16 0.50 -15.34 38.33
CA LEU U 16 -0.31 -16.50 38.60
C LEU U 16 0.29 -17.29 39.76
N PRO U 17 -0.50 -17.67 40.76
CA PRO U 17 0.03 -18.17 42.06
C PRO U 17 0.51 -19.61 42.04
N ALA U 18 1.25 -19.94 40.99
CA ALA U 18 2.23 -21.02 40.87
C ALA U 18 1.70 -22.44 40.82
N GLU U 19 0.51 -22.69 41.35
CA GLU U 19 -0.10 -24.00 41.15
C GLU U 19 -1.38 -23.86 40.38
N ALA U 20 -2.17 -22.84 40.72
CA ALA U 20 -3.37 -22.50 39.98
C ALA U 20 -3.03 -21.50 38.88
N ALA U 29 5.30 -26.94 34.63
CA ALA U 29 6.20 -26.48 33.59
C ALA U 29 7.62 -26.31 34.11
N SER U 30 8.59 -26.42 33.20
CA SER U 30 10.00 -26.24 33.52
C SER U 30 10.38 -24.79 33.77
N ALA U 31 9.43 -23.87 33.65
CA ALA U 31 9.75 -22.45 33.71
C ALA U 31 10.18 -22.04 35.11
N GLU U 32 11.21 -21.19 35.16
CA GLU U 32 11.59 -20.51 36.38
C GLU U 32 11.66 -19.02 36.09
N VAL U 33 11.53 -18.21 37.13
CA VAL U 33 11.65 -16.77 36.98
C VAL U 33 13.13 -16.45 36.78
N ILE U 34 13.49 -16.17 35.54
CA ILE U 34 14.87 -15.85 35.22
C ILE U 34 15.06 -14.42 34.85
N PRO U 35 16.08 -13.79 35.39
CA PRO U 35 16.39 -12.44 34.95
C PRO U 35 16.82 -12.37 33.46
N PHE U 36 16.51 -11.28 32.75
CA PHE U 36 16.96 -11.07 31.38
C PHE U 36 18.47 -11.04 31.27
N SER U 37 19.15 -10.35 32.16
CA SER U 37 20.61 -10.35 32.22
C SER U 37 21.19 -11.76 32.07
N ILE U 38 20.52 -12.75 32.67
CA ILE U 38 20.98 -14.12 32.53
C ILE U 38 20.76 -14.61 31.09
N ILE U 39 19.57 -14.37 30.55
CA ILE U 39 19.29 -14.72 29.16
C ILE U 39 20.27 -14.03 28.22
N GLU U 40 20.55 -12.76 28.47
CA GLU U 40 21.42 -12.01 27.56
C GLU U 40 22.84 -12.53 27.59
N GLU U 41 23.35 -12.86 28.78
CA GLU U 41 24.72 -13.32 28.85
C GLU U 41 24.87 -14.76 28.40
N PHE U 42 23.80 -15.55 28.44
CA PHE U 42 23.91 -16.91 27.93
C PHE U 42 24.09 -16.94 26.42
N TYR U 43 23.55 -15.96 25.71
CA TYR U 43 23.45 -16.02 24.25
C TYR U 43 24.45 -15.13 23.53
N LYS U 44 25.50 -14.66 24.21
CA LYS U 44 26.44 -13.75 23.57
C LYS U 44 27.14 -14.40 22.39
N ARG U 45 27.85 -15.49 22.63
CA ARG U 45 28.47 -16.26 21.53
C ARG U 45 29.21 -15.40 20.48
N PRO U 46 30.44 -14.92 20.79
CA PRO U 46 31.10 -14.05 19.81
C PRO U 46 31.62 -14.80 18.60
N GLY U 47 31.76 -14.08 17.49
CA GLY U 47 32.55 -14.54 16.37
C GLY U 47 31.84 -15.36 15.33
N LYS U 48 30.51 -15.24 15.20
CA LYS U 48 29.78 -16.00 14.20
C LYS U 48 29.29 -15.12 13.06
N THR U 49 29.67 -13.84 13.06
CA THR U 49 29.11 -12.86 12.14
C THR U 49 29.69 -13.05 10.73
N LEU U 50 29.07 -12.36 9.77
CA LEU U 50 29.53 -12.45 8.39
C LEU U 50 30.96 -11.98 8.26
N ALA U 51 31.28 -10.88 8.93
CA ALA U 51 32.65 -10.37 8.86
C ALA U 51 33.64 -11.37 9.44
N ALA U 52 33.24 -12.12 10.46
CA ALA U 52 34.13 -13.10 11.07
C ALA U 52 34.31 -14.35 10.22
N ARG U 53 33.40 -14.61 9.28
CA ARG U 53 33.62 -15.67 8.32
C ARG U 53 34.60 -15.22 7.26
N PHE U 54 34.45 -13.97 6.83
CA PHE U 54 35.20 -13.50 5.68
C PHE U 54 36.63 -13.17 6.05
N PHE U 55 36.83 -12.35 7.08
CA PHE U 55 38.17 -11.97 7.50
C PHE U 55 38.77 -12.91 8.53
N GLY U 56 38.01 -13.87 9.04
CA GLY U 56 38.44 -14.68 10.15
C GLY U 56 38.17 -14.07 11.51
N VAL U 57 37.85 -12.77 11.55
CA VAL U 57 37.50 -12.08 12.77
C VAL U 57 36.53 -10.96 12.41
N ASP U 58 35.62 -10.67 13.33
CA ASP U 58 34.83 -9.46 13.22
C ASP U 58 35.61 -8.34 13.89
N PRO U 59 35.98 -7.28 13.16
CA PRO U 59 36.78 -6.22 13.77
C PRO U 59 36.16 -5.64 15.02
N PHE U 60 34.85 -5.43 15.00
CA PHE U 60 34.10 -4.99 16.16
C PHE U 60 33.21 -6.16 16.56
N ASP U 61 33.65 -6.94 17.55
CA ASP U 61 32.87 -8.06 18.06
C ASP U 61 32.30 -7.77 19.44
N PHE U 62 32.21 -6.50 19.81
CA PHE U 62 31.76 -6.12 21.14
C PHE U 62 30.34 -5.58 21.08
N TRP U 63 29.81 -5.29 22.26
CA TRP U 63 28.53 -4.61 22.43
C TRP U 63 28.80 -3.27 23.08
N ILE U 64 28.24 -2.22 22.50
CA ILE U 64 28.24 -0.89 23.11
C ILE U 64 26.86 -0.72 23.73
N GLY U 65 26.80 -0.89 25.05
CA GLY U 65 25.50 -0.91 25.70
C GLY U 65 24.72 -2.13 25.25
N ARG U 66 23.46 -1.91 24.90
CA ARG U 66 22.63 -2.99 24.40
C ARG U 66 22.91 -3.31 22.94
N PHE U 67 23.46 -2.36 22.21
CA PHE U 67 23.63 -2.52 20.77
C PHE U 67 24.83 -3.40 20.47
N TYR U 68 24.69 -4.25 19.46
CA TYR U 68 25.82 -4.99 18.93
C TYR U 68 26.51 -4.15 17.87
N VAL U 69 27.82 -3.97 18.03
CA VAL U 69 28.63 -3.23 17.07
C VAL U 69 29.46 -4.24 16.31
N GLY U 70 29.09 -4.50 15.06
CA GLY U 70 29.89 -5.28 14.16
C GLY U 70 30.70 -4.41 13.24
N LEU U 71 31.32 -5.05 12.25
CA LEU U 71 31.93 -4.28 11.18
C LEU U 71 30.87 -3.50 10.41
N PHE U 72 29.75 -4.14 10.13
CA PHE U 72 28.66 -3.48 9.42
C PHE U 72 27.85 -2.56 10.32
N GLY U 73 27.97 -2.71 11.64
CA GLY U 73 27.39 -1.73 12.53
C GLY U 73 28.18 -0.44 12.57
N ALA U 74 29.50 -0.55 12.47
CA ALA U 74 30.34 0.64 12.41
C ALA U 74 30.17 1.35 11.08
N ILE U 75 30.15 0.60 9.97
CA ILE U 75 29.85 1.18 8.68
C ILE U 75 28.50 1.86 8.70
N SER U 76 27.50 1.19 9.28
CA SER U 76 26.16 1.76 9.35
C SER U 76 26.13 3.03 10.19
N ILE U 77 26.92 3.08 11.26
CA ILE U 77 26.86 4.29 12.08
C ILE U 77 27.62 5.43 11.42
N ILE U 78 28.69 5.15 10.68
CA ILE U 78 29.28 6.18 9.83
C ILE U 78 28.23 6.74 8.89
N GLY U 79 27.52 5.84 8.22
CA GLY U 79 26.49 6.27 7.30
C GLY U 79 25.41 7.09 7.98
N ILE U 80 25.00 6.69 9.17
CA ILE U 80 23.93 7.40 9.88
C ILE U 80 24.38 8.80 10.23
N ILE U 81 25.55 8.93 10.88
CA ILE U 81 26.00 10.24 11.32
C ILE U 81 26.23 11.15 10.12
N LEU U 82 26.93 10.64 9.10
CA LEU U 82 27.19 11.48 7.94
C LEU U 82 25.91 11.83 7.19
N GLY U 83 24.96 10.90 7.10
CA GLY U 83 23.72 11.20 6.43
C GLY U 83 22.90 12.25 7.16
N VAL U 84 22.83 12.16 8.49
CA VAL U 84 22.10 13.17 9.25
C VAL U 84 22.77 14.52 9.13
N ALA U 85 24.10 14.55 9.18
CA ALA U 85 24.79 15.83 9.12
C ALA U 85 24.74 16.44 7.72
N PHE U 86 24.80 15.61 6.67
CA PHE U 86 24.68 16.13 5.31
C PHE U 86 23.25 16.61 5.05
N TYR U 87 22.26 15.84 5.51
CA TYR U 87 20.87 16.25 5.42
C TYR U 87 20.68 17.62 6.06
N LEU U 88 21.20 17.80 7.27
CA LEU U 88 20.95 19.04 7.97
C LEU U 88 21.80 20.18 7.42
N TYR U 89 22.94 19.88 6.79
CA TYR U 89 23.65 20.96 6.10
C TYR U 89 22.83 21.47 4.92
N GLU U 90 22.37 20.57 4.06
CA GLU U 90 21.49 20.93 2.96
C GLU U 90 20.09 21.08 3.51
N GLY U 91 19.73 22.29 3.92
CA GLY U 91 18.40 22.51 4.43
C GLY U 91 18.38 23.45 5.61
N VAL U 92 19.40 23.40 6.46
CA VAL U 92 19.65 24.51 7.35
C VAL U 92 20.51 25.55 6.65
N VAL U 93 21.70 25.15 6.23
CA VAL U 93 22.50 25.93 5.30
C VAL U 93 22.04 25.54 3.90
N ASN U 94 22.44 26.32 2.89
CA ASN U 94 22.14 26.04 1.48
C ASN U 94 20.66 26.26 1.19
N GLU U 95 19.85 26.21 2.21
CA GLU U 95 18.45 26.46 2.03
C GLU U 95 18.00 27.48 3.02
N GLY U 96 18.53 27.50 4.22
CA GLY U 96 18.24 28.52 5.19
C GLY U 96 16.97 28.38 5.93
N THR U 97 16.31 27.28 5.77
CA THR U 97 14.99 27.15 6.33
C THR U 97 14.83 27.15 7.82
N LEU U 98 15.69 26.47 8.54
CA LEU U 98 15.51 26.33 9.98
C LEU U 98 14.33 25.53 10.44
N ASN U 99 13.36 25.24 9.59
CA ASN U 99 12.31 24.34 10.03
C ASN U 99 12.28 23.16 9.07
N ILE U 100 12.25 21.95 9.62
CA ILE U 100 12.45 20.76 8.81
C ILE U 100 11.25 20.43 7.93
N LEU U 101 10.08 21.00 8.20
CA LEU U 101 8.92 20.71 7.37
C LEU U 101 8.95 21.53 6.09
N ALA U 102 9.68 22.64 6.08
CA ALA U 102 9.74 23.50 4.91
C ALA U 102 11.03 23.35 4.13
N MET U 103 11.95 22.51 4.56
CA MET U 103 13.20 22.37 3.84
C MET U 103 13.05 21.38 2.70
N ARG U 104 14.00 21.44 1.78
CA ARG U 104 13.85 20.88 0.43
C ARG U 104 15.20 20.32 0.03
N ILE U 105 15.44 19.04 0.28
CA ILE U 105 16.74 18.43 0.02
C ILE U 105 16.65 17.83 -1.37
N GLU U 106 17.06 18.59 -2.37
CA GLU U 106 16.80 18.22 -3.75
C GLU U 106 18.01 17.58 -4.40
N PRO U 107 17.79 16.58 -5.25
CA PRO U 107 18.88 16.04 -6.05
C PRO U 107 19.38 17.07 -7.05
N PRO U 108 20.49 16.81 -7.73
CA PRO U 108 20.90 17.69 -8.80
C PRO U 108 19.83 17.75 -9.87
N PRO U 109 19.74 18.86 -10.60
CA PRO U 109 18.74 18.94 -11.68
C PRO U 109 18.98 17.88 -12.74
N VAL U 110 17.88 17.48 -13.39
CA VAL U 110 17.95 16.51 -14.47
C VAL U 110 18.89 16.97 -15.57
N SER U 111 19.07 18.29 -15.71
CA SER U 111 20.04 18.84 -16.64
C SER U 111 21.44 18.27 -16.42
N GLN U 112 21.79 18.00 -15.17
CA GLN U 112 23.15 17.58 -14.85
C GLN U 112 23.43 16.15 -15.28
N GLY U 113 22.41 15.34 -15.40
CA GLY U 113 22.62 13.95 -15.77
C GLY U 113 23.12 13.14 -14.58
N LEU U 114 23.84 12.07 -14.90
CA LEU U 114 24.26 11.11 -13.89
C LEU U 114 25.50 11.53 -13.14
N ASN U 115 26.23 12.52 -13.63
CA ASN U 115 27.48 12.91 -12.98
C ASN U 115 27.21 13.87 -11.84
N VAL U 116 28.10 13.83 -10.85
CA VAL U 116 27.96 14.59 -9.61
C VAL U 116 29.06 15.65 -9.56
N ASP U 117 28.71 16.84 -9.09
CA ASP U 117 29.66 17.96 -9.04
C ASP U 117 29.60 18.60 -7.65
N PRO U 118 30.72 18.67 -6.94
CA PRO U 118 30.70 19.35 -5.64
C PRO U 118 30.34 20.82 -5.72
N ALA U 119 30.65 21.50 -6.83
CA ALA U 119 30.35 22.91 -6.93
C ALA U 119 28.89 23.17 -7.22
N GLN U 120 28.24 22.27 -7.95
CA GLN U 120 26.87 22.46 -8.36
C GLN U 120 25.89 22.11 -7.24
N PRO U 121 24.70 22.72 -7.24
CA PRO U 121 23.70 22.36 -6.25
C PRO U 121 23.21 20.93 -6.44
N GLY U 122 22.67 20.37 -5.36
CA GLY U 122 22.30 18.98 -5.33
C GLY U 122 23.41 18.04 -4.94
N PHE U 123 24.58 18.56 -4.59
CA PHE U 123 25.69 17.71 -4.20
C PHE U 123 25.47 17.11 -2.83
N PHE U 124 24.85 17.85 -1.91
CA PHE U 124 24.63 17.30 -0.58
C PHE U 124 23.45 16.35 -0.55
N TRP U 125 22.53 16.43 -1.51
CA TRP U 125 21.57 15.36 -1.65
C TRP U 125 22.25 14.08 -2.08
N PHE U 126 23.20 14.16 -3.01
CA PHE U 126 23.90 12.96 -3.42
C PHE U 126 24.65 12.35 -2.26
N LEU U 127 25.26 13.18 -1.42
CA LEU U 127 26.00 12.66 -0.27
C LEU U 127 25.06 12.09 0.77
N THR U 128 23.94 12.78 1.05
CA THR U 128 22.96 12.23 1.97
C THR U 128 22.41 10.91 1.47
N MET U 129 22.20 10.79 0.16
CA MET U 129 21.68 9.55 -0.41
C MET U 129 22.72 8.43 -0.34
N VAL U 130 23.98 8.75 -0.62
CA VAL U 130 25.02 7.72 -0.56
C VAL U 130 25.24 7.27 0.88
N ALA U 131 25.29 8.22 1.81
CA ALA U 131 25.48 7.86 3.21
C ALA U 131 24.25 7.14 3.76
N ALA U 132 23.06 7.49 3.30
CA ALA U 132 21.87 6.78 3.74
C ALA U 132 21.82 5.37 3.16
N THR U 133 22.30 5.19 1.92
CA THR U 133 22.41 3.86 1.37
C THR U 133 23.43 3.03 2.14
N ILE U 134 24.57 3.63 2.48
CA ILE U 134 25.56 2.93 3.29
C ILE U 134 24.97 2.56 4.64
N ALA U 135 24.20 3.48 5.24
CA ALA U 135 23.57 3.20 6.52
C ALA U 135 22.56 2.07 6.42
N PHE U 136 21.74 2.07 5.36
CA PHE U 136 20.70 1.05 5.25
C PHE U 136 21.30 -0.32 4.92
N VAL U 137 22.27 -0.36 4.02
CA VAL U 137 22.91 -1.63 3.70
C VAL U 137 23.71 -2.14 4.88
N GLY U 138 24.32 -1.24 5.65
CA GLY U 138 25.01 -1.67 6.85
C GLY U 138 24.06 -2.17 7.91
N TRP U 139 22.89 -1.55 8.02
CA TRP U 139 21.87 -2.05 8.94
C TRP U 139 21.43 -3.45 8.54
N LEU U 140 21.24 -3.67 7.24
CA LEU U 140 20.86 -4.99 6.74
C LEU U 140 21.94 -6.03 7.03
N LEU U 141 23.18 -5.70 6.70
CA LEU U 141 24.28 -6.64 6.95
C LEU U 141 24.50 -6.87 8.44
N ARG U 142 24.19 -5.88 9.27
CA ARG U 142 24.29 -6.05 10.71
C ARG U 142 23.16 -6.92 11.24
N GLN U 143 21.97 -6.84 10.63
CA GLN U 143 20.91 -7.77 10.98
C GLN U 143 21.31 -9.19 10.61
N ILE U 144 21.99 -9.36 9.48
CA ILE U 144 22.55 -10.67 9.14
C ILE U 144 23.57 -11.10 10.20
N ASP U 145 24.45 -10.18 10.61
CA ASP U 145 25.38 -10.45 11.70
C ASP U 145 24.68 -11.02 12.92
N ILE U 146 23.67 -10.30 13.39
CA ILE U 146 23.05 -10.63 14.67
C ILE U 146 22.18 -11.87 14.56
N SER U 147 21.61 -12.15 13.39
CA SER U 147 20.91 -13.41 13.19
C SER U 147 21.89 -14.57 13.14
N LEU U 148 23.08 -14.35 12.59
CA LEU U 148 24.10 -15.39 12.59
C LEU U 148 24.61 -15.66 14.00
N LYS U 149 24.68 -14.62 14.84
CA LYS U 149 25.15 -14.81 16.20
C LYS U 149 24.16 -15.65 17.01
N LEU U 150 22.87 -15.48 16.75
CA LEU U 150 21.84 -16.14 17.53
C LEU U 150 21.31 -17.40 16.84
N ASP U 151 22.00 -17.89 15.82
CA ASP U 151 21.63 -19.10 15.09
C ASP U 151 20.22 -19.03 14.54
N MET U 152 19.72 -17.83 14.28
CA MET U 152 18.37 -17.65 13.78
C MET U 152 18.33 -17.86 12.27
N GLY U 153 17.13 -17.85 11.73
CA GLY U 153 16.96 -17.82 10.30
C GLY U 153 17.22 -16.43 9.76
N MET U 154 17.31 -16.35 8.43
CA MET U 154 17.66 -15.10 7.77
C MET U 154 16.44 -14.30 7.32
N GLU U 155 15.30 -14.44 8.02
CA GLU U 155 14.05 -13.86 7.53
C GLU U 155 13.97 -12.36 7.79
N VAL U 156 14.38 -11.89 8.97
CA VAL U 156 14.39 -10.45 9.22
C VAL U 156 15.28 -9.71 8.24
N PRO U 157 16.50 -10.16 7.95
CA PRO U 157 17.26 -9.54 6.85
C PRO U 157 16.54 -9.63 5.52
N ILE U 158 15.75 -10.67 5.26
CA ILE U 158 15.07 -10.75 3.98
C ILE U 158 13.99 -9.69 3.85
N ALA U 159 13.22 -9.47 4.92
CA ALA U 159 12.18 -8.45 4.89
C ALA U 159 12.79 -7.05 4.83
N PHE U 160 13.79 -6.79 5.68
CA PHE U 160 14.45 -5.50 5.61
C PHE U 160 15.14 -5.30 4.28
N GLY U 161 15.58 -6.39 3.64
CA GLY U 161 16.16 -6.26 2.32
C GLY U 161 15.13 -5.92 1.28
N ALA U 162 13.90 -6.42 1.43
CA ALA U 162 12.82 -5.97 0.59
C ALA U 162 12.66 -4.45 0.66
N VAL U 163 12.62 -3.90 1.88
CA VAL U 163 12.42 -2.46 1.95
C VAL U 163 13.69 -1.68 1.54
N VAL U 164 14.87 -2.24 1.77
CA VAL U 164 16.09 -1.57 1.34
C VAL U 164 16.20 -1.58 -0.17
N SER U 165 15.72 -2.64 -0.82
CA SER U 165 15.68 -2.65 -2.28
C SER U 165 14.63 -1.69 -2.79
N SER U 166 13.56 -1.46 -2.03
CA SER U 166 12.64 -0.39 -2.37
C SER U 166 13.35 0.97 -2.37
N TRP U 167 14.24 1.18 -1.40
CA TRP U 167 15.03 2.41 -1.40
C TRP U 167 16.02 2.45 -2.56
N ILE U 168 16.69 1.34 -2.83
CA ILE U 168 17.68 1.28 -3.91
C ILE U 168 17.02 1.54 -5.25
N THR U 169 15.82 1.00 -5.46
CA THR U 169 15.10 1.24 -6.70
C THR U 169 14.79 2.71 -6.89
N LEU U 170 14.37 3.38 -5.82
CA LEU U 170 13.92 4.76 -5.94
C LEU U 170 15.08 5.72 -6.17
N GLN U 171 16.22 5.47 -5.51
CA GLN U 171 17.32 6.41 -5.53
C GLN U 171 18.50 5.99 -6.40
N TRP U 172 18.64 4.72 -6.72
CA TRP U 172 19.76 4.25 -7.54
C TRP U 172 19.28 3.69 -8.87
N LEU U 173 18.41 2.68 -8.86
CA LEU U 173 18.11 1.96 -10.10
C LEU U 173 17.30 2.82 -11.05
N ARG U 174 16.24 3.45 -10.54
CA ARG U 174 15.42 4.27 -11.43
C ARG U 174 16.15 5.54 -11.88
N PRO U 175 16.83 6.30 -11.01
CA PRO U 175 17.58 7.45 -11.52
C PRO U 175 18.66 7.09 -12.52
N ILE U 176 19.29 5.91 -12.38
CA ILE U 176 20.29 5.50 -13.35
C ILE U 176 19.63 5.11 -14.67
N ALA U 177 18.55 4.33 -14.60
CA ALA U 177 17.89 3.90 -15.83
C ALA U 177 17.30 5.08 -16.58
N MET U 178 16.70 6.04 -15.88
CA MET U 178 16.28 7.27 -16.51
C MET U 178 17.47 8.09 -16.99
N GLY U 179 18.57 8.05 -16.24
CA GLY U 179 19.83 8.60 -16.67
C GLY U 179 20.13 10.00 -16.23
N ALA U 180 19.42 10.54 -15.24
CA ALA U 180 19.55 11.94 -14.90
C ALA U 180 19.85 12.23 -13.45
N TRP U 181 19.65 11.29 -12.55
CA TRP U 181 20.07 11.44 -11.16
C TRP U 181 19.28 12.52 -10.43
N GLY U 182 18.45 13.25 -11.17
CA GLY U 182 17.46 14.16 -10.66
C GLY U 182 16.11 13.53 -10.57
N HIS U 183 16.02 12.25 -10.95
CA HIS U 183 14.82 11.46 -10.80
C HIS U 183 14.75 10.75 -9.46
N GLY U 184 15.75 10.93 -8.60
CA GLY U 184 15.62 10.49 -7.23
C GLY U 184 14.75 11.43 -6.43
N PHE U 185 14.09 10.90 -5.43
CA PHE U 185 13.15 11.79 -4.76
C PHE U 185 13.88 12.69 -3.77
N PRO U 186 13.42 13.94 -3.62
CA PRO U 186 14.04 14.84 -2.65
C PRO U 186 13.84 14.34 -1.24
N LEU U 187 14.81 14.61 -0.39
CA LEU U 187 14.80 14.12 0.98
C LEU U 187 14.28 15.20 1.92
N GLY U 188 13.04 15.59 1.69
CA GLY U 188 12.46 16.60 2.55
C GLY U 188 11.20 16.08 3.20
N ILE U 189 11.04 16.32 4.50
CA ILE U 189 9.75 16.06 5.12
C ILE U 189 8.72 16.97 4.48
N THR U 190 7.60 16.39 4.07
CA THR U 190 6.49 17.06 3.39
C THR U 190 6.84 17.45 1.96
N HIS U 191 8.10 17.34 1.56
CA HIS U 191 8.43 17.69 0.18
C HIS U 191 8.72 16.48 -0.68
N HIS U 192 9.21 15.38 -0.11
CA HIS U 192 9.23 14.15 -0.89
C HIS U 192 7.81 13.74 -1.26
N LEU U 193 6.81 14.22 -0.50
CA LEU U 193 5.43 14.03 -0.89
C LEU U 193 5.10 14.80 -2.17
N ASP U 194 5.71 15.96 -2.37
CA ASP U 194 5.51 16.70 -3.61
C ASP U 194 6.07 15.92 -4.78
N TRP U 195 7.21 15.27 -4.60
CA TRP U 195 7.75 14.41 -5.63
C TRP U 195 6.85 13.21 -5.87
N VAL U 196 6.34 12.60 -4.80
CA VAL U 196 5.48 11.43 -4.97
C VAL U 196 4.21 11.82 -5.71
N SER U 197 3.68 13.01 -5.43
CA SER U 197 2.46 13.46 -6.11
C SER U 197 2.74 13.82 -7.56
N ASN U 198 3.88 14.45 -7.84
CA ASN U 198 4.17 14.85 -9.20
C ASN U 198 4.57 13.67 -10.06
N ILE U 199 5.21 12.66 -9.48
CA ILE U 199 5.50 11.44 -10.21
C ILE U 199 4.24 10.62 -10.40
N GLY U 200 3.37 10.60 -9.39
CA GLY U 200 2.13 9.86 -9.50
C GLY U 200 1.20 10.44 -10.53
N TYR U 201 1.25 11.74 -10.75
CA TYR U 201 0.38 12.36 -11.73
C TYR U 201 1.05 12.53 -13.08
N GLN U 202 2.39 12.52 -13.15
CA GLN U 202 3.06 12.57 -14.44
C GLN U 202 2.72 11.33 -15.27
N TYR U 203 2.79 10.16 -14.64
CA TYR U 203 2.36 8.91 -15.26
C TYR U 203 0.94 8.68 -14.78
N TYR U 204 0.01 9.43 -15.36
CA TYR U 204 -1.27 9.70 -14.72
C TYR U 204 -2.03 8.45 -14.39
N ASN U 205 -2.69 8.49 -13.23
CA ASN U 205 -3.40 7.38 -12.63
C ASN U 205 -2.44 6.22 -12.36
N PHE U 206 -1.64 6.44 -11.34
CA PHE U 206 -0.76 5.44 -10.86
C PHE U 206 -1.65 4.45 -10.20
N PHE U 207 -2.94 4.74 -9.91
CA PHE U 207 -3.88 3.75 -9.44
C PHE U 207 -4.03 2.63 -10.45
N TYR U 208 -3.98 2.95 -11.74
CA TYR U 208 -4.14 1.97 -12.79
C TYR U 208 -2.86 1.20 -13.06
N ASN U 209 -1.77 1.57 -12.42
CA ASN U 209 -0.55 0.81 -12.45
C ASN U 209 -0.78 -0.53 -11.75
N PRO U 210 -0.68 -1.66 -12.45
CA PRO U 210 -1.07 -2.93 -11.83
C PRO U 210 -0.16 -3.36 -10.70
N PHE U 211 1.15 -3.16 -10.84
CA PHE U 211 2.05 -3.47 -9.74
C PHE U 211 1.86 -2.50 -8.58
N HIS U 212 1.30 -1.33 -8.86
CA HIS U 212 0.94 -0.40 -7.80
C HIS U 212 -0.33 -0.86 -7.11
N ALA U 213 -1.30 -1.36 -7.87
CA ALA U 213 -2.51 -1.90 -7.26
C ALA U 213 -2.20 -3.14 -6.43
N ILE U 214 -1.29 -3.98 -6.90
CA ILE U 214 -0.87 -5.14 -6.12
C ILE U 214 -0.17 -4.68 -4.85
N GLY U 215 0.67 -3.65 -4.94
CA GLY U 215 1.34 -3.13 -3.77
C GLY U 215 0.38 -2.57 -2.74
N ILE U 216 -0.64 -1.84 -3.20
CA ILE U 216 -1.64 -1.31 -2.29
C ILE U 216 -2.47 -2.43 -1.69
N THR U 217 -2.83 -3.41 -2.50
CA THR U 217 -3.56 -4.57 -1.99
C THR U 217 -2.77 -5.26 -0.89
N LEU U 218 -1.47 -5.43 -1.08
CA LEU U 218 -0.67 -6.11 -0.08
C LEU U 218 -0.41 -5.22 1.13
N LEU U 219 -0.41 -3.90 0.96
CA LEU U 219 -0.28 -3.00 2.12
C LEU U 219 -1.52 -3.04 2.98
N PHE U 220 -2.70 -2.99 2.34
CA PHE U 220 -3.95 -3.08 3.08
C PHE U 220 -4.12 -4.45 3.70
N ALA U 221 -3.73 -5.50 2.98
CA ALA U 221 -3.78 -6.85 3.55
C ALA U 221 -2.78 -7.01 4.67
N SER U 222 -1.64 -6.33 4.60
CA SER U 222 -0.67 -6.38 5.68
C SER U 222 -1.24 -5.76 6.94
N THR U 223 -1.85 -4.59 6.82
CA THR U 223 -2.46 -3.96 7.99
C THR U 223 -3.62 -4.80 8.53
N LEU U 224 -4.41 -5.40 7.63
CA LEU U 224 -5.50 -6.25 8.07
C LEU U 224 -4.99 -7.49 8.81
N PHE U 225 -3.96 -8.15 8.26
CA PHE U 225 -3.40 -9.32 8.93
C PHE U 225 -2.77 -8.94 10.24
N LEU U 226 -2.14 -7.76 10.31
CA LEU U 226 -1.57 -7.32 11.58
C LEU U 226 -2.66 -7.12 12.62
N HIS U 227 -3.77 -6.48 12.25
CA HIS U 227 -4.86 -6.31 13.18
C HIS U 227 -5.45 -7.64 13.60
N MET U 228 -5.66 -8.55 12.65
CA MET U 228 -6.25 -9.84 12.96
C MET U 228 -5.34 -10.66 13.86
N HIS U 229 -4.02 -10.59 13.65
CA HIS U 229 -3.10 -11.36 14.47
C HIS U 229 -2.94 -10.77 15.86
N GLY U 230 -2.80 -9.45 15.96
CA GLY U 230 -2.82 -8.82 17.27
C GLY U 230 -4.08 -9.12 18.02
N SER U 231 -5.22 -9.09 17.33
CA SER U 231 -6.49 -9.45 17.95
C SER U 231 -6.47 -10.88 18.45
N ALA U 232 -6.03 -11.82 17.60
CA ALA U 232 -6.08 -13.22 17.96
C ALA U 232 -5.19 -13.53 19.16
N VAL U 233 -3.99 -12.96 19.19
CA VAL U 233 -3.09 -13.27 20.30
C VAL U 233 -3.52 -12.54 21.56
N LEU U 234 -4.03 -11.32 21.42
CA LEU U 234 -4.50 -10.61 22.60
C LEU U 234 -5.80 -11.20 23.14
N SER U 235 -6.59 -11.83 22.28
CA SER U 235 -7.88 -12.36 22.70
C SER U 235 -7.72 -13.60 23.55
N GLU U 236 -6.63 -14.35 23.37
CA GLU U 236 -6.37 -15.56 24.12
C GLU U 236 -5.28 -15.37 25.18
N ALA U 237 -4.98 -14.11 25.51
CA ALA U 237 -3.72 -13.81 26.18
C ALA U 237 -3.71 -14.27 27.63
N LYS U 238 -4.66 -13.82 28.43
CA LYS U 238 -4.61 -14.01 29.88
C LYS U 238 -5.83 -14.79 30.35
N ARG U 239 -6.14 -15.87 29.65
CA ARG U 239 -7.34 -16.66 29.91
C ARG U 239 -6.96 -18.12 30.05
N ASN U 240 -7.86 -18.88 30.67
CA ASN U 240 -7.77 -20.33 30.70
C ASN U 240 -8.28 -20.86 29.38
N ILE U 241 -7.36 -21.16 28.48
CA ILE U 241 -7.68 -21.51 27.10
C ILE U 241 -6.87 -22.76 26.76
N SER U 242 -7.40 -23.58 25.87
CA SER U 242 -6.74 -24.82 25.50
C SER U 242 -5.84 -24.68 24.28
N ASP U 243 -5.54 -23.44 23.85
CA ASP U 243 -4.69 -23.17 22.69
C ASP U 243 -5.40 -23.57 21.40
N GLN U 244 -6.53 -24.25 21.51
CA GLN U 244 -7.33 -24.56 20.34
C GLN U 244 -8.57 -23.68 20.27
N ASN U 245 -8.76 -22.79 21.25
CA ASN U 245 -9.90 -21.88 21.20
C ASN U 245 -9.74 -20.87 20.09
N ILE U 246 -8.53 -20.35 19.88
CA ILE U 246 -8.34 -19.40 18.80
C ILE U 246 -8.50 -20.07 17.46
N HIS U 247 -8.14 -21.35 17.35
CA HIS U 247 -8.33 -22.07 16.10
C HIS U 247 -9.82 -22.30 15.82
N VAL U 248 -10.58 -22.65 16.85
CA VAL U 248 -12.02 -22.82 16.69
C VAL U 248 -12.67 -21.49 16.33
N PHE U 249 -12.22 -20.41 16.96
CA PHE U 249 -12.74 -19.08 16.62
C PHE U 249 -12.45 -18.74 15.17
N TRP U 250 -11.24 -19.01 14.71
CA TRP U 250 -10.88 -18.69 13.33
C TRP U 250 -11.45 -19.68 12.34
N ARG U 251 -12.01 -20.79 12.79
CA ARG U 251 -12.74 -21.65 11.87
C ARG U 251 -14.23 -21.35 11.90
N ASN U 252 -14.75 -20.88 13.03
CA ASN U 252 -16.12 -20.42 13.06
C ASN U 252 -16.29 -19.16 12.24
N ILE U 253 -15.35 -18.23 12.36
CA ILE U 253 -15.26 -17.07 11.50
C ILE U 253 -14.37 -17.46 10.32
N LEU U 254 -14.86 -17.29 9.11
CA LEU U 254 -14.15 -17.47 7.85
C LEU U 254 -13.91 -18.93 7.48
N GLY U 255 -14.20 -19.88 8.35
CA GLY U 255 -13.99 -21.27 7.99
C GLY U 255 -12.57 -21.60 7.57
N TYR U 256 -11.58 -21.06 8.26
CA TYR U 256 -10.19 -21.46 8.08
C TYR U 256 -9.32 -20.84 9.17
N SER U 257 -8.51 -21.66 9.84
CA SER U 257 -7.52 -21.18 10.80
C SER U 257 -6.15 -21.53 10.27
N ILE U 258 -5.33 -20.49 9.99
CA ILE U 258 -4.05 -20.72 9.34
C ILE U 258 -3.03 -21.37 10.27
N GLY U 259 -3.21 -21.24 11.57
CA GLY U 259 -2.28 -21.80 12.52
C GLY U 259 -1.24 -20.80 12.97
N GLU U 260 -0.47 -21.22 13.97
CA GLU U 260 0.50 -20.31 14.59
C GLU U 260 1.65 -20.02 13.66
N ILE U 261 2.23 -21.04 13.04
CA ILE U 261 3.35 -20.81 12.14
C ILE U 261 2.88 -20.20 10.83
N GLY U 262 1.62 -20.43 10.47
CA GLY U 262 1.15 -19.94 9.18
C GLY U 262 0.89 -18.44 9.17
N ILE U 263 0.43 -17.89 10.29
CA ILE U 263 0.12 -16.47 10.30
C ILE U 263 1.40 -15.64 10.29
N HIS U 264 2.48 -16.16 10.88
CA HIS U 264 3.73 -15.41 10.86
C HIS U 264 4.43 -15.51 9.52
N ARG U 265 4.34 -16.67 8.87
CA ARG U 265 4.83 -16.80 7.51
C ARG U 265 4.11 -15.85 6.58
N VAL U 266 2.78 -15.80 6.67
CA VAL U 266 2.00 -14.93 5.81
C VAL U 266 2.30 -13.46 6.12
N ALA U 267 2.47 -13.14 7.40
CA ALA U 267 2.90 -11.81 7.81
C ALA U 267 4.17 -11.39 7.07
N PHE U 268 5.23 -12.19 7.26
CA PHE U 268 6.50 -11.91 6.62
C PHE U 268 6.36 -11.77 5.10
N TRP U 269 5.65 -12.71 4.48
CA TRP U 269 5.58 -12.75 3.02
C TRP U 269 4.80 -11.57 2.46
N THR U 270 3.63 -11.28 3.02
CA THR U 270 2.83 -10.16 2.54
C THR U 270 3.57 -8.84 2.75
N GLY U 271 4.13 -8.65 3.94
CA GLY U 271 4.95 -7.50 4.20
C GLY U 271 5.99 -7.28 3.12
N ALA U 272 6.85 -8.28 2.87
CA ALA U 272 7.91 -8.08 1.89
C ALA U 272 7.36 -7.88 0.48
N ALA U 273 6.38 -8.70 0.08
CA ALA U 273 5.91 -8.66 -1.29
C ALA U 273 5.29 -7.32 -1.64
N SER U 274 4.65 -6.66 -0.66
CA SER U 274 4.07 -5.35 -0.93
C SER U 274 5.09 -4.40 -1.53
N VAL U 275 6.21 -4.19 -0.82
CA VAL U 275 7.20 -3.24 -1.31
C VAL U 275 7.95 -3.79 -2.51
N LEU U 276 8.03 -5.12 -2.67
CA LEU U 276 8.67 -5.64 -3.87
C LEU U 276 7.89 -5.28 -5.13
N PHE U 277 6.59 -5.57 -5.13
CA PHE U 277 5.75 -5.16 -6.24
C PHE U 277 5.70 -3.64 -6.38
N SER U 278 5.82 -2.92 -5.26
CA SER U 278 5.83 -1.47 -5.32
C SER U 278 7.04 -0.94 -6.06
N ASN U 279 8.23 -1.47 -5.78
CA ASN U 279 9.40 -0.95 -6.45
C ASN U 279 9.42 -1.37 -7.91
N LEU U 280 8.87 -2.54 -8.22
CA LEU U 280 8.64 -2.86 -9.63
C LEU U 280 7.75 -1.82 -10.29
N CYS U 281 6.74 -1.27 -9.62
CA CYS U 281 5.87 -0.23 -10.14
C CYS U 281 6.45 1.11 -10.45
N ILE U 282 7.21 1.68 -9.54
CA ILE U 282 7.87 2.92 -9.78
C ILE U 282 8.98 2.73 -10.74
N PHE U 283 9.66 1.60 -10.76
CA PHE U 283 10.70 1.49 -11.77
C PHE U 283 10.10 1.44 -13.16
N LEU U 284 9.07 0.60 -13.36
CA LEU U 284 8.42 0.56 -14.66
C LEU U 284 7.80 1.90 -15.01
N SER U 285 7.28 2.60 -14.01
CA SER U 285 6.64 3.89 -14.26
C SER U 285 7.63 4.88 -14.84
N GLY U 286 8.85 4.90 -14.33
CA GLY U 286 9.84 5.76 -14.94
C GLY U 286 10.17 5.37 -16.37
N THR U 287 10.57 4.13 -16.59
CA THR U 287 11.37 3.72 -17.74
C THR U 287 10.56 3.18 -18.91
N PHE U 288 9.59 2.32 -18.68
CA PHE U 288 8.91 1.64 -19.79
C PHE U 288 7.51 2.15 -20.06
N VAL U 289 6.79 2.62 -19.06
CA VAL U 289 5.41 3.07 -19.20
C VAL U 289 5.35 4.55 -18.87
N LYS U 290 4.91 5.36 -19.82
CA LYS U 290 4.76 6.79 -19.56
C LYS U 290 3.36 7.13 -19.08
N ASP U 291 2.36 6.36 -19.50
CA ASP U 291 0.97 6.63 -19.18
C ASP U 291 0.32 5.34 -18.73
N TRP U 292 -0.26 5.34 -17.54
CA TRP U 292 -0.86 4.11 -17.04
C TRP U 292 -2.31 3.94 -17.48
N ASN U 293 -2.95 4.98 -18.01
CA ASN U 293 -4.21 4.78 -18.69
C ASN U 293 -3.99 4.22 -20.09
N ALA U 294 -2.95 4.69 -20.77
CA ALA U 294 -2.63 4.16 -22.09
C ALA U 294 -2.21 2.70 -22.01
N PHE U 295 -1.65 2.29 -20.88
CA PHE U 295 -1.26 0.89 -20.70
C PHE U 295 -2.44 -0.04 -20.91
N TRP U 296 -3.61 0.35 -20.41
CA TRP U 296 -4.78 -0.50 -20.45
C TRP U 296 -5.55 -0.39 -21.76
N GLY U 297 -4.95 0.20 -22.79
CA GLY U 297 -5.61 0.28 -24.07
C GLY U 297 -5.76 -1.04 -24.76
N PHE U 298 -4.91 -2.01 -24.42
CA PHE U 298 -4.97 -3.31 -25.08
C PHE U 298 -6.20 -4.10 -24.67
N TRP U 299 -6.75 -3.83 -23.48
CA TRP U 299 -7.75 -4.72 -22.90
C TRP U 299 -9.01 -4.79 -23.76
N ASP U 300 -9.53 -3.64 -24.16
CA ASP U 300 -10.73 -3.62 -24.97
C ASP U 300 -10.51 -4.11 -26.39
N LYS U 301 -9.24 -4.30 -26.76
CA LYS U 301 -8.91 -4.76 -28.10
C LYS U 301 -8.42 -6.20 -28.11
N MET U 302 -8.41 -6.87 -26.97
CA MET U 302 -8.04 -8.28 -26.94
C MET U 302 -9.11 -8.88 -27.78
N PRO U 303 -8.77 -9.71 -28.78
CA PRO U 303 -9.79 -10.17 -29.73
C PRO U 303 -10.69 -11.26 -29.23
N ILE U 304 -11.65 -10.97 -28.38
CA ILE U 304 -12.59 -11.94 -27.86
C ILE U 304 -13.78 -11.13 -27.49
N TRP U 305 -13.63 -9.82 -27.50
CA TRP U 305 -14.69 -8.92 -27.16
C TRP U 305 -14.57 -7.62 -27.90
N ASN U 306 -13.74 -7.55 -28.92
CA ASN U 306 -13.60 -6.37 -29.75
C ASN U 306 -14.86 -6.01 -30.41
N GLY U 307 -15.43 -6.93 -31.13
CA GLY U 307 -16.62 -6.70 -31.87
C GLY U 307 -17.94 -6.42 -31.25
N VAL U 308 -18.18 -6.93 -30.07
CA VAL U 308 -19.49 -6.79 -29.48
C VAL U 308 -19.85 -5.53 -28.73
N GLY U 309 -20.30 -4.50 -29.40
CA GLY U 309 -20.80 -3.34 -28.69
C GLY U 309 -21.43 -2.35 -29.60
N GLN U 310 -22.32 -1.50 -29.11
CA GLN U 310 -22.82 -0.40 -29.94
C GLN U 310 -22.84 0.87 -29.11
N GLY U 311 -22.82 2.01 -29.75
CA GLY U 311 -22.82 3.27 -29.06
C GLY U 311 -21.62 3.54 -28.22
N ALA U 312 -21.84 3.78 -26.95
CA ALA U 312 -20.75 4.01 -26.07
C ALA U 312 -20.33 2.68 -25.53
N LEU U 313 -21.02 1.64 -25.94
CA LEU U 313 -20.74 0.32 -25.44
C LEU U 313 -19.86 -0.42 -26.37
N VAL U 314 -19.14 0.27 -27.23
CA VAL U 314 -18.23 -0.38 -28.12
C VAL U 314 -16.79 -0.07 -27.93
N ALA U 315 -15.94 -1.04 -27.69
CA ALA U 315 -14.48 -0.88 -27.68
C ALA U 315 -13.98 -2.21 -27.25
N PRO V 1 -16.54 -24.88 30.68
CA PRO V 1 -17.91 -24.51 30.32
C PRO V 1 -18.08 -24.29 28.81
N ILE V 2 -16.97 -24.41 28.08
CA ILE V 2 -16.97 -24.24 26.63
C ILE V 2 -16.51 -25.54 26.01
N ASP V 3 -17.38 -26.15 25.22
CA ASP V 3 -17.05 -27.36 24.48
C ASP V 3 -16.49 -26.95 23.13
N LEU V 4 -15.22 -27.26 22.89
CA LEU V 4 -14.60 -26.89 21.63
C LEU V 4 -15.07 -27.76 20.48
N HIS V 5 -15.46 -29.01 20.78
CA HIS V 5 -16.00 -29.87 19.75
C HIS V 5 -17.43 -29.48 19.40
N ASP V 6 -18.21 -29.08 20.41
CA ASP V 6 -19.60 -28.70 20.17
C ASP V 6 -19.68 -27.40 19.37
N GLU V 7 -18.76 -26.47 19.63
CA GLU V 7 -18.76 -25.20 18.90
C GLU V 7 -18.35 -25.39 17.45
N GLU V 8 -17.61 -26.46 17.15
CA GLU V 8 -17.22 -26.74 15.78
C GLU V 8 -18.21 -27.63 15.06
N TYR V 9 -18.94 -28.48 15.79
CA TYR V 9 -19.70 -29.54 15.13
C TYR V 9 -21.15 -29.62 15.57
N ARG V 10 -21.73 -28.49 15.96
CA ARG V 10 -23.16 -28.46 16.23
C ARG V 10 -23.78 -28.30 14.86
N ASP V 11 -25.08 -28.54 14.75
CA ASP V 11 -25.74 -28.50 13.45
C ASP V 11 -26.88 -27.49 13.45
N GLY V 12 -27.05 -26.85 12.31
CA GLY V 12 -28.14 -25.92 12.12
C GLY V 12 -27.72 -24.50 12.39
N LEU V 13 -28.72 -23.66 12.61
CA LEU V 13 -28.46 -22.32 13.09
C LEU V 13 -27.88 -22.40 14.49
N GLU V 14 -26.95 -21.49 14.80
CA GLU V 14 -26.10 -21.62 15.96
C GLU V 14 -25.41 -22.98 15.95
N GLY V 15 -24.98 -23.38 14.76
CA GLY V 15 -24.14 -24.53 14.52
C GLY V 15 -23.31 -24.23 13.29
N THR V 16 -22.52 -25.20 12.89
CA THR V 16 -21.66 -25.02 11.74
C THR V 16 -22.15 -25.82 10.55
N ILE V 17 -21.66 -25.45 9.37
CA ILE V 17 -21.89 -26.21 8.14
C ILE V 17 -20.53 -26.57 7.56
N ALA V 18 -20.56 -27.32 6.45
CA ALA V 18 -19.35 -27.86 5.84
C ALA V 18 -18.54 -28.65 6.85
N LYS V 19 -19.25 -29.40 7.71
CA LYS V 19 -18.68 -29.91 8.94
C LYS V 19 -17.67 -31.03 8.74
N PRO V 20 -17.83 -31.92 7.77
CA PRO V 20 -16.71 -32.78 7.42
C PRO V 20 -15.62 -31.94 6.76
N PRO V 21 -14.54 -31.65 7.48
CA PRO V 21 -13.60 -30.64 7.01
C PRO V 21 -12.73 -31.19 5.89
N GLY V 22 -12.56 -30.40 4.85
CA GLY V 22 -11.64 -30.76 3.80
C GLY V 22 -10.21 -30.39 4.14
N HIS V 23 -9.29 -30.92 3.35
CA HIS V 23 -7.88 -30.61 3.47
C HIS V 23 -7.41 -30.06 2.14
N VAL V 24 -6.75 -28.90 2.18
CA VAL V 24 -6.29 -28.32 0.92
C VAL V 24 -4.95 -28.90 0.50
N GLY V 25 -4.11 -29.28 1.43
CA GLY V 25 -2.89 -29.98 1.08
C GLY V 25 -1.72 -29.08 0.81
N TRP V 26 -1.83 -28.20 -0.19
CA TRP V 26 -0.79 -27.21 -0.40
C TRP V 26 -0.83 -26.15 0.69
N MET V 27 -2.00 -25.87 1.24
CA MET V 27 -2.07 -24.98 2.39
C MET V 27 -1.40 -25.58 3.61
N GLN V 28 -1.46 -26.90 3.74
CA GLN V 28 -0.79 -27.56 4.85
C GLN V 28 0.72 -27.53 4.67
N ARG V 29 1.19 -27.67 3.43
CA ARG V 29 2.62 -27.70 3.18
C ARG V 29 3.23 -26.31 3.30
N LEU V 30 2.51 -25.28 2.86
CA LEU V 30 3.04 -23.93 2.84
C LEU V 30 2.71 -23.15 4.10
N LEU V 31 1.51 -23.34 4.65
CA LEU V 31 1.08 -22.58 5.81
C LEU V 31 1.01 -23.40 7.09
N GLY V 32 1.14 -24.72 7.02
CA GLY V 32 1.14 -25.54 8.20
C GLY V 32 -0.22 -26.04 8.63
N GLU V 33 -1.29 -25.49 8.10
CA GLU V 33 -2.64 -25.99 8.40
C GLU V 33 -3.45 -25.99 7.12
N GLY V 34 -4.05 -27.12 6.81
CA GLY V 34 -4.78 -27.27 5.56
C GLY V 34 -6.25 -27.55 5.73
N GLN V 35 -6.72 -27.65 6.96
CA GLN V 35 -8.12 -27.99 7.21
C GLN V 35 -9.00 -26.78 6.96
N VAL V 36 -9.91 -26.90 6.00
CA VAL V 36 -10.88 -25.82 5.80
C VAL V 36 -11.84 -25.75 6.97
N GLY V 37 -12.12 -26.88 7.61
CA GLY V 37 -12.91 -26.88 8.82
C GLY V 37 -14.33 -26.47 8.59
N PRO V 38 -15.18 -26.72 9.56
CA PRO V 38 -16.56 -26.22 9.50
C PRO V 38 -16.59 -24.72 9.74
N ILE V 39 -17.59 -24.07 9.14
CA ILE V 39 -17.78 -22.64 9.28
C ILE V 39 -19.12 -22.40 9.96
N TYR V 40 -19.16 -21.42 10.86
CA TYR V 40 -20.32 -21.21 11.71
C TYR V 40 -21.39 -20.38 11.01
N VAL V 41 -22.66 -20.73 11.27
CA VAL V 41 -23.83 -20.05 10.72
C VAL V 41 -24.71 -19.70 11.91
N GLY V 42 -24.59 -18.49 12.44
CA GLY V 42 -25.18 -18.23 13.73
C GLY V 42 -26.14 -17.07 13.86
N LEU V 43 -27.02 -16.87 12.88
CA LEU V 43 -28.10 -15.88 12.93
C LEU V 43 -27.54 -14.46 12.80
N TRP V 44 -26.24 -14.31 12.91
CA TRP V 44 -25.59 -13.08 12.50
C TRP V 44 -24.81 -13.28 11.22
N GLY V 45 -24.21 -14.45 11.06
CA GLY V 45 -23.67 -14.84 9.78
C GLY V 45 -24.75 -14.91 8.71
N VAL V 46 -25.97 -15.28 9.09
CA VAL V 46 -27.04 -15.37 8.09
C VAL V 46 -27.45 -13.99 7.63
N ILE V 47 -27.66 -13.05 8.56
CA ILE V 47 -27.98 -11.69 8.18
C ILE V 47 -26.84 -11.09 7.36
N SER V 48 -25.60 -11.29 7.81
CA SER V 48 -24.46 -10.79 7.07
C SER V 48 -24.44 -11.34 5.65
N PHE V 49 -24.62 -12.65 5.50
CA PHE V 49 -24.52 -13.29 4.20
C PHE V 49 -25.64 -12.83 3.27
N ILE V 50 -26.87 -12.80 3.76
CA ILE V 50 -27.96 -12.47 2.85
C ILE V 50 -28.01 -10.99 2.55
N THR V 51 -27.60 -10.13 3.49
CA THR V 51 -27.56 -8.71 3.18
C THR V 51 -26.40 -8.38 2.24
N PHE V 52 -25.26 -9.05 2.41
CA PHE V 52 -24.19 -8.89 1.44
C PHE V 52 -24.60 -9.41 0.08
N PHE V 53 -25.37 -10.50 0.05
CA PHE V 53 -25.82 -11.05 -1.20
C PHE V 53 -26.79 -10.11 -1.89
N ALA V 54 -27.69 -9.47 -1.13
CA ALA V 54 -28.57 -8.46 -1.69
C ALA V 54 -27.78 -7.31 -2.27
N SER V 55 -26.79 -6.82 -1.51
CA SER V 55 -25.93 -5.74 -2.00
C SER V 55 -25.24 -6.13 -3.30
N ALA V 56 -24.54 -7.27 -3.30
CA ALA V 56 -23.79 -7.70 -4.48
C ALA V 56 -24.70 -7.99 -5.65
N PHE V 57 -25.89 -8.54 -5.41
CA PHE V 57 -26.82 -8.82 -6.49
C PHE V 57 -27.32 -7.54 -7.13
N ILE V 58 -27.68 -6.54 -6.31
CA ILE V 58 -28.07 -5.24 -6.86
C ILE V 58 -26.94 -4.69 -7.72
N ILE V 59 -25.72 -4.72 -7.20
CA ILE V 59 -24.58 -4.17 -7.95
C ILE V 59 -24.36 -4.93 -9.25
N LEU V 60 -24.45 -6.26 -9.21
CA LEU V 60 -24.13 -7.06 -10.39
C LEU V 60 -25.19 -6.92 -11.46
N VAL V 61 -26.46 -6.91 -11.09
CA VAL V 61 -27.48 -6.75 -12.13
C VAL V 61 -27.57 -5.31 -12.60
N ASP V 62 -27.07 -4.33 -11.83
CA ASP V 62 -26.96 -3.00 -12.40
C ASP V 62 -25.76 -2.89 -13.33
N TYR V 63 -24.67 -3.61 -13.04
CA TYR V 63 -23.63 -3.79 -14.04
C TYR V 63 -24.20 -4.36 -15.32
N GLY V 64 -25.07 -5.36 -15.19
CA GLY V 64 -25.70 -5.95 -16.35
C GLY V 64 -26.56 -4.96 -17.10
N ARG V 65 -27.33 -4.15 -16.38
CA ARG V 65 -28.15 -3.14 -17.03
C ARG V 65 -27.29 -2.12 -17.76
N GLN V 66 -26.11 -1.80 -17.22
CA GLN V 66 -25.27 -0.76 -17.79
C GLN V 66 -24.61 -1.20 -19.09
N VAL V 67 -24.42 -2.51 -19.29
CA VAL V 67 -23.79 -3.00 -20.50
C VAL V 67 -24.88 -3.41 -21.48
N GLY V 68 -26.08 -2.90 -21.27
CA GLY V 68 -27.19 -3.23 -22.13
C GLY V 68 -27.57 -4.69 -22.04
N TRP V 69 -27.26 -5.34 -20.92
CA TRP V 69 -27.48 -6.76 -20.71
C TRP V 69 -26.68 -7.61 -21.69
N ASN V 70 -25.42 -7.26 -21.90
CA ASN V 70 -24.54 -8.02 -22.78
C ASN V 70 -23.47 -8.70 -21.95
N PRO V 71 -23.45 -10.03 -21.85
CA PRO V 71 -22.55 -10.69 -20.91
C PRO V 71 -21.11 -10.74 -21.35
N ILE V 72 -20.77 -10.22 -22.54
CA ILE V 72 -19.39 -10.10 -22.95
C ILE V 72 -18.88 -8.71 -22.66
N ILE V 73 -19.63 -7.69 -23.07
CA ILE V 73 -19.36 -6.34 -22.61
C ILE V 73 -19.28 -6.33 -21.09
N TYR V 74 -20.07 -7.19 -20.46
CA TYR V 74 -19.98 -7.39 -19.02
C TYR V 74 -18.57 -7.83 -18.61
N LEU V 75 -18.06 -8.89 -19.23
CA LEU V 75 -16.76 -9.41 -18.85
C LEU V 75 -15.64 -8.47 -19.25
N ARG V 76 -15.84 -7.71 -20.32
CA ARG V 76 -14.81 -6.80 -20.82
C ARG V 76 -14.69 -5.57 -19.93
N GLU V 77 -15.83 -5.01 -19.53
CA GLU V 77 -15.86 -3.79 -18.75
C GLU V 77 -16.08 -4.03 -17.26
N PHE V 78 -16.02 -5.28 -16.81
CA PHE V 78 -16.39 -5.59 -15.42
C PHE V 78 -15.57 -4.77 -14.43
N TRP V 79 -14.31 -4.51 -14.75
CA TRP V 79 -13.44 -3.85 -13.80
C TRP V 79 -13.59 -2.34 -13.83
N ASN V 80 -14.13 -1.79 -14.90
CA ASN V 80 -14.46 -0.38 -14.97
C ASN V 80 -15.95 -0.12 -14.85
N LEU V 81 -16.76 -1.15 -14.66
CA LEU V 81 -18.16 -0.97 -14.36
C LEU V 81 -18.33 -0.61 -12.90
N ALA V 82 -19.30 0.26 -12.61
CA ALA V 82 -19.53 0.69 -11.25
C ALA V 82 -20.95 1.22 -11.13
N VAL V 83 -21.47 1.19 -9.91
CA VAL V 83 -22.80 1.69 -9.60
C VAL V 83 -22.59 2.97 -8.79
N TYR V 84 -22.72 4.10 -9.43
CA TYR V 84 -22.30 5.31 -8.77
C TYR V 84 -23.40 5.88 -7.88
N PRO V 85 -23.03 6.56 -6.80
CA PRO V 85 -24.03 7.18 -5.94
C PRO V 85 -24.79 8.27 -6.67
N PRO V 86 -25.90 8.75 -6.12
CA PRO V 86 -26.65 9.83 -6.78
C PRO V 86 -25.76 11.03 -7.03
N PRO V 87 -25.95 11.72 -8.15
CA PRO V 87 -25.12 12.89 -8.45
C PRO V 87 -25.30 14.01 -7.44
N THR V 88 -24.51 15.07 -7.58
CA THR V 88 -24.53 16.15 -6.59
C THR V 88 -25.89 16.84 -6.53
N GLU V 89 -26.54 16.98 -7.68
CA GLU V 89 -27.90 17.53 -7.70
C GLU V 89 -28.75 16.53 -6.95
N TYR V 90 -29.71 16.99 -6.15
CA TYR V 90 -30.50 16.05 -5.31
C TYR V 90 -29.52 15.18 -4.54
N GLY V 91 -28.52 15.81 -3.94
CA GLY V 91 -27.47 15.03 -3.31
C GLY V 91 -27.70 14.07 -2.17
N LEU V 92 -28.46 14.43 -1.15
CA LEU V 92 -28.68 13.45 -0.10
C LEU V 92 -29.99 12.73 -0.29
N SER V 93 -30.80 13.16 -1.26
CA SER V 93 -32.11 12.59 -1.46
C SER V 93 -32.02 11.13 -1.89
N TRP V 94 -32.96 10.32 -1.43
CA TRP V 94 -33.10 8.94 -1.84
C TRP V 94 -34.11 8.76 -2.97
N ASN V 95 -34.75 9.85 -3.41
CA ASN V 95 -35.71 9.81 -4.52
C ASN V 95 -34.94 10.02 -5.81
N VAL V 96 -33.91 9.21 -6.02
CA VAL V 96 -33.05 9.32 -7.19
C VAL V 96 -33.41 8.15 -8.12
N PRO V 97 -33.36 8.33 -9.43
CA PRO V 97 -33.65 7.20 -10.32
C PRO V 97 -32.70 6.03 -10.07
N TRP V 98 -33.16 4.84 -10.42
CA TRP V 98 -32.40 3.64 -10.09
C TRP V 98 -31.04 3.63 -10.79
N ASP V 99 -30.99 4.13 -12.02
CA ASP V 99 -29.72 4.13 -12.73
C ASP V 99 -28.80 5.25 -12.27
N LYS V 100 -29.35 6.36 -11.80
CA LYS V 100 -28.56 7.47 -11.30
C LYS V 100 -28.50 7.47 -9.77
N GLY V 101 -27.93 6.42 -9.21
CA GLY V 101 -27.72 6.35 -7.79
C GLY V 101 -28.79 5.66 -6.99
N GLY V 102 -29.92 5.31 -7.61
CA GLY V 102 -30.94 4.57 -6.88
C GLY V 102 -30.47 3.19 -6.48
N ALA V 103 -29.75 2.51 -7.37
CA ALA V 103 -29.20 1.21 -7.04
C ALA V 103 -28.08 1.31 -6.01
N TRP V 104 -27.33 2.41 -6.03
CA TRP V 104 -26.25 2.58 -5.08
C TRP V 104 -26.76 2.71 -3.66
N LEU V 105 -27.86 3.40 -3.46
CA LEU V 105 -28.38 3.63 -2.12
C LEU V 105 -28.84 2.33 -1.47
N ALA V 106 -29.60 1.52 -2.22
CA ALA V 106 -30.06 0.24 -1.69
C ALA V 106 -28.89 -0.69 -1.42
N ALA V 107 -27.97 -0.81 -2.37
CA ALA V 107 -26.83 -1.70 -2.20
C ALA V 107 -25.98 -1.28 -1.02
N THR V 108 -25.80 0.02 -0.84
CA THR V 108 -24.99 0.52 0.26
C THR V 108 -25.68 0.31 1.60
N PHE V 109 -27.01 0.43 1.63
CA PHE V 109 -27.73 0.15 2.87
C PHE V 109 -27.57 -1.32 3.26
N PHE V 110 -27.78 -2.22 2.31
CA PHE V 110 -27.61 -3.64 2.61
C PHE V 110 -26.16 -3.96 2.98
N LEU V 111 -25.20 -3.25 2.39
CA LEU V 111 -23.80 -3.45 2.78
C LEU V 111 -23.55 -2.96 4.20
N HIS V 112 -24.19 -1.87 4.60
CA HIS V 112 -24.09 -1.40 5.98
C HIS V 112 -24.59 -2.45 6.93
N ILE V 113 -25.76 -3.03 6.64
CA ILE V 113 -26.28 -4.09 7.50
C ILE V 113 -25.33 -5.27 7.52
N SER V 114 -24.74 -5.60 6.37
CA SER V 114 -23.84 -6.73 6.29
C SER V 114 -22.62 -6.54 7.18
N VAL V 115 -22.01 -5.36 7.13
CA VAL V 115 -20.80 -5.15 7.93
C VAL V 115 -21.14 -5.06 9.41
N LEU V 116 -22.29 -4.49 9.76
CA LEU V 116 -22.67 -4.43 11.16
C LEU V 116 -22.96 -5.82 11.71
N THR V 117 -23.67 -6.65 10.96
CA THR V 117 -23.96 -7.99 11.44
C THR V 117 -22.72 -8.89 11.41
N TRP V 118 -21.77 -8.60 10.53
CA TRP V 118 -20.49 -9.29 10.60
C TRP V 118 -19.73 -8.91 11.85
N TRP V 119 -19.79 -7.64 12.24
CA TRP V 119 -19.22 -7.26 13.52
C TRP V 119 -19.88 -8.03 14.65
N ALA V 120 -21.21 -8.11 14.63
CA ALA V 120 -21.92 -8.85 15.67
C ALA V 120 -21.51 -10.32 15.68
N ARG V 121 -21.26 -10.88 14.50
CA ARG V 121 -20.81 -12.28 14.42
C ARG V 121 -19.44 -12.44 15.05
N LEU V 122 -18.52 -11.54 14.72
CA LEU V 122 -17.20 -11.55 15.35
C LEU V 122 -17.32 -11.52 16.86
N TYR V 123 -18.12 -10.58 17.36
CA TYR V 123 -18.30 -10.41 18.80
C TYR V 123 -18.86 -11.67 19.45
N THR V 124 -19.96 -12.19 18.89
CA THR V 124 -20.66 -13.30 19.52
C THR V 124 -19.84 -14.59 19.44
N ARG V 125 -19.07 -14.79 18.37
CA ARG V 125 -18.25 -15.99 18.31
C ARG V 125 -17.00 -15.86 19.17
N ALA V 126 -16.49 -14.64 19.37
CA ALA V 126 -15.42 -14.48 20.34
C ALA V 126 -15.90 -14.82 21.73
N LYS V 127 -17.09 -14.37 22.10
CA LYS V 127 -17.61 -14.72 23.41
C LYS V 127 -17.96 -16.19 23.49
N ALA V 128 -18.38 -16.80 22.38
CA ALA V 128 -18.84 -18.19 22.44
C ALA V 128 -17.69 -19.18 22.54
N THR V 129 -16.53 -18.85 21.98
CA THR V 129 -15.38 -19.73 22.01
C THR V 129 -14.39 -19.37 23.11
N GLY V 130 -14.70 -18.39 23.96
CA GLY V 130 -13.91 -18.12 25.14
C GLY V 130 -12.77 -17.14 24.96
N VAL V 131 -12.55 -16.62 23.76
CA VAL V 131 -11.48 -15.66 23.53
C VAL V 131 -12.00 -14.25 23.78
N GLY V 132 -11.09 -13.29 23.91
CA GLY V 132 -11.49 -11.90 24.03
C GLY V 132 -12.06 -11.35 22.74
N THR V 133 -12.68 -10.19 22.85
CA THR V 133 -13.38 -9.56 21.74
C THR V 133 -12.52 -8.53 21.02
N GLN V 134 -11.19 -8.67 21.06
CA GLN V 134 -10.32 -7.68 20.46
C GLN V 134 -10.55 -7.56 18.96
N LEU V 135 -10.89 -8.66 18.29
CA LEU V 135 -11.10 -8.61 16.85
C LEU V 135 -12.33 -7.81 16.50
N ALA V 136 -13.39 -7.93 17.30
CA ALA V 136 -14.60 -7.14 17.05
C ALA V 136 -14.31 -5.65 17.16
N TRP V 137 -13.48 -5.25 18.11
CA TRP V 137 -13.19 -3.83 18.26
C TRP V 137 -12.21 -3.33 17.19
N GLY V 138 -11.28 -4.19 16.77
CA GLY V 138 -10.47 -3.83 15.61
C GLY V 138 -11.31 -3.64 14.37
N PHE V 139 -12.28 -4.53 14.15
CA PHE V 139 -13.24 -4.34 13.07
C PHE V 139 -14.06 -3.08 13.27
N ALA V 140 -14.33 -2.71 14.53
CA ALA V 140 -15.08 -1.48 14.78
C ALA V 140 -14.28 -0.25 14.36
N SER V 141 -12.96 -0.29 14.53
CA SER V 141 -12.13 0.82 14.06
C SER V 141 -12.11 0.87 12.54
N ALA V 142 -11.91 -0.29 11.90
CA ALA V 142 -12.03 -0.35 10.44
C ALA V 142 -13.38 0.16 9.98
N LEU V 143 -14.44 -0.16 10.73
CA LEU V 143 -15.77 0.28 10.36
C LEU V 143 -15.98 1.76 10.62
N SER V 144 -15.25 2.33 11.57
CA SER V 144 -15.28 3.78 11.72
C SER V 144 -14.81 4.44 10.44
N LEU V 145 -13.68 3.98 9.92
CA LEU V 145 -13.24 4.52 8.63
C LEU V 145 -14.27 4.23 7.54
N TYR V 146 -14.80 3.02 7.50
CA TYR V 146 -15.74 2.62 6.45
C TYR V 146 -17.01 3.48 6.47
N PHE V 147 -17.55 3.74 7.65
CA PHE V 147 -18.79 4.48 7.77
C PHE V 147 -18.56 5.98 7.60
N VAL V 148 -17.34 6.46 7.84
CA VAL V 148 -17.04 7.80 7.40
C VAL V 148 -17.03 7.87 5.88
N ILE V 149 -16.44 6.89 5.22
CA ILE V 149 -16.35 6.92 3.76
C ILE V 149 -17.73 6.92 3.13
N TYR V 150 -18.63 6.05 3.62
CA TYR V 150 -19.88 5.78 2.92
C TYR V 150 -21.09 6.46 3.52
N LEU V 151 -21.08 6.79 4.80
CA LEU V 151 -22.26 7.34 5.44
C LEU V 151 -22.03 8.71 6.04
N PHE V 152 -20.96 8.90 6.81
CA PHE V 152 -20.81 10.09 7.62
C PHE V 152 -20.16 11.25 6.90
N HIS V 153 -19.27 10.99 5.94
CA HIS V 153 -18.70 12.06 5.14
C HIS V 153 -19.64 12.50 4.01
N PRO V 154 -20.37 11.61 3.34
CA PRO V 154 -21.40 12.09 2.41
C PRO V 154 -22.42 12.98 3.08
N LEU V 155 -23.05 12.51 4.15
CA LEU V 155 -23.70 13.40 5.08
C LEU V 155 -22.67 14.36 5.64
N ALA V 156 -23.13 15.54 6.08
CA ALA V 156 -22.25 16.61 6.56
C ALA V 156 -21.49 17.26 5.41
N LEU V 157 -21.56 16.66 4.23
CA LEU V 157 -21.20 17.35 3.01
C LEU V 157 -22.42 17.69 2.17
N GLY V 158 -23.53 17.00 2.38
CA GLY V 158 -24.78 17.32 1.73
C GLY V 158 -25.08 16.54 0.48
N ASN V 159 -24.23 15.59 0.10
CA ASN V 159 -24.45 14.86 -1.13
C ASN V 159 -23.94 13.44 -0.99
N TRP V 160 -24.66 12.49 -1.58
CA TRP V 160 -24.19 11.12 -1.65
C TRP V 160 -23.02 10.96 -2.60
N SER V 161 -22.87 11.88 -3.56
CA SER V 161 -21.79 11.78 -4.53
C SER V 161 -20.42 11.81 -3.88
N ALA V 162 -20.32 12.23 -2.62
CA ALA V 162 -19.06 12.23 -1.91
C ALA V 162 -18.57 10.81 -1.60
N ALA V 163 -19.41 9.81 -1.80
CA ALA V 163 -19.10 8.43 -1.48
C ALA V 163 -18.63 7.66 -2.72
N PRO V 164 -17.93 6.56 -2.53
CA PRO V 164 -17.42 5.79 -3.68
C PRO V 164 -18.53 5.13 -4.48
N GLY V 165 -18.17 4.68 -5.67
CA GLY V 165 -19.13 4.23 -6.64
C GLY V 165 -19.28 2.73 -6.86
N HIS V 166 -18.87 1.90 -5.90
CA HIS V 166 -19.14 0.46 -5.94
C HIS V 166 -18.60 -0.18 -7.22
N GLY V 167 -17.28 -0.17 -7.36
CA GLY V 167 -16.67 -0.79 -8.52
C GLY V 167 -15.19 -0.99 -8.30
N PHE V 168 -14.61 -1.86 -9.13
CA PHE V 168 -13.20 -2.15 -9.03
C PHE V 168 -12.36 -0.93 -9.34
N ARG V 169 -12.75 -0.16 -10.34
CA ARG V 169 -12.08 1.09 -10.69
C ARG V 169 -12.68 2.29 -9.98
N ALA V 170 -13.89 2.18 -9.46
CA ALA V 170 -14.56 3.34 -8.86
C ALA V 170 -13.93 3.73 -7.53
N ILE V 171 -13.40 2.78 -6.77
CA ILE V 171 -12.79 3.11 -5.48
C ILE V 171 -11.47 3.84 -5.71
N LEU V 172 -10.68 3.41 -6.70
CA LEU V 172 -9.49 4.16 -7.06
C LEU V 172 -9.85 5.56 -7.56
N ASP V 173 -10.86 5.64 -8.42
CA ASP V 173 -11.34 6.93 -8.87
C ASP V 173 -11.85 7.77 -7.71
N TRP V 174 -12.54 7.15 -6.75
CA TRP V 174 -13.03 7.90 -5.60
C TRP V 174 -11.88 8.49 -4.80
N THR V 175 -10.85 7.70 -4.55
CA THR V 175 -9.70 8.19 -3.79
C THR V 175 -9.03 9.34 -4.51
N ASN V 176 -8.84 9.21 -5.83
CA ASN V 176 -8.28 10.28 -6.62
C ASN V 176 -9.13 11.54 -6.54
N TYR V 177 -10.45 11.39 -6.73
CA TYR V 177 -11.34 12.55 -6.76
C TYR V 177 -11.40 13.24 -5.41
N VAL V 178 -11.36 12.48 -4.33
CA VAL V 178 -11.47 13.10 -3.01
C VAL V 178 -10.18 13.84 -2.66
N SER V 179 -9.03 13.28 -3.02
CA SER V 179 -7.81 14.04 -2.77
C SER V 179 -7.72 15.27 -3.67
N ILE V 180 -8.28 15.20 -4.88
CA ILE V 180 -8.22 16.32 -5.79
C ILE V 180 -9.20 17.41 -5.37
N HIS V 181 -10.37 17.02 -4.89
CA HIS V 181 -11.42 17.97 -4.54
C HIS V 181 -11.02 18.81 -3.33
N TRP V 182 -10.31 18.21 -2.39
CA TRP V 182 -9.96 18.88 -1.14
C TRP V 182 -8.50 19.31 -1.11
N GLY V 183 -7.98 19.76 -2.22
CA GLY V 183 -6.60 20.23 -2.28
C GLY V 183 -5.62 19.09 -2.59
N ASN V 184 -4.87 18.67 -1.58
CA ASN V 184 -3.90 17.60 -1.73
C ASN V 184 -3.90 16.82 -0.43
N PHE V 185 -4.34 15.57 -0.47
CA PHE V 185 -4.41 14.79 0.76
C PHE V 185 -3.03 14.52 1.35
N TYR V 186 -1.95 14.79 0.61
CA TYR V 186 -0.62 14.66 1.18
C TYR V 186 -0.40 15.66 2.29
N TYR V 187 -1.08 16.79 2.26
CA TYR V 187 -0.98 17.81 3.29
C TYR V 187 -2.12 17.73 4.28
N ASN V 188 -2.96 16.72 4.19
CA ASN V 188 -3.89 16.38 5.24
C ASN V 188 -3.09 15.76 6.37
N PRO V 189 -2.98 16.41 7.53
CA PRO V 189 -2.08 15.90 8.57
C PRO V 189 -2.55 14.60 9.19
N PHE V 190 -3.86 14.39 9.28
CA PHE V 190 -4.34 13.11 9.78
C PHE V 190 -4.21 12.02 8.72
N HIS V 191 -4.19 12.41 7.44
CA HIS V 191 -3.79 11.48 6.41
C HIS V 191 -2.34 11.08 6.57
N MET V 192 -1.48 12.02 6.94
CA MET V 192 -0.08 11.71 7.22
C MET V 192 0.06 10.81 8.43
N LEU V 193 -0.76 11.05 9.47
CA LEU V 193 -0.76 10.15 10.63
C LEU V 193 -1.21 8.76 10.25
N SER V 194 -2.26 8.66 9.43
CA SER V 194 -2.78 7.36 9.05
C SER V 194 -1.80 6.63 8.14
N ILE V 195 -1.01 7.36 7.34
CA ILE V 195 0.02 6.71 6.54
C ILE V 195 1.17 6.28 7.42
N PHE V 196 1.54 7.10 8.40
CA PHE V 196 2.50 6.67 9.41
C PHE V 196 2.10 5.34 10.01
N PHE V 197 0.83 5.23 10.40
CA PHE V 197 0.37 4.01 11.06
C PHE V 197 0.18 2.86 10.10
N LEU V 198 -0.13 3.11 8.83
CA LEU V 198 -0.25 2.03 7.85
C LEU V 198 1.11 1.48 7.46
N LEU V 199 2.08 2.35 7.21
CA LEU V 199 3.41 1.86 6.88
C LEU V 199 4.10 1.28 8.10
N GLY V 200 3.79 1.79 9.30
CA GLY V 200 4.25 1.12 10.51
C GLY V 200 3.51 -0.18 10.75
N SER V 201 2.29 -0.30 10.27
CA SER V 201 1.58 -1.58 10.33
C SER V 201 2.29 -2.62 9.49
N THR V 202 2.62 -2.26 8.26
CA THR V 202 3.33 -3.21 7.40
C THR V 202 4.73 -3.49 7.92
N LEU V 203 5.39 -2.47 8.47
CA LEU V 203 6.72 -2.67 9.05
C LEU V 203 6.67 -3.60 10.25
N LEU V 204 5.74 -3.49 11.13
CA LEU V 204 5.65 -4.37 12.26
C LEU V 204 5.18 -5.72 11.88
N LEU V 205 4.30 -5.81 10.89
CA LEU V 205 3.91 -7.15 10.43
C LEU V 205 5.09 -7.89 9.83
N ALA V 206 5.85 -7.22 8.97
CA ALA V 206 7.01 -7.86 8.36
C ALA V 206 8.04 -8.24 9.43
N MET V 207 8.32 -7.33 10.35
CA MET V 207 9.30 -7.62 11.40
C MET V 207 8.84 -8.77 12.27
N HIS V 208 7.58 -8.76 12.67
CA HIS V 208 7.06 -9.81 13.54
C HIS V 208 7.06 -11.17 12.85
N GLY V 209 6.51 -11.25 11.65
CA GLY V 209 6.53 -12.49 10.91
C GLY V 209 7.92 -13.00 10.67
N ALA V 210 8.83 -12.11 10.29
CA ALA V 210 10.20 -12.53 10.03
C ALA V 210 10.90 -13.01 11.29
N THR V 211 10.68 -12.32 12.41
CA THR V 211 11.31 -12.74 13.66
C THR V 211 10.81 -14.10 14.10
N ILE V 212 9.51 -14.35 13.95
CA ILE V 212 8.95 -15.61 14.43
C ILE V 212 9.32 -16.74 13.49
N VAL V 213 9.42 -16.47 12.19
CA VAL V 213 9.86 -17.51 11.28
C VAL V 213 11.36 -17.78 11.45
N ALA V 214 12.12 -16.77 11.87
CA ALA V 214 13.55 -16.98 12.10
C ALA V 214 13.79 -17.78 13.36
N THR V 215 13.05 -17.49 14.43
CA THR V 215 13.12 -18.27 15.65
C THR V 215 12.11 -19.41 15.66
N SER V 216 11.73 -19.89 14.48
CA SER V 216 10.69 -20.90 14.38
C SER V 216 11.19 -22.27 14.85
N LYS V 217 12.49 -22.53 14.75
CA LYS V 217 13.03 -23.82 15.15
C LYS V 217 12.77 -24.12 16.62
N TRP V 218 12.72 -23.09 17.45
CA TRP V 218 12.48 -23.24 18.87
C TRP V 218 11.04 -22.93 19.25
N LYS V 219 10.13 -23.05 18.29
CA LYS V 219 8.68 -22.95 18.54
C LYS V 219 8.30 -21.61 19.13
N SER V 220 8.83 -20.54 18.55
CA SER V 220 8.43 -19.20 18.96
C SER V 220 7.02 -18.86 18.51
N GLU V 221 6.49 -19.57 17.51
CA GLU V 221 5.20 -19.22 16.94
C GLU V 221 4.05 -19.56 17.88
N MET V 222 4.26 -20.49 18.80
CA MET V 222 3.22 -20.89 19.76
C MET V 222 3.12 -19.81 20.82
N GLU V 223 2.49 -18.69 20.44
CA GLU V 223 2.44 -17.53 21.32
C GLU V 223 1.68 -17.83 22.60
N PHE V 224 0.64 -18.66 22.51
CA PHE V 224 -0.14 -18.99 23.70
C PHE V 224 0.73 -19.64 24.76
N THR V 225 1.61 -20.55 24.35
CA THR V 225 2.54 -21.17 25.29
C THR V 225 3.63 -20.19 25.71
N GLU V 226 4.14 -19.42 24.75
CA GLU V 226 5.24 -18.50 25.05
C GLU V 226 4.82 -17.42 26.02
N MET V 227 3.52 -17.10 26.08
CA MET V 227 3.07 -16.09 27.02
C MET V 227 2.98 -16.62 28.43
N MET V 228 3.03 -17.94 28.59
CA MET V 228 3.07 -18.52 29.93
C MET V 228 4.50 -18.65 30.44
N ALA V 229 5.42 -19.07 29.57
CA ALA V 229 6.84 -19.11 29.90
C ALA V 229 7.61 -19.00 28.59
N GLU V 230 8.45 -18.01 28.49
CA GLU V 230 9.20 -17.78 27.28
C GLU V 230 10.30 -18.71 26.96
N GLY V 231 10.15 -19.40 25.85
CA GLY V 231 11.12 -20.40 25.49
C GLY V 231 12.33 -19.81 24.83
N PRO V 232 13.23 -20.68 24.35
CA PRO V 232 14.48 -20.20 23.76
C PRO V 232 14.30 -19.41 22.49
N GLY V 233 13.27 -19.72 21.68
CA GLY V 233 13.04 -18.94 20.47
C GLY V 233 12.63 -17.52 20.76
N THR V 234 11.70 -17.33 21.70
CA THR V 234 11.32 -15.98 22.08
C THR V 234 12.48 -15.24 22.73
N GLN V 235 13.31 -15.95 23.48
CA GLN V 235 14.51 -15.32 24.04
C GLN V 235 15.43 -14.83 22.95
N ARG V 236 15.65 -15.66 21.92
CA ARG V 236 16.49 -15.23 20.81
C ARG V 236 15.87 -14.06 20.06
N ALA V 237 14.55 -14.03 19.95
CA ALA V 237 13.89 -12.91 19.28
C ALA V 237 14.10 -11.61 20.06
N GLN V 238 13.85 -11.65 21.37
CA GLN V 238 14.10 -10.49 22.21
C GLN V 238 15.55 -10.03 22.10
N LEU V 239 16.49 -10.97 22.09
CA LEU V 239 17.89 -10.57 22.05
C LEU V 239 18.26 -10.01 20.68
N PHE V 240 17.71 -10.57 19.62
CA PHE V 240 17.92 -10.02 18.29
C PHE V 240 17.51 -8.57 18.25
N TRP V 241 16.30 -8.27 18.72
CA TRP V 241 15.83 -6.89 18.60
C TRP V 241 16.49 -5.97 19.62
N ARG V 242 16.94 -6.51 20.75
CA ARG V 242 17.71 -5.70 21.68
C ARG V 242 19.06 -5.31 21.09
N TRP V 243 19.74 -6.26 20.44
CA TRP V 243 21.04 -5.96 19.88
C TRP V 243 20.93 -5.11 18.62
N VAL V 244 19.84 -5.25 17.86
CA VAL V 244 19.69 -4.46 16.64
C VAL V 244 19.37 -3.02 16.99
N MET V 245 18.33 -2.78 17.80
CA MET V 245 17.82 -1.45 18.01
C MET V 245 17.74 -1.03 19.47
N GLY V 246 18.35 -1.78 20.38
CA GLY V 246 18.49 -1.33 21.74
C GLY V 246 17.27 -1.50 22.63
N TRP V 247 16.18 -2.04 22.12
CA TRP V 247 15.02 -2.33 22.95
C TRP V 247 14.23 -3.43 22.28
N ASN V 248 13.38 -4.10 23.06
CA ASN V 248 12.67 -5.26 22.58
C ASN V 248 11.32 -5.36 23.28
N ALA V 249 10.50 -6.26 22.77
CA ALA V 249 9.22 -6.63 23.34
C ALA V 249 9.25 -8.11 23.69
N ASN V 250 8.29 -8.55 24.49
CA ASN V 250 8.15 -9.96 24.77
C ASN V 250 7.06 -10.57 23.90
N SER V 251 6.65 -11.80 24.23
CA SER V 251 5.62 -12.50 23.47
C SER V 251 4.28 -11.78 23.53
N TYR V 252 4.08 -10.92 24.52
CA TYR V 252 2.76 -10.31 24.73
C TYR V 252 2.70 -8.87 24.23
N ASN V 253 3.74 -8.08 24.46
CA ASN V 253 3.72 -6.66 24.10
C ASN V 253 3.58 -6.46 22.60
N ILE V 254 4.25 -7.31 21.82
CA ILE V 254 4.35 -7.07 20.38
C ILE V 254 2.98 -7.10 19.74
N HIS V 255 2.06 -7.89 20.30
CA HIS V 255 0.73 -7.95 19.74
C HIS V 255 -0.13 -6.76 20.16
N ILE V 256 0.15 -6.18 21.33
CA ILE V 256 -0.43 -4.88 21.66
C ILE V 256 0.00 -3.85 20.63
N TRP V 257 1.29 -3.83 20.31
CA TRP V 257 1.79 -2.90 19.29
C TRP V 257 1.08 -3.12 17.97
N ALA V 258 0.93 -4.37 17.55
CA ALA V 258 0.27 -4.70 16.30
C ALA V 258 -1.16 -4.18 16.27
N TRP V 259 -1.96 -4.59 17.25
CA TRP V 259 -3.35 -4.17 17.33
C TRP V 259 -3.47 -2.67 17.29
N TRP V 260 -2.66 -1.96 18.08
CA TRP V 260 -2.87 -0.53 18.19
C TRP V 260 -2.38 0.21 16.96
N PHE V 261 -1.33 -0.27 16.30
CA PHE V 261 -0.90 0.39 15.07
C PHE V 261 -1.97 0.28 13.99
N ALA V 262 -2.57 -0.91 13.85
CA ALA V 262 -3.63 -1.05 12.86
C ALA V 262 -4.87 -0.22 13.23
N ALA V 263 -5.27 -0.26 14.50
CA ALA V 263 -6.43 0.53 14.91
C ALA V 263 -6.19 2.01 14.69
N PHE V 264 -4.98 2.49 14.94
CA PHE V 264 -4.68 3.90 14.73
C PHE V 264 -4.69 4.24 13.25
N THR V 265 -4.22 3.33 12.39
CA THR V 265 -4.40 3.51 10.96
C THR V 265 -5.85 3.86 10.65
N ALA V 266 -6.77 2.98 11.07
CA ALA V 266 -8.17 3.17 10.72
C ALA V 266 -8.75 4.44 11.35
N ILE V 267 -8.40 4.72 12.61
CA ILE V 267 -9.03 5.83 13.32
C ILE V 267 -8.53 7.17 12.79
N THR V 268 -7.21 7.32 12.66
CA THR V 268 -6.68 8.56 12.10
C THR V 268 -7.14 8.77 10.67
N GLY V 269 -7.28 7.69 9.90
CA GLY V 269 -7.83 7.83 8.56
C GLY V 269 -9.25 8.34 8.56
N ALA V 270 -10.10 7.78 9.43
CA ALA V 270 -11.47 8.27 9.53
C ALA V 270 -11.50 9.75 9.90
N ILE V 271 -10.68 10.15 10.87
CA ILE V 271 -10.68 11.55 11.31
C ILE V 271 -10.25 12.46 10.17
N GLY V 272 -9.18 12.10 9.46
CA GLY V 272 -8.69 12.95 8.38
C GLY V 272 -9.68 13.06 7.24
N LEU V 273 -10.29 11.95 6.86
CA LEU V 273 -11.27 12.00 5.79
C LEU V 273 -12.48 12.84 6.19
N PHE V 274 -12.94 12.72 7.44
CA PHE V 274 -14.07 13.53 7.85
C PHE V 274 -13.71 15.00 7.95
N LEU V 275 -12.45 15.31 8.26
CA LEU V 275 -12.04 16.71 8.35
C LEU V 275 -11.90 17.35 6.98
N SER V 276 -11.53 16.57 5.96
CA SER V 276 -11.19 17.16 4.67
C SER V 276 -12.37 17.90 4.05
N GLY V 277 -13.56 17.37 4.15
CA GLY V 277 -14.65 18.07 3.51
C GLY V 277 -15.26 19.17 4.34
N THR V 278 -15.41 18.91 5.64
CA THR V 278 -16.28 19.71 6.47
C THR V 278 -15.59 20.93 7.07
N LEU V 279 -14.36 20.77 7.54
CA LEU V 279 -13.66 21.83 8.25
C LEU V 279 -12.56 22.50 7.43
N VAL V 280 -11.79 21.73 6.68
CA VAL V 280 -10.65 22.24 5.93
C VAL V 280 -10.88 21.93 4.45
N PRO V 281 -11.43 22.87 3.68
CA PRO V 281 -11.78 22.57 2.29
C PRO V 281 -10.57 22.33 1.41
N ASP V 282 -9.40 22.84 1.81
CA ASP V 282 -8.20 22.78 1.00
C ASP V 282 -7.04 22.43 1.92
N TRP V 283 -6.34 21.35 1.62
CA TRP V 283 -5.27 20.93 2.51
C TRP V 283 -3.95 21.59 2.18
N TYR V 284 -3.66 21.79 0.89
CA TYR V 284 -2.44 22.50 0.54
C TYR V 284 -2.50 23.96 0.97
N ALA V 285 -3.64 24.61 0.75
CA ALA V 285 -3.79 25.98 1.22
C ALA V 285 -3.69 26.06 2.74
N TRP V 286 -4.26 25.08 3.44
CA TRP V 286 -4.09 25.02 4.88
C TRP V 286 -2.64 24.76 5.25
N GLY V 287 -1.95 23.93 4.46
CA GLY V 287 -0.56 23.63 4.75
C GLY V 287 0.35 24.84 4.62
N GLU V 288 -0.01 25.78 3.74
CA GLU V 288 0.78 27.01 3.64
C GLU V 288 0.58 27.90 4.84
N THR V 289 -0.64 27.99 5.35
CA THR V 289 -0.89 28.72 6.58
C THR V 289 -0.35 27.98 7.79
N ALA V 290 -0.14 26.68 7.68
CA ALA V 290 0.43 25.88 8.75
C ALA V 290 1.95 25.82 8.70
N LYS V 291 2.56 26.40 7.68
CA LYS V 291 4.01 26.42 7.49
C LYS V 291 4.60 25.03 7.35
N ILE V 292 3.82 24.06 6.90
CA ILE V 292 4.33 22.71 6.65
C ILE V 292 4.58 22.45 5.18
N VAL V 293 4.37 23.43 4.32
CA VAL V 293 4.61 23.30 2.89
C VAL V 293 5.96 23.90 2.56
N ALA V 294 6.80 23.13 1.89
CA ALA V 294 8.12 23.63 1.53
C ALA V 294 8.00 24.64 0.39
N PRO V 295 8.68 25.79 0.48
CA PRO V 295 8.70 26.71 -0.65
C PRO V 295 9.40 26.09 -1.84
N TRP V 296 8.84 26.31 -3.02
CA TRP V 296 9.35 25.73 -4.26
C TRP V 296 9.39 26.83 -5.31
N PRO V 297 10.28 27.81 -5.16
CA PRO V 297 10.27 28.97 -6.05
C PRO V 297 10.60 28.62 -7.49
N ASN V 298 11.69 27.91 -7.71
CA ASN V 298 12.17 27.57 -9.05
C ASN V 298 12.34 26.06 -9.15
N PRO V 299 11.25 25.33 -9.33
CA PRO V 299 11.37 23.88 -9.50
C PRO V 299 11.99 23.51 -10.83
N ASP V 300 12.71 22.40 -10.84
CA ASP V 300 13.26 21.84 -12.07
C ASP V 300 12.19 20.96 -12.69
N TRP V 301 11.54 21.50 -13.70
CA TRP V 301 10.43 20.78 -14.25
C TRP V 301 10.75 19.92 -15.39
N ALA V 302 12.00 19.83 -15.74
CA ALA V 302 12.42 18.93 -16.82
C ALA V 302 12.20 17.48 -16.42
N GLN V 303 12.19 17.19 -15.11
CA GLN V 303 11.97 15.83 -14.66
C GLN V 303 10.56 15.36 -14.96
N TYR V 304 9.59 16.26 -14.88
CA TYR V 304 8.18 15.91 -14.93
C TYR V 304 7.57 16.07 -16.30
N VAL V 305 8.37 16.41 -17.30
CA VAL V 305 7.89 16.57 -18.67
C VAL V 305 8.62 15.57 -19.54
N PHE V 306 7.89 14.93 -20.45
CA PHE V 306 8.48 14.02 -21.40
C PHE V 306 9.08 14.79 -22.57
N ARG W 4 7.24 5.26 47.26
CA ARG W 4 7.11 6.63 46.80
C ARG W 4 6.52 6.67 45.39
N PRO W 5 5.84 7.77 45.07
CA PRO W 5 5.23 7.86 43.73
C PRO W 5 6.25 7.84 42.62
N PHE W 6 7.34 8.60 42.74
CA PHE W 6 8.27 8.78 41.64
C PHE W 6 9.69 8.51 42.09
N GLU W 7 10.34 7.57 41.41
CA GLU W 7 11.78 7.48 41.41
C GLU W 7 12.39 8.85 41.13
N PHE W 8 13.43 9.19 41.89
CA PHE W 8 14.07 10.48 41.69
C PHE W 8 14.74 10.56 40.33
N ARG W 9 15.29 9.44 39.85
CA ARG W 9 15.91 9.43 38.53
C ARG W 9 14.90 9.73 37.44
N THR W 10 13.68 9.21 37.57
CA THR W 10 12.65 9.47 36.58
C THR W 10 12.28 10.94 36.54
N SER W 11 12.06 11.54 37.71
CA SER W 11 11.74 12.97 37.75
C SER W 11 12.89 13.80 37.19
N VAL W 12 14.12 13.40 37.47
CA VAL W 12 15.26 14.16 36.93
C VAL W 12 15.29 14.08 35.41
N VAL W 13 15.14 12.87 34.86
CA VAL W 13 15.15 12.71 33.41
C VAL W 13 14.05 13.54 32.77
N VAL W 14 12.83 13.42 33.32
CA VAL W 14 11.69 14.11 32.72
C VAL W 14 11.87 15.61 32.80
N SER W 15 12.26 16.14 33.96
CA SER W 15 12.43 17.57 34.12
C SER W 15 13.54 18.10 33.23
N THR W 16 14.66 17.39 33.16
CA THR W 16 15.78 17.87 32.35
C THR W 16 15.41 17.86 30.88
N LEU W 17 14.74 16.80 30.42
CA LEU W 17 14.37 16.74 29.02
C LEU W 17 13.32 17.79 28.69
N LEU W 18 12.36 18.01 29.59
CA LEU W 18 11.36 19.05 29.37
C LEU W 18 12.02 20.42 29.31
N GLY W 19 12.97 20.68 30.20
CA GLY W 19 13.64 21.97 30.18
C GLY W 19 14.46 22.19 28.93
N LEU W 20 15.16 21.15 28.47
CA LEU W 20 15.94 21.28 27.25
C LEU W 20 15.04 21.50 26.04
N VAL W 21 13.96 20.71 25.94
CA VAL W 21 13.03 20.86 24.83
C VAL W 21 12.39 22.24 24.85
N MET W 22 12.05 22.74 26.04
CA MET W 22 11.41 24.05 26.11
C MET W 22 12.39 25.16 25.79
N ALA W 23 13.63 25.03 26.24
CA ALA W 23 14.64 26.03 25.88
C ALA W 23 14.85 26.07 24.38
N LEU W 24 14.97 24.91 23.75
CA LEU W 24 15.12 24.88 22.29
C LEU W 24 13.91 25.46 21.59
N LEU W 25 12.72 25.08 22.03
CA LEU W 25 11.50 25.59 21.41
C LEU W 25 11.39 27.09 21.54
N ILE W 26 11.68 27.63 22.73
CA ILE W 26 11.53 29.06 22.94
C ILE W 26 12.60 29.82 22.16
N HIS W 27 13.83 29.30 22.14
CA HIS W 27 14.86 29.93 21.32
C HIS W 27 14.47 29.96 19.86
N PHE W 28 13.94 28.84 19.36
CA PHE W 28 13.53 28.73 17.94
C PHE W 28 12.40 29.70 17.62
N VAL W 29 11.40 29.80 18.50
CA VAL W 29 10.28 30.69 18.32
C VAL W 29 10.73 32.13 18.35
N VAL W 30 11.63 32.48 19.28
CA VAL W 30 12.08 33.86 19.39
C VAL W 30 12.97 34.24 18.21
N LEU W 31 13.78 33.30 17.73
CA LEU W 31 14.67 33.61 16.61
C LEU W 31 13.88 33.73 15.31
N SER W 32 12.88 32.88 15.12
CA SER W 32 12.08 32.94 13.91
C SER W 32 11.12 34.12 13.90
N SER W 33 10.81 34.69 15.07
CA SER W 33 9.86 35.79 15.12
C SER W 33 10.41 37.04 14.45
N GLY W 34 11.73 37.15 14.36
CA GLY W 34 12.33 38.35 13.82
C GLY W 34 12.05 39.59 14.62
N ALA W 35 11.71 39.43 15.90
CA ALA W 35 11.31 40.54 16.74
C ALA W 35 12.48 41.17 17.49
N PHE W 36 13.70 40.65 17.34
CA PHE W 36 14.77 41.06 18.22
C PHE W 36 15.98 41.66 17.51
N ASN W 37 16.23 41.31 16.25
CA ASN W 37 17.49 41.66 15.58
C ASN W 37 18.66 40.94 16.23
N TRP W 38 18.55 39.62 16.27
CA TRP W 38 19.60 38.74 16.76
C TRP W 38 19.95 37.77 15.65
N LEU W 39 21.24 37.69 15.29
CA LEU W 39 21.69 36.88 14.16
C LEU W 39 21.04 37.36 12.85
N ARG W 40 21.43 38.58 12.45
CA ARG W 40 20.97 39.20 11.21
C ARG W 40 19.47 39.46 11.23
N ALA W 41 19.02 40.31 12.14
CA ALA W 41 17.66 40.82 12.15
C ALA W 41 16.60 39.72 12.19
N ASN X 7 20.16 6.48 54.03
CA ASN X 7 19.50 7.78 54.01
C ASN X 7 19.84 8.64 55.22
N ASP X 8 21.00 8.44 55.80
CA ASP X 8 21.39 9.18 57.00
C ASP X 8 21.51 10.68 56.74
N LEU X 9 22.19 11.04 55.65
CA LEU X 9 22.37 12.44 55.32
C LEU X 9 21.06 13.14 55.00
N VAL X 10 20.01 12.39 54.69
CA VAL X 10 18.73 13.01 54.32
C VAL X 10 18.01 13.46 55.59
N PRO X 11 17.38 14.64 55.59
CA PRO X 11 16.51 14.99 56.72
C PRO X 11 15.37 13.99 56.84
N ASP X 12 14.97 13.73 58.08
CA ASP X 12 13.97 12.69 58.32
C ASP X 12 12.61 13.03 57.69
N GLN X 13 12.36 14.30 57.39
CA GLN X 13 11.16 14.66 56.65
C GLN X 13 11.15 14.01 55.28
N TRP X 14 12.30 14.00 54.60
CA TRP X 14 12.41 13.51 53.23
C TRP X 14 13.04 12.14 53.16
N LYS X 15 13.25 11.48 54.29
CA LYS X 15 13.78 10.12 54.27
C LYS X 15 12.89 9.13 53.52
N PRO X 16 11.55 9.19 53.56
CA PRO X 16 10.76 8.25 52.76
C PRO X 16 10.96 8.40 51.27
N LEU X 17 11.51 9.52 50.81
CA LEU X 17 11.59 9.83 49.39
C LEU X 17 13.00 9.76 48.83
N PHE X 18 14.00 10.17 49.59
CA PHE X 18 15.33 10.38 49.08
C PHE X 18 16.31 9.37 49.66
N ASN X 19 17.06 8.72 48.78
CA ASN X 19 18.18 7.89 49.18
C ASN X 19 19.32 8.78 49.68
N ASN X 20 20.39 8.14 50.15
CA ASN X 20 21.56 8.90 50.57
C ASN X 20 22.25 9.55 49.38
N ALA X 21 22.40 8.79 48.28
CA ALA X 21 23.01 9.34 47.08
C ALA X 21 22.07 10.25 46.31
N GLN X 22 20.78 9.94 46.32
CA GLN X 22 19.82 10.79 45.61
C GLN X 22 19.72 12.17 46.23
N TRP X 23 20.02 12.29 47.53
CA TRP X 23 19.94 13.59 48.17
C TRP X 23 21.04 14.52 47.69
N LEU X 24 22.25 13.99 47.49
CA LEU X 24 23.35 14.83 47.01
C LEU X 24 23.13 15.26 45.57
N VAL X 25 22.71 14.33 44.72
CA VAL X 25 22.37 14.68 43.34
C VAL X 25 21.23 15.67 43.31
N HIS X 26 20.23 15.58 44.29
CA HIS X 26 19.15 16.55 44.34
C HIS X 26 19.65 17.92 44.74
N ASP X 27 20.62 17.91 45.63
CA ASP X 27 21.19 19.19 46.01
C ASP X 27 21.89 19.85 44.83
N ILE X 28 22.63 19.06 44.05
CA ILE X 28 23.27 19.60 42.85
C ILE X 28 22.22 20.12 41.88
N VAL X 29 21.15 19.37 41.68
CA VAL X 29 20.10 19.79 40.75
C VAL X 29 19.45 21.07 41.21
N VAL X 30 19.19 21.19 42.52
CA VAL X 30 18.55 22.39 43.05
C VAL X 30 19.46 23.59 42.87
N LYS X 31 20.74 23.44 43.19
CA LYS X 31 21.65 24.58 43.04
C LYS X 31 21.84 24.96 41.58
N THR X 32 21.85 23.97 40.68
CA THR X 32 21.94 24.25 39.26
C THR X 32 20.70 24.98 38.78
N ILE X 33 19.52 24.56 39.24
CA ILE X 33 18.28 25.23 38.84
C ILE X 33 18.27 26.66 39.36
N TYR X 34 18.79 26.89 40.57
CA TYR X 34 18.81 28.24 41.11
C TYR X 34 19.79 29.13 40.33
N GLY X 35 20.98 28.61 40.04
CA GLY X 35 21.91 29.38 39.23
C GLY X 35 21.36 29.68 37.85
N GLY X 36 20.75 28.69 37.22
CA GLY X 36 20.12 28.92 35.93
C GLY X 36 18.99 29.91 35.99
N LEU X 37 18.26 29.93 37.10
CA LEU X 37 17.19 30.90 37.26
C LEU X 37 17.74 32.31 37.39
N ILE X 38 18.80 32.49 38.16
CA ILE X 38 19.42 33.80 38.26
C ILE X 38 19.92 34.26 36.91
N ILE X 39 20.57 33.36 36.17
CA ILE X 39 21.08 33.70 34.86
C ILE X 39 19.93 34.02 33.91
N ALA X 40 18.81 33.29 34.03
CA ALA X 40 17.67 33.54 33.17
C ALA X 40 17.02 34.87 33.47
N VAL X 41 16.93 35.24 34.75
CA VAL X 41 16.40 36.55 35.11
C VAL X 41 17.30 37.65 34.56
N ILE X 42 18.62 37.49 34.69
CA ILE X 42 19.54 38.49 34.16
C ILE X 42 19.38 38.60 32.64
N ALA X 43 19.26 37.45 31.97
CA ALA X 43 19.12 37.45 30.52
C ALA X 43 17.82 38.12 30.09
N HIS X 44 16.75 37.89 30.85
CA HIS X 44 15.48 38.52 30.51
C HIS X 44 15.51 40.02 30.73
N VAL X 45 16.13 40.46 31.82
CA VAL X 45 16.25 41.90 32.04
C VAL X 45 17.09 42.55 30.95
N LEU X 46 18.17 41.89 30.54
CA LEU X 46 19.00 42.44 29.47
C LEU X 46 18.26 42.49 28.16
N CYS X 47 17.56 41.42 27.80
CA CYS X 47 16.80 41.41 26.55
C CYS X 47 15.65 42.40 26.59
N TRP X 48 15.10 42.69 27.77
CA TRP X 48 14.05 43.70 27.84
C TRP X 48 14.63 45.10 27.68
N ALA X 49 15.74 45.38 28.36
CA ALA X 49 16.40 46.67 28.17
C ALA X 49 16.83 46.87 26.74
N TRP X 50 17.12 45.78 26.03
CA TRP X 50 17.53 45.86 24.64
C TRP X 50 16.34 46.05 23.70
N THR X 51 15.41 45.11 23.71
CA THR X 51 14.21 45.19 22.88
C THR X 51 13.01 44.62 23.63
N PRO X 52 12.12 45.48 24.14
CA PRO X 52 10.94 44.98 24.84
C PRO X 52 10.04 44.19 23.90
N TRP X 53 9.68 42.98 24.32
CA TRP X 53 8.86 42.11 23.49
C TRP X 53 7.37 42.29 23.72
N ILE X 54 6.98 42.90 24.84
CA ILE X 54 5.56 43.03 25.14
C ILE X 54 4.99 44.22 24.40
N ARG X 55 5.80 45.26 24.19
CA ARG X 55 5.36 46.42 23.43
C ARG X 55 3.96 46.87 23.81
N ARG Y 4 22.48 4.82 44.01
CA ARG Y 4 22.97 5.78 43.03
C ARG Y 4 21.94 5.96 41.92
N PRO Y 5 21.40 7.17 41.80
CA PRO Y 5 20.34 7.37 40.79
C PRO Y 5 20.84 7.21 39.37
N PHE Y 6 22.05 7.68 39.07
CA PHE Y 6 22.56 7.69 37.71
C PHE Y 6 23.94 7.09 37.67
N GLU Y 7 24.10 6.08 36.83
CA GLU Y 7 25.43 5.63 36.44
C GLU Y 7 26.21 6.80 35.85
N PHE Y 8 27.48 6.91 36.26
CA PHE Y 8 28.31 7.99 35.75
C PHE Y 8 28.53 7.86 34.25
N ARG Y 9 28.65 6.63 33.75
CA ARG Y 9 28.82 6.43 32.31
C ARG Y 9 27.62 6.94 31.53
N THR Y 10 26.42 6.73 32.06
CA THR Y 10 25.22 7.21 31.38
C THR Y 10 25.20 8.73 31.30
N SER Y 11 25.48 9.40 32.42
CA SER Y 11 25.52 10.85 32.40
C SER Y 11 26.59 11.37 31.46
N VAL Y 12 27.74 10.69 31.42
CA VAL Y 12 28.79 11.13 30.51
C VAL Y 12 28.35 11.00 29.06
N VAL Y 13 27.77 9.86 28.69
CA VAL Y 13 27.31 9.66 27.32
C VAL Y 13 26.28 10.70 26.95
N VAL Y 14 25.29 10.90 27.83
CA VAL Y 14 24.20 11.83 27.52
C VAL Y 14 24.74 13.25 27.39
N SER Y 15 25.58 13.69 28.34
CA SER Y 15 26.09 15.05 28.29
C SER Y 15 26.98 15.27 27.08
N THR Y 16 27.83 14.31 26.76
CA THR Y 16 28.73 14.47 25.62
C THR Y 16 27.95 14.51 24.32
N LEU Y 17 26.95 13.64 24.18
CA LEU Y 17 26.16 13.63 22.96
C LEU Y 17 25.33 14.89 22.84
N LEU Y 18 24.76 15.36 23.95
CA LEU Y 18 24.01 16.60 23.93
C LEU Y 18 24.90 17.77 23.55
N GLY Y 19 26.10 17.82 24.10
CA GLY Y 19 27.02 18.90 23.76
C GLY Y 19 27.44 18.88 22.30
N LEU Y 20 27.72 17.69 21.77
CA LEU Y 20 28.10 17.60 20.37
C LEU Y 20 26.95 17.99 19.45
N VAL Y 21 25.75 17.49 19.75
CA VAL Y 21 24.58 17.83 18.94
C VAL Y 21 24.31 19.33 19.01
N MET Y 22 24.47 19.92 20.18
CA MET Y 22 24.19 21.34 20.31
C MET Y 22 25.25 22.18 19.61
N ALA Y 23 26.51 21.77 19.69
CA ALA Y 23 27.56 22.48 18.97
C ALA Y 23 27.32 22.43 17.47
N LEU Y 24 26.97 21.25 16.94
CA LEU Y 24 26.67 21.13 15.52
C LEU Y 24 25.46 21.98 15.14
N LEU Y 25 24.40 21.92 15.94
CA LEU Y 25 23.19 22.69 15.64
C LEU Y 25 23.47 24.18 15.65
N ILE Y 26 24.22 24.66 16.65
CA ILE Y 26 24.47 26.10 16.74
C ILE Y 26 25.40 26.54 15.62
N HIS Y 27 26.42 25.74 15.30
CA HIS Y 27 27.27 26.07 14.17
C HIS Y 27 26.47 26.16 12.89
N PHE Y 28 25.57 25.20 12.67
CA PHE Y 28 24.77 25.17 11.42
C PHE Y 28 23.82 26.37 11.36
N VAL Y 29 23.18 26.71 12.49
CA VAL Y 29 22.27 27.84 12.54
C VAL Y 29 23.04 29.14 12.30
N VAL Y 30 24.22 29.28 12.89
CA VAL Y 30 24.99 30.50 12.72
C VAL Y 30 25.53 30.63 11.31
N LEU Y 31 25.94 29.50 10.72
CA LEU Y 31 26.50 29.56 9.37
C LEU Y 31 25.40 29.83 8.34
N SER Y 32 24.23 29.24 8.53
CA SER Y 32 23.12 29.46 7.60
C SER Y 32 22.51 30.84 7.75
N SER Y 33 22.70 31.50 8.89
CA SER Y 33 22.08 32.80 9.10
C SER Y 33 22.67 33.85 8.19
N GLY Y 34 23.89 33.64 7.70
CA GLY Y 34 24.55 34.64 6.90
C GLY Y 34 24.81 35.93 7.63
N ALA Y 35 24.84 35.90 8.95
CA ALA Y 35 24.98 37.10 9.76
C ALA Y 35 26.42 37.45 10.07
N PHE Y 36 27.39 36.64 9.64
CA PHE Y 36 28.74 36.80 10.13
C PHE Y 36 29.79 37.06 9.05
N ASN Y 37 29.56 36.63 7.81
CA ASN Y 37 30.60 36.64 6.78
C ASN Y 37 31.73 35.68 7.14
N TRP Y 38 31.34 34.43 7.34
CA TRP Y 38 32.26 33.34 7.58
C TRP Y 38 32.04 32.28 6.52
N LEU Y 39 33.12 31.81 5.91
CA LEU Y 39 33.07 30.87 4.79
C LEU Y 39 32.33 31.50 3.60
N ARG Y 40 32.79 32.68 3.19
CA ARG Y 40 32.18 33.44 2.11
C ARG Y 40 30.73 33.79 2.42
N ALA Y 41 30.49 34.26 3.64
CA ALA Y 41 29.17 34.68 4.10
C ALA Y 41 28.07 33.67 3.80
N ASN Z 7 36.97 2.57 46.22
CA ASN Z 7 36.54 3.96 46.21
C ASN Z 7 37.28 4.82 47.24
N ASP Z 8 38.52 4.48 47.53
CA ASP Z 8 39.28 5.21 48.55
C ASP Z 8 39.68 6.62 48.10
N LEU Z 9 40.11 6.76 46.85
CA LEU Z 9 40.51 8.06 46.33
C LEU Z 9 39.36 9.07 46.34
N VAL Z 10 38.13 8.59 46.41
CA VAL Z 10 36.97 9.50 46.37
C VAL Z 10 36.79 10.15 47.73
N PRO Z 11 36.47 11.45 47.80
CA PRO Z 11 36.09 12.04 49.08
C PRO Z 11 34.84 11.36 49.62
N ASP Z 12 34.76 11.24 50.95
CA ASP Z 12 33.67 10.50 51.55
C ASP Z 12 32.31 11.14 51.30
N GLN Z 13 32.29 12.43 50.96
CA GLN Z 13 31.04 13.06 50.56
C GLN Z 13 30.47 12.39 49.31
N TRP Z 14 31.32 12.09 48.34
CA TRP Z 14 30.91 11.55 47.05
C TRP Z 14 31.15 10.05 46.94
N LYS Z 15 31.53 9.39 48.03
CA LYS Z 15 31.69 7.95 48.00
C LYS Z 15 30.42 7.18 47.63
N PRO Z 16 29.22 7.59 48.04
CA PRO Z 16 28.03 6.85 47.59
C PRO Z 16 27.79 6.91 46.10
N LEU Z 17 28.43 7.85 45.40
CA LEU Z 17 28.14 8.08 43.98
C LEU Z 17 29.27 7.65 43.05
N PHE Z 18 30.52 7.82 43.47
CA PHE Z 18 31.66 7.67 42.57
C PHE Z 18 32.49 6.46 42.95
N ASN Z 19 32.78 5.62 41.97
CA ASN Z 19 33.74 4.55 42.12
C ASN Z 19 35.15 5.14 42.18
N ASN Z 20 36.13 4.26 42.39
CA ASN Z 20 37.51 4.71 42.39
C ASN Z 20 37.95 5.12 40.99
N ALA Z 21 37.59 4.34 39.99
CA ALA Z 21 37.92 4.67 38.60
C ALA Z 21 37.03 5.77 38.05
N GLN Z 22 35.77 5.80 38.45
CA GLN Z 22 34.86 6.84 37.96
C GLN Z 22 35.27 8.22 38.45
N TRP Z 23 35.97 8.29 39.59
CA TRP Z 23 36.39 9.59 40.10
C TRP Z 23 37.49 10.20 39.23
N LEU Z 24 38.42 9.39 38.75
CA LEU Z 24 39.49 9.91 37.90
C LEU Z 24 38.95 10.33 36.54
N VAL Z 25 38.09 9.52 35.94
CA VAL Z 25 37.46 9.91 34.68
C VAL Z 25 36.62 11.15 34.89
N HIS Z 26 35.97 11.32 36.07
CA HIS Z 26 35.21 12.53 36.34
C HIS Z 26 36.12 13.73 36.44
N ASP Z 27 37.26 13.54 37.04
CA ASP Z 27 38.20 14.64 37.12
C ASP Z 27 38.65 15.07 35.73
N ILE Z 28 38.92 14.10 34.86
CA ILE Z 28 39.28 14.43 33.48
C ILE Z 28 38.14 15.17 32.80
N VAL Z 29 36.91 14.71 32.98
CA VAL Z 29 35.76 15.35 32.35
C VAL Z 29 35.60 16.77 32.85
N VAL Z 30 35.78 16.98 34.15
CA VAL Z 30 35.62 18.31 34.72
C VAL Z 30 36.69 19.25 34.18
N LYS Z 31 37.94 18.80 34.13
CA LYS Z 31 39.00 19.66 33.63
C LYS Z 31 38.82 19.93 32.14
N THR Z 32 38.34 18.95 31.38
CA THR Z 32 38.06 19.17 29.97
C THR Z 32 36.94 20.17 29.78
N ILE Z 33 35.89 20.08 30.60
CA ILE Z 33 34.78 21.02 30.50
C ILE Z 33 35.26 22.43 30.86
N TYR Z 34 36.14 22.55 31.84
CA TYR Z 34 36.65 23.86 32.21
C TYR Z 34 37.52 24.45 31.11
N GLY Z 35 38.42 23.66 30.54
CA GLY Z 35 39.22 24.13 29.43
C GLY Z 35 38.37 24.54 28.25
N GLY Z 36 37.37 23.70 27.91
CA GLY Z 36 36.47 24.05 26.84
C GLY Z 36 35.66 25.30 27.11
N LEU Z 37 35.32 25.53 28.37
CA LEU Z 37 34.61 26.75 28.72
C LEU Z 37 35.49 27.97 28.53
N ILE Z 38 36.74 27.90 28.99
CA ILE Z 38 37.66 29.02 28.78
C ILE Z 38 37.82 29.29 27.29
N ILE Z 39 37.99 28.24 26.51
CA ILE Z 39 38.15 28.41 25.07
C ILE Z 39 36.88 28.98 24.45
N ALA Z 40 35.71 28.56 24.96
CA ALA Z 40 34.44 29.06 24.44
C ALA Z 40 34.24 30.53 24.78
N VAL Z 41 34.63 30.94 25.99
CA VAL Z 41 34.56 32.35 26.34
C VAL Z 41 35.48 33.17 25.46
N ILE Z 42 36.70 32.69 25.23
CA ILE Z 42 37.61 33.42 24.36
C ILE Z 42 37.05 33.51 22.95
N ALA Z 43 36.47 32.42 22.45
CA ALA Z 43 35.91 32.42 21.10
C ALA Z 43 34.73 33.38 21.00
N HIS Z 44 33.91 33.45 22.05
CA HIS Z 44 32.78 34.36 22.02
C HIS Z 44 33.22 35.81 22.08
N VAL Z 45 34.23 36.12 22.89
CA VAL Z 45 34.75 37.48 22.93
C VAL Z 45 35.34 37.87 21.59
N LEU Z 46 36.07 36.95 20.96
CA LEU Z 46 36.65 37.25 19.65
C LEU Z 46 35.58 37.45 18.59
N CYS Z 47 34.58 36.57 18.56
CA CYS Z 47 33.50 36.72 17.59
C CYS Z 47 32.67 37.97 17.85
N TRP Z 48 32.58 38.42 19.09
CA TRP Z 48 31.87 39.66 19.36
C TRP Z 48 32.68 40.86 18.90
N ALA Z 49 33.97 40.88 19.21
CA ALA Z 49 34.83 41.96 18.72
C ALA Z 49 34.84 42.00 17.21
N TRP Z 50 34.65 40.86 16.56
CA TRP Z 50 34.64 40.80 15.11
C TRP Z 50 33.30 41.26 14.53
N THR Z 51 32.22 40.58 14.89
CA THR Z 51 30.88 40.93 14.43
C THR Z 51 29.87 40.71 15.55
N PRO Z 52 29.39 41.77 16.20
CA PRO Z 52 28.38 41.60 17.25
C PRO Z 52 27.09 41.05 16.69
N TRP Z 53 26.61 39.97 17.30
CA TRP Z 53 25.40 39.31 16.83
C TRP Z 53 24.13 39.87 17.45
N ILE Z 54 24.26 40.64 18.52
CA ILE Z 54 23.09 41.18 19.21
C ILE Z 54 22.64 42.48 18.57
N ARG Z 55 23.58 43.33 18.17
CA ARG Z 55 23.24 44.58 17.50
C ARG Z 55 22.05 45.28 18.15
N ARG AA 4 35.58 0.04 36.32
CA ARG AA 4 35.98 0.86 35.19
C ARG AA 4 34.76 1.31 34.41
N PRO AA 5 34.47 2.62 34.44
CA PRO AA 5 33.30 3.15 33.74
C PRO AA 5 33.38 2.93 32.24
N PHE AA 6 34.55 3.11 31.65
CA PHE AA 6 34.66 3.01 30.20
C PHE AA 6 35.80 2.17 29.67
N GLU AA 7 35.50 1.03 29.05
CA GLU AA 7 36.54 0.27 28.38
C GLU AA 7 37.35 1.20 27.48
N PHE AA 8 38.67 1.04 27.51
CA PHE AA 8 39.51 1.87 26.69
C PHE AA 8 39.28 1.62 25.21
N ARG AA 9 38.99 0.38 24.83
CA ARG AA 9 38.71 0.07 23.43
C ARG AA 9 37.46 0.80 22.95
N THR AA 10 36.44 0.90 23.81
CA THR AA 10 35.23 1.59 23.41
C THR AA 10 35.50 3.08 23.18
N SER AA 11 36.21 3.72 24.09
CA SER AA 11 36.55 5.13 23.91
C SER AA 11 37.38 5.33 22.66
N VAL AA 12 38.31 4.42 22.39
CA VAL AA 12 39.14 4.55 21.19
C VAL AA 12 38.28 4.46 19.94
N VAL AA 13 37.39 3.45 19.87
CA VAL AA 13 36.54 3.29 18.70
C VAL AA 13 35.68 4.53 18.50
N VAL AA 14 35.04 4.99 19.57
CA VAL AA 14 34.13 6.13 19.46
C VAL AA 14 34.88 7.39 19.05
N SER AA 15 36.02 7.67 19.67
CA SER AA 15 36.77 8.87 19.35
C SER AA 15 37.30 8.82 17.92
N THR AA 16 37.82 7.67 17.50
CA THR AA 16 38.38 7.56 16.15
C THR AA 16 37.27 7.71 15.10
N LEU AA 17 36.13 7.08 15.34
CA LEU AA 17 35.04 7.20 14.37
C LEU AA 17 34.48 8.61 14.34
N LEU AA 18 34.36 9.25 15.50
CA LEU AA 18 33.90 10.63 15.54
C LEU AA 18 34.87 11.55 14.81
N GLY AA 19 36.17 11.35 15.01
CA GLY AA 19 37.14 12.17 14.32
C GLY AA 19 37.12 11.98 12.82
N LEU AA 20 36.99 10.73 12.37
CA LEU AA 20 36.94 10.48 10.94
C LEU AA 20 35.68 11.09 10.32
N VAL AA 21 34.53 10.88 10.98
CA VAL AA 21 33.28 11.44 10.48
C VAL AA 21 33.35 12.96 10.44
N MET AA 22 33.95 13.56 11.46
CA MET AA 22 34.01 15.02 11.50
C MET AA 22 34.98 15.54 10.45
N ALA AA 23 36.10 14.86 10.23
CA ALA AA 23 37.03 15.27 9.19
C ALA AA 23 36.37 15.21 7.82
N LEU AA 24 35.65 14.11 7.55
CA LEU AA 24 34.94 14.00 6.28
C LEU AA 24 33.88 15.08 6.14
N LEU AA 25 33.09 15.31 7.19
CA LEU AA 25 32.04 16.31 7.14
C LEU AA 25 32.61 17.70 6.91
N ILE AA 26 33.68 18.05 7.61
CA ILE AA 26 34.25 19.38 7.47
C ILE AA 26 34.89 19.55 6.10
N HIS AA 27 35.58 18.52 5.62
CA HIS AA 27 36.13 18.59 4.27
C HIS AA 27 35.03 18.80 3.24
N PHE AA 28 33.91 18.11 3.41
CA PHE AA 28 32.87 18.19 2.39
C PHE AA 28 32.16 19.54 2.46
N VAL AA 29 31.95 20.06 3.67
CA VAL AA 29 31.36 21.38 3.83
C VAL AA 29 32.26 22.45 3.26
N VAL AA 30 33.57 22.35 3.48
CA VAL AA 30 34.49 23.36 3.00
C VAL AA 30 34.63 23.27 1.49
N LEU AA 31 34.60 22.06 0.92
CA LEU AA 31 34.75 21.91 -0.52
C LEU AA 31 33.50 22.37 -1.24
N SER AA 32 32.32 22.08 -0.68
CA SER AA 32 31.08 22.50 -1.31
C SER AA 32 30.82 23.99 -1.16
N SER AA 33 31.46 24.64 -0.18
CA SER AA 33 31.21 26.07 0.04
C SER AA 33 31.72 26.91 -1.12
N GLY AA 34 32.67 26.39 -1.88
CA GLY AA 34 33.28 27.18 -2.93
C GLY AA 34 33.99 28.41 -2.45
N ALA AA 35 34.39 28.44 -1.19
CA ALA AA 35 35.00 29.61 -0.59
C ALA AA 35 36.51 29.64 -0.71
N PHE AA 36 37.12 28.61 -1.28
CA PHE AA 36 38.57 28.48 -1.20
C PHE AA 36 39.29 28.45 -2.53
N ASN AA 37 38.64 28.01 -3.61
CA ASN AA 37 39.32 27.74 -4.88
C ASN AA 37 40.28 26.57 -4.73
N TRP AA 38 39.70 25.43 -4.27
CA TRP AA 38 40.42 24.17 -4.12
C TRP AA 38 39.71 23.17 -5.00
N LEU AA 39 40.42 22.39 -5.82
CA LEU AA 39 39.74 21.50 -6.76
C LEU AA 39 38.72 22.28 -7.57
N ARG AA 40 39.16 23.43 -8.10
CA ARG AA 40 38.34 24.28 -8.95
C ARG AA 40 37.08 24.75 -8.22
N ALA AA 41 37.27 25.54 -7.16
CA ALA AA 41 36.15 26.09 -6.40
C ALA AA 41 36.17 27.61 -6.47
N ASN BA 7 49.46 -4.94 34.66
CA ASN BA 7 49.37 -3.48 34.69
C ASN BA 7 50.58 -2.85 35.33
N ASP BA 8 51.70 -3.56 35.34
CA ASP BA 8 52.91 -3.05 35.96
C ASP BA 8 53.41 -1.77 35.30
N LEU BA 9 53.39 -1.74 33.97
CA LEU BA 9 53.88 -0.59 33.23
C LEU BA 9 53.03 0.65 33.46
N VAL BA 10 51.79 0.49 33.91
CA VAL BA 10 50.88 1.62 34.09
C VAL BA 10 51.24 2.35 35.37
N PRO BA 11 51.25 3.68 35.40
CA PRO BA 11 51.37 4.39 36.67
C PRO BA 11 50.21 4.03 37.58
N ASP BA 12 50.49 3.98 38.90
CA ASP BA 12 49.49 3.53 39.84
C ASP BA 12 48.28 4.46 39.90
N GLN BA 13 48.43 5.70 39.46
CA GLN BA 13 47.28 6.59 39.35
C GLN BA 13 46.25 6.03 38.38
N TRP BA 14 46.71 5.49 37.24
CA TRP BA 14 45.84 5.02 36.19
C TRP BA 14 45.73 3.51 36.15
N LYS BA 15 46.25 2.82 37.16
CA LYS BA 15 46.09 1.38 37.22
C LYS BA 15 44.64 0.91 37.29
N PRO BA 16 43.72 1.59 37.97
CA PRO BA 16 42.32 1.13 37.94
C PRO BA 16 41.69 1.18 36.56
N LEU BA 17 42.28 1.92 35.63
CA LEU BA 17 41.65 2.17 34.33
C LEU BA 17 42.36 1.46 33.18
N PHE BA 18 43.68 1.36 33.22
CA PHE BA 18 44.45 0.92 32.07
C PHE BA 18 45.09 -0.43 32.33
N ASN BA 19 44.90 -1.36 31.39
CA ASN BA 19 45.62 -2.61 31.37
C ASN BA 19 47.08 -2.35 31.00
N ASN BA 20 47.88 -3.42 31.03
CA ASN BA 20 49.27 -3.30 30.60
C ASN BA 20 49.36 -3.04 29.10
N ALA BA 21 48.57 -3.76 28.31
CA ALA BA 21 48.56 -3.56 26.87
C ALA BA 21 47.80 -2.31 26.47
N GLN BA 22 46.73 -1.98 27.19
CA GLN BA 22 45.97 -0.78 26.86
C GLN BA 22 46.78 0.49 27.09
N TRP BA 23 47.76 0.44 27.98
CA TRP BA 23 48.58 1.62 28.23
C TRP BA 23 49.48 1.94 27.04
N LEU BA 24 50.05 0.91 26.41
CA LEU BA 24 50.91 1.14 25.26
C LEU BA 24 50.11 1.64 24.06
N VAL BA 25 48.96 1.02 23.79
CA VAL BA 25 48.10 1.50 22.73
C VAL BA 25 47.63 2.91 23.02
N HIS BA 26 47.38 3.27 24.33
CA HIS BA 26 46.99 4.63 24.68
C HIS BA 26 48.13 5.60 24.41
N ASP BA 27 49.34 5.16 24.68
CA ASP BA 27 50.49 6.02 24.39
C ASP BA 27 50.59 6.28 22.90
N ILE BA 28 50.39 5.25 22.09
CA ILE BA 28 50.40 5.43 20.63
C ILE BA 28 49.30 6.39 20.21
N VAL BA 29 48.10 6.23 20.77
CA VAL BA 29 46.98 7.09 20.41
C VAL BA 29 47.26 8.53 20.80
N VAL BA 30 47.86 8.74 21.98
CA VAL BA 30 48.15 10.10 22.43
C VAL BA 30 49.18 10.75 21.52
N LYS BA 31 50.24 10.02 21.19
CA LYS BA 31 51.27 10.60 20.33
C LYS BA 31 50.74 10.86 18.94
N THR BA 32 49.87 9.98 18.43
CA THR BA 32 49.25 10.21 17.14
C THR BA 32 48.36 11.43 17.16
N ILE BA 33 47.59 11.61 18.24
CA ILE BA 33 46.73 12.78 18.35
C ILE BA 33 47.56 14.04 18.42
N TYR BA 34 48.69 13.99 19.12
CA TYR BA 34 49.55 15.17 19.21
C TYR BA 34 50.17 15.51 17.85
N GLY BA 35 50.68 14.51 17.15
CA GLY BA 35 51.22 14.75 15.82
C GLY BA 35 50.17 15.29 14.87
N GLY BA 36 48.97 14.70 14.91
CA GLY BA 36 47.88 15.20 14.09
C GLY BA 36 47.47 16.61 14.45
N LEU BA 37 47.56 16.96 15.72
CA LEU BA 37 47.25 18.32 16.13
C LEU BA 37 48.27 19.31 15.60
N ILE BA 38 49.55 18.96 15.69
CA ILE BA 38 50.59 19.84 15.14
C ILE BA 38 50.38 20.02 13.65
N ILE BA 39 50.09 18.92 12.94
CA ILE BA 39 49.86 19.01 11.50
C ILE BA 39 48.61 19.83 11.20
N ALA BA 40 47.59 19.70 12.05
CA ALA BA 40 46.35 20.46 11.85
C ALA BA 40 46.57 21.94 12.08
N VAL BA 41 47.36 22.30 13.09
CA VAL BA 41 47.69 23.70 13.32
C VAL BA 41 48.46 24.26 12.14
N ILE BA 42 49.44 23.51 11.64
CA ILE BA 42 50.20 23.97 10.49
C ILE BA 42 49.29 24.14 9.28
N ALA BA 43 48.39 23.19 9.06
CA ALA BA 43 47.48 23.28 7.93
C ALA BA 43 46.55 24.47 8.05
N HIS BA 44 46.09 24.76 9.26
CA HIS BA 44 45.21 25.91 9.45
C HIS BA 44 45.95 27.22 9.25
N VAL BA 45 47.19 27.32 9.73
CA VAL BA 45 47.97 28.53 9.49
C VAL BA 45 48.22 28.72 8.00
N LEU BA 46 48.52 27.64 7.29
CA LEU BA 46 48.77 27.76 5.86
C LEU BA 46 47.50 28.16 5.12
N CYS BA 47 46.36 27.53 5.44
CA CYS BA 47 45.11 27.88 4.79
C CYS BA 47 44.68 29.30 5.13
N TRP BA 48 45.04 29.80 6.31
CA TRP BA 48 44.71 31.18 6.64
C TRP BA 48 45.59 32.15 5.85
N ALA BA 49 46.89 31.88 5.80
CA ALA BA 49 47.77 32.72 5.00
C ALA BA 49 47.37 32.70 3.54
N TRP BA 50 46.76 31.62 3.09
CA TRP BA 50 46.33 31.50 1.70
C TRP BA 50 45.01 32.24 1.47
N THR BA 51 43.95 31.84 2.17
CA THR BA 51 42.65 32.47 2.06
C THR BA 51 41.97 32.53 3.43
N PRO BA 52 41.93 33.68 4.07
CA PRO BA 52 41.26 33.79 5.37
C PRO BA 52 39.76 33.52 5.24
N TRP BA 53 39.26 32.60 6.05
CA TRP BA 53 37.85 32.22 6.00
C TRP BA 53 36.97 33.08 6.88
N ILE BA 54 37.57 33.85 7.78
CA ILE BA 54 36.80 34.68 8.70
C ILE BA 54 36.57 36.06 8.09
N ARG BA 55 37.60 36.62 7.48
CA ARG BA 55 37.45 37.92 6.82
C ARG BA 55 36.76 38.93 7.73
N ARG CA 4 41.92 -10.72 23.38
CA ARG CA 4 42.68 -9.49 23.21
C ARG CA 4 41.81 -8.34 22.76
N PRO CA 5 41.82 -7.24 23.52
CA PRO CA 5 41.08 -6.05 23.08
C PRO CA 5 41.66 -5.51 21.79
N PHE CA 6 42.98 -5.53 21.66
CA PHE CA 6 43.63 -5.03 20.46
C PHE CA 6 44.39 -6.11 19.71
N GLU CA 7 43.67 -6.97 18.99
CA GLU CA 7 44.28 -8.02 18.21
C GLU CA 7 45.00 -7.35 17.07
N PHE CA 8 46.13 -7.92 16.65
CA PHE CA 8 46.79 -7.33 15.49
C PHE CA 8 45.98 -7.55 14.23
N ARG CA 9 45.30 -8.69 14.12
CA ARG CA 9 44.46 -8.95 12.95
C ARG CA 9 43.33 -7.96 12.84
N THR CA 10 42.74 -7.59 13.98
CA THR CA 10 41.65 -6.61 13.96
C THR CA 10 42.14 -5.25 13.48
N SER CA 11 43.27 -4.79 14.02
CA SER CA 11 43.82 -3.51 13.58
C SER CA 11 44.17 -3.55 12.09
N VAL CA 12 44.70 -4.68 11.62
CA VAL CA 12 45.04 -4.78 10.21
C VAL CA 12 43.79 -4.68 9.35
N VAL CA 13 42.74 -5.44 9.70
CA VAL CA 13 41.51 -5.40 8.92
C VAL CA 13 40.94 -4.00 8.91
N VAL CA 14 40.86 -3.36 10.08
CA VAL CA 14 40.25 -2.04 10.16
C VAL CA 14 41.05 -1.02 9.37
N SER CA 15 42.38 -1.02 9.53
CA SER CA 15 43.21 -0.04 8.83
C SER CA 15 43.16 -0.26 7.33
N THR CA 16 43.21 -1.51 6.87
CA THR CA 16 43.19 -1.78 5.45
C THR CA 16 41.85 -1.39 4.84
N LEU CA 17 40.76 -1.71 5.52
CA LEU CA 17 39.45 -1.36 5.00
C LEU CA 17 39.26 0.15 5.00
N LEU CA 18 39.71 0.83 6.05
CA LEU CA 18 39.62 2.28 6.08
C LEU CA 18 40.43 2.91 4.97
N GLY CA 19 41.64 2.41 4.73
CA GLY CA 19 42.46 2.94 3.66
C GLY CA 19 41.85 2.72 2.29
N LEU CA 20 41.29 1.54 2.05
CA LEU CA 20 40.66 1.28 0.76
C LEU CA 20 39.42 2.16 0.56
N VAL CA 21 38.58 2.27 1.59
CA VAL CA 21 37.40 3.11 1.50
C VAL CA 21 37.79 4.56 1.28
N MET CA 22 38.84 5.02 1.94
CA MET CA 22 39.23 6.41 1.79
C MET CA 22 39.85 6.65 0.43
N ALA CA 23 40.63 5.71 -0.09
CA ALA CA 23 41.18 5.86 -1.43
C ALA CA 23 40.07 5.93 -2.46
N LEU CA 24 39.07 5.04 -2.35
CA LEU CA 24 37.95 5.08 -3.27
C LEU CA 24 37.17 6.38 -3.16
N LEU CA 25 36.90 6.82 -1.93
CA LEU CA 25 36.15 8.06 -1.72
C LEU CA 25 36.89 9.26 -2.29
N ILE CA 26 38.20 9.34 -2.05
CA ILE CA 26 38.96 10.49 -2.52
C ILE CA 26 39.08 10.46 -4.04
N HIS CA 27 39.30 9.28 -4.61
CA HIS CA 27 39.31 9.18 -6.07
C HIS CA 27 38.00 9.63 -6.67
N PHE CA 28 36.88 9.25 -6.05
CA PHE CA 28 35.59 9.57 -6.64
C PHE CA 28 35.28 11.04 -6.48
N VAL CA 29 35.65 11.62 -5.34
CA VAL CA 29 35.46 13.06 -5.12
C VAL CA 29 36.31 13.86 -6.10
N VAL CA 30 37.56 13.43 -6.33
CA VAL CA 30 38.44 14.17 -7.22
C VAL CA 30 37.99 14.02 -8.66
N LEU CA 31 37.50 12.84 -9.04
CA LEU CA 31 37.08 12.64 -10.42
C LEU CA 31 35.78 13.37 -10.71
N SER CA 32 34.86 13.40 -9.74
CA SER CA 32 33.60 14.09 -9.94
C SER CA 32 33.75 15.61 -9.88
N SER CA 33 34.82 16.10 -9.26
CA SER CA 33 34.99 17.54 -9.13
C SER CA 33 35.23 18.21 -10.47
N GLY CA 34 35.70 17.45 -11.46
CA GLY CA 34 36.04 18.03 -12.74
C GLY CA 34 37.15 19.06 -12.67
N ALA CA 35 37.96 19.02 -11.64
CA ALA CA 35 38.99 20.02 -11.41
C ALA CA 35 40.33 19.67 -12.06
N PHE CA 36 40.44 18.50 -12.70
CA PHE CA 36 41.74 18.03 -13.10
C PHE CA 36 41.91 17.78 -14.60
N ASN CA 37 40.83 17.50 -15.33
CA ASN CA 37 40.91 17.04 -16.71
C ASN CA 37 41.57 15.66 -16.78
N TRP CA 38 40.98 14.73 -16.05
CA TRP CA 38 41.39 13.32 -16.05
C TRP CA 38 40.18 12.49 -16.45
N LEU CA 39 40.38 11.64 -17.47
CA LEU CA 39 39.27 10.91 -18.10
C LEU CA 39 38.28 11.88 -18.75
N ARG CA 40 38.80 12.76 -19.61
CA ARG CA 40 38.01 13.74 -20.36
C ARG CA 40 37.24 14.67 -19.42
N ALA CA 41 37.99 15.51 -18.72
CA ALA CA 41 37.38 16.58 -17.94
C ALA CA 41 38.05 17.93 -18.20
N ASN DA 7 56.79 -15.24 21.04
CA ASN DA 7 57.00 -13.79 21.09
C ASN DA 7 58.46 -13.44 21.34
N ASP DA 8 59.36 -14.37 21.05
CA ASP DA 8 60.77 -14.14 21.30
C ASP DA 8 61.33 -13.13 20.31
N LEU DA 9 60.90 -13.21 19.04
CA LEU DA 9 61.37 -12.24 18.06
C LEU DA 9 60.89 -10.83 18.35
N VAL DA 10 59.86 -10.67 19.18
CA VAL DA 10 59.32 -9.34 19.46
C VAL DA 10 60.22 -8.65 20.47
N PRO DA 11 60.50 -7.35 20.32
CA PRO DA 11 61.17 -6.61 21.38
C PRO DA 11 60.32 -6.63 22.65
N ASP DA 12 60.97 -6.64 23.80
CA ASP DA 12 60.25 -6.71 25.08
C ASP DA 12 59.26 -5.59 25.31
N GLN DA 13 59.51 -4.42 24.72
CA GLN DA 13 58.60 -3.30 24.88
C GLN DA 13 57.26 -3.65 24.27
N TRP DA 14 57.28 -4.40 23.17
CA TRP DA 14 56.03 -4.72 22.50
C TRP DA 14 55.60 -6.16 22.71
N LYS DA 15 56.28 -6.89 23.59
CA LYS DA 15 55.85 -8.25 23.89
C LYS DA 15 54.43 -8.35 24.45
N PRO DA 16 53.94 -7.43 25.29
CA PRO DA 16 52.54 -7.55 25.74
C PRO DA 16 51.53 -7.42 24.61
N LEU DA 17 51.92 -6.91 23.45
CA LEU DA 17 50.99 -6.61 22.39
C LEU DA 17 51.11 -7.53 21.18
N PHE DA 18 52.32 -7.94 20.84
CA PHE DA 18 52.58 -8.63 19.58
C PHE DA 18 52.98 -10.07 19.81
N ASN DA 19 52.30 -10.97 19.10
CA ASN DA 19 52.71 -12.36 19.04
C ASN DA 19 53.99 -12.49 18.22
N ASN DA 20 54.51 -13.71 18.15
CA ASN DA 20 55.68 -13.95 17.31
C ASN DA 20 55.34 -13.81 15.84
N ALA DA 21 54.20 -14.37 15.42
CA ALA DA 21 53.77 -14.27 14.03
C ALA DA 21 53.20 -12.90 13.71
N GLN DA 22 52.52 -12.28 14.68
CA GLN DA 22 51.94 -10.96 14.43
C GLN DA 22 53.03 -9.91 14.23
N TRP DA 23 54.22 -10.13 14.78
CA TRP DA 23 55.30 -9.16 14.61
C TRP DA 23 55.81 -9.14 13.18
N LEU DA 24 55.92 -10.31 12.56
CA LEU DA 24 56.39 -10.37 11.18
C LEU DA 24 55.37 -9.77 10.23
N VAL DA 25 54.10 -10.12 10.39
CA VAL DA 25 53.05 -9.51 9.58
C VAL DA 25 53.01 -8.01 9.82
N HIS DA 26 53.27 -7.53 11.09
CA HIS DA 26 53.30 -6.09 11.34
C HIS DA 26 54.47 -5.44 10.62
N ASP DA 27 55.58 -6.14 10.56
CA ASP DA 27 56.72 -5.59 9.83
C ASP DA 27 56.39 -5.45 8.36
N ILE DA 28 55.74 -6.46 7.79
CA ILE DA 28 55.31 -6.38 6.39
C ILE DA 28 54.36 -5.21 6.19
N VAL DA 29 53.39 -5.05 7.10
CA VAL DA 29 52.42 -3.96 6.98
C VAL DA 29 53.11 -2.62 7.06
N VAL DA 30 54.08 -2.48 7.97
CA VAL DA 30 54.77 -1.21 8.13
C VAL DA 30 55.57 -0.88 6.89
N LYS DA 31 56.29 -1.86 6.35
CA LYS DA 31 57.08 -1.59 5.15
C LYS DA 31 56.19 -1.30 3.95
N THR DA 32 55.05 -1.98 3.86
CA THR DA 32 54.10 -1.70 2.79
C THR DA 32 53.53 -0.29 2.92
N ILE DA 33 53.22 0.13 4.14
CA ILE DA 33 52.69 1.48 4.35
C ILE DA 33 53.74 2.52 3.99
N TYR DA 34 55.00 2.24 4.32
CA TYR DA 34 56.06 3.19 3.99
C TYR DA 34 56.27 3.27 2.48
N GLY DA 35 56.32 2.14 1.79
CA GLY DA 35 56.43 2.17 0.35
C GLY DA 35 55.26 2.88 -0.31
N GLY DA 36 54.05 2.59 0.16
CA GLY DA 36 52.88 3.29 -0.35
C GLY DA 36 52.91 4.78 -0.07
N LEU DA 37 53.48 5.17 1.05
CA LEU DA 37 53.60 6.59 1.36
C LEU DA 37 54.58 7.26 0.42
N ILE DA 38 55.72 6.64 0.16
CA ILE DA 38 56.67 7.21 -0.79
C ILE DA 38 56.03 7.33 -2.16
N ILE DA 39 55.31 6.29 -2.59
CA ILE DA 39 54.66 6.34 -3.90
C ILE DA 39 53.58 7.41 -3.92
N ALA DA 40 52.88 7.59 -2.80
CA ALA DA 40 51.83 8.61 -2.72
C ALA DA 40 52.40 10.01 -2.76
N VAL DA 41 53.54 10.22 -2.09
CA VAL DA 41 54.20 11.52 -2.16
C VAL DA 41 54.65 11.81 -3.58
N ILE DA 42 55.25 10.81 -4.25
CA ILE DA 42 55.67 11.01 -5.63
C ILE DA 42 54.48 11.32 -6.52
N ALA DA 43 53.38 10.60 -6.32
CA ALA DA 43 52.18 10.82 -7.13
C ALA DA 43 51.61 12.21 -6.90
N HIS DA 44 51.64 12.68 -5.65
CA HIS DA 44 51.12 14.01 -5.36
C HIS DA 44 52.01 15.09 -5.96
N VAL DA 45 53.33 14.93 -5.89
CA VAL DA 45 54.22 15.90 -6.51
C VAL DA 45 54.01 15.93 -8.01
N LEU DA 46 53.84 14.77 -8.63
CA LEU DA 46 53.62 14.73 -10.07
C LEU DA 46 52.30 15.38 -10.45
N CYS DA 47 51.22 15.05 -9.71
CA CYS DA 47 49.94 15.65 -10.01
C CYS DA 47 49.93 17.15 -9.74
N TRP DA 48 50.75 17.63 -8.80
CA TRP DA 48 50.83 19.07 -8.58
C TRP DA 48 51.59 19.75 -9.71
N ALA DA 49 52.73 19.17 -10.12
CA ALA DA 49 53.45 19.73 -11.25
C ALA DA 49 52.60 19.72 -12.51
N TRP DA 50 51.67 18.77 -12.61
CA TRP DA 50 50.80 18.68 -13.77
C TRP DA 50 49.66 19.70 -13.69
N THR DA 51 48.83 19.61 -12.66
CA THR DA 51 47.72 20.51 -12.46
C THR DA 51 47.53 20.81 -10.98
N PRO DA 52 47.95 21.99 -10.52
CA PRO DA 52 47.76 22.33 -9.10
C PRO DA 52 46.30 22.42 -8.75
N TRP DA 53 45.90 21.71 -7.70
CA TRP DA 53 44.51 21.66 -7.28
C TRP DA 53 44.15 22.76 -6.28
N ILE DA 54 45.16 23.41 -5.70
CA ILE DA 54 44.92 24.45 -4.71
C ILE DA 54 44.88 25.83 -5.36
N ARG DA 55 45.65 26.02 -6.43
CA ARG DA 55 45.62 27.29 -7.16
C ARG DA 55 45.50 28.51 -6.24
N ARG EA 4 48.15 -19.99 15.28
CA ARG EA 4 48.80 -19.29 14.17
C ARG EA 4 47.87 -18.28 13.51
N PRO EA 5 48.21 -16.99 13.58
CA PRO EA 5 47.38 -15.93 13.01
C PRO EA 5 47.39 -15.85 11.48
N PHE EA 6 46.40 -15.19 10.89
CA PHE EA 6 46.39 -14.98 9.43
C PHE EA 6 46.50 -16.16 8.49
N GLU EA 7 45.67 -17.18 8.66
CA GLU EA 7 45.66 -18.32 7.73
C GLU EA 7 45.89 -17.89 6.28
N PHE EA 8 46.81 -18.57 5.58
CA PHE EA 8 47.10 -18.23 4.21
C PHE EA 8 45.87 -18.29 3.33
N ARG EA 9 44.96 -19.21 3.65
CA ARG EA 9 43.71 -19.33 2.91
C ARG EA 9 42.91 -18.04 3.02
N THR EA 10 42.84 -17.48 4.22
CA THR EA 10 42.08 -16.25 4.44
C THR EA 10 42.66 -15.09 3.64
N SER EA 11 43.98 -14.92 3.69
CA SER EA 11 44.61 -13.85 2.92
C SER EA 11 44.38 -14.05 1.43
N VAL EA 12 44.42 -15.29 0.96
CA VAL EA 12 44.18 -15.55 -0.46
C VAL EA 12 42.76 -15.17 -0.85
N VAL EA 13 41.77 -15.60 -0.06
CA VAL EA 13 40.38 -15.28 -0.35
C VAL EA 13 40.19 -13.78 -0.37
N VAL EA 14 40.69 -13.09 0.66
CA VAL EA 14 40.47 -11.65 0.77
C VAL EA 14 41.14 -10.91 -0.39
N SER EA 15 42.40 -11.25 -0.69
CA SER EA 15 43.11 -10.57 -1.76
C SER EA 15 42.46 -10.83 -3.11
N THR EA 16 42.07 -12.07 -3.37
CA THR EA 16 41.47 -12.38 -4.67
C THR EA 16 40.13 -11.69 -4.83
N LEU EA 17 39.32 -11.66 -3.77
CA LEU EA 17 38.03 -11.01 -3.87
C LEU EA 17 38.20 -9.50 -4.00
N LEU EA 18 39.15 -8.92 -3.27
CA LEU EA 18 39.41 -7.50 -3.41
C LEU EA 18 39.88 -7.16 -4.81
N GLY EA 19 40.76 -7.98 -5.37
CA GLY EA 19 41.24 -7.72 -6.72
C GLY EA 19 40.13 -7.83 -7.76
N LEU EA 20 39.26 -8.83 -7.63
CA LEU EA 20 38.17 -8.97 -8.57
C LEU EA 20 37.19 -7.81 -8.46
N VAL EA 21 36.82 -7.44 -7.23
CA VAL EA 21 35.91 -6.33 -7.02
C VAL EA 21 36.52 -5.04 -7.56
N MET EA 22 37.82 -4.84 -7.36
CA MET EA 22 38.45 -3.62 -7.83
C MET EA 22 38.55 -3.59 -9.34
N ALA EA 23 38.85 -4.74 -9.95
CA ALA EA 23 38.89 -4.80 -11.41
C ALA EA 23 37.52 -4.49 -12.00
N LEU EA 24 36.47 -5.07 -11.44
CA LEU EA 24 35.12 -4.78 -11.92
C LEU EA 24 34.77 -3.32 -11.72
N LEU EA 25 35.07 -2.77 -10.55
CA LEU EA 25 34.76 -1.37 -10.27
C LEU EA 25 35.49 -0.44 -11.22
N ILE EA 26 36.78 -0.69 -11.45
CA ILE EA 26 37.55 0.20 -12.30
C ILE EA 26 37.10 0.07 -13.75
N HIS EA 27 36.81 -1.15 -14.20
CA HIS EA 27 36.28 -1.31 -15.54
C HIS EA 27 34.98 -0.56 -15.71
N PHE EA 28 34.11 -0.61 -14.70
CA PHE EA 28 32.80 0.01 -14.85
C PHE EA 28 32.92 1.52 -14.80
N VAL EA 29 33.80 2.04 -13.94
CA VAL EA 29 34.04 3.47 -13.88
C VAL EA 29 34.64 3.98 -15.18
N VAL EA 30 35.57 3.24 -15.76
CA VAL EA 30 36.22 3.67 -16.99
C VAL EA 30 35.25 3.58 -18.17
N LEU EA 31 34.40 2.55 -18.19
CA LEU EA 31 33.46 2.41 -19.29
C LEU EA 31 32.36 3.45 -19.22
N SER EA 32 31.88 3.75 -18.01
CA SER EA 32 30.84 4.75 -17.86
C SER EA 32 31.35 6.17 -18.06
N SER EA 33 32.65 6.39 -17.92
CA SER EA 33 33.19 7.74 -18.06
C SER EA 33 33.06 8.26 -19.48
N GLY EA 34 32.95 7.36 -20.46
CA GLY EA 34 32.92 7.78 -21.84
C GLY EA 34 34.17 8.48 -22.29
N ALA EA 35 35.27 8.33 -21.57
CA ALA EA 35 36.52 8.90 -22.06
C ALA EA 35 36.88 7.83 -23.06
N PHE EA 36 36.64 6.58 -22.69
CA PHE EA 36 36.88 5.48 -23.60
C PHE EA 36 35.60 5.12 -24.34
N ASN EA 37 34.50 5.79 -24.02
CA ASN EA 37 33.23 5.59 -24.73
C ASN EA 37 32.72 4.15 -24.86
N TRP EA 38 32.66 3.41 -23.75
CA TRP EA 38 32.22 2.02 -23.79
C TRP EA 38 32.77 1.29 -25.00
N LEU EA 39 33.94 1.71 -25.50
CA LEU EA 39 34.59 1.07 -26.66
C LEU EA 39 33.97 1.43 -28.00
N ARG EA 40 32.99 2.34 -28.00
CA ARG EA 40 32.34 2.77 -29.24
C ARG EA 40 33.28 3.51 -30.17
N ALA EA 41 34.14 4.38 -29.61
CA ALA EA 41 35.07 5.15 -30.40
C ALA EA 41 34.48 5.61 -31.73
N ASN FA 7 56.63 -27.94 7.30
CA ASN FA 7 57.15 -26.59 7.33
C ASN FA 7 58.63 -26.56 7.00
N ASP FA 8 59.15 -27.68 6.50
CA ASP FA 8 60.57 -27.77 6.19
C ASP FA 8 60.93 -26.93 4.97
N LEU FA 9 60.04 -26.89 3.99
CA LEU FA 9 60.31 -26.14 2.76
C LEU FA 9 60.30 -24.64 2.98
N VAL FA 10 59.69 -24.18 4.07
CA VAL FA 10 59.59 -22.74 4.33
C VAL FA 10 60.92 -22.22 4.85
N PRO FA 11 61.40 -21.06 4.43
CA PRO FA 11 62.55 -20.45 5.09
C PRO FA 11 62.24 -20.17 6.55
N ASP FA 12 63.26 -20.30 7.40
CA ASP FA 12 63.04 -20.18 8.83
C ASP FA 12 62.58 -18.78 9.23
N GLN FA 13 62.82 -17.77 8.39
CA GLN FA 13 62.28 -16.45 8.65
C GLN FA 13 60.76 -16.48 8.66
N TRP FA 14 60.15 -17.20 7.72
CA TRP FA 14 58.70 -17.24 7.56
C TRP FA 14 58.08 -18.50 8.11
N LYS FA 15 58.85 -19.33 8.82
CA LYS FA 15 58.29 -20.51 9.44
C LYS FA 15 57.18 -20.22 10.46
N PRO FA 16 57.23 -19.14 11.26
CA PRO FA 16 56.11 -18.88 12.17
C PRO FA 16 54.81 -18.58 11.44
N LEU FA 17 54.86 -18.24 10.16
CA LEU FA 17 53.69 -17.78 9.43
C LEU FA 17 53.16 -18.78 8.41
N PHE FA 18 54.04 -19.51 7.74
CA PHE FA 18 53.68 -20.32 6.59
C PHE FA 18 53.81 -21.80 6.89
N ASN FA 19 52.75 -22.54 6.59
CA ASN FA 19 52.79 -23.98 6.61
C ASN FA 19 53.63 -24.49 5.43
N ASN FA 20 53.81 -25.81 5.37
CA ASN FA 20 54.52 -26.39 4.23
C ASN FA 20 53.71 -26.26 2.95
N ALA FA 21 52.40 -26.53 3.04
CA ALA FA 21 51.53 -26.41 1.88
C ALA FA 21 51.19 -24.96 1.57
N GLN FA 22 51.05 -24.13 2.59
CA GLN FA 22 50.74 -22.73 2.37
C GLN FA 22 51.87 -22.01 1.66
N TRP FA 23 53.11 -22.49 1.80
CA TRP FA 23 54.23 -21.84 1.14
C TRP FA 23 54.18 -22.04 -0.36
N LEU FA 24 53.80 -23.24 -0.81
CA LEU FA 24 53.72 -23.50 -2.24
C LEU FA 24 52.57 -22.72 -2.88
N VAL FA 25 51.41 -22.73 -2.24
CA VAL FA 25 50.30 -21.92 -2.73
C VAL FA 25 50.66 -20.44 -2.72
N HIS FA 26 51.42 -19.95 -1.63
CA HIS FA 26 51.87 -18.57 -1.63
C HIS FA 26 52.80 -18.29 -2.80
N ASP FA 27 53.67 -19.25 -3.17
CA ASP FA 27 54.56 -19.06 -4.32
C ASP FA 27 53.75 -18.94 -5.61
N ILE FA 28 52.73 -19.77 -5.76
CA ILE FA 28 51.87 -19.67 -6.93
C ILE FA 28 51.18 -18.32 -6.97
N VAL FA 29 50.66 -17.86 -5.83
CA VAL FA 29 49.98 -16.57 -5.78
C VAL FA 29 50.92 -15.44 -6.13
N VAL FA 30 52.16 -15.50 -5.62
CA VAL FA 30 53.12 -14.44 -5.90
C VAL FA 30 53.46 -14.40 -7.38
N LYS FA 31 53.71 -15.57 -7.98
CA LYS FA 31 54.05 -15.59 -9.40
C LYS FA 31 52.87 -15.16 -10.26
N THR FA 32 51.65 -15.52 -9.85
CA THR FA 32 50.48 -15.08 -10.58
C THR FA 32 50.31 -13.56 -10.48
N ILE FA 33 50.55 -13.00 -9.29
CA ILE FA 33 50.44 -11.56 -9.12
C ILE FA 33 51.49 -10.85 -9.96
N TYR FA 34 52.69 -11.42 -10.04
CA TYR FA 34 53.74 -10.80 -10.86
C TYR FA 34 53.40 -10.85 -12.33
N GLY FA 35 52.94 -12.01 -12.82
CA GLY FA 35 52.53 -12.10 -14.20
C GLY FA 35 51.39 -11.15 -14.52
N GLY FA 36 50.39 -11.09 -13.64
CA GLY FA 36 49.31 -10.16 -13.83
C GLY FA 36 49.75 -8.72 -13.80
N LEU FA 37 50.76 -8.41 -13.01
CA LEU FA 37 51.30 -7.06 -12.97
C LEU FA 37 51.98 -6.71 -14.28
N ILE FA 38 52.78 -7.62 -14.81
CA ILE FA 38 53.43 -7.37 -16.10
C ILE FA 38 52.38 -7.17 -17.18
N ILE FA 39 51.34 -8.01 -17.18
CA ILE FA 39 50.29 -7.88 -18.18
C ILE FA 39 49.54 -6.58 -17.99
N ALA FA 40 49.34 -6.15 -16.74
CA ALA FA 40 48.63 -4.91 -16.47
C ALA FA 40 49.45 -3.71 -16.91
N VAL FA 41 50.77 -3.75 -16.70
CA VAL FA 41 51.62 -2.66 -17.19
C VAL FA 41 51.58 -2.59 -18.71
N ILE FA 42 51.66 -3.74 -19.37
CA ILE FA 42 51.59 -3.75 -20.83
C ILE FA 42 50.25 -3.20 -21.30
N ALA FA 43 49.16 -3.60 -20.64
CA ALA FA 43 47.84 -3.14 -21.02
C ALA FA 43 47.70 -1.64 -20.82
N HIS FA 44 48.28 -1.11 -19.74
CA HIS FA 44 48.21 0.32 -19.51
C HIS FA 44 49.02 1.10 -20.52
N VAL FA 45 50.21 0.61 -20.87
CA VAL FA 45 51.00 1.29 -21.88
C VAL FA 45 50.28 1.28 -23.23
N LEU FA 46 49.65 0.16 -23.56
CA LEU FA 46 48.92 0.08 -24.83
C LEU FA 46 47.72 1.02 -24.83
N CYS FA 47 46.95 1.02 -23.74
CA CYS FA 47 45.80 1.91 -23.67
C CYS FA 47 46.22 3.38 -23.63
N TRP FA 48 47.41 3.69 -23.11
CA TRP FA 48 47.87 5.07 -23.15
C TRP FA 48 48.29 5.46 -24.56
N ALA FA 49 49.05 4.60 -25.24
CA ALA FA 49 49.42 4.87 -26.62
C ALA FA 49 48.20 5.00 -27.50
N TRP FA 50 47.11 4.33 -27.13
CA TRP FA 50 45.87 4.38 -27.91
C TRP FA 50 45.09 5.65 -27.61
N THR FA 51 44.69 5.84 -26.35
CA THR FA 51 43.95 7.02 -25.93
C THR FA 51 44.39 7.44 -24.54
N PRO FA 52 45.19 8.51 -24.42
CA PRO FA 52 45.60 8.97 -23.09
C PRO FA 52 44.42 9.45 -22.28
N TRP FA 53 44.30 8.93 -21.07
CA TRP FA 53 43.17 9.27 -20.20
C TRP FA 53 43.44 10.48 -19.32
N ILE FA 54 44.70 10.87 -19.22
CA ILE FA 54 45.10 11.98 -18.36
C ILE FA 54 45.13 13.30 -19.13
N ARG FA 55 45.54 13.25 -20.39
CA ARG FA 55 45.54 14.46 -21.22
C ARG FA 55 45.90 15.74 -20.47
N PRO GA 6 49.16 -28.72 -4.88
CA PRO GA 6 49.31 -27.59 -3.97
C PRO GA 6 48.06 -26.73 -3.93
N THR GA 7 47.18 -26.98 -2.96
CA THR GA 7 45.90 -26.30 -2.88
C THR GA 7 45.52 -26.13 -1.41
N LEU GA 8 44.65 -25.15 -1.17
CA LEU GA 8 44.09 -24.92 0.15
C LEU GA 8 42.63 -25.29 0.26
N PHE GA 9 41.96 -25.53 -0.86
CA PHE GA 9 40.55 -25.90 -0.90
C PHE GA 9 40.45 -27.30 -1.49
N PRO GA 10 40.90 -28.32 -0.75
CA PRO GA 10 40.88 -29.67 -1.31
C PRO GA 10 39.48 -30.18 -1.57
N GLU GA 11 38.51 -29.75 -0.77
CA GLU GA 11 37.12 -30.10 -1.05
C GLU GA 11 36.56 -29.33 -2.24
N ILE GA 12 37.30 -28.35 -2.75
CA ILE GA 12 36.84 -27.57 -3.89
C ILE GA 12 37.69 -27.80 -5.13
N THR GA 13 38.97 -28.13 -5.00
CA THR GA 13 39.83 -28.33 -6.16
C THR GA 13 40.24 -29.78 -6.39
N ASN GA 14 40.10 -30.65 -5.39
CA ASN GA 14 40.44 -32.05 -5.57
C ASN GA 14 39.22 -32.89 -5.90
N THR GA 15 38.20 -32.84 -5.03
CA THR GA 15 37.01 -33.66 -5.20
C THR GA 15 36.31 -33.30 -6.51
N VAL GA 16 35.82 -34.32 -7.21
CA VAL GA 16 35.22 -34.11 -8.52
C VAL GA 16 33.97 -33.24 -8.42
N ARG GA 17 33.19 -33.41 -7.35
CA ARG GA 17 31.99 -32.59 -7.20
C ARG GA 17 32.35 -31.13 -6.96
N GLY GA 18 33.33 -30.86 -6.11
CA GLY GA 18 33.75 -29.49 -5.88
C GLY GA 18 34.55 -28.93 -7.04
N ARG GA 19 35.42 -29.74 -7.64
CA ARG GA 19 36.19 -29.30 -8.79
C ARG GA 19 35.23 -28.95 -9.90
N PHE GA 20 34.17 -29.74 -10.04
CA PHE GA 20 33.19 -29.45 -11.08
C PHE GA 20 32.51 -28.11 -10.86
N TYR GA 21 32.34 -27.71 -9.59
CA TYR GA 21 31.60 -26.48 -9.29
C TYR GA 21 32.29 -25.26 -9.88
N ILE GA 22 33.61 -25.28 -9.99
CA ILE GA 22 34.32 -24.17 -10.60
C ILE GA 22 33.93 -24.03 -12.07
N VAL GA 23 34.00 -25.14 -12.80
CA VAL GA 23 33.60 -25.12 -14.21
C VAL GA 23 32.13 -24.74 -14.34
N ALA GA 24 31.29 -25.24 -13.44
CA ALA GA 24 29.87 -24.92 -13.49
C ALA GA 24 29.65 -23.42 -13.34
N GLY GA 25 30.28 -22.81 -12.33
CA GLY GA 25 30.14 -21.38 -12.14
C GLY GA 25 30.66 -20.59 -13.31
N ILE GA 26 31.85 -20.96 -13.82
CA ILE GA 26 32.42 -20.25 -14.96
C ILE GA 26 31.48 -20.31 -16.15
N ILE GA 27 31.00 -21.52 -16.47
CA ILE GA 27 30.16 -21.72 -17.64
C ILE GA 27 28.84 -20.99 -17.48
N SER GA 28 28.31 -20.95 -16.25
CA SER GA 28 27.05 -20.23 -16.05
C SER GA 28 27.23 -18.73 -16.18
N VAL GA 29 28.35 -18.20 -15.67
CA VAL GA 29 28.61 -16.77 -15.81
C VAL GA 29 28.76 -16.40 -17.28
N VAL GA 30 29.55 -17.17 -18.03
CA VAL GA 30 29.73 -16.83 -19.44
C VAL GA 30 28.45 -17.09 -20.22
N MET GA 31 27.63 -18.06 -19.81
CA MET GA 31 26.38 -18.30 -20.49
C MET GA 31 25.41 -17.13 -20.28
N ALA GA 32 25.33 -16.61 -19.05
CA ALA GA 32 24.47 -15.46 -18.80
C ALA GA 32 24.97 -14.21 -19.52
N VAL GA 33 26.28 -14.00 -19.52
CA VAL GA 33 26.83 -12.83 -20.21
C VAL GA 33 26.59 -12.94 -21.70
N ALA GA 34 26.81 -14.13 -22.28
CA ALA GA 34 26.57 -14.31 -23.70
C ALA GA 34 25.09 -14.15 -24.03
N SER GA 35 24.22 -14.64 -23.15
CA SER GA 35 22.79 -14.41 -23.27
C SER GA 35 22.50 -12.92 -23.46
N ILE GA 36 22.90 -12.12 -22.47
CA ILE GA 36 22.55 -10.70 -22.46
C ILE GA 36 23.20 -9.98 -23.64
N ALA GA 37 24.49 -10.25 -23.87
CA ALA GA 37 25.22 -9.54 -24.90
C ALA GA 37 24.67 -9.85 -26.28
N ILE GA 38 24.40 -11.13 -26.56
CA ILE GA 38 23.92 -11.50 -27.88
C ILE GA 38 22.49 -11.01 -28.09
N PHE GA 39 21.66 -11.02 -27.05
CA PHE GA 39 20.33 -10.42 -27.21
C PHE GA 39 20.45 -8.96 -27.61
N TRP GA 40 21.23 -8.19 -26.85
CA TRP GA 40 21.27 -6.76 -27.13
C TRP GA 40 21.94 -6.49 -28.47
N TRP GA 41 22.88 -7.34 -28.87
CA TRP GA 41 23.45 -7.21 -30.21
C TRP GA 41 22.38 -7.39 -31.27
N ILE GA 42 21.62 -8.49 -31.20
CA ILE GA 42 20.57 -8.73 -32.19
C ILE GA 42 19.58 -7.56 -32.21
N PHE GA 43 19.12 -7.16 -31.02
CA PHE GA 43 18.11 -6.12 -30.94
C PHE GA 43 18.61 -4.83 -31.58
N TYR GA 44 19.86 -4.45 -31.33
CA TYR GA 44 20.35 -3.19 -31.86
C TYR GA 44 20.75 -3.29 -33.33
N THR GA 45 21.01 -4.49 -33.86
CA THR GA 45 21.35 -4.53 -35.27
C THR GA 45 20.12 -4.64 -36.17
N ILE GA 46 19.08 -5.34 -35.75
CA ILE GA 46 17.94 -5.47 -36.65
C ILE GA 46 16.96 -4.30 -36.47
N THR GA 47 16.88 -3.72 -35.30
CA THR GA 47 15.94 -2.61 -35.04
C THR GA 47 16.33 -1.40 -35.83
N PRO GA 48 15.37 -0.82 -36.62
CA PRO GA 48 15.74 0.40 -37.31
C PRO GA 48 15.93 1.61 -36.42
N ALA GA 49 16.72 2.56 -36.89
CA ALA GA 49 16.93 3.76 -36.12
C ALA GA 49 15.60 4.51 -36.01
N PRO GA 50 15.35 5.14 -34.86
CA PRO GA 50 14.05 5.78 -34.80
C PRO GA 50 13.94 6.83 -35.89
N ALA GA 51 12.89 6.76 -36.69
CA ALA GA 51 12.80 7.63 -37.84
C ALA GA 51 13.20 9.07 -37.61
N PRO GA 52 14.07 9.61 -38.48
CA PRO GA 52 14.55 10.99 -38.35
C PRO GA 52 13.39 11.97 -38.24
N PRO GA 53 13.47 12.92 -37.33
CA PRO GA 53 12.38 13.89 -37.17
C PRO GA 53 12.18 14.69 -38.45
N LEU GA 54 10.91 14.88 -38.82
CA LEU GA 54 10.60 15.57 -40.06
C LEU GA 54 11.12 17.00 -40.02
N GLN GA 55 11.63 17.43 -41.14
CA GLN GA 55 12.10 18.79 -41.28
C GLN GA 55 11.51 19.33 -42.56
N ASN GA 56 10.35 19.97 -42.47
CA ASN GA 56 9.69 20.55 -43.62
C ASN GA 56 9.78 22.00 -43.30
N PRO GA 57 9.96 22.85 -44.32
CA PRO GA 57 9.94 24.27 -43.96
C PRO GA 57 8.63 24.82 -43.41
N ILE GA 58 7.51 24.55 -44.03
CA ILE GA 58 6.24 25.06 -43.57
C ILE GA 58 5.68 24.52 -42.28
N TYR GA 59 5.75 23.23 -42.08
CA TYR GA 59 5.10 22.66 -40.93
C TYR GA 59 5.97 22.18 -39.81
N VAL GA 60 5.36 21.85 -38.69
CA VAL GA 60 6.08 21.42 -37.49
C VAL GA 60 6.52 19.96 -37.63
N ASN GA 61 5.56 19.05 -37.76
CA ASN GA 61 5.89 17.67 -38.10
C ASN GA 61 4.85 17.07 -39.03
N TYR GA 62 4.44 17.81 -40.04
CA TYR GA 62 3.53 17.29 -41.05
C TYR GA 62 4.15 17.61 -42.41
N THR GA 63 4.05 16.67 -43.33
CA THR GA 63 4.61 16.84 -44.66
C THR GA 63 3.52 16.65 -45.70
N GLN GA 64 3.52 17.53 -46.69
CA GLN GA 64 2.60 17.48 -47.80
C GLN GA 64 3.21 16.89 -49.05
N GLU GA 65 4.50 16.55 -49.03
CA GLU GA 65 5.27 16.57 -50.26
C GLU GA 65 5.07 15.35 -51.14
N PRO GA 66 4.60 14.22 -50.68
CA PRO GA 66 4.07 13.30 -51.69
C PRO GA 66 2.84 13.98 -52.20
N THR GA 67 2.99 14.69 -53.32
CA THR GA 67 1.93 15.52 -53.88
C THR GA 67 1.30 14.82 -55.08
N ASP GA 68 1.31 13.50 -55.04
CA ASP GA 68 0.58 12.70 -56.01
C ASP GA 68 -0.90 13.03 -56.02
N TYR GA 69 -1.44 13.53 -54.90
CA TYR GA 69 -2.85 13.87 -54.85
C TYR GA 69 -3.21 14.97 -55.83
N ILE GA 70 -2.24 15.77 -56.25
CA ILE GA 70 -2.48 16.80 -57.24
C ILE GA 70 -2.30 16.20 -58.62
N SER GA 71 -3.35 16.24 -59.42
CA SER GA 71 -3.26 15.79 -60.79
C SER GA 71 -2.17 16.57 -61.53
N ALA GA 72 -1.70 15.99 -62.63
CA ALA GA 72 -0.81 16.72 -63.52
C ALA GA 72 -1.56 17.82 -64.26
N GLU GA 73 -2.78 17.52 -64.71
CA GLU GA 73 -3.61 18.52 -65.36
C GLU GA 73 -3.77 19.75 -64.48
N SER GA 74 -3.85 19.56 -63.16
CA SER GA 74 -4.06 20.70 -62.27
C SER GA 74 -2.78 21.51 -62.09
N LEU GA 75 -1.64 20.85 -61.88
CA LEU GA 75 -0.40 21.60 -61.77
C LEU GA 75 -0.05 22.24 -63.11
N ALA GA 76 -0.36 21.58 -64.22
CA ALA GA 76 -0.13 22.18 -65.52
C ALA GA 76 -0.98 23.44 -65.70
N ALA GA 77 -2.28 23.34 -65.45
CA ALA GA 77 -3.13 24.51 -65.58
C ALA GA 77 -2.73 25.59 -64.59
N MET GA 78 -2.26 25.20 -63.40
CA MET GA 78 -1.89 26.19 -62.40
C MET GA 78 -0.77 27.09 -62.89
N ASN GA 79 0.34 26.49 -63.35
CA ASN GA 79 1.46 27.32 -63.80
C ASN GA 79 1.11 28.05 -65.09
N ALA GA 80 0.21 27.48 -65.90
CA ALA GA 80 -0.30 28.20 -67.06
C ALA GA 80 -1.09 29.42 -66.61
N TYR GA 81 -1.96 29.25 -65.62
CA TYR GA 81 -2.75 30.36 -65.10
C TYR GA 81 -1.86 31.46 -64.54
N ILE GA 82 -0.85 31.07 -63.75
CA ILE GA 82 0.11 32.05 -63.26
C ILE GA 82 0.79 32.76 -64.42
N GLN GA 83 1.18 32.00 -65.44
CA GLN GA 83 1.89 32.56 -66.58
C GLN GA 83 1.05 33.61 -67.29
N ALA GA 84 -0.24 33.35 -67.47
CA ALA GA 84 -1.13 34.31 -68.11
C ALA GA 84 -1.68 35.33 -67.12
N ASN GA 85 -2.46 34.85 -66.16
CA ASN GA 85 -3.01 35.70 -65.11
C ASN GA 85 -1.94 35.94 -64.05
N PRO GA 86 -1.37 37.12 -63.97
CA PRO GA 86 -0.26 37.27 -63.02
C PRO GA 86 -0.64 37.81 -61.65
N GLN GA 87 -1.72 38.52 -61.50
CA GLN GA 87 -2.14 38.96 -60.20
C GLN GA 87 -3.40 38.20 -59.99
N PRO GA 88 -3.82 38.04 -58.75
CA PRO GA 88 -4.99 37.22 -58.59
C PRO GA 88 -6.23 37.88 -59.12
N GLN GA 89 -7.26 37.11 -59.41
CA GLN GA 89 -8.52 37.65 -59.93
C GLN GA 89 -9.65 37.28 -59.01
N ALA GA 90 -10.17 38.21 -58.25
CA ALA GA 90 -11.30 38.02 -57.33
C ALA GA 90 -10.92 37.15 -56.13
N VAL GA 91 -9.84 37.53 -55.45
CA VAL GA 91 -9.55 37.02 -54.13
C VAL GA 91 -10.31 37.85 -53.10
N GLN GA 92 -10.98 37.17 -52.17
CA GLN GA 92 -11.75 37.86 -51.13
C GLN GA 92 -11.04 37.88 -49.79
N VAL GA 93 -10.29 36.82 -49.51
CA VAL GA 93 -9.33 36.76 -48.42
C VAL GA 93 -8.03 36.68 -49.21
N LEU GA 94 -6.89 36.57 -48.53
CA LEU GA 94 -5.64 36.42 -49.28
C LEU GA 94 -5.32 37.70 -50.04
N LYS GA 95 -5.42 38.84 -49.35
CA LYS GA 95 -5.43 40.12 -50.06
C LYS GA 95 -4.05 40.51 -50.57
N GLY GA 96 -2.99 40.18 -49.83
CA GLY GA 96 -1.69 40.71 -50.17
C GLY GA 96 -0.72 39.75 -50.85
N MET GA 97 -1.20 38.94 -51.78
CA MET GA 97 -0.35 37.91 -52.36
C MET GA 97 -0.44 37.82 -53.89
N THR GA 98 0.70 37.66 -54.55
CA THR GA 98 0.72 37.53 -56.02
C THR GA 98 0.09 36.19 -56.34
N THR GA 99 -0.49 36.05 -57.50
CA THR GA 99 -1.07 34.76 -57.87
C THR GA 99 -0.04 33.65 -57.83
N ALA GA 100 1.25 33.98 -57.97
CA ALA GA 100 2.28 32.96 -57.84
C ALA GA 100 2.41 32.52 -56.38
N GLN GA 101 2.46 33.47 -55.46
CA GLN GA 101 2.51 33.13 -54.04
C GLN GA 101 1.20 32.52 -53.58
N ILE GA 102 0.07 33.05 -54.06
CA ILE GA 102 -1.22 32.45 -53.73
C ILE GA 102 -1.24 31.00 -54.20
N SER GA 103 -0.72 30.74 -55.38
CA SER GA 103 -0.72 29.38 -55.92
C SER GA 103 0.22 28.46 -55.14
N ALA GA 104 1.41 28.95 -54.81
CA ALA GA 104 2.35 28.13 -54.04
C ALA GA 104 1.80 27.82 -52.67
N TYR GA 105 1.14 28.79 -52.04
CA TYR GA 105 0.51 28.55 -50.75
C TYR GA 105 -0.64 27.57 -50.89
N MET GA 106 -1.44 27.69 -51.99
CA MET GA 106 -2.59 26.83 -52.16
C MET GA 106 -2.21 25.38 -52.40
N VAL GA 107 -1.06 25.18 -53.03
CA VAL GA 107 -0.63 23.80 -53.22
C VAL GA 107 0.08 23.27 -51.98
N ALA GA 108 0.95 24.07 -51.37
CA ALA GA 108 1.70 23.57 -50.22
C ALA GA 108 0.82 23.40 -49.00
N GLN GA 109 0.02 24.42 -48.67
CA GLN GA 109 -0.73 24.43 -47.42
C GLN GA 109 -2.20 24.06 -47.60
N VAL GA 110 -2.87 24.65 -48.59
CA VAL GA 110 -4.32 24.50 -48.69
C VAL GA 110 -4.67 23.09 -49.15
N SER GA 111 -4.20 22.69 -50.31
CA SER GA 111 -4.41 21.32 -50.75
C SER GA 111 -3.44 20.36 -50.09
N GLY GA 112 -2.25 20.83 -49.75
CA GLY GA 112 -1.32 20.00 -48.99
C GLY GA 112 -1.83 19.69 -47.61
N GLY GA 113 -2.70 20.53 -47.06
CA GLY GA 113 -3.31 20.22 -45.78
C GLY GA 113 -4.49 19.28 -45.92
N LEU GA 114 -5.24 19.41 -47.01
CA LEU GA 114 -6.36 18.51 -47.28
C LEU GA 114 -5.95 17.26 -48.03
N LYS GA 115 -4.78 17.28 -48.68
CA LYS GA 115 -4.32 16.19 -49.54
C LYS GA 115 -5.36 15.89 -50.62
N VAL GA 116 -5.74 16.93 -51.36
CA VAL GA 116 -6.71 16.81 -52.45
C VAL GA 116 -6.25 17.67 -53.61
N ASP GA 117 -6.80 17.37 -54.78
CA ASP GA 117 -6.49 18.12 -55.98
C ASP GA 117 -7.20 19.49 -55.94
N CYS GA 118 -6.82 20.36 -56.88
CA CYS GA 118 -7.53 21.62 -57.04
C CYS GA 118 -8.95 21.41 -57.54
N SER GA 119 -9.19 20.37 -58.35
CA SER GA 119 -10.54 20.06 -58.79
C SER GA 119 -11.47 19.74 -57.63
N TYR GA 120 -10.93 19.57 -56.43
CA TYR GA 120 -11.76 19.45 -55.24
C TYR GA 120 -12.49 20.74 -54.92
N CYS GA 121 -11.94 21.89 -55.31
CA CYS GA 121 -12.51 23.17 -54.92
C CYS GA 121 -12.81 24.12 -56.08
N HIS GA 122 -12.11 24.06 -57.21
CA HIS GA 122 -12.51 24.90 -58.34
C HIS GA 122 -12.30 24.18 -59.65
N ASN GA 123 -12.78 24.82 -60.72
CA ASN GA 123 -12.58 24.32 -62.07
C ASN GA 123 -11.18 24.69 -62.55
N ILE GA 124 -10.44 23.67 -63.01
CA ILE GA 124 -9.02 23.86 -63.25
C ILE GA 124 -8.77 24.78 -64.45
N ALA GA 125 -9.72 24.88 -65.36
CA ALA GA 125 -9.60 25.86 -66.43
C ALA GA 125 -9.50 27.27 -65.87
N ASN GA 126 -10.38 27.61 -64.93
CA ASN GA 126 -10.43 28.95 -64.34
C ASN GA 126 -10.42 28.82 -62.83
N PHE GA 127 -9.24 28.99 -62.22
CA PHE GA 127 -9.15 29.03 -60.77
C PHE GA 127 -9.95 30.17 -60.18
N ALA GA 128 -10.28 31.19 -60.97
CA ALA GA 128 -10.86 32.41 -60.44
C ALA GA 128 -12.38 32.35 -60.36
N GLN GA 129 -13.03 31.54 -61.18
CA GLN GA 129 -14.48 31.56 -61.21
C GLN GA 129 -15.06 30.96 -59.92
N GLN GA 130 -16.09 31.62 -59.40
CA GLN GA 130 -16.61 31.31 -58.08
C GLN GA 130 -17.71 30.27 -58.10
N ASP GA 131 -18.71 30.45 -58.96
CA ASP GA 131 -19.88 29.55 -58.98
C ASP GA 131 -20.20 28.96 -60.34
N GLY GA 132 -19.19 28.46 -61.05
CA GLY GA 132 -19.39 27.86 -62.34
C GLY GA 132 -19.26 26.35 -62.41
N TYR GA 133 -19.30 25.65 -61.28
CA TYR GA 133 -19.01 24.23 -61.24
C TYR GA 133 -19.75 23.63 -60.06
N PRO GA 134 -19.93 22.30 -60.02
CA PRO GA 134 -20.67 21.69 -58.91
C PRO GA 134 -19.95 21.76 -57.58
N ASN GA 135 -18.64 21.95 -57.55
CA ASN GA 135 -17.88 21.96 -56.31
C ASN GA 135 -17.62 23.38 -55.79
N ALA GA 136 -18.49 24.33 -56.13
CA ALA GA 136 -18.32 25.70 -55.65
C ALA GA 136 -18.61 25.80 -54.16
N ALA GA 137 -19.53 24.98 -53.66
CA ALA GA 137 -19.83 25.00 -52.23
C ALA GA 137 -18.59 24.65 -51.42
N LYS GA 138 -17.76 23.73 -51.91
CA LYS GA 138 -16.54 23.40 -51.20
C LYS GA 138 -15.58 24.59 -51.19
N LYS GA 139 -15.58 25.40 -52.24
CA LYS GA 139 -14.71 26.56 -52.26
C LYS GA 139 -15.20 27.62 -51.29
N VAL GA 140 -16.52 27.82 -51.19
CA VAL GA 140 -16.98 28.79 -50.20
C VAL GA 140 -16.72 28.28 -48.79
N THR GA 141 -16.81 26.97 -48.57
CA THR GA 141 -16.47 26.41 -47.27
C THR GA 141 -15.00 26.64 -46.96
N ALA GA 142 -14.12 26.43 -47.95
CA ALA GA 142 -12.70 26.65 -47.74
C ALA GA 142 -12.39 28.11 -47.47
N ARG GA 143 -13.08 29.03 -48.13
CA ARG GA 143 -12.84 30.44 -47.87
C ARG GA 143 -13.27 30.81 -46.46
N LYS GA 144 -14.44 30.34 -46.03
CA LYS GA 144 -14.85 30.55 -44.65
C LYS GA 144 -13.86 29.92 -43.68
N MET GA 145 -13.24 28.79 -44.04
CA MET GA 145 -12.24 28.17 -43.18
C MET GA 145 -10.96 28.99 -43.12
N MET GA 146 -10.63 29.63 -44.21
CA MET GA 146 -9.47 30.52 -44.16
C MET GA 146 -9.73 31.72 -43.26
N LEU GA 147 -10.93 32.30 -43.37
CA LEU GA 147 -11.33 33.35 -42.43
C LEU GA 147 -11.25 32.85 -40.99
N MET GA 148 -11.74 31.64 -40.75
CA MET GA 148 -11.69 31.06 -39.41
C MET GA 148 -10.27 30.88 -38.93
N SER GA 149 -9.38 30.42 -39.81
CA SER GA 149 -7.98 30.24 -39.45
C SER GA 149 -7.34 31.57 -39.09
N ALA GA 150 -7.60 32.61 -39.89
CA ALA GA 150 -7.07 33.93 -39.57
C ALA GA 150 -7.59 34.41 -38.24
N ASP GA 151 -8.88 34.21 -37.98
CA ASP GA 151 -9.47 34.64 -36.72
C ASP GA 151 -8.84 33.93 -35.54
N LEU GA 152 -8.63 32.61 -35.67
CA LEU GA 152 -8.02 31.86 -34.58
C LEU GA 152 -6.57 32.25 -34.36
N ASN GA 153 -5.88 32.63 -35.43
CA ASN GA 153 -4.48 33.00 -35.29
C ASN GA 153 -4.33 34.38 -34.66
N GLN GA 154 -5.17 35.33 -35.07
CA GLN GA 154 -5.05 36.69 -34.56
C GLN GA 154 -5.70 36.86 -33.19
N ASN GA 155 -6.69 36.03 -32.86
CA ASN GA 155 -7.43 36.17 -31.63
C ASN GA 155 -7.08 35.15 -30.57
N TYR GA 156 -6.31 34.14 -30.90
CA TYR GA 156 -5.93 33.22 -29.82
C TYR GA 156 -4.46 32.84 -29.84
N THR GA 157 -3.86 32.68 -31.01
CA THR GA 157 -2.45 32.34 -31.07
C THR GA 157 -1.57 33.53 -30.73
N ALA GA 158 -2.04 34.74 -31.00
CA ALA GA 158 -1.27 35.92 -30.67
C ALA GA 158 -1.08 36.06 -29.16
N LYS GA 159 -2.09 35.67 -28.38
CA LYS GA 159 -1.98 35.82 -26.93
C LYS GA 159 -1.01 34.84 -26.30
N LEU GA 160 -0.64 33.78 -27.01
CA LEU GA 160 0.38 32.89 -26.49
C LEU GA 160 1.75 33.55 -26.62
N PRO GA 161 2.61 33.40 -25.62
CA PRO GA 161 3.93 34.04 -25.67
C PRO GA 161 4.77 33.52 -26.83
N ALA GA 162 5.85 34.23 -27.11
CA ALA GA 162 6.78 33.77 -28.12
C ALA GA 162 7.61 32.60 -27.64
N SER GA 163 7.66 32.36 -26.33
CA SER GA 163 8.40 31.22 -25.81
C SER GA 163 7.79 29.91 -26.28
N VAL GA 164 6.47 29.88 -26.50
CA VAL GA 164 5.84 28.70 -27.10
C VAL GA 164 6.39 28.46 -28.49
N GLY GA 165 6.66 29.54 -29.22
CA GLY GA 165 6.95 29.51 -30.63
C GLY GA 165 6.04 30.45 -31.37
N GLY GA 166 6.30 30.60 -32.65
CA GLY GA 166 5.47 31.47 -33.46
C GLY GA 166 4.54 30.67 -34.34
N TYR GA 167 4.30 29.42 -33.96
CA TYR GA 167 3.52 28.52 -34.81
C TYR GA 167 2.11 29.04 -34.99
N GLN GA 168 1.61 28.94 -36.21
CA GLN GA 168 0.28 29.43 -36.54
C GLN GA 168 -0.60 28.29 -37.04
N ILE GA 169 -1.88 28.41 -36.75
CA ILE GA 169 -2.85 27.45 -37.23
C ILE GA 169 -3.02 27.60 -38.73
N THR GA 170 -3.08 26.47 -39.43
CA THR GA 170 -3.34 26.46 -40.86
C THR GA 170 -4.21 25.24 -41.16
N CYS GA 171 -4.33 24.90 -42.44
CA CYS GA 171 -5.24 23.84 -42.84
C CYS GA 171 -4.81 22.51 -42.23
N ALA GA 172 -3.58 22.09 -42.49
CA ALA GA 172 -3.09 20.80 -42.00
C ALA GA 172 -3.09 20.72 -40.49
N THR GA 173 -3.26 21.86 -39.80
CA THR GA 173 -3.32 21.82 -38.36
C THR GA 173 -4.52 21.03 -37.88
N CYS GA 174 -5.68 21.25 -38.48
CA CYS GA 174 -6.87 20.48 -38.13
C CYS GA 174 -7.18 19.36 -39.10
N HIS GA 175 -6.77 19.45 -40.36
CA HIS GA 175 -7.14 18.42 -41.31
C HIS GA 175 -6.12 17.30 -41.38
N ASN GA 176 -4.82 17.62 -41.25
CA ASN GA 176 -3.77 16.61 -41.15
C ASN GA 176 -3.79 15.64 -42.32
N GLY GA 177 -4.18 16.11 -43.49
CA GLY GA 177 -4.17 15.29 -44.67
C GLY GA 177 -5.49 14.67 -45.08
N LYS GA 178 -6.56 15.00 -44.35
CA LYS GA 178 -7.90 14.52 -44.67
C LYS GA 178 -8.78 15.71 -44.97
N ALA GA 179 -9.43 15.70 -46.13
CA ALA GA 179 -10.34 16.79 -46.47
C ALA GA 179 -11.62 16.69 -45.65
N ALA GA 180 -12.34 15.59 -45.78
CA ALA GA 180 -13.56 15.35 -45.03
C ALA GA 180 -13.37 14.16 -44.12
N GLY GA 181 -14.42 13.82 -43.37
CA GLY GA 181 -14.32 12.73 -42.44
C GLY GA 181 -13.43 13.03 -41.26
N LEU GA 182 -13.13 14.29 -41.02
CA LEU GA 182 -12.33 14.68 -39.87
C LEU GA 182 -13.04 14.26 -38.59
N GLU GA 183 -12.37 13.43 -37.79
CA GLU GA 183 -12.96 12.96 -36.54
C GLU GA 183 -12.16 13.47 -35.36
N PRO GA 184 -12.61 14.54 -34.71
CA PRO GA 184 -12.16 14.78 -33.35
C PRO GA 184 -12.75 13.73 -32.44
N TYR GA 185 -12.09 13.49 -31.32
CA TYR GA 185 -12.43 12.40 -30.41
C TYR GA 185 -12.51 11.06 -31.14
N PRO GA 186 -11.41 10.55 -31.68
CA PRO GA 186 -11.43 9.18 -32.21
C PRO GA 186 -11.39 8.18 -31.07
N ILE GA 187 -11.62 6.91 -31.43
CA ILE GA 187 -11.67 5.87 -30.41
C ILE GA 187 -10.31 5.60 -29.79
N GLU GA 188 -9.22 6.04 -30.45
CA GLU GA 188 -7.90 5.84 -29.87
C GLU GA 188 -7.73 6.65 -28.58
N ILE GA 189 -8.22 7.88 -28.57
CA ILE GA 189 -8.04 8.77 -27.43
C ILE GA 189 -9.13 8.60 -26.38
N MET GA 190 -10.14 7.76 -26.62
CA MET GA 190 -11.20 7.50 -25.68
C MET GA 190 -10.95 6.23 -24.88
N ASN GA 191 -9.70 5.95 -24.55
CA ASN GA 191 -9.35 4.67 -23.95
C ASN GA 191 -10.08 4.44 -22.64
N THR GA 192 -9.81 5.26 -21.63
CA THR GA 192 -10.46 5.09 -20.34
C THR GA 192 -11.53 6.12 -20.07
N LEU GA 193 -11.82 7.00 -21.02
CA LEU GA 193 -12.95 7.89 -20.91
C LEU GA 193 -14.21 7.18 -21.40
N PRO GA 194 -15.38 7.67 -21.00
CA PRO GA 194 -16.60 7.19 -21.65
C PRO GA 194 -16.59 7.58 -23.12
N ASN GA 195 -17.03 6.65 -23.97
CA ASN GA 195 -16.99 6.92 -25.40
C ASN GA 195 -17.92 8.05 -25.80
N ASP GA 196 -19.00 8.24 -25.03
CA ASP GA 196 -19.90 9.35 -25.29
C ASP GA 196 -19.32 10.69 -24.85
N TRP GA 197 -18.27 10.67 -24.03
CA TRP GA 197 -17.76 11.90 -23.45
C TRP GA 197 -17.20 12.84 -24.51
N ARG GA 198 -17.52 14.12 -24.38
CA ARG GA 198 -16.96 15.16 -25.21
C ARG GA 198 -16.50 16.30 -24.31
N LEU GA 199 -15.56 17.08 -24.82
CA LEU GA 199 -15.05 18.23 -24.08
C LEU GA 199 -16.21 19.16 -23.73
N PRO GA 200 -16.32 19.61 -22.48
CA PRO GA 200 -17.48 20.42 -22.07
C PRO GA 200 -17.32 21.88 -22.43
N LEU GA 201 -17.47 22.20 -23.71
CA LEU GA 201 -17.28 23.57 -24.18
C LEU GA 201 -18.44 24.48 -23.77
N GLU GA 202 -19.42 23.94 -23.06
CA GLU GA 202 -20.53 24.74 -22.57
C GLU GA 202 -20.08 25.80 -21.58
N LEU GA 203 -19.05 25.51 -20.80
CA LEU GA 203 -18.70 26.29 -19.63
C LEU GA 203 -17.80 27.46 -19.99
N ASP GA 204 -17.77 28.45 -19.09
CA ASP GA 204 -16.88 29.59 -19.23
C ASP GA 204 -15.52 29.20 -18.69
N TYR GA 205 -14.55 29.14 -19.57
CA TYR GA 205 -13.39 28.29 -19.38
C TYR GA 205 -12.27 28.78 -18.46
N PRO GA 206 -12.01 30.08 -18.33
CA PRO GA 206 -11.03 30.49 -17.32
C PRO GA 206 -11.31 29.94 -15.92
N GLY GA 207 -12.54 29.52 -15.66
CA GLY GA 207 -12.87 28.91 -14.39
C GLY GA 207 -13.90 27.79 -14.44
N GLY GA 208 -14.09 27.20 -15.62
CA GLY GA 208 -15.16 26.24 -15.83
C GLY GA 208 -14.97 24.87 -15.24
N LEU GA 209 -13.73 24.38 -15.20
CA LEU GA 209 -13.44 23.07 -14.65
C LEU GA 209 -12.83 23.13 -13.26
N VAL GA 210 -12.90 24.29 -12.60
CA VAL GA 210 -12.32 24.45 -11.28
C VAL GA 210 -13.12 23.62 -10.28
N VAL GA 211 -12.42 22.86 -9.45
CA VAL GA 211 -13.07 21.92 -8.56
C VAL GA 211 -12.54 21.95 -7.13
N THR GA 212 -11.40 22.57 -6.85
CA THR GA 212 -10.71 22.37 -5.58
C THR GA 212 -11.35 23.20 -4.47
N GLY GA 213 -11.75 22.52 -3.40
CA GLY GA 213 -12.33 23.18 -2.23
C GLY GA 213 -13.64 23.87 -2.47
N ARG GA 214 -14.40 23.45 -3.48
CA ARG GA 214 -15.56 24.23 -3.90
C ARG GA 214 -16.73 24.06 -2.94
N LYS GA 215 -16.99 22.84 -2.49
CA LYS GA 215 -18.02 22.50 -1.52
C LYS GA 215 -19.43 22.59 -2.10
N ASP GA 216 -19.57 23.11 -3.31
CA ASP GA 216 -20.83 23.04 -4.03
C ASP GA 216 -20.77 22.05 -5.17
N VAL GA 217 -19.67 21.32 -5.29
CA VAL GA 217 -19.53 20.21 -6.23
C VAL GA 217 -19.10 18.99 -5.43
N SER GA 218 -19.14 17.82 -6.08
CA SER GA 218 -18.66 16.61 -5.43
C SER GA 218 -17.96 15.77 -6.47
N ASN GA 219 -17.80 14.48 -6.20
CA ASN GA 219 -17.04 13.63 -7.10
C ASN GA 219 -17.57 13.53 -8.53
N HIS GA 220 -18.82 13.88 -8.77
CA HIS GA 220 -19.32 13.87 -10.14
C HIS GA 220 -18.66 14.97 -10.97
N GLU GA 221 -18.56 16.17 -10.41
CA GLU GA 221 -17.86 17.25 -11.09
C GLU GA 221 -16.36 16.99 -11.14
N VAL GA 222 -15.80 16.38 -10.10
CA VAL GA 222 -14.40 16.01 -10.15
C VAL GA 222 -14.16 14.98 -11.24
N GLU GA 223 -15.11 14.08 -11.46
CA GLU GA 223 -14.98 13.10 -12.52
C GLU GA 223 -15.03 13.75 -13.90
N GLN GA 224 -15.94 14.71 -14.09
CA GLN GA 224 -15.96 15.44 -15.35
C GLN GA 224 -14.66 16.21 -15.58
N ASN GA 225 -14.17 16.87 -14.53
CA ASN GA 225 -12.88 17.55 -14.61
C ASN GA 225 -11.77 16.59 -14.99
N GLN GA 226 -11.78 15.38 -14.43
CA GLN GA 226 -10.72 14.42 -14.70
C GLN GA 226 -10.81 13.86 -16.11
N PHE GA 227 -12.03 13.73 -16.64
CA PHE GA 227 -12.18 13.34 -18.04
C PHE GA 227 -11.56 14.40 -18.95
N ALA GA 228 -11.89 15.67 -18.71
CA ALA GA 228 -11.29 16.73 -19.51
C ALA GA 228 -9.78 16.76 -19.37
N MET GA 229 -9.25 16.57 -18.14
CA MET GA 229 -7.82 16.65 -17.92
C MET GA 229 -7.07 15.48 -18.54
N TYR GA 230 -7.68 14.26 -18.55
CA TYR GA 230 -7.01 13.17 -19.24
C TYR GA 230 -7.12 13.32 -20.75
N HIS GA 231 -8.19 13.95 -21.24
CA HIS GA 231 -8.20 14.31 -22.66
C HIS GA 231 -7.03 15.23 -22.99
N MET GA 232 -6.74 16.19 -22.14
CA MET GA 232 -5.58 17.03 -22.38
C MET GA 232 -4.28 16.24 -22.26
N ASN GA 233 -4.26 15.23 -21.41
CA ASN GA 233 -3.08 14.37 -21.27
C ASN GA 233 -2.78 13.62 -22.55
N VAL GA 234 -3.82 13.12 -23.21
CA VAL GA 234 -3.63 12.37 -24.43
C VAL GA 234 -3.29 13.33 -25.54
N SER GA 235 -3.98 14.48 -25.60
CA SER GA 235 -3.77 15.40 -26.70
C SER GA 235 -2.35 15.92 -26.75
N MET GA 236 -1.74 16.13 -25.60
CA MET GA 236 -0.33 16.53 -25.48
C MET GA 236 0.36 15.49 -24.62
N GLY GA 237 1.09 14.58 -25.26
CA GLY GA 237 1.55 13.37 -24.58
C GLY GA 237 2.36 13.61 -23.31
N GLN GA 238 2.65 14.85 -22.95
CA GLN GA 238 3.59 15.12 -21.87
C GLN GA 238 3.01 14.84 -20.50
N GLY GA 239 1.78 14.34 -20.41
CA GLY GA 239 1.27 13.90 -19.13
C GLY GA 239 0.68 15.03 -18.32
N CYS GA 240 0.52 14.75 -17.04
CA CYS GA 240 -0.35 15.56 -16.21
C CYS GA 240 0.38 16.74 -15.60
N THR GA 241 1.66 16.57 -15.31
CA THR GA 241 2.50 17.67 -14.83
C THR GA 241 3.02 18.55 -15.94
N PHE GA 242 2.50 18.39 -17.16
CA PHE GA 242 2.91 19.28 -18.25
C PHE GA 242 2.48 20.70 -17.98
N CYS GA 243 1.34 20.89 -17.32
CA CYS GA 243 0.89 22.21 -16.93
C CYS GA 243 0.37 22.29 -15.50
N HIS GA 244 0.77 21.37 -14.64
CA HIS GA 244 0.35 21.37 -13.25
C HIS GA 244 1.55 21.06 -12.37
N ASN GA 245 1.62 21.73 -11.22
CA ASN GA 245 2.39 21.22 -10.10
C ASN GA 245 1.41 20.38 -9.29
N ALA GA 246 1.54 19.06 -9.40
CA ALA GA 246 0.53 18.17 -8.86
C ALA GA 246 0.34 18.31 -7.36
N ARG GA 247 1.23 19.00 -6.63
CA ARG GA 247 1.00 19.26 -5.21
C ARG GA 247 -0.12 20.27 -5.01
N TYR GA 248 -0.36 21.13 -5.99
CA TYR GA 248 -1.52 22.02 -5.95
C TYR GA 248 -1.97 22.28 -7.38
N PHE GA 249 -3.07 21.64 -7.77
CA PHE GA 249 -3.60 21.80 -9.11
C PHE GA 249 -4.17 23.20 -9.37
N PRO GA 250 -4.78 23.89 -8.40
CA PRO GA 250 -5.21 25.27 -8.66
C PRO GA 250 -4.08 26.22 -9.00
N SER GA 251 -2.82 25.83 -8.83
CA SER GA 251 -1.72 26.75 -9.04
C SER GA 251 -1.41 26.89 -10.51
N TYR GA 252 -1.01 28.09 -10.91
CA TYR GA 252 -0.60 28.39 -12.28
C TYR GA 252 0.91 28.48 -12.41
N GLU GA 253 1.60 27.57 -11.71
CA GLU GA 253 3.05 27.57 -11.68
C GLU GA 253 3.66 27.38 -13.07
N ILE GA 254 3.14 26.43 -13.84
CA ILE GA 254 3.90 25.87 -14.95
C ILE GA 254 3.79 26.70 -16.23
N ALA GA 255 2.78 27.56 -16.34
CA ALA GA 255 2.62 28.51 -17.44
C ALA GA 255 2.20 27.82 -18.73
N GLN GA 256 2.19 26.50 -18.76
CA GLN GA 256 1.44 25.81 -19.80
C GLN GA 256 -0.03 25.69 -19.43
N LYS GA 257 -0.35 25.93 -18.15
CA LYS GA 257 -1.75 25.98 -17.73
C LYS GA 257 -2.42 27.25 -18.20
N ASN GA 258 -1.65 28.33 -18.40
CA ASN GA 258 -2.22 29.56 -18.93
C ASN GA 258 -2.40 29.46 -20.44
N HIS GA 259 -1.42 28.91 -21.13
CA HIS GA 259 -1.58 28.59 -22.54
C HIS GA 259 -2.79 27.70 -22.76
N SER GA 260 -3.01 26.75 -21.85
CA SER GA 260 -4.16 25.88 -21.96
C SER GA 260 -5.46 26.62 -21.72
N ILE GA 261 -5.45 27.67 -20.89
CA ILE GA 261 -6.65 28.48 -20.74
C ILE GA 261 -6.96 29.22 -22.02
N ILE GA 262 -5.93 29.82 -22.63
CA ILE GA 262 -6.12 30.46 -23.93
C ILE GA 262 -6.67 29.46 -24.94
N MET GA 263 -6.16 28.22 -24.93
CA MET GA 263 -6.58 27.22 -25.90
C MET GA 263 -7.98 26.71 -25.62
N LEU GA 264 -8.35 26.62 -24.37
CA LEU GA 264 -9.72 26.26 -24.04
C LEU GA 264 -10.69 27.33 -24.51
N GLN GA 265 -10.35 28.59 -24.27
CA GLN GA 265 -11.17 29.68 -24.81
C GLN GA 265 -11.24 29.62 -26.32
N MET GA 266 -10.14 29.24 -26.97
CA MET GA 266 -10.11 29.17 -28.42
C MET GA 266 -11.00 28.06 -28.97
N THR GA 267 -10.97 26.88 -28.34
CA THR GA 267 -11.82 25.80 -28.83
C THR GA 267 -13.28 26.05 -28.49
N LYS GA 268 -13.56 26.66 -27.34
CA LYS GA 268 -14.93 27.10 -27.07
C LYS GA 268 -15.40 28.09 -28.12
N HIS GA 269 -14.51 28.98 -28.55
CA HIS GA 269 -14.85 29.94 -29.59
C HIS GA 269 -15.09 29.23 -30.92
N ILE GA 270 -14.29 28.21 -31.23
CA ILE GA 270 -14.51 27.43 -32.44
C ILE GA 270 -15.89 26.81 -32.41
N GLN GA 271 -16.27 26.22 -31.29
CA GLN GA 271 -17.57 25.56 -31.19
C GLN GA 271 -18.70 26.57 -31.29
N GLU GA 272 -18.54 27.73 -30.68
CA GLU GA 272 -19.66 28.68 -30.61
C GLU GA 272 -19.79 29.49 -31.89
N THR GA 273 -18.68 29.78 -32.56
CA THR GA 273 -18.68 30.65 -33.74
C THR GA 273 -18.77 29.86 -35.04
N TYR GA 274 -18.19 28.67 -35.09
CA TYR GA 274 -18.08 27.95 -36.35
C TYR GA 274 -18.78 26.61 -36.34
N VAL GA 275 -18.68 25.84 -35.26
CA VAL GA 275 -19.36 24.55 -35.23
C VAL GA 275 -20.86 24.72 -35.13
N ALA GA 276 -21.33 25.52 -34.17
CA ALA GA 276 -22.76 25.68 -33.91
C ALA GA 276 -23.06 27.14 -33.58
N PRO GA 277 -23.00 28.03 -34.57
CA PRO GA 277 -23.49 29.39 -34.34
C PRO GA 277 -25.00 29.42 -34.40
N GLY GA 278 -25.66 29.47 -33.24
CA GLY GA 278 -27.10 29.31 -33.19
C GLY GA 278 -27.59 28.05 -33.88
N GLY GA 279 -27.03 26.91 -33.52
CA GLY GA 279 -27.40 25.66 -34.16
C GLY GA 279 -26.42 25.23 -35.24
N ARG GA 280 -26.08 23.94 -35.25
CA ARG GA 280 -25.07 23.44 -36.19
C ARG GA 280 -25.63 23.04 -37.53
N ILE GA 281 -26.91 22.75 -37.58
CA ILE GA 281 -27.51 22.27 -38.82
C ILE GA 281 -27.42 23.29 -39.94
N ALA GA 282 -27.62 24.56 -39.60
CA ALA GA 282 -27.60 25.60 -40.63
C ALA GA 282 -26.68 26.74 -40.24
N ASP GA 283 -26.13 27.42 -41.24
CA ASP GA 283 -25.27 28.58 -40.98
C ASP GA 283 -24.10 28.20 -40.09
N GLY GA 284 -23.54 27.01 -40.29
CA GLY GA 284 -22.42 26.57 -39.49
C GLY GA 284 -21.47 25.70 -40.27
N ILE GA 285 -20.20 26.11 -40.33
CA ILE GA 285 -19.19 25.32 -41.04
C ILE GA 285 -18.75 24.21 -40.09
N MET GA 286 -17.93 23.28 -40.58
CA MET GA 286 -17.33 22.19 -39.83
C MET GA 286 -18.27 21.02 -39.56
N ALA GA 287 -19.41 20.94 -40.25
CA ALA GA 287 -20.26 19.76 -40.25
C ALA GA 287 -20.68 19.32 -38.86
N GLY GA 288 -20.84 20.27 -37.95
CA GLY GA 288 -21.24 19.93 -36.59
C GLY GA 288 -20.21 19.12 -35.82
N LYS GA 289 -18.96 19.15 -36.24
CA LYS GA 289 -17.87 18.45 -35.57
C LYS GA 289 -17.28 19.37 -34.51
N SER GA 290 -17.67 19.15 -33.28
CA SER GA 290 -17.12 19.99 -32.22
C SER GA 290 -15.64 19.70 -32.03
N PRO GA 291 -14.83 20.70 -31.75
CA PRO GA 291 -13.38 20.51 -31.71
C PRO GA 291 -12.92 19.82 -30.45
N SER GA 292 -11.66 19.37 -30.50
CA SER GA 292 -10.99 18.80 -29.35
C SER GA 292 -9.54 19.25 -29.40
N CYS GA 293 -8.86 19.12 -28.27
CA CYS GA 293 -7.42 19.39 -28.29
C CYS GA 293 -6.70 18.39 -29.16
N TRP GA 294 -7.19 17.16 -29.22
CA TRP GA 294 -6.56 16.14 -30.05
C TRP GA 294 -6.65 16.48 -31.53
N LEU GA 295 -7.72 17.17 -31.94
CA LEU GA 295 -7.95 17.40 -33.36
C LEU GA 295 -6.74 17.97 -34.05
N CYS GA 296 -5.97 18.74 -33.47
CA CYS GA 296 -4.74 19.23 -34.10
C CYS GA 296 -3.49 18.91 -33.32
N HIS GA 297 -3.58 18.80 -31.98
CA HIS GA 297 -2.34 18.49 -31.27
C HIS GA 297 -1.86 17.08 -31.57
N GLN GA 298 -2.78 16.11 -31.57
CA GLN GA 298 -2.49 14.74 -32.00
C GLN GA 298 -1.35 14.10 -31.22
N GLY GA 299 -1.34 14.29 -29.91
CA GLY GA 299 -0.33 13.67 -29.08
C GLY GA 299 0.96 14.43 -28.97
N ALA GA 300 1.03 15.66 -29.38
CA ALA GA 300 2.19 16.53 -29.28
C ALA GA 300 1.78 17.84 -28.65
N ASN GA 301 2.71 18.49 -27.97
CA ASN GA 301 2.41 19.78 -27.35
C ASN GA 301 2.25 20.87 -28.40
N ILE GA 302 2.97 20.78 -29.49
CA ILE GA 302 2.78 21.64 -30.66
C ILE GA 302 2.14 20.79 -31.75
N PRO GA 303 1.03 21.24 -32.33
CA PRO GA 303 0.36 20.43 -33.36
C PRO GA 303 1.28 20.13 -34.52
N PRO GA 304 1.29 18.90 -35.01
CA PRO GA 304 2.15 18.57 -36.15
C PRO GA 304 1.83 19.38 -37.39
N GLY GA 305 0.55 19.59 -37.68
CA GLY GA 305 0.16 20.39 -38.81
C GLY GA 305 0.24 21.88 -38.63
N ALA GA 306 0.73 22.34 -37.48
CA ALA GA 306 0.88 23.77 -37.27
C ALA GA 306 2.02 24.31 -38.13
N ALA GA 307 1.78 25.46 -38.75
CA ALA GA 307 2.80 26.06 -39.59
C ALA GA 307 3.85 26.76 -38.76
N LYS GA 308 5.10 26.71 -39.23
CA LYS GA 308 6.17 27.40 -38.56
C LYS GA 308 6.02 28.91 -38.73
N PRO GA 309 6.58 29.69 -37.82
CA PRO GA 309 6.37 31.15 -37.87
C PRO GA 309 6.83 31.74 -39.21
N GLY GA 310 5.95 32.54 -39.80
CA GLY GA 310 6.24 33.21 -41.05
C GLY GA 310 5.89 32.42 -42.29
N GLN GA 311 5.27 31.25 -42.16
CA GLN GA 311 5.00 30.42 -43.31
C GLN GA 311 3.60 30.62 -43.89
N VAL GA 312 2.60 30.89 -43.06
CA VAL GA 312 1.26 31.18 -43.54
C VAL GA 312 1.26 32.55 -44.21
N PRO GA 313 0.28 32.88 -45.04
CA PRO GA 313 0.19 34.23 -45.57
C PRO GA 313 -0.01 35.24 -44.44
N ALA GA 314 0.38 36.48 -44.70
CA ALA GA 314 0.26 37.51 -43.68
C ALA GA 314 -1.18 37.74 -43.28
N VAL GA 315 -2.11 37.61 -44.23
CA VAL GA 315 -3.52 37.85 -43.93
C VAL GA 315 -4.04 36.81 -42.94
N LEU GA 316 -3.54 35.58 -43.03
CA LEU GA 316 -3.92 34.52 -42.13
C LEU GA 316 -3.03 34.45 -40.89
N SER GA 317 -1.96 35.21 -40.86
CA SER GA 317 -0.97 35.11 -39.81
C SER GA 317 -1.55 35.60 -38.48
N SER GA 318 -0.86 35.23 -37.41
CA SER GA 318 -1.23 35.71 -36.08
C SER GA 318 -1.09 37.22 -35.99
N THR GA 319 -0.13 37.80 -36.71
CA THR GA 319 -0.06 39.24 -36.87
C THR GA 319 -0.17 39.58 -38.35
N PRO GA 320 -1.17 40.37 -38.77
CA PRO GA 320 -1.38 40.66 -40.18
C PRO GA 320 -0.74 41.97 -40.60
N MET HA 1 41.41 1.13 -32.55
CA MET HA 1 42.22 0.22 -31.74
C MET HA 1 41.40 -0.43 -30.64
N ALA HA 2 40.15 0.01 -30.49
CA ALA HA 2 39.29 -0.58 -29.48
C ALA HA 2 38.96 -2.04 -29.76
N PRO HA 3 38.58 -2.43 -30.98
CA PRO HA 3 38.35 -3.87 -31.24
C PRO HA 3 39.58 -4.71 -30.98
N PHE HA 4 40.75 -4.22 -31.40
CA PHE HA 4 42.00 -4.89 -31.06
C PHE HA 4 42.09 -5.14 -29.57
N LEU HA 5 41.83 -4.11 -28.77
CA LEU HA 5 42.04 -4.21 -27.33
C LEU HA 5 41.02 -5.12 -26.67
N MET HA 6 39.77 -5.06 -27.12
CA MET HA 6 38.77 -5.94 -26.55
C MET HA 6 39.09 -7.39 -26.86
N ALA HA 7 39.51 -7.68 -28.10
CA ALA HA 7 39.93 -9.03 -28.42
C ALA HA 7 41.13 -9.44 -27.58
N PHE HA 8 42.09 -8.53 -27.40
CA PHE HA 8 43.27 -8.82 -26.60
C PHE HA 8 42.88 -9.20 -25.17
N PHE HA 9 41.98 -8.43 -24.57
CA PHE HA 9 41.66 -8.67 -23.16
C PHE HA 9 40.79 -9.91 -23.01
N THR HA 10 39.94 -10.21 -23.98
CA THR HA 10 39.21 -11.47 -23.88
C THR HA 10 40.13 -12.67 -24.05
N ILE HA 11 41.12 -12.59 -24.94
CA ILE HA 11 42.01 -13.76 -25.08
C ILE HA 11 42.92 -13.89 -23.86
N VAL HA 12 43.32 -12.78 -23.25
CA VAL HA 12 44.08 -12.88 -22.01
C VAL HA 12 43.20 -13.48 -20.91
N LEU HA 13 41.92 -13.12 -20.89
CA LEU HA 13 41.02 -13.76 -19.94
C LEU HA 13 40.96 -15.26 -20.19
N ILE HA 14 40.83 -15.67 -21.45
CA ILE HA 14 40.68 -17.08 -21.75
C ILE HA 14 41.95 -17.84 -21.44
N VAL HA 15 43.12 -17.28 -21.79
CA VAL HA 15 44.37 -18.00 -21.57
C VAL HA 15 44.67 -18.07 -20.08
N ALA HA 16 44.45 -16.99 -19.36
CA ALA HA 16 44.51 -17.07 -17.92
C ALA HA 16 43.62 -18.19 -17.41
N THR HA 17 42.40 -18.31 -17.98
CA THR HA 17 41.49 -19.34 -17.48
C THR HA 17 41.99 -20.74 -17.77
N LEU HA 18 42.52 -20.94 -18.96
CA LEU HA 18 43.09 -22.25 -19.26
C LEU HA 18 44.25 -22.56 -18.32
N TYR HA 19 45.10 -21.57 -18.01
CA TYR HA 19 46.27 -21.85 -17.16
C TYR HA 19 45.85 -22.27 -15.75
N PHE HA 20 45.09 -21.41 -15.06
CA PHE HA 20 44.83 -21.72 -13.66
C PHE HA 20 43.79 -22.83 -13.51
N LEU HA 21 42.88 -22.99 -14.47
CA LEU HA 21 42.00 -24.15 -14.43
C LEU HA 21 42.76 -25.43 -14.71
N SER HA 22 43.80 -25.35 -15.56
CA SER HA 22 44.68 -26.50 -15.76
C SER HA 22 45.33 -26.91 -14.45
N MET HA 23 45.82 -25.94 -13.69
CA MET HA 23 46.36 -26.26 -12.37
C MET HA 23 45.28 -26.86 -11.47
N ILE HA 24 44.14 -26.19 -11.34
CA ILE HA 24 43.07 -26.72 -10.50
C ILE HA 24 42.64 -28.10 -10.99
N MET HA 25 42.58 -28.28 -12.30
CA MET HA 25 42.22 -29.57 -12.90
C MET HA 25 43.46 -30.43 -13.15
N SER HA 26 44.27 -30.58 -12.10
CA SER HA 26 45.49 -31.36 -12.20
C SER HA 26 45.40 -32.62 -11.35
N MET IA 1 22.28 2.53 -24.51
CA MET IA 1 22.39 2.66 -23.06
C MET IA 1 21.01 2.69 -22.41
N ASN IA 2 20.05 3.35 -23.07
CA ASN IA 2 18.72 3.46 -22.49
C ASN IA 2 18.14 2.09 -22.19
N TRP IA 3 18.02 1.22 -23.20
CA TRP IA 3 17.35 -0.05 -22.98
C TRP IA 3 18.26 -1.09 -22.33
N ILE IA 4 19.55 -1.09 -22.63
CA ILE IA 4 20.44 -2.03 -21.97
C ILE IA 4 20.51 -1.74 -20.48
N VAL IA 5 20.81 -0.50 -20.12
CA VAL IA 5 20.91 -0.12 -18.72
C VAL IA 5 19.56 -0.26 -18.03
N ALA IA 6 18.50 0.12 -18.73
CA ALA IA 6 17.17 0.01 -18.15
C ALA IA 6 16.83 -1.44 -17.84
N THR IA 7 17.18 -2.36 -18.73
CA THR IA 7 16.85 -3.75 -18.48
C THR IA 7 17.76 -4.36 -17.40
N PHE IA 8 19.00 -3.90 -17.31
CA PHE IA 8 19.83 -4.35 -16.20
C PHE IA 8 19.26 -3.91 -14.86
N MET IA 9 18.77 -2.68 -14.78
CA MET IA 9 18.16 -2.24 -13.52
C MET IA 9 16.83 -2.96 -13.27
N LEU IA 10 16.07 -3.25 -14.33
CA LEU IA 10 14.87 -4.06 -14.18
C LEU IA 10 15.21 -5.42 -13.57
N MET IA 11 16.28 -6.02 -14.05
CA MET IA 11 16.67 -7.33 -13.56
C MET IA 11 17.14 -7.24 -12.11
N PHE IA 12 17.71 -6.11 -11.72
CA PHE IA 12 18.00 -5.92 -10.29
C PHE IA 12 16.74 -5.82 -9.45
N VAL IA 13 15.68 -5.19 -9.96
CA VAL IA 13 14.43 -5.17 -9.22
C VAL IA 13 13.89 -6.60 -9.05
N LEU IA 14 13.97 -7.39 -10.09
CA LEU IA 14 13.52 -8.78 -9.98
C LEU IA 14 14.43 -9.60 -9.07
N VAL IA 15 15.73 -9.34 -9.13
CA VAL IA 15 16.66 -9.94 -8.19
C VAL IA 15 16.23 -9.64 -6.76
N ALA IA 16 15.81 -8.41 -6.52
CA ALA IA 16 15.28 -8.04 -5.21
C ALA IA 16 14.11 -8.94 -4.84
N PHE IA 17 13.23 -9.23 -5.80
CA PHE IA 17 12.20 -10.23 -5.54
C PHE IA 17 12.80 -11.53 -5.04
N LEU IA 18 13.83 -12.01 -5.72
CA LEU IA 18 14.40 -13.35 -5.55
C LEU IA 18 14.50 -13.88 -4.11
N PRO IA 19 15.10 -13.14 -3.16
CA PRO IA 19 15.18 -13.66 -1.78
C PRO IA 19 13.86 -14.13 -1.18
N LEU IA 20 12.77 -13.39 -1.38
CA LEU IA 20 11.47 -13.82 -0.88
C LEU IA 20 11.04 -15.13 -1.53
N VAL IA 21 11.30 -15.26 -2.84
CA VAL IA 21 10.96 -16.50 -3.54
C VAL IA 21 11.75 -17.66 -2.96
N VAL IA 22 13.01 -17.42 -2.62
CA VAL IA 22 13.82 -18.45 -1.99
C VAL IA 22 13.21 -18.83 -0.65
N SER IA 23 12.67 -17.85 0.07
CA SER IA 23 12.02 -18.15 1.35
C SER IA 23 10.80 -19.05 1.16
N LEU IA 24 9.97 -18.74 0.18
CA LEU IA 24 8.79 -19.57 -0.07
C LEU IA 24 9.19 -20.99 -0.48
N ALA IA 25 10.18 -21.11 -1.37
CA ALA IA 25 10.64 -22.42 -1.78
C ALA IA 25 11.30 -23.16 -0.63
N TYR IA 26 11.96 -22.43 0.27
CA TYR IA 26 12.51 -23.05 1.46
C TYR IA 26 11.41 -23.65 2.31
N THR IA 27 10.33 -22.89 2.53
CA THR IA 27 9.23 -23.42 3.32
C THR IA 27 8.66 -24.68 2.68
N TRP IA 28 8.45 -24.68 1.38
CA TRP IA 28 7.88 -25.79 0.70
C TRP IA 28 8.79 -27.00 0.77
N VAL IA 29 10.07 -26.84 0.50
CA VAL IA 29 10.99 -27.97 0.47
C VAL IA 29 11.19 -28.54 1.87
N THR IA 30 11.26 -27.67 2.88
CA THR IA 30 11.56 -28.13 4.23
C THR IA 30 10.31 -28.58 4.99
N ASN IA 31 9.13 -28.54 4.37
CA ASN IA 31 7.90 -29.00 4.99
C ASN IA 31 7.36 -30.14 4.13
N PRO IA 32 8.00 -31.32 4.17
CA PRO IA 32 7.63 -32.41 3.27
C PRO IA 32 6.81 -33.48 3.96
N SER JA 12 3.00 36.87 11.84
CA SER JA 12 3.00 36.41 10.46
C SER JA 12 3.94 35.23 10.24
N PRO JA 13 5.05 35.15 10.98
CA PRO JA 13 5.88 33.94 10.90
C PRO JA 13 5.21 32.71 11.43
N TRP JA 14 4.05 32.84 12.06
CA TRP JA 14 3.44 31.79 12.85
C TRP JA 14 2.42 31.02 12.03
N PRO JA 15 2.54 29.69 11.99
CA PRO JA 15 1.43 28.89 11.47
C PRO JA 15 0.14 29.19 12.20
N VAL JA 16 -0.96 28.72 11.64
CA VAL JA 16 -2.27 29.01 12.20
C VAL JA 16 -2.54 28.08 13.37
N TRP JA 17 -3.47 28.47 14.22
CA TRP JA 17 -3.83 27.65 15.35
C TRP JA 17 -4.15 26.28 14.80
N SER JA 18 -4.94 26.23 13.73
CA SER JA 18 -5.36 24.95 13.18
C SER JA 18 -4.14 24.10 12.86
N GLY JA 19 -3.25 24.66 12.05
CA GLY JA 19 -2.03 24.00 11.68
C GLY JA 19 -1.36 23.38 12.87
N TYR JA 20 -1.08 24.20 13.89
CA TYR JA 20 -0.49 23.70 15.13
C TYR JA 20 -1.26 22.55 15.73
N ALA JA 21 -2.50 22.79 16.15
CA ALA JA 21 -3.23 21.72 16.81
C ALA JA 21 -3.00 20.45 16.01
N LEU JA 22 -3.58 20.42 14.80
CA LEU JA 22 -3.53 19.24 13.93
C LEU JA 22 -2.15 18.63 13.73
N CYS JA 23 -1.21 19.35 13.13
CA CYS JA 23 0.07 18.72 12.83
C CYS JA 23 0.90 18.50 14.09
N PHE JA 24 1.15 19.56 14.85
CA PHE JA 24 2.22 19.53 15.84
C PHE JA 24 1.83 18.88 17.15
N VAL JA 25 0.57 18.96 17.61
CA VAL JA 25 0.40 18.27 18.88
C VAL JA 25 0.11 16.80 18.60
N PRO JA 26 -0.47 16.41 17.47
CA PRO JA 26 -0.37 15.00 17.08
C PRO JA 26 1.05 14.56 16.78
N LEU JA 27 1.88 15.40 16.16
CA LEU JA 27 3.29 15.02 16.00
C LEU JA 27 3.94 14.78 17.36
N ALA JA 28 3.75 15.73 18.28
CA ALA JA 28 4.29 15.59 19.63
C ALA JA 28 3.75 14.35 20.31
N ALA JA 29 2.44 14.12 20.20
CA ALA JA 29 1.84 12.96 20.81
C ALA JA 29 2.43 11.68 20.25
N VAL JA 30 2.53 11.57 18.93
CA VAL JA 30 3.06 10.34 18.34
C VAL JA 30 4.48 10.11 18.82
N ILE JA 31 5.33 11.13 18.72
CA ILE JA 31 6.73 10.94 19.12
C ILE JA 31 6.82 10.57 20.59
N LEU JA 32 6.22 11.40 21.45
CA LEU JA 32 6.29 11.19 22.89
C LEU JA 32 5.69 9.85 23.29
N GLY JA 33 4.44 9.60 22.90
CA GLY JA 33 3.76 8.35 23.14
C GLY JA 33 4.50 7.14 22.61
N PHE JA 34 5.09 7.21 21.43
CA PHE JA 34 5.91 6.12 20.94
C PHE JA 34 7.06 5.86 21.88
N ILE JA 35 7.75 6.91 22.30
CA ILE JA 35 8.91 6.74 23.17
C ILE JA 35 8.50 6.14 24.51
N ILE JA 36 7.37 6.59 25.06
CA ILE JA 36 6.91 6.08 26.34
C ILE JA 36 6.44 4.63 26.20
N ALA JA 37 5.73 4.33 25.12
CA ALA JA 37 5.29 2.96 24.88
C ALA JA 37 6.48 2.04 24.69
N ALA JA 38 7.55 2.52 24.08
CA ALA JA 38 8.75 1.72 23.93
C ALA JA 38 9.43 1.53 25.28
N ARG JA 39 9.44 2.54 26.11
CA ARG JA 39 9.99 2.44 27.43
C ARG JA 39 9.28 1.37 28.21
N PHE JA 40 7.98 1.36 28.14
CA PHE JA 40 7.24 0.39 28.94
C PHE JA 40 7.22 -0.98 28.32
N THR JA 41 7.20 -1.04 26.99
CA THR JA 41 7.40 -2.30 26.28
C THR JA 41 8.65 -2.99 26.80
N ASP JA 42 9.76 -2.26 26.87
CA ASP JA 42 10.99 -2.93 27.27
C ASP JA 42 11.10 -3.10 28.77
N LYS JA 43 10.51 -2.23 29.59
CA LYS JA 43 10.46 -2.57 31.00
C LYS JA 43 9.81 -3.92 31.20
N GLN JA 44 8.68 -4.17 30.54
CA GLN JA 44 8.04 -5.48 30.67
C GLN JA 44 8.90 -6.57 30.06
N ALA JA 45 9.49 -6.33 28.90
CA ALA JA 45 10.21 -7.40 28.22
C ALA JA 45 11.51 -7.78 28.93
N THR JA 46 12.16 -6.84 29.60
CA THR JA 46 13.39 -7.12 30.32
C THR JA 46 13.17 -7.38 31.80
N SER JA 47 11.93 -7.30 32.27
CA SER JA 47 11.68 -7.73 33.64
C SER JA 47 11.89 -9.24 33.76
N ALA JA 48 11.87 -9.72 35.00
CA ALA JA 48 12.07 -11.14 35.30
C ALA JA 48 10.72 -11.82 35.40
N TYR JA 49 10.51 -12.84 34.58
CA TYR JA 49 9.29 -13.63 34.60
C TYR JA 49 9.64 -15.04 34.16
N LEU JA 50 8.64 -15.90 34.11
CA LEU JA 50 8.88 -17.31 33.82
C LEU JA 50 9.44 -17.47 32.42
N ARG JA 51 10.71 -17.82 32.33
CA ARG JA 51 11.33 -18.24 31.08
C ARG JA 51 11.84 -19.66 31.25
N LEU JA 52 12.03 -20.33 30.13
CA LEU JA 52 12.74 -21.60 30.15
C LEU JA 52 14.23 -21.31 30.28
N ASP JA 53 14.88 -21.94 31.24
CA ASP JA 53 16.29 -21.66 31.44
C ASP JA 53 17.07 -22.00 30.16
N PRO JA 54 17.91 -21.11 29.67
CA PRO JA 54 18.57 -21.38 28.39
C PRO JA 54 19.55 -22.53 28.47
N ALA JA 55 20.25 -22.69 29.59
CA ALA JA 55 21.25 -23.75 29.68
C ALA JA 55 20.63 -25.14 29.51
N LYS JA 56 19.37 -25.30 29.92
CA LYS JA 56 18.70 -26.59 29.88
C LYS JA 56 17.92 -26.80 28.60
N ALA JA 57 16.94 -25.95 28.33
CA ALA JA 57 16.05 -26.15 27.20
C ALA JA 57 16.80 -26.15 25.88
N ASN JA 58 17.66 -25.17 25.72
CA ASN JA 58 18.46 -25.18 24.52
C ASN JA 58 19.48 -26.31 24.72
MG BCL KA . -40.55 -15.44 -17.50
CHA BCL KA . -40.46 -16.04 -14.22
CHB BCL KA . -40.09 -18.66 -18.10
CHC BCL KA . -40.96 -14.72 -20.77
CHD BCL KA . -41.17 -12.06 -16.81
NA BCL KA . -40.47 -17.14 -16.32
C1A BCL KA . -40.33 -17.18 -14.96
C2A BCL KA . -40.44 -18.61 -14.45
C3A BCL KA . -39.84 -19.38 -15.70
C4A BCL KA . -40.19 -18.36 -16.76
CMA BCL KA . -38.31 -19.33 -15.61
CAA BCL KA . -41.88 -18.94 -14.14
CBA BCL KA . -42.05 -20.37 -13.73
CGA BCL KA . -40.94 -20.71 -12.77
O1A BCL KA . -40.18 -21.55 -12.87
O2A BCL KA . -41.04 -20.21 -11.64
NB BCL KA . -40.55 -16.46 -19.16
C1B BCL KA . -40.32 -17.80 -19.18
C2B BCL KA . -40.36 -18.20 -20.48
C3B BCL KA . -40.61 -17.14 -21.27
C4B BCL KA . -40.72 -16.00 -20.43
CMB BCL KA . -40.16 -19.65 -20.83
CAB BCL KA . -40.74 -17.12 -22.79
OBB BCL KA . -41.30 -16.25 -23.33
CBB BCL KA . -39.77 -17.81 -23.71
NC BCL KA . -41.21 -13.77 -18.50
C1C BCL KA . -41.28 -13.71 -19.85
C2C BCL KA . -41.70 -12.35 -20.34
C3C BCL KA . -41.94 -11.55 -19.12
C4C BCL KA . -41.33 -12.48 -18.09
CMC BCL KA . -40.51 -11.66 -20.95
CAC BCL KA . -43.47 -11.57 -19.01
CBC BCL KA . -43.99 -10.48 -18.07
ND BCL KA . -40.79 -14.27 -15.98
C1D BCL KA . -41.01 -12.94 -15.75
C2D BCL KA . -41.07 -12.59 -14.40
C3D BCL KA . -40.87 -13.77 -13.80
C4D BCL KA . -40.69 -14.75 -14.77
CMD BCL KA . -41.31 -11.24 -13.82
CAD BCL KA . -40.75 -14.41 -12.46
OBD BCL KA . -40.25 -13.97 -11.35
CBD BCL KA . -40.87 -15.95 -12.75
CGD BCL KA . -39.83 -16.60 -11.82
O1D BCL KA . -40.05 -17.00 -10.82
O2D BCL KA . -38.62 -16.66 -12.14
CED BCL KA . -37.91 -17.79 -11.41
C1 BCL KA . -42.25 -20.45 -10.86
C2 BCL KA . -42.22 -19.73 -9.53
C3 BCL KA . -42.41 -20.34 -8.39
C4 BCL KA . -42.61 -21.82 -8.32
C5 BCL KA . -42.16 -19.66 -7.03
C6 BCL KA . -43.38 -19.93 -6.11
C7 BCL KA . -43.17 -18.99 -4.93
C8 BCL KA . -44.37 -18.91 -4.03
C9 BCL KA . -45.68 -18.74 -4.79
C10 BCL KA . -44.11 -17.68 -3.21
C11 BCL KA . -44.13 -16.51 -4.11
C12 BCL KA . -43.56 -15.40 -3.26
C13 BCL KA . -44.61 -15.05 -2.20
C14 BCL KA . -45.13 -13.66 -2.53
C15 BCL KA . -43.98 -15.04 -0.83
C16 BCL KA . -45.14 -15.05 0.10
C17 BCL KA . -44.61 -15.53 1.43
C18 BCL KA . -45.48 -15.07 2.59
C19 BCL KA . -44.71 -15.49 3.81
C20 BCL KA . -46.79 -15.87 2.63
MG BCL LA . -38.66 -33.85 -5.44
CHA BCL LA . -41.26 -34.96 -7.15
CHB BCL LA . -37.51 -36.98 -5.21
CHC BCL LA . -36.03 -32.59 -3.78
CHD BCL LA . -39.48 -30.57 -6.42
NA BCL LA . -39.25 -35.70 -6.17
C1A BCL LA . -40.44 -35.98 -6.82
C2A BCL LA . -40.81 -37.46 -6.75
C3A BCL LA . -39.66 -38.06 -5.86
C4A BCL LA . -38.72 -36.87 -5.84
CMA BCL LA . -40.19 -38.17 -4.43
CAA BCL LA . -40.91 -38.06 -8.14
CBA BCL LA . -39.93 -37.50 -9.13
CGA BCL LA . -39.96 -38.32 -10.41
O1A BCL LA . -40.29 -39.40 -10.50
O2A BCL LA . -39.57 -37.75 -11.44
NB BCL LA . -37.05 -34.60 -4.65
C1B BCL LA . -36.76 -35.92 -4.64
C2B BCL LA . -35.57 -36.10 -3.98
C3B BCL LA . -35.12 -34.90 -3.57
C4B BCL LA . -36.06 -33.92 -3.97
CMB BCL LA . -34.95 -37.45 -3.80
CAB BCL LA . -33.84 -34.65 -2.78
OBB BCL LA . -33.88 -34.64 -1.60
CBB BCL LA . -32.46 -34.95 -3.27
NC BCL LA . -37.89 -31.95 -5.26
C1C BCL LA . -36.84 -31.67 -4.46
C2C BCL LA . -36.41 -30.23 -4.55
C3C BCL LA . -37.44 -29.56 -5.38
C4C BCL LA . -38.35 -30.75 -5.71
CMC BCL LA . -36.59 -29.57 -3.22
CAC BCL LA . -36.63 -29.17 -6.61
CBC BCL LA . -36.89 -27.74 -7.11
ND BCL LA . -39.98 -32.92 -6.51
C1D BCL LA . -40.27 -31.62 -6.86
C2D BCL LA . -41.41 -31.50 -7.66
C3D BCL LA . -41.80 -32.76 -7.79
C4D BCL LA . -40.95 -33.58 -7.08
CMD BCL LA . -42.03 -30.27 -8.25
CAD BCL LA . -42.86 -33.60 -8.42
OBD BCL LA . -44.07 -33.28 -8.78
CBD BCL LA . -42.53 -35.09 -8.02
CGD BCL LA . -43.70 -35.50 -7.12
O1D BCL LA . -43.60 -35.76 -6.05
O2D BCL LA . -44.77 -35.92 -7.64
CED BCL LA . -45.96 -35.69 -6.70
C1 BCL LA . -40.01 -38.20 -12.76
C2 BCL LA . -40.61 -37.08 -13.59
C3 BCL LA . -39.90 -36.24 -14.32
C4 BCL LA . -38.42 -36.18 -14.15
C5 BCL LA . -40.50 -35.35 -15.42
C6 BCL LA . -39.46 -34.33 -15.96
C7 BCL LA . -40.24 -33.07 -16.28
C8 BCL LA . -39.62 -32.22 -17.36
C9 BCL LA . -38.96 -30.94 -16.83
C10 BCL LA . -40.74 -31.86 -18.27
C11 BCL LA . -41.67 -30.96 -17.54
C12 BCL LA . -42.74 -30.66 -18.57
C13 BCL LA . -43.42 -29.34 -18.19
C14 BCL LA . -44.28 -29.61 -16.96
C15 BCL LA . -44.28 -28.82 -19.31
C16 BCL LA . -43.87 -27.39 -19.50
C17 BCL LA . -44.97 -26.67 -20.24
C18 BCL LA . -45.10 -25.20 -19.83
C19 BCL LA . -46.36 -25.12 -19.00
C20 BCL LA . -45.31 -24.28 -21.05
CAB KGD MA . -48.20 -21.77 2.78
CAC KGD MA . -47.45 -22.54 3.86
CAD KGD MA . -47.32 -20.64 2.40
CAE KGD MA . -46.11 -22.97 3.34
CAF KGD MA . -48.40 -22.65 1.57
CAG KGD MA . -49.55 -21.28 3.28
CAH KGD MA . -46.00 -20.71 2.27
CAI KGD MA . -45.28 -21.82 2.84
CAJ KGD MA . -47.98 -19.40 2.05
CAK KGD MA . -45.18 -19.71 1.57
CAL KGD MA . -47.93 -19.04 0.79
CAM KGD MA . -48.55 -17.84 0.33
CAN KGD MA . -49.58 -17.24 1.20
CAO KGD MA . -48.11 -17.38 -0.83
CAP KGD MA . -48.66 -16.20 -1.41
CAQ KGD MA . -48.27 -15.92 -2.65
CAR KGD MA . -48.78 -14.80 -3.36
CAS KGD MA . -52.89 -6.91 -16.40
CAT KGD MA . -53.25 -7.42 -17.77
CAU KGD MA . -49.66 -13.84 -2.66
CAV KGD MA . -48.42 -14.69 -4.63
CAW KGD MA . -51.64 -7.56 -16.01
CAX KGD MA . -54.10 -6.43 -18.48
CAY KGD MA . -54.92 -6.82 -19.47
CAZ KGD MA . -50.50 -7.48 -16.91
CBA KGD MA . -51.57 -8.19 -14.86
CBB KGD MA . -48.90 -13.64 -5.42
CBC KGD MA . -55.03 -8.25 -19.86
CBD KGD MA . -55.75 -5.83 -20.19
CBE KGD MA . -50.38 -8.86 -14.43
CBF KGD MA . -50.46 -9.50 -13.30
CBG KGD MA . -49.02 -13.95 -6.69
CBH KGD MA . -49.40 -10.24 -12.71
CBI KGD MA . -49.52 -13.08 -7.66
CBJ KGD MA . -49.78 -10.84 -11.61
CBK KGD MA . -48.05 -10.29 -13.29
CBL KGD MA . -48.77 -12.65 -8.65
CBM KGD MA . -48.97 -11.65 -10.81
CBN KGD MA . -49.42 -11.83 -9.58
CBO KGD MA . -47.35 -13.00 -8.87
OAA KGD MA . -44.07 -21.82 2.91
CAB KGD NA . -41.41 -24.81 4.63
CAC KGD NA . -40.59 -24.86 5.89
CAD KGD NA . -40.48 -24.94 3.48
CAE KGD NA . -39.73 -26.06 5.87
CAF KGD NA . -42.37 -25.99 4.59
CAG KGD NA . -42.20 -23.51 4.54
CAH KGD NA . -39.30 -25.55 3.50
CAI KGD NA . -38.76 -26.01 4.77
CAJ KGD NA . -41.07 -24.66 2.20
CAK KGD NA . -38.74 -26.27 2.34
CAL KGD NA . -40.33 -24.04 1.30
CAM KGD NA . -40.83 -23.73 0.01
CAN KGD NA . -42.29 -23.56 -0.13
CAO KGD NA . -39.95 -23.63 -0.96
CAP KGD NA . -40.30 -23.26 -2.29
CAQ KGD NA . -39.40 -23.46 -3.23
CAR KGD NA . -39.64 -23.06 -4.58
CAS KGD NA . -33.12 -17.63 -18.74
CAT KGD NA . -34.13 -16.54 -18.53
CAU KGD NA . -40.97 -22.55 -4.94
CAV KGD NA . -38.58 -23.11 -5.39
CAW KGD NA . -33.07 -18.59 -17.60
CAX KGD NA . -33.58 -15.41 -17.76
CAY KGD NA . -33.39 -14.18 -18.24
CAZ KGD NA . -31.80 -19.31 -17.38
CBA KGD NA . -34.11 -18.82 -16.83
CBB KGD NA . -38.61 -22.65 -6.71
CBC KGD NA . -33.69 -13.81 -19.63
CBD KGD NA . -32.84 -13.13 -17.36
CBE KGD NA . -33.93 -19.77 -15.75
CBF KGD NA . -34.89 -20.05 -14.88
CBG KGD NA . -37.55 -22.87 -7.48
CBH KGD NA . -34.64 -20.95 -13.79
CBI KGD NA . -37.52 -22.32 -8.79
CBJ KGD NA . -35.50 -20.90 -12.78
CBK KGD NA . -33.47 -21.86 -13.83
CBL KGD NA . -36.46 -22.47 -9.55
CBM KGD NA . -35.40 -21.66 -11.58
CBN KGD NA . -36.49 -21.79 -10.81
CBO KGD NA . -35.24 -23.23 -9.17
OAA KGD NA . -37.61 -26.32 4.89
MG BCL OA . 11.32 -19.45 -36.12
CHA BCL OA . 13.81 -20.79 -34.31
CHB BCL OA . 9.13 -21.08 -34.21
CHC BCL OA . 8.91 -17.53 -37.50
CHD BCL OA . 13.70 -17.42 -37.74
NA BCL OA . 11.45 -20.73 -34.49
C1A BCL OA . 12.59 -21.25 -33.93
C2A BCL OA . 12.30 -22.10 -32.69
C3A BCL OA . 10.78 -22.44 -32.90
C4A BCL OA . 10.44 -21.38 -33.93
CMA BCL OA . 10.65 -23.77 -33.64
CAA BCL OA . 12.62 -21.32 -31.44
CBA BCL OA . 13.51 -22.05 -30.47
CGA BCL OA . 12.66 -22.52 -29.31
O1A BCL OA . 11.61 -22.94 -29.42
O2A BCL OA . 12.90 -21.99 -28.22
NB BCL OA . 9.39 -19.30 -35.92
C1B BCL OA . 8.67 -20.08 -35.07
C2B BCL OA . 7.34 -19.72 -35.19
C3B BCL OA . 7.24 -18.73 -36.10
C4B BCL OA . 8.54 -18.45 -36.58
CMB BCL OA . 6.31 -20.43 -34.36
CAB BCL OA . 5.96 -18.01 -36.56
OBB BCL OA . 5.98 -17.32 -37.49
CBB BCL OA . 4.69 -17.88 -35.78
NC BCL OA . 11.36 -17.76 -37.31
C1C BCL OA . 10.24 -17.18 -37.78
C2C BCL OA . 10.53 -16.24 -38.92
C3C BCL OA . 11.96 -16.48 -39.24
C4C BCL OA . 12.39 -17.10 -37.91
CMC BCL OA . 9.84 -16.71 -40.16
CAC BCL OA . 12.49 -15.05 -39.42
CBC BCL OA . 12.39 -14.18 -38.17
ND BCL OA . 13.24 -19.11 -36.09
C1D BCL OA . 14.13 -18.31 -36.77
C2D BCL OA . 15.46 -18.47 -36.36
C3D BCL OA . 15.35 -19.41 -35.42
C4D BCL OA . 14.03 -19.78 -35.29
CMD BCL OA . 16.68 -17.77 -36.86
CAD BCL OA . 16.16 -20.21 -34.48
OBD BCL OA . 17.43 -20.17 -34.20
CBD BCL OA . 15.15 -21.04 -33.61
CGD BCL OA . 15.58 -22.51 -33.85
O1D BCL OA . 15.95 -22.88 -34.81
O2D BCL OA . 15.85 -23.25 -32.88
CED BCL OA . 15.53 -24.71 -33.19
C1 BCL OA . 13.75 -22.66 -27.25
C2 BCL OA . 12.92 -23.40 -26.21
C3 BCL OA . 13.42 -23.89 -25.09
C4 BCL OA . 14.87 -23.78 -24.79
C5 BCL OA . 12.70 -24.99 -24.29
C6 BCL OA . 12.60 -26.26 -25.15
C7 BCL OA . 11.41 -27.03 -24.59
C8 BCL OA . 11.52 -28.51 -24.78
C9 BCL OA . 11.40 -28.95 -26.24
C10 BCL OA . 10.36 -29.03 -24.01
C11 BCL OA . 10.95 -29.77 -22.86
C12 BCL OA . 9.90 -29.60 -21.78
C13 BCL OA . 10.53 -30.10 -20.49
C14 BCL OA . 9.42 -30.78 -19.70
C15 BCL OA . 11.11 -28.94 -19.70
C16 BCL OA . 11.37 -29.46 -18.32
C17 BCL OA . 12.34 -28.50 -17.67
C18 BCL OA . 11.75 -27.76 -16.47
C19 BCL OA . 11.11 -26.51 -17.02
C20 BCL OA . 10.65 -28.57 -15.77
CAB KGD PA . 12.54 -34.47 -21.03
CAC KGD PA . 11.59 -34.70 -19.82
CAD KGD PA . 13.66 -33.53 -20.66
CAE KGD PA . 12.26 -34.56 -18.45
CAF KGD PA . 13.15 -35.78 -21.53
CAG KGD PA . 11.76 -33.86 -22.17
CAH KGD PA . 14.03 -33.20 -19.42
CAI KGD PA . 13.09 -33.35 -18.36
CAJ KGD PA . 14.34 -32.77 -21.69
CAK KGD PA . 15.46 -33.12 -19.02
CAL KGD PA . 14.35 -31.44 -21.66
CAM KGD PA . 15.11 -30.75 -22.66
CAN KGD PA . 15.70 -31.60 -23.71
CAO KGD PA . 15.29 -29.43 -22.56
CAP KGD PA . 16.11 -28.76 -23.50
CAQ KGD PA . 16.63 -27.62 -23.12
CAR KGD PA . 17.52 -26.86 -23.93
CAS KGD PA . 27.43 -17.00 -29.82
CAT KGD PA . 28.69 -16.40 -29.26
CAU KGD PA . 18.40 -27.61 -24.78
CAV KGD PA . 17.59 -25.54 -23.82
CAW KGD PA . 26.41 -17.22 -28.80
CAX KGD PA . 29.77 -16.49 -30.30
CAY KGD PA . 29.99 -15.53 -31.23
CAZ KGD PA . 25.88 -15.99 -28.10
CBA KGD PA . 26.01 -18.51 -28.58
CBB KGD PA . 18.55 -24.82 -24.60
CBC KGD PA . 31.03 -15.69 -32.20
CBD KGD PA . 29.16 -14.32 -31.31
CBE KGD PA . 25.00 -18.92 -27.62
CBF KGD PA . 24.53 -18.07 -26.70
CBG KGD PA . 19.05 -23.67 -24.16
CBH KGD PA . 23.54 -18.49 -25.82
CBI KGD PA . 20.04 -22.97 -24.94
CBJ KGD PA . 22.57 -19.27 -26.29
CBK KGD PA . 23.62 -18.01 -24.47
CBL KGD PA . 20.33 -21.69 -24.71
CBM KGD PA . 21.53 -19.77 -25.48
CBN KGD PA . 21.33 -21.08 -25.50
CBO KGD PA . 19.72 -20.88 -23.66
OAA KGD PA . 12.98 -32.52 -17.47
MG BCL QA . 20.22 -15.43 -33.17
CHA BCL QA . 18.55 -17.76 -31.49
CHB BCL QA . 23.05 -16.49 -31.81
CHC BCL QA . 21.81 -13.23 -35.19
CHD BCL QA . 17.22 -14.44 -34.68
NA BCL QA . 20.75 -17.03 -31.97
C1A BCL QA . 19.88 -17.83 -31.26
C2A BCL QA . 20.66 -18.96 -30.58
C3A BCL QA . 22.03 -18.24 -30.32
C4A BCL QA . 21.96 -17.24 -31.45
CMA BCL QA . 21.92 -17.40 -29.05
CAA BCL QA . 20.73 -20.15 -31.50
CBA BCL QA . 21.55 -21.27 -30.93
CGA BCL QA . 21.15 -21.41 -29.47
O1A BCL QA . 21.85 -21.36 -28.59
O2A BCL QA . 20.04 -21.92 -29.27
NB BCL QA . 22.08 -14.92 -33.49
C1B BCL QA . 23.11 -15.49 -32.80
C2B BCL QA . 24.26 -14.90 -33.23
C3B BCL QA . 23.96 -13.98 -34.18
C4B BCL QA . 22.56 -13.98 -34.35
CMB BCL QA . 25.58 -15.32 -32.66
CAB BCL QA . 24.95 -13.10 -34.93
OBB BCL QA . 24.64 -12.62 -35.96
CBB BCL QA . 26.05 -12.33 -34.27
NC BCL QA . 19.61 -14.30 -34.77
C1C BCL QA . 20.45 -13.46 -35.43
C2C BCL QA . 19.75 -12.67 -36.50
C3C BCL QA . 18.35 -13.15 -36.50
C4C BCL QA . 18.37 -13.95 -35.20
CMC BCL QA . 19.60 -11.24 -36.05
CAC BCL QA . 18.32 -14.11 -37.69
CBC BCL QA . 16.89 -14.42 -38.14
ND BCL QA . 18.35 -15.91 -33.17
C1D BCL QA . 17.20 -15.48 -33.78
C2D BCL QA . 16.06 -16.19 -33.38
C3D BCL QA . 16.56 -17.06 -32.51
C4D BCL QA . 17.92 -16.88 -32.39
CMD BCL QA . 14.66 -15.98 -33.84
CAD BCL QA . 16.17 -18.18 -31.59
OBD BCL QA . 15.11 -18.36 -30.88
CBD BCL QA . 17.53 -18.89 -31.24
CGD BCL QA . 17.40 -19.21 -29.73
O1D BCL QA . 17.05 -20.18 -29.33
O2D BCL QA . 17.63 -18.35 -28.85
CED BCL QA . 18.01 -19.01 -27.52
C1 BCL QA . 19.74 -23.22 -29.85
C2 BCL QA . 18.32 -23.67 -29.53
C3 BCL QA . 18.05 -24.82 -28.97
C4 BCL QA . 19.14 -25.76 -28.54
C5 BCL QA . 16.65 -25.17 -28.45
C6 BCL QA . 16.28 -26.59 -28.95
C7 BCL QA . 14.79 -26.71 -28.65
C8 BCL QA . 14.16 -27.92 -29.27
C9 BCL QA . 14.55 -28.11 -30.73
C10 BCL QA . 12.70 -27.66 -29.18
C11 BCL QA . 12.40 -26.48 -30.01
C12 BCL QA . 10.98 -26.10 -29.62
C13 BCL QA . 10.05 -27.19 -30.16
C14 BCL QA . 9.22 -26.55 -31.26
C15 BCL QA . 9.14 -27.68 -29.08
C16 BCL QA . 8.56 -28.94 -29.63
C17 BCL QA . 8.05 -29.73 -28.44
C18 BCL QA . 6.96 -30.71 -28.83
C19 BCL QA . 6.47 -31.26 -27.53
C20 BCL QA . 7.57 -31.90 -29.59
MG BCL RA . 26.33 -31.64 -19.48
CHA BCL RA . 28.34 -32.64 -21.92
CHB BCL RA . 28.53 -32.78 -17.23
CHC BCL RA . 24.24 -30.53 -17.08
CHD BCL RA . 24.49 -29.77 -21.83
NA BCL RA . 28.22 -32.51 -19.56
C1A BCL RA . 28.88 -32.92 -20.71
C2A BCL RA . 29.97 -33.95 -20.42
C3A BCL RA . 29.82 -34.17 -18.86
C4A BCL RA . 28.89 -33.02 -18.53
CMA BCL RA . 28.98 -35.43 -18.64
CAA BCL RA . 31.32 -33.45 -20.85
CBA BCL RA . 31.52 -31.97 -20.68
CGA BCL RA . 32.98 -31.62 -20.94
O1A BCL RA . 33.87 -32.32 -20.84
O2A BCL RA . 33.21 -30.45 -21.27
NB BCL RA . 26.35 -31.62 -17.52
C1B BCL RA . 27.36 -32.16 -16.78
C2B BCL RA . 27.04 -31.98 -15.46
C3B BCL RA . 25.85 -31.36 -15.37
C4B BCL RA . 25.39 -31.13 -16.69
CMB BCL RA . 27.94 -32.46 -14.36
CAB BCL RA . 25.12 -31.00 -14.08
OBB BCL RA . 24.35 -31.76 -13.63
CBB BCL RA . 25.65 -30.06 -13.04
NC BCL RA . 24.76 -30.33 -19.49
C1C BCL RA . 24.01 -30.08 -18.40
C2C BCL RA . 22.97 -29.02 -18.63
C3C BCL RA . 23.01 -28.73 -20.09
C4C BCL RA . 24.14 -29.67 -20.52
CMC BCL RA . 21.59 -29.61 -18.46
CAC BCL RA . 23.50 -27.28 -20.09
CBC BCL RA . 22.75 -26.37 -21.06
ND BCL RA . 26.34 -31.24 -21.36
C1D BCL RA . 25.59 -30.50 -22.25
C2D BCL RA . 26.04 -30.57 -23.57
C3D BCL RA . 27.08 -31.39 -23.47
C4D BCL RA . 27.24 -31.78 -22.14
CMD BCL RA . 25.49 -29.91 -24.80
CAD BCL RA . 28.15 -32.04 -24.28
OBD BCL RA . 28.16 -32.33 -25.54
CBD BCL RA . 29.01 -32.88 -23.27
CGD BCL RA . 28.76 -34.34 -23.70
O1D BCL RA . 28.26 -35.10 -23.06
O2D BCL RA . 29.43 -34.84 -24.63
CED BCL RA . 28.68 -35.99 -25.30
C1 BCL RA . 34.42 -30.09 -22.02
C2 BCL RA . 34.12 -29.33 -23.31
C3 BCL RA . 33.94 -28.03 -23.34
C4 BCL RA . 33.76 -27.25 -22.08
C5 BCL RA . 34.00 -27.20 -24.65
C6 BCL RA . 33.55 -25.73 -24.41
C7 BCL RA . 32.81 -25.31 -25.68
C8 BCL RA . 32.86 -23.83 -25.94
C9 BCL RA . 31.54 -23.12 -25.66
C10 BCL RA . 33.21 -23.71 -27.39
C11 BCL RA . 32.06 -24.22 -28.18
C12 BCL RA . 32.53 -24.03 -29.62
C13 BCL RA . 31.28 -23.96 -30.51
C14 BCL RA . 30.70 -25.38 -30.59
C15 BCL RA . 31.63 -23.46 -31.89
C16 BCL RA . 30.65 -22.36 -32.18
C17 BCL RA . 30.61 -22.14 -33.68
C18 BCL RA . 29.23 -21.71 -34.17
C19 BCL RA . 28.65 -22.90 -34.88
C20 BCL RA . 29.34 -20.58 -35.22
CAB KGD SA . 12.47 -36.41 -29.21
CAC KGD SA . 12.36 -37.31 -28.01
CAD KGD SA . 11.86 -35.10 -28.85
CAE KGD SA . 13.03 -36.66 -26.84
CAF KGD SA . 13.93 -36.19 -29.53
CAG KGD SA . 11.78 -37.03 -30.42
CAH KGD SA . 11.83 -34.60 -27.61
CAI KGD SA . 12.40 -35.37 -26.48
CAJ KGD SA . 11.06 -34.48 -29.90
CAK KGD SA . 11.06 -33.40 -27.26
CAL KGD SA . 11.50 -33.34 -30.45
CAM KGD SA . 10.77 -32.70 -31.52
CAN KGD SA . 9.52 -33.36 -31.96
CAO KGD SA . 11.30 -31.57 -32.05
CAP KGD SA . 10.75 -30.82 -33.17
CAQ KGD SA . 11.32 -29.65 -33.48
CAR KGD SA . 10.96 -28.81 -34.62
CAS KGD SA . 13.51 -18.94 -46.81
CAT KGD SA . 13.79 -17.70 -47.63
CAU KGD SA . 9.89 -29.28 -35.54
CAV KGD SA . 11.65 -27.67 -34.81
CAW KGD SA . 13.64 -18.64 -45.38
CAX KGD SA . 13.52 -17.99 -49.05
CAY KGD SA . 12.51 -17.41 -49.70
CAZ KGD SA . 14.10 -17.32 -44.94
CBA KGD SA . 13.33 -19.60 -44.52
CBB KGD SA . 11.43 -26.82 -35.95
CBC KGD SA . 12.25 -17.72 -51.13
CBD KGD SA . 11.63 -16.43 -49.04
CBE KGD SA . 13.43 -19.42 -43.10
CBF KGD SA . 13.24 -20.48 -42.35
CBG KGD SA . 12.41 -25.98 -36.29
CBH KGD SA . 13.33 -20.46 -40.93
CBI KGD SA . 12.40 -25.13 -37.45
CBJ KGD SA . 13.25 -21.66 -40.39
CBK KGD SA . 13.47 -19.18 -40.22
CBL KGD SA . 12.90 -23.89 -37.47
CBM KGD SA . 13.32 -22.01 -39.00
CBN KGD SA . 12.89 -23.25 -38.74
CBO KGD SA . 13.46 -23.19 -36.34
OAA KGD SA . 12.37 -34.98 -25.34
MG BCL TA . -5.60 -23.75 -36.49
CHA BCL TA . -3.21 -25.77 -35.29
CHB BCL TA . -7.55 -24.63 -33.92
CHC BCL TA . -7.64 -21.21 -37.33
CHD BCL TA . -3.31 -22.55 -38.86
NA BCL TA . -5.40 -24.99 -34.83
C1A BCL TA . -4.35 -25.84 -34.55
C2A BCL TA . -4.51 -26.55 -33.21
C3A BCL TA . -6.06 -26.40 -32.97
C4A BCL TA . -6.35 -25.30 -33.96
CMA BCL TA . -6.77 -27.64 -33.52
CAA BCL TA . -3.65 -25.90 -32.16
CBA BCL TA . -2.76 -26.85 -31.41
CGA BCL TA . -3.35 -27.03 -30.03
O1A BCL TA . -4.45 -27.13 -29.82
O2A BCL TA . -2.67 -26.59 -29.10
NB BCL TA . -7.28 -23.01 -35.79
C1B BCL TA . -7.92 -23.54 -34.71
C2B BCL TA . -9.06 -22.79 -34.50
C3B BCL TA . -9.13 -21.82 -35.43
C4B BCL TA . -7.99 -21.96 -36.26
CMB BCL TA . -9.97 -23.14 -33.37
CAB BCL TA . -10.21 -20.75 -35.60
OBB BCL TA . -10.26 -20.10 -36.57
CBB BCL TA . -11.13 -20.23 -34.52
NC BCL TA . -5.42 -22.16 -37.78
C1C BCL TA . -6.41 -21.27 -38.00
C2C BCL TA . -6.19 -20.47 -39.25
C3C BCL TA . -5.06 -21.14 -39.92
C4C BCL TA . -4.46 -21.84 -38.70
CMC BCL TA . -7.32 -20.73 -40.22
CAC BCL TA . -4.21 -19.94 -40.37
CBC BCL TA . -3.69 -19.07 -39.23
ND BCL TA . -3.75 -24.02 -37.00
C1D BCL TA . -2.90 -23.53 -37.96
C2D BCL TA . -1.61 -24.08 -37.91
C3D BCL TA . -1.72 -24.94 -36.90
C4D BCL TA . -3.00 -24.89 -36.38
CMD BCL TA . -0.44 -23.78 -38.79
CAD BCL TA . -0.93 -25.94 -36.13
OBD BCL TA . 0.31 -26.29 -36.21
CBD BCL TA . -1.86 -26.41 -34.95
CGD BCL TA . -1.97 -27.95 -35.16
O1D BCL TA . -2.01 -28.43 -36.15
O2D BCL TA . -1.66 -28.72 -34.23
CED BCL TA . -2.46 -30.02 -34.31
C1 BCL TA . -1.81 -27.50 -28.32
C2 BCL TA . -2.48 -27.92 -27.04
C3 BCL TA . -1.86 -28.54 -26.05
C4 BCL TA . -0.40 -28.87 -26.17
C5 BCL TA . -2.59 -29.36 -24.99
C6 BCL TA . -3.31 -30.55 -25.68
C7 BCL TA . -4.45 -30.91 -24.74
C8 BCL TA . -4.84 -32.36 -24.82
C9 BCL TA . -5.50 -32.75 -26.14
C10 BCL TA . -5.84 -32.50 -23.72
C11 BCL TA . -5.19 -33.36 -22.71
C12 BCL TA . -5.78 -32.87 -21.41
C13 BCL TA . -4.99 -33.54 -20.28
C14 BCL TA . -5.99 -33.84 -19.17
C15 BCL TA . -3.91 -32.61 -19.80
C16 BCL TA . -3.43 -33.16 -18.49
C17 BCL TA . -2.07 -32.54 -18.22
C18 BCL TA . -2.05 -31.66 -16.98
C19 BCL TA . -2.43 -30.27 -17.46
C20 BCL TA . -3.10 -32.09 -15.94
CAB KGD UA . -4.01 -38.38 -21.22
CAC KGD UA . -4.54 -38.50 -19.82
CAD KGD UA . -2.75 -37.58 -21.14
CAE KGD UA . -3.49 -39.06 -18.94
CAF KGD UA . -3.66 -39.73 -21.77
CAG KGD UA . -5.02 -37.71 -22.13
CAH KGD UA . -2.01 -37.41 -20.04
CAI KGD UA . -2.37 -38.10 -18.82
CAJ KGD UA . -2.23 -37.15 -22.42
CAK KGD UA . -0.64 -36.86 -20.05
CAL KGD UA . -1.77 -35.90 -22.55
CAM KGD UA . -1.27 -35.43 -23.80
CAN KGD UA . -1.81 -36.08 -25.00
CAO KGD UA . -0.37 -34.45 -23.78
CAP KGD UA . 0.15 -33.88 -24.99
CAQ KGD UA . 1.04 -32.89 -24.89
CAR KGD UA . 1.58 -32.20 -26.04
CAS KGD UA . 7.83 -19.47 -31.51
CAT KGD UA . 7.82 -18.07 -32.08
CAU KGD UA . 1.11 -32.58 -27.38
CAV KGD UA . 2.45 -31.21 -25.78
CAW KGD UA . 8.56 -19.53 -30.21
CAX KGD UA . 6.75 -17.25 -31.47
CAY KGD UA . 6.07 -16.33 -32.14
CAZ KGD UA . 9.08 -18.30 -29.61
CBA KGD UA . 8.69 -20.74 -29.63
CBB KGD UA . 3.02 -30.38 -26.80
CBC KGD UA . 6.33 -16.05 -33.56
CBD KGD UA . 5.02 -15.54 -31.48
CBE KGD UA . 8.13 -21.79 -30.39
CBF KGD UA . 7.72 -23.00 -30.01
CBG KGD UA . 3.82 -29.38 -26.40
CBH KGD UA . 7.66 -23.61 -28.70
CBI KGD UA . 4.39 -28.44 -27.32
CBJ KGD UA . 6.85 -24.67 -28.70
CBK KGD UA . 8.46 -23.12 -27.56
CBL KGD UA . 5.36 -27.60 -26.94
CBM KGD UA . 6.51 -25.53 -27.61
CBN KGD UA . 5.82 -26.64 -27.92
CBO KGD UA . 5.96 -27.58 -25.58
OAA KGD UA . -1.80 -37.91 -17.77
MG BCL VA . 4.15 -21.96 -36.72
CHA BCL VA . 2.52 -23.78 -34.46
CHB BCL VA . 6.93 -23.62 -36.06
CHC BCL VA . 5.58 -20.25 -39.26
CHD BCL VA . 1.15 -20.31 -37.48
NA BCL VA . 4.62 -23.60 -35.56
C1A BCL VA . 3.81 -24.16 -34.58
C2A BCL VA . 4.47 -25.42 -34.03
C3A BCL VA . 5.99 -25.04 -34.20
C4A BCL VA . 5.83 -24.09 -35.36
CMA BCL VA . 6.41 -24.17 -33.02
CAA BCL VA . 4.02 -26.61 -34.83
CBA BCL VA . 4.69 -27.88 -34.40
CGA BCL VA . 4.69 -27.89 -32.89
O1A BCL VA . 5.60 -27.99 -32.21
O2A BCL VA . 3.60 -28.11 -32.36
NB BCL VA . 5.91 -21.91 -37.56
C1B BCL VA . 6.93 -22.69 -37.11
C2B BCL VA . 8.03 -22.41 -37.88
C3B BCL VA . 7.70 -21.46 -38.79
C4B BCL VA . 6.34 -21.13 -38.59
CMB BCL VA . 9.33 -23.13 -37.63
CAB BCL VA . 8.61 -20.87 -39.86
OBB BCL VA . 8.15 -20.35 -40.80
CBB BCL VA . 9.99 -20.36 -39.56
NC BCL VA . 3.39 -20.76 -38.21
C1C BCL VA . 4.18 -20.14 -39.13
C2C BCL VA . 3.41 -19.24 -40.04
C3C BCL VA . 1.99 -19.37 -39.63
C4C BCL VA . 2.19 -20.13 -38.32
CMC BCL VA . 3.71 -17.81 -39.70
CAC BCL VA . 1.42 -20.33 -40.68
CBC BCL VA . -0.10 -20.30 -40.71
ND BCL VA . 2.29 -21.98 -36.20
C1D BCL VA . 1.14 -21.30 -36.52
C2D BCL VA . 0.02 -21.70 -35.78
C3D BCL VA . 0.54 -22.64 -34.99
C4D BCL VA . 1.89 -22.79 -35.25
CMD BCL VA . -1.37 -21.17 -35.87
CAD BCL VA . 0.18 -23.62 -33.91
OBD BCL VA . -0.67 -23.52 -32.93
CBD BCL VA . 1.38 -24.62 -33.85
CGD BCL VA . 1.60 -24.87 -32.34
O1D BCL VA . 1.16 -25.71 -31.79
O2D BCL VA . 2.25 -24.07 -31.65
CED BCL VA . 2.82 -24.76 -30.40
C1 BCL VA . 2.86 -29.33 -32.71
C2 BCL VA . 1.52 -29.40 -32.00
C3 BCL VA . 1.16 -30.44 -31.29
C4 BCL VA . 2.08 -31.60 -31.08
C5 BCL VA . -0.09 -30.45 -30.39
C6 BCL VA . -0.88 -31.74 -30.66
C7 BCL VA . -2.22 -31.49 -29.96
C8 BCL VA . -3.25 -32.53 -30.30
C9 BCL VA . -3.32 -32.85 -31.79
C10 BCL VA . -4.54 -31.92 -29.84
C11 BCL VA . -4.78 -30.73 -30.69
C12 BCL VA . -5.91 -30.02 -29.96
C13 BCL VA . -7.18 -30.86 -30.15
C14 BCL VA . -8.12 -30.06 -31.05
C15 BCL VA . -7.85 -31.10 -28.82
C16 BCL VA . -8.82 -32.19 -29.09
C17 BCL VA . -9.14 -32.81 -27.76
C18 BCL VA . -10.49 -33.51 -27.76
C19 BCL VA . -10.72 -33.89 -26.33
C20 BCL VA . -10.40 -34.83 -28.54
MG BCL WA . 9.98 -38.82 -23.72
CHA BCL WA . 10.96 -40.33 -26.49
CHB BCL WA . 12.39 -40.40 -22.03
CHC BCL WA . 8.92 -37.18 -20.97
CHD BCL WA . 8.03 -36.62 -25.66
NA BCL WA . 11.52 -40.11 -24.22
C1A BCL WA . 11.74 -40.70 -25.45
C2A BCL WA . 12.61 -41.95 -25.36
C3A BCL WA . 12.84 -42.09 -23.81
C4A BCL WA . 12.32 -40.75 -23.36
CMA BCL WA . 11.84 -43.12 -23.27
CAA BCL WA . 13.87 -41.80 -26.18
CBA BCL WA . 14.43 -40.41 -26.19
CGA BCL WA . 15.80 -40.42 -26.85
O1A BCL WA . 16.50 -41.31 -26.92
O2A BCL WA . 16.19 -39.35 -27.34
NB BCL WA . 10.54 -38.76 -21.85
C1B BCL WA . 11.56 -39.50 -21.35
C2B BCL WA . 11.65 -39.23 -20.00
C3B BCL WA . 10.71 -38.34 -19.67
C4B BCL WA . 9.98 -38.03 -20.84
CMB BCL WA . 12.69 -39.88 -19.14
CAB BCL WA . 10.46 -37.78 -18.28
OBB BCL WA . 9.71 -38.31 -17.57
CBB BCL WA . 11.45 -36.97 -17.50
NC BCL WA . 8.80 -37.16 -23.43
C1C BCL WA . 8.44 -36.72 -22.21
C2C BCL WA . 7.65 -35.45 -22.27
C3C BCL WA . 7.36 -35.21 -23.70
C4C BCL WA . 8.08 -36.41 -24.32
CMC BCL WA . 6.28 -35.69 -21.69
CAC BCL WA . 8.13 -33.92 -23.96
CBC BCL WA . 7.38 -32.89 -24.77
ND BCL WA . 9.56 -38.47 -25.57
C1D BCL WA . 8.77 -37.60 -26.29
C2D BCL WA . 8.82 -37.82 -27.67
C3D BCL WA . 9.65 -38.86 -27.77
C4D BCL WA . 10.07 -39.23 -26.51
CMD BCL WA . 8.12 -37.07 -28.76
CAD BCL WA . 10.28 -39.76 -28.78
OBD BCL WA . 9.87 -40.08 -29.96
CBD BCL WA . 11.17 -40.76 -27.96
CGD BCL WA . 10.50 -42.13 -28.16
O1D BCL WA . 10.03 -42.72 -27.36
O2D BCL WA . 10.75 -42.79 -29.20
CED BCL WA . 9.60 -43.74 -29.55
C1 BCL WA . 17.20 -39.32 -28.40
C2 BCL WA . 16.73 -38.53 -29.63
C3 BCL WA . 16.84 -37.22 -29.73
C4 BCL WA . 17.20 -36.40 -28.54
C5 BCL WA . 16.73 -36.47 -31.07
C6 BCL WA . 16.71 -34.94 -30.85
C7 BCL WA . 15.77 -34.37 -31.92
C8 BCL WA . 16.06 -32.96 -32.31
C9 BCL WA . 15.06 -31.94 -31.77
C10 BCL WA . 16.02 -32.95 -33.81
C11 BCL WA . 14.62 -33.20 -34.23
C12 BCL WA . 14.70 -33.16 -35.75
C13 BCL WA . 13.31 -32.81 -36.29
C14 BCL WA . 12.43 -34.05 -36.09
C15 BCL WA . 13.37 -32.45 -37.76
C16 BCL WA . 12.63 -31.15 -37.87
C17 BCL WA . 12.22 -30.97 -39.32
C18 BCL WA . 10.89 -30.23 -39.47
C19 BCL WA . 9.90 -31.26 -39.90
C20 BCL WA . 10.95 -29.17 -40.60
CAB KGD XA . -6.44 -40.09 -28.10
CAC KGD XA . -6.45 -40.46 -26.64
CAD KGD XA . -6.83 -38.65 -28.21
CAE KGD XA . -5.64 -39.48 -25.82
CAF KGD XA . -5.06 -40.24 -28.66
CAG KGD XA . -7.38 -40.97 -28.89
CAH KGD XA . -6.36 -37.72 -27.38
CAI KGD XA . -6.14 -38.10 -26.00
CAJ KGD XA . -7.14 -38.20 -29.54
CAK KGD XA . -5.44 -36.67 -27.85
CAL KGD XA . -7.73 -37.01 -29.70
CAM KGD XA . -8.03 -36.55 -31.03
CAN KGD XA . -8.61 -37.53 -31.95
CAO KGD XA . -7.73 -35.28 -31.34
CAP KGD XA . -8.00 -34.77 -32.66
CAQ KGD XA . -7.61 -33.54 -32.97
CAR KGD XA . -7.84 -32.99 -34.29
CAS KGD XA . -6.17 -24.05 -47.80
CAT KGD XA . -7.53 -23.48 -48.07
CAU KGD XA . -8.98 -33.50 -35.08
CAV KGD XA . -6.98 -32.05 -34.72
CAW KGD XA . -5.84 -23.94 -46.35
CAX KGD XA . -7.41 -22.20 -48.80
CAY KGD XA . -8.20 -21.91 -49.84
CAZ KGD XA . -5.04 -22.81 -45.89
CBA KGD XA . -6.26 -24.87 -45.52
CBB KGD XA . -7.13 -31.49 -36.03
CBC KGD XA . -8.07 -20.62 -50.53
CBD KGD XA . -9.22 -22.87 -50.33
CBE KGD XA . -5.94 -24.80 -44.12
CBF KGD XA . -6.04 -25.90 -43.39
CBG KGD XA . -6.52 -30.35 -36.35
CBH KGD XA . -5.72 -25.95 -42.00
CBI KGD XA . -6.68 -29.86 -37.68
CBJ KGD XA . -6.08 -27.05 -41.37
CBK KGD XA . -5.00 -24.81 -41.37
CBL KGD XA . -6.02 -28.79 -38.10
CBM KGD XA . -5.80 -27.28 -39.98
CBN KGD XA . -6.24 -28.42 -39.46
CBO KGD XA . -5.07 -28.00 -37.28
OAA KGD XA . -6.35 -37.34 -25.09
MG BCL YA . -22.25 -23.57 -31.98
CHA BCL YA . -20.19 -26.13 -31.30
CHB BCL YA . -23.55 -23.88 -28.92
CHC BCL YA . -23.73 -20.57 -32.45
CHD BCL YA . -20.48 -23.02 -34.96
NA BCL YA . -21.91 -24.81 -30.35
C1A BCL YA . -21.06 -25.89 -30.30
C2A BCL YA . -21.02 -26.53 -28.89
C3A BCL YA . -22.35 -25.98 -28.27
C4A BCL YA . -22.63 -24.84 -29.23
CMA BCL YA . -23.48 -27.00 -28.51
CAA BCL YA . -19.76 -26.12 -28.18
CBA BCL YA . -18.97 -27.27 -27.61
CGA BCL YA . -19.18 -27.28 -26.12
O1A BCL YA . -20.17 -27.08 -25.61
O2A BCL YA . -18.18 -27.02 -25.44
NB BCL YA . -23.41 -22.41 -30.92
C1B BCL YA . -23.84 -22.73 -29.67
C2B BCL YA . -24.65 -21.72 -29.22
C3B BCL YA . -24.73 -20.76 -30.17
C4B BCL YA . -23.94 -21.20 -31.27
CMB BCL YA . -25.27 -21.80 -27.86
CAB BCL YA . -25.52 -19.46 -30.13
OBB BCL YA . -25.68 -18.82 -31.10
CBB BCL YA . -25.93 -18.70 -28.89
NC BCL YA . -22.03 -22.09 -33.40
C1C BCL YA . -22.79 -20.97 -33.41
C2C BCL YA . -22.74 -20.26 -34.73
C3C BCL YA . -22.03 -21.20 -35.63
C4C BCL YA . -21.32 -22.03 -34.56
CMC BCL YA . -24.12 -20.21 -35.35
CAC BCL YA . -21.08 -20.28 -36.38
CBC BCL YA . -20.06 -19.56 -35.49
ND BCL YA . -20.74 -24.31 -32.94
C1D BCL YA . -20.09 -24.06 -34.13
C2D BCL YA . -19.02 -24.94 -34.38
C3D BCL YA . -19.06 -25.73 -33.32
C4D BCL YA . -20.08 -25.34 -32.47
CMD BCL YA . -18.10 -24.96 -35.56
CAD BCL YA . -18.37 -26.90 -32.71
OBD BCL YA . -17.32 -27.56 -33.09
CBD BCL YA . -19.01 -27.10 -31.29
CGD BCL YA . -19.55 -28.55 -31.34
O1D BCL YA . -19.98 -29.01 -32.25
O2D BCL YA . -19.20 -29.38 -30.48
CED BCL YA . -20.29 -30.42 -30.24
C1 BCL YA . -17.39 -28.12 -24.85
C2 BCL YA . -17.76 -28.35 -23.40
C3 BCL YA . -17.05 -29.10 -22.59
C4 BCL YA . -15.83 -29.80 -23.05
C5 BCL YA . -17.66 -29.69 -21.30
C6 BCL YA . -18.80 -30.66 -21.67
C7 BCL YA . -19.70 -30.70 -20.45
C8 BCL YA . -20.45 -31.99 -20.30
C9 BCL YA . -21.52 -32.21 -21.36
C10 BCL YA . -21.10 -31.86 -18.96
C11 BCL YA . -20.44 -32.87 -18.11
C12 BCL YA . -20.50 -32.23 -16.73
C13 BCL YA . -19.61 -33.07 -15.82
C14 BCL YA . -20.31 -33.10 -14.45
C15 BCL YA . -18.24 -32.45 -15.70
C16 BCL YA . -17.57 -33.11 -14.54
C17 BCL YA . -16.09 -32.86 -14.69
C18 BCL YA . -15.49 -32.00 -13.57
C19 BCL YA . -15.64 -30.57 -14.03
C20 BCL YA . -16.30 -32.14 -12.26
CAB KGD ZA . -20.21 -38.52 -16.77
CAC KGD ZA . -19.93 -39.75 -15.94
CAD KGD ZA . -18.94 -37.78 -16.86
CAE KGD ZA . -19.44 -39.36 -14.55
CAF KGD ZA . -20.64 -38.92 -18.15
CAG KGD ZA . -21.28 -37.67 -16.13
CAH KGD ZA . -18.08 -37.68 -15.84
CAI KGD ZA . -18.48 -38.22 -14.55
CAJ KGD ZA . -18.55 -37.41 -18.20
CAK KGD ZA . -16.65 -37.43 -16.02
CAL KGD ZA . -17.90 -36.27 -18.44
CAM KGD ZA . -17.57 -35.93 -19.80
CAN KGD ZA . -18.42 -36.56 -20.82
CAO KGD ZA . -16.56 -35.09 -20.04
CAP KGD ZA . -16.23 -34.68 -21.37
CAQ KGD ZA . -15.08 -34.05 -21.62
CAR KGD ZA . -14.75 -33.55 -22.93
CAS KGD ZA . -6.62 -22.17 -31.55
CAT KGD ZA . -7.83 -21.30 -31.25
CAU KGD ZA . -15.72 -33.77 -24.03
CAV KGD ZA . -13.59 -32.89 -23.08
CAW KGD ZA . -6.44 -23.12 -30.44
CAX KGD ZA . -7.50 -19.87 -31.28
CAY KGD ZA . -8.19 -19.01 -32.03
CAZ KGD ZA . -5.22 -23.04 -29.64
CBA KGD ZA . -7.39 -24.01 -30.18
CBB KGD ZA . -13.21 -32.29 -24.32
CBC KGD ZA . -9.29 -19.46 -32.84
CBD KGD ZA . -7.86 -17.58 -32.06
CBE KGD ZA . -7.31 -24.94 -29.09
CBF KGD ZA . -7.86 -26.14 -29.14
CBG KGD ZA . -12.19 -31.43 -24.28
CBH KGD ZA . -7.80 -27.01 -27.99
CBI KGD ZA . -11.73 -30.67 -25.40
CBJ KGD ZA . -8.88 -27.76 -27.79
CBK KGD ZA . -6.62 -27.00 -27.11
CBL KGD ZA . -10.50 -30.16 -25.45
CBM KGD ZA . -9.05 -28.64 -26.67
CBN KGD ZA . -10.19 -29.31 -26.57
CBO KGD ZA . -9.48 -30.35 -24.41
OAA KGD ZA . -18.06 -37.77 -13.50
MG BCL AB . -12.95 -24.30 -34.85
CHA BCL AB . -14.29 -25.63 -32.11
CHB BCL AB . -10.57 -26.61 -34.80
CHC BCL AB . -11.90 -23.01 -37.79
CHD BCL AB . -15.56 -21.95 -34.92
NA BCL AB . -12.59 -25.99 -33.72
C1A BCL AB . -13.20 -26.32 -32.53
C2A BCL AB . -12.75 -27.70 -32.08
C3A BCL AB . -11.29 -27.73 -32.67
C4A BCL AB . -11.52 -26.77 -33.82
CMA BCL AB . -10.36 -26.98 -31.71
CAA BCL AB . -13.67 -28.76 -32.64
CBA BCL AB . -13.23 -30.15 -32.31
CGA BCL AB . -12.82 -30.14 -30.84
O1A BCL AB . -11.81 -30.46 -30.43
O2A BCL AB . -13.75 -30.09 -30.03
NB BCL AB . -11.52 -24.70 -36.11
C1B BCL AB . -10.63 -25.71 -35.89
C2B BCL AB . -9.75 -25.71 -36.94
C3B BCL AB . -10.08 -24.73 -37.80
C4B BCL AB . -11.21 -24.07 -37.27
CMB BCL AB . -8.65 -26.73 -36.99
CAB BCL AB . -9.38 -24.38 -39.11
OBB BCL AB . -9.93 -23.77 -39.93
CBB BCL AB . -7.89 -24.24 -39.23
NC BCL AB . -13.77 -22.95 -36.18
C1C BCL AB . -13.13 -22.58 -37.31
C2C BCL AB . -13.89 -21.51 -38.06
C3C BCL AB . -15.13 -21.28 -37.28
C4C BCL AB . -14.77 -22.04 -36.01
CMC BCL AB . -13.16 -20.19 -37.91
CAC BCL AB . -16.17 -22.06 -38.07
CBC BCL AB . -17.60 -21.66 -37.71
ND BCL AB . -14.54 -23.85 -33.85
C1D BCL AB . -15.54 -22.90 -33.91
C2D BCL AB . -16.47 -23.00 -32.88
C3D BCL AB . -16.01 -24.04 -32.18
C4D BCL AB . -14.86 -24.53 -32.77
CMD BCL AB . -17.67 -22.14 -32.65
CAD BCL AB . -16.29 -24.88 -30.98
OBD BCL AB . -16.78 -24.56 -29.83
CBD BCL AB . -15.38 -26.15 -31.17
CGD BCL AB . -14.83 -26.44 -29.76
O1D BCL AB . -15.29 -27.14 -29.04
O2D BCL AB . -13.84 -25.82 -29.30
CED BCL AB . -13.14 -26.62 -28.21
C1 BCL AB . -14.83 -31.07 -30.10
C2 BCL AB . -15.90 -30.81 -29.06
C3 BCL AB . -16.29 -31.72 -28.20
C4 BCL AB . -15.64 -33.07 -28.15
C5 BCL AB . -17.22 -31.40 -27.01
C6 BCL AB . -18.34 -32.45 -26.96
C7 BCL AB . -19.34 -31.87 -25.97
C8 BCL AB . -20.63 -32.62 -25.94
C9 BCL AB . -21.18 -32.93 -27.34
C10 BCL AB . -21.57 -31.71 -25.22
C11 BCL AB . -21.74 -30.50 -26.05
C12 BCL AB . -22.43 -29.52 -25.11
C13 BCL AB . -23.85 -30.02 -24.90
C14 BCL AB . -24.79 -29.02 -25.58
C15 BCL AB . -24.17 -30.07 -23.43
C16 BCL AB . -25.42 -30.89 -23.35
C17 BCL AB . -25.51 -31.40 -21.93
C18 BCL AB . -26.93 -31.73 -21.54
C19 BCL AB . -26.85 -32.04 -20.08
C20 BCL AB . -27.37 -33.05 -22.21
MG BCL BB . -8.02 -41.98 -22.58
CHA BCL BB . -8.22 -43.70 -25.39
CHB BCL BB . -5.69 -44.10 -21.46
CHC BCL BB . -7.87 -40.10 -19.78
CHD BCL BB . -9.83 -39.37 -24.10
NA BCL BB . -7.03 -43.62 -23.36
C1A BCL BB . -7.31 -44.25 -24.56
C2A BCL BB . -6.77 -45.68 -24.60
C3A BCL BB . -6.17 -45.86 -23.17
C4A BCL BB . -6.20 -44.43 -22.70
CMA BCL BB . -7.20 -46.60 -22.31
CAA BCL BB . -5.78 -45.86 -25.74
CBA BCL BB . -4.92 -44.65 -26.00
CGA BCL BB . -3.83 -45.02 -26.98
O1A BCL BB . -3.40 -46.06 -27.18
O2A BCL BB . -3.34 -44.07 -27.64
NB BCL BB . -6.99 -42.04 -20.93
C1B BCL BB . -6.08 -43.01 -20.65
C2B BCL BB . -5.56 -42.76 -19.40
C3B BCL BB . -6.13 -41.66 -18.91
C4B BCL BB . -7.06 -41.19 -19.86
CMB BCL BB . -4.50 -43.64 -18.79
CAB BCL BB . -5.85 -41.05 -17.54
OBB BCL BB . -6.50 -41.37 -16.62
CBB BCL BB . -4.52 -40.50 -17.11
NC BCL BB . -8.65 -40.08 -22.13
C1C BCL BB . -8.54 -39.55 -20.89
C2C BCL BB . -9.00 -38.12 -20.82
C3C BCL BB . -9.60 -37.83 -22.16
C4C BCL BB . -9.38 -39.18 -22.85
CMC BCL BB . -10.18 -38.00 -19.90
CAC BCL BB . -8.63 -36.78 -22.70
CBC BCL BB . -9.32 -35.59 -23.36
ND BCL BB . -8.83 -41.55 -24.28
C1D BCL BB . -9.55 -40.52 -24.84
C2D BCL BB . -9.93 -40.75 -26.16
C3D BCL BB . -9.44 -41.96 -26.39
C4D BCL BB . -8.79 -42.42 -25.25
CMD BCL BB . -10.71 -39.86 -27.09
CAD BCL BB . -9.34 -43.00 -27.46
OBD BCL BB . -10.12 -43.21 -28.47
CBD BCL BB . -8.52 -44.18 -26.82
CGD BCL BB . -9.54 -45.35 -26.75
O1D BCL BB . -9.89 -45.79 -25.80
O2D BCL BB . -9.74 -46.06 -27.75
CED BCL BB . -11.13 -46.69 -27.72
C1 BCL BB . -2.69 -44.30 -28.93
C2 BCL BB . -3.26 -43.44 -30.05
C3 BCL BB . -2.87 -42.21 -30.27
C4 BCL BB . -2.02 -41.48 -29.28
C5 BCL BB . -3.16 -41.45 -31.59
C6 BCL BB . -2.75 -39.96 -31.49
C7 BCL BB . -3.78 -39.19 -32.31
C8 BCL BB . -3.27 -37.90 -32.88
C9 BCL BB . -3.82 -36.65 -32.17
C10 BCL BB . -3.72 -37.89 -34.31
C11 BCL BB . -5.20 -37.78 -34.33
C12 BCL BB . -5.53 -37.77 -35.81
C13 BCL BB . -6.88 -37.10 -36.00
C14 BCL BB . -7.95 -38.07 -35.49
C15 BCL BB . -7.14 -36.77 -37.45
C16 BCL BB . -7.55 -35.33 -37.47
C17 BCL BB . -8.28 -35.06 -38.77
C18 BCL BB . -9.37 -34.01 -38.63
C19 BCL BB . -10.68 -34.76 -38.70
C20 BCL BB . -9.38 -33.03 -39.81
CAB KGD CB . -24.90 -39.04 -22.36
CAC KGD CB . -24.56 -39.47 -20.94
CAD KGD CB . -24.82 -37.56 -22.46
CAE KGD CB . -23.34 -38.76 -20.42
CAF KGD CB . -23.91 -39.64 -23.33
CAG KGD CB . -26.28 -39.53 -22.73
CAH KGD CB . -24.02 -36.79 -21.71
CAI KGD CB . -23.51 -37.30 -20.47
CAJ KGD CB . -25.43 -37.01 -23.64
CAK KGD CB . -23.14 -35.77 -22.31
CAL KGD CB . -25.70 -35.71 -23.71
CAM KGD CB . -26.31 -35.18 -24.90
CAN KGD CB . -27.57 -35.82 -25.34
CAO KGD CB . -25.72 -34.15 -25.52
CAP KGD CB . -26.25 -33.56 -26.72
CAQ KGD CB . -25.52 -32.63 -27.34
CAR KGD CB . -25.97 -31.98 -28.55
CAS KGD CB . -26.19 -23.67 -42.03
CAT KGD CB . -26.02 -22.40 -42.80
CAU KGD CB . -27.39 -32.05 -28.92
CAV KGD CB . -25.05 -31.35 -29.27
CAW KGD CB . -25.32 -23.63 -40.88
CAX KGD CB . -26.70 -22.54 -44.09
CAY KGD CB . -27.70 -21.73 -44.43
CAZ KGD CB . -24.32 -22.57 -40.75
CBA KGD CB . -25.45 -24.57 -39.99
CBB KGD CB . -25.42 -30.71 -30.48
CBC KGD CB . -28.14 -20.64 -43.52
CBD KGD CB . -28.38 -21.90 -45.73
CBE KGD CB . -24.64 -24.63 -38.84
CBF KGD CB . -25.03 -25.44 -37.89
CBG KGD CB . -24.67 -29.73 -30.97
CBH KGD CB . -24.31 -25.61 -36.70
CBI KGD CB . -25.09 -29.18 -32.19
CBJ KGD CB . -24.79 -26.56 -35.94
CBK KGD CB . -23.12 -24.77 -36.43
CBL KGD CB . -24.26 -28.44 -32.92
CBM KGD CB . -24.22 -26.91 -34.71
CBN KGD CB . -24.75 -27.96 -34.13
CBO KGD CB . -22.86 -28.14 -32.57
OAA KGD CB . -23.25 -36.59 -19.53
MG BCL DB . -36.42 -18.98 -22.97
CHA BCL DB . -34.98 -21.99 -22.68
CHB BCL DB . -36.77 -18.89 -19.65
CHC BCL DB . -37.18 -15.70 -23.28
CHD BCL DB . -35.58 -18.97 -26.38
NA BCL DB . -35.92 -20.24 -21.40
C1A BCL DB . -35.40 -21.52 -21.48
C2A BCL DB . -35.10 -22.11 -20.11
C3A BCL DB . -36.00 -21.21 -19.17
C4A BCL DB . -36.25 -20.06 -20.12
CMA BCL DB . -37.35 -21.89 -18.98
CAA BCL DB . -33.62 -22.05 -19.83
CBA BCL DB . -33.02 -23.35 -19.41
CGA BCL DB . -32.74 -23.29 -17.93
O1A BCL DB . -33.45 -22.82 -17.18
O2A BCL DB . -31.56 -23.30 -17.60
NB BCL DB . -36.88 -17.53 -21.74
C1B BCL DB . -36.98 -17.71 -20.39
C2B BCL DB . -37.33 -16.50 -19.83
C3B BCL DB . -37.45 -15.59 -20.80
C4B BCL DB . -37.18 -16.23 -22.03
CMB BCL DB . -37.50 -16.40 -18.35
CAB BCL DB . -37.83 -14.11 -20.66
OBB BCL DB . -38.11 -13.46 -21.59
CBB BCL DB . -37.64 -13.25 -19.43
NC BCL DB . -36.29 -17.63 -24.53
C1C BCL DB . -36.70 -16.35 -24.42
C2C BCL DB . -36.88 -15.71 -25.77
C3C BCL DB . -36.75 -16.81 -26.73
C4C BCL DB . -35.97 -17.80 -25.85
CMC BCL DB . -38.32 -15.30 -25.96
CAC BCL DB . -35.86 -16.19 -27.82
CBC BCL DB . -34.48 -15.76 -27.34
ND BCL DB . -35.51 -20.11 -24.26
C1D BCL DB . -35.23 -20.07 -25.60
C2D BCL DB . -34.54 -21.20 -26.06
C3D BCL DB . -34.45 -21.94 -24.97
C4D BCL DB . -35.04 -21.28 -23.90
CMD BCL DB . -34.05 -21.49 -27.45
CAD BCL DB . -33.91 -23.24 -24.48
OBD BCL DB . -33.24 -24.17 -25.08
CBD BCL DB . -34.14 -23.24 -22.92
CGD BCL DB . -35.00 -24.50 -22.67
O1D BCL DB . -35.79 -24.84 -23.36
O2D BCL DB . -34.63 -25.37 -21.87
CED BCL DB . -35.82 -26.08 -21.22
C1 BCL DB . -30.93 -24.56 -17.16
C2 BCL DB . -30.90 -24.66 -15.65
C3 BCL DB . -30.18 -25.56 -15.00
C4 BCL DB . -29.37 -26.58 -15.74
C5 BCL DB . -30.49 -25.95 -13.54
C6 BCL DB . -31.90 -26.57 -13.48
C7 BCL DB . -32.36 -26.36 -12.05
C8 BCL DB . -33.32 -27.40 -11.56
C9 BCL DB . -34.69 -27.33 -12.24
C10 BCL DB . -33.48 -27.09 -10.11
C11 BCL DB . -32.86 -28.20 -9.39
C12 BCL DB . -32.34 -27.55 -8.13
C13 BCL DB . -31.46 -28.59 -7.43
C14 BCL DB . -31.69 -28.41 -5.93
C15 BCL DB . -30.01 -28.36 -7.78
C16 BCL DB . -29.20 -29.15 -6.80
C17 BCL DB . -27.82 -29.31 -7.40
C18 BCL DB . -26.73 -28.63 -6.59
C19 BCL DB . -26.64 -27.23 -7.13
C20 BCL DB . -27.09 -28.53 -5.10
MG BCL EB . -28.87 -22.17 -28.38
CHA BCL EB . -29.65 -23.07 -25.26
CHB BCL EB . -27.27 -25.05 -28.80
CHC BCL EB . -28.43 -21.25 -31.59
CHD BCL EB . -30.67 -19.20 -27.92
NA BCL EB . -28.65 -23.90 -27.24
C1A BCL EB . -28.96 -24.04 -25.91
C2A BCL EB . -28.76 -25.48 -25.49
C3A BCL EB . -27.60 -25.91 -26.46
C4A BCL EB . -27.89 -24.94 -27.57
CMA BCL EB . -26.27 -25.44 -25.87
CAA BCL EB . -30.06 -26.25 -25.68
CBA BCL EB . -29.91 -27.70 -25.36
CGA BCL EB . -29.10 -27.81 -24.07
O1A BCL EB . -28.14 -28.39 -23.93
O2A BCL EB . -29.70 -27.48 -23.05
NB BCL EB . -28.03 -22.96 -29.94
C1B BCL EB . -27.40 -24.17 -29.90
C2B BCL EB . -26.90 -24.42 -31.14
C3B BCL EB . -27.21 -23.40 -31.95
C4B BCL EB . -27.92 -22.45 -31.20
CMB BCL EB . -26.17 -25.70 -31.41
CAB BCL EB . -26.85 -23.26 -33.44
OBB BCL EB . -27.44 -22.53 -34.13
CBB BCL EB . -25.48 -23.53 -33.98
NC BCL EB . -29.65 -20.67 -29.53
C1C BCL EB . -29.31 -20.48 -30.83
C2C BCL EB . -29.94 -19.25 -31.42
C3C BCL EB . -30.80 -18.69 -30.35
C4C BCL EB . -30.29 -19.51 -29.18
CMC BCL EB . -28.89 -18.18 -31.59
CAC BCL EB . -32.19 -19.16 -30.76
CBC BCL EB . -33.29 -18.37 -30.04
ND BCL EB . -29.92 -21.29 -27.01
C1D BCL EB . -30.61 -20.11 -26.87
C2D BCL EB . -31.19 -19.94 -25.61
C3D BCL EB . -30.84 -21.07 -25.00
C4D BCL EB . -30.07 -21.85 -25.84
CMD BCL EB . -32.00 -18.79 -25.13
CAD BCL EB . -30.96 -21.79 -23.70
OBD BCL EB . -31.00 -21.34 -22.48
CBD BCL EB . -30.52 -23.27 -24.01
CGD BCL EB . -29.66 -23.68 -22.79
O1D BCL EB . -30.07 -24.23 -21.92
O2D BCL EB . -28.47 -23.36 -22.69
CED BCL EB . -27.71 -24.32 -21.76
C1 BCL EB . -30.97 -28.14 -22.72
C2 BCL EB . -31.59 -27.58 -21.46
C3 BCL EB . -31.93 -28.35 -20.45
C4 BCL EB . -31.68 -29.82 -20.45
C5 BCL EB . -32.35 -27.78 -19.08
C6 BCL EB . -33.64 -28.48 -18.62
C7 BCL EB . -34.12 -27.65 -17.43
C8 BCL EB . -35.52 -28.01 -16.99
C9 BCL EB . -36.50 -28.15 -18.15
C10 BCL EB . -35.91 -26.87 -16.11
C11 BCL EB . -36.00 -25.66 -16.96
C12 BCL EB . -36.11 -24.53 -15.97
C13 BCL EB . -37.48 -24.61 -15.32
C14 BCL EB . -38.29 -23.40 -15.79
C15 BCL EB . -37.37 -24.56 -13.82
C16 BCL EB . -38.70 -25.01 -13.33
C17 BCL EB . -38.50 -25.46 -11.91
C18 BCL EB . -39.79 -25.39 -11.09
C19 BCL EB . -39.36 -25.70 -9.69
C20 BCL EB . -40.72 -26.54 -11.50
MG BCL FB . -25.36 -40.45 -16.48
CHA BCL FB . -26.82 -42.07 -18.97
CHB BCL FB . -23.44 -43.12 -15.89
CHC BCL FB . -23.92 -38.67 -14.02
CHD BCL FB . -26.80 -37.45 -17.66
NA BCL FB . -25.11 -42.31 -17.38
C1A BCL FB . -25.88 -42.84 -18.39
C2A BCL FB . -25.77 -44.36 -18.46
C3A BCL FB . -24.84 -44.69 -17.24
C4A BCL FB . -24.37 -43.30 -16.91
CMA BCL FB . -25.74 -45.12 -16.07
CAA BCL FB . -25.23 -44.82 -19.80
CBA BCL FB . -24.21 -43.89 -20.40
CGA BCL FB . -23.59 -44.55 -21.62
O1A BCL FB . -23.52 -45.66 -21.83
O2A BCL FB . -23.08 -43.78 -22.45
NB BCL FB . -23.94 -40.78 -15.19
C1B BCL FB . -23.27 -41.97 -15.10
C2B BCL FB . -22.37 -41.86 -14.08
C3B BCL FB . -22.47 -40.63 -13.54
C4B BCL FB . -23.47 -39.94 -14.23
CMB BCL FB . -21.45 -42.99 -13.71
CAB BCL FB . -21.64 -40.12 -12.36
OBB BCL FB . -22.05 -40.24 -11.27
CBB BCL FB . -20.15 -39.96 -12.37
NC BCL FB . -25.31 -38.45 -16.05
C1C BCL FB . -24.71 -37.96 -14.93
C2C BCL FB . -24.74 -36.45 -14.87
C3C BCL FB . -25.60 -36.02 -16.00
C4C BCL FB . -25.95 -37.38 -16.61
CMC BCL FB . -25.52 -36.02 -13.66
CAC BCL FB . -24.60 -35.28 -16.88
CBC BCL FB . -25.12 -33.95 -17.43
ND BCL FB . -26.50 -39.83 -17.93
C1D BCL FB . -27.05 -38.64 -18.34
C2D BCL FB . -27.85 -38.76 -19.49
C3D BCL FB . -27.77 -40.07 -19.74
C4D BCL FB . -26.98 -40.68 -18.79
CMD BCL FB . -28.59 -37.70 -20.23
CAD BCL FB . -28.26 -41.10 -20.69
OBD BCL FB . -29.33 -41.10 -21.43
CBD BCL FB . -27.63 -42.46 -20.21
CGD BCL FB . -28.85 -43.30 -19.76
O1D BCL FB . -29.02 -43.62 -18.72
O2D BCL FB . -29.52 -43.93 -20.60
CED BCL FB . -30.95 -44.15 -20.12
C1 BCL FB . -22.92 -44.19 -23.86
C2 BCL FB . -23.55 -43.21 -24.83
C3 BCL FB . -22.93 -42.13 -25.27
C4 BCL FB . -21.67 -41.66 -24.62
C5 BCL FB . -23.38 -41.33 -26.52
C6 BCL FB . -22.59 -40.02 -26.65
C7 BCL FB . -23.58 -38.99 -27.23
C8 BCL FB . -22.94 -37.89 -28.02
C9 BCL FB . -22.91 -36.55 -27.30
C10 BCL FB . -23.77 -37.78 -29.26
C11 BCL FB . -25.10 -37.26 -28.87
C12 BCL FB . -25.84 -37.18 -30.21
C13 BCL FB . -26.97 -36.15 -30.06
C14 BCL FB . -28.05 -36.79 -29.19
C15 BCL FB . -27.54 -35.78 -31.41
C16 BCL FB . -27.55 -34.28 -31.44
C17 BCL FB . -28.52 -33.83 -32.49
C18 BCL FB . -29.23 -32.52 -32.14
C19 BCL FB . -30.64 -32.89 -31.79
C20 BCL FB . -29.32 -31.57 -33.37
CAB KGD GB . -40.29 -32.33 -11.72
CAC KGD GB . -39.92 -33.00 -10.42
CAD KGD GB . -39.41 -31.12 -11.89
CAE KGD GB . -38.47 -33.32 -10.43
CAF KGD GB . -40.02 -33.26 -12.88
CAG KGD GB . -41.75 -31.93 -11.73
CAH KGD GB . -38.15 -31.08 -11.48
CAI KGD GB . -37.67 -32.09 -10.53
CAJ KGD GB . -39.81 -30.33 -13.06
CAK KGD GB . -37.25 -29.93 -11.70
CAL KGD GB . -40.57 -29.25 -12.88
CAM KGD GB . -41.07 -28.46 -14.01
CAN KGD GB . -42.53 -28.58 -14.24
CAO KGD GB . -40.26 -27.70 -14.78
CAP KGD GB . -40.83 -26.95 -15.90
CAQ KGD GB . -40.04 -26.26 -16.75
CAR KGD GB . -40.57 -25.51 -17.88
CAS KGD GB . -42.47 -17.76 -31.98
CAT KGD GB . -43.67 -16.88 -31.70
CAU KGD GB . -41.84 -24.73 -17.73
CAV KGD GB . -39.89 -25.54 -19.03
CAW KGD GB . -41.65 -17.95 -30.75
CAX KGD GB . -43.81 -15.88 -32.78
CAY KGD GB . -44.71 -14.89 -32.70
CAZ KGD GB . -40.32 -17.37 -30.69
CBA KGD GB . -42.11 -18.64 -29.73
CBB KGD GB . -40.37 -24.85 -20.20
CBC KGD GB . -44.84 -13.89 -33.77
CBD KGD GB . -45.59 -14.78 -31.52
CBE KGD GB . -41.24 -18.78 -28.61
CBF KGD GB . -41.05 -19.97 -28.08
CBG KGD GB . -39.65 -23.93 -20.85
CBH KGD GB . -40.16 -20.18 -26.98
CBI KGD GB . -40.27 -23.38 -22.03
CBJ KGD GB . -40.55 -21.06 -26.08
CBK KGD GB . -38.89 -19.44 -26.93
CBL KGD GB . -39.55 -22.78 -22.97
CBM KGD GB . -39.75 -21.40 -24.95
CBN KGD GB . -40.24 -22.31 -24.13
CBO KGD GB . -38.08 -22.63 -22.93
OAA KGD GB . -36.68 -31.92 -9.85
CAB KGD HB . -33.52 -33.17 -7.60
CAC KGD HB . -33.06 -32.59 -6.27
CAD KGD HB . -32.38 -33.08 -8.49
CAE KGD HB . -31.79 -33.29 -5.78
CAF KGD HB . -33.87 -34.63 -7.46
CAG KGD HB . -34.69 -32.42 -8.13
CAH KGD HB . -31.18 -33.52 -8.19
CAI KGD HB . -30.73 -33.35 -6.82
CAJ KGD HB . -32.63 -32.65 -9.83
CAK KGD HB . -30.61 -34.69 -8.87
CAL KGD HB . -31.58 -32.30 -10.56
CAM KGD HB . -31.78 -31.88 -11.90
CAN KGD HB . -33.12 -32.06 -12.47
CAO KGD HB . -30.72 -31.36 -12.50
CAP KGD HB . -30.77 -30.86 -13.84
CAQ KGD HB . -29.63 -30.85 -14.51
CAR KGD HB . -29.55 -30.34 -15.83
CAS KGD HB . -21.89 -22.43 -26.52
CAT KGD HB . -21.40 -21.02 -26.62
CAU KGD HB . -30.79 -29.96 -16.54
CAV KGD HB . -28.32 -30.20 -16.32
CAW KGD HB . -21.02 -23.16 -25.57
CAX KGD HB . -22.41 -20.14 -27.26
CAY KGD HB . -22.33 -18.81 -27.17
CAZ KGD HB . -19.64 -22.73 -25.40
CBA KGD HB . -21.52 -24.18 -24.86
CBB KGD HB . -28.09 -29.65 -17.59
CBC KGD HB . -23.33 -17.95 -27.79
CBD KGD HB . -21.23 -18.17 -26.43
CBE KGD HB . -22.85 -24.56 -25.08
CBF KGD HB . -23.55 -25.39 -24.31
CBG KGD HB . -26.85 -29.29 -17.88
CBH KGD HB . -23.13 -26.03 -23.08
CBI KGD HB . -26.57 -28.66 -19.11
CBJ KGD HB . -24.13 -26.64 -22.45
CBK KGD HB . -21.74 -26.01 -22.60
CBL KGD HB . -25.31 -28.47 -19.50
CBM KGD HB . -24.02 -27.33 -21.22
CBN KGD HB . -25.16 -27.80 -20.73
CBO KGD HB . -24.11 -28.91 -18.75
OAA KGD HB . -29.55 -33.27 -6.55
MG BCL IB . -44.60 -9.93 -10.58
CHA BCL IB . -44.12 -13.24 -10.43
CHB BCL IB . -43.83 -9.73 -7.34
CHC BCL IB . -44.38 -6.59 -10.98
CHD BCL IB . -44.92 -10.20 -14.07
NA BCL IB . -44.03 -11.28 -9.11
C1A BCL IB . -43.98 -12.66 -9.21
C2A BCL IB . -43.46 -13.32 -7.94
C3A BCL IB . -43.69 -12.18 -6.88
C4A BCL IB . -43.88 -11.00 -7.81
CMA BCL IB . -45.05 -12.39 -6.22
CAA BCL IB . -42.02 -13.73 -8.12
CBA BCL IB . -41.74 -15.17 -7.78
CGA BCL IB . -41.01 -15.18 -6.45
O1A BCL IB . -41.25 -14.51 -5.58
O2A BCL IB . -39.84 -15.58 -6.50
NB BCL IB . -44.17 -8.41 -9.42
C1B BCL IB . -43.90 -8.55 -8.10
C2B BCL IB . -43.67 -7.29 -7.58
C3B BCL IB . -43.81 -6.38 -8.57
C4B BCL IB . -44.14 -7.09 -9.74
CMB BCL IB . -43.32 -7.14 -6.13
CAB BCL IB . -43.65 -4.86 -8.46
OBB BCL IB . -44.00 -4.16 -9.34
CBB BCL IB . -42.83 -4.11 -7.46
NC BCL IB . -44.57 -8.70 -12.24
C1C BCL IB . -44.52 -7.36 -12.14
C2C BCL IB . -44.91 -6.68 -13.44
C3C BCL IB . -45.43 -7.78 -14.27
C4C BCL IB . -44.75 -8.96 -13.56
CMC BCL IB . -46.14 -5.84 -13.22
CAC BCL IB . -44.79 -7.47 -15.63
CBC BCL IB . -43.27 -7.52 -15.64
ND BCL IB . -44.54 -11.29 -11.95
C1D BCL IB . -44.69 -11.35 -13.32
C2D BCL IB . -44.57 -12.64 -13.85
C3D BCL IB . -44.36 -13.37 -12.76
C4D BCL IB . -44.35 -12.55 -11.64
CMD BCL IB . -44.66 -13.08 -15.28
CAD BCL IB . -44.12 -14.77 -12.31
OBD BCL IB . -43.99 -15.86 -12.99
CBD BCL IB . -43.82 -14.71 -10.77
CGD BCL IB . -44.90 -15.61 -10.15
O1D BCL IB . -45.94 -15.68 -10.54
O2D BCL IB . -44.58 -16.56 -9.41
CED BCL IB . -45.66 -16.85 -8.36
C1 BCL IB . -39.52 -16.96 -6.15
C2 BCL IB . -39.03 -17.08 -4.71
C3 BCL IB . -38.46 -18.14 -4.21
C4 BCL IB . -38.28 -19.37 -5.05
C5 BCL IB . -38.39 -18.42 -2.70
C6 BCL IB . -39.83 -18.56 -2.16
C7 BCL IB . -39.72 -18.20 -0.67
C8 BCL IB . -40.75 -18.89 0.18
C9 BCL IB . -42.17 -18.38 -0.06
C10 BCL IB . -40.34 -18.52 1.57
C11 BCL IB . -39.89 -19.79 2.18
C12 BCL IB . -38.83 -19.34 3.16
C13 BCL IB . -38.13 -20.60 3.66
C14 BCL IB . -37.80 -20.36 5.13
C15 BCL IB . -36.87 -20.85 2.87
C16 BCL IB . -36.07 -21.86 3.63
C17 BCL IB . -35.08 -22.46 2.67
C18 BCL IB . -33.63 -22.16 3.04
C19 BCL IB . -33.28 -20.86 2.35
C20 BCL IB . -33.44 -21.94 4.55
MG BCL JB . -45.54 1.15 2.76
CHA BCL JB . -46.01 -2.14 3.10
CHB BCL JB . -43.75 1.13 5.58
CHC BCL JB . -44.52 4.27 1.97
CHD BCL JB . -47.02 0.97 -0.41
NA BCL JB . -44.95 -0.30 4.13
C1A BCL JB . -45.33 -1.63 4.15
C2A BCL JB . -44.64 -2.41 5.26
C3A BCL JB . -44.18 -1.24 6.22
C4A BCL JB . -44.31 -0.08 5.27
CMA BCL JB . -45.27 -1.03 7.28
CAA BCL JB . -43.52 -3.23 4.70
CBA BCL JB . -43.56 -4.69 5.09
CGA BCL JB . -42.48 -4.92 6.12
O1A BCL JB . -42.23 -4.20 6.96
O2A BCL JB . -41.55 -5.65 5.77
NB BCL JB . -44.36 2.48 3.58
C1B BCL JB . -43.71 2.27 4.76
C2B BCL JB . -42.99 3.40 5.05
C3B BCL JB . -43.17 4.30 4.07
C4B BCL JB . -44.05 3.73 3.12
CMB BCL JB . -42.17 3.44 6.30
CAB BCL JB . -42.57 5.71 3.96
OBB BCL JB . -42.96 6.47 3.17
CBB BCL JB . -41.29 6.18 4.60
NC BCL JB . -45.69 2.31 1.06
C1C BCL JB . -45.24 3.57 0.99
C2C BCL JB . -45.81 4.31 -0.19
C3C BCL JB . -46.87 3.42 -0.71
C4C BCL JB . -46.36 2.10 -0.11
CMC BCL JB . -46.61 5.50 0.31
CAC BCL JB . -46.64 3.52 -2.22
CBC BCL JB . -45.27 3.01 -2.68
ND BCL JB . -46.32 -0.17 1.59
C1D BCL JB . -46.91 -0.20 0.33
C2D BCL JB . -47.33 -1.46 -0.07
C3D BCL JB . -47.00 -2.21 0.98
C4D BCL JB . -46.41 -1.43 1.95
CMD BCL JB . -48.00 -1.86 -1.35
CAD BCL JB . -47.05 -3.62 1.47
OBD BCL JB . -47.46 -4.71 0.89
CBD BCL JB . -46.27 -3.64 2.83
CGD BCL JB . -47.30 -4.17 3.85
O1D BCL JB . -48.38 -3.92 3.80
O2D BCL JB . -47.04 -5.17 4.54
CED BCL JB . -47.76 -5.10 5.88
C1 BCL JB . -41.54 -7.06 6.15
C2 BCL JB . -40.68 -7.31 7.37
C3 BCL JB . -40.31 -8.50 7.78
C4 BCL JB . -40.76 -9.73 7.05
C5 BCL JB . -39.84 -8.76 9.23
C6 BCL JB . -41.00 -8.47 10.19
C7 BCL JB . -40.33 -8.15 11.52
C8 BCL JB . -41.18 -8.48 12.71
C9 BCL JB . -42.40 -7.57 12.86
C10 BCL JB . -40.26 -8.25 13.87
C11 BCL JB . -40.02 -9.59 14.43
C12 BCL JB . -38.62 -9.48 14.99
C13 BCL JB . -38.19 -10.89 15.39
C14 BCL JB . -37.35 -10.75 16.66
C15 BCL JB . -37.37 -11.51 14.28
C16 BCL JB . -36.70 -12.71 14.87
C17 BCL JB . -36.28 -13.59 13.72
C18 BCL JB . -34.77 -13.74 13.59
C19 BCL JB . -34.31 -12.61 12.72
C20 BCL JB . -34.05 -13.57 14.95
MG BCL KB . -45.71 -5.40 -4.59
CHA BCL KB . -44.73 -5.96 -1.45
CHB BCL KB . -46.40 -8.62 -4.94
CHC BCL KB . -46.96 -4.62 -7.63
CHD BCL KB . -45.08 -1.98 -4.12
NA BCL KB . -45.74 -7.03 -3.31
C1A BCL KB . -45.17 -7.08 -2.05
C2A BCL KB . -45.51 -8.42 -1.40
C3A BCL KB . -45.60 -9.34 -2.66
C4A BCL KB . -45.97 -8.28 -3.68
CMA BCL KB . -44.18 -9.76 -3.06
CAA BCL KB . -46.80 -8.29 -0.62
CBA BCL KB . -47.23 -9.59 -0.02
CGA BCL KB . -46.00 -10.24 0.58
O1A BCL KB . -45.60 -11.27 0.35
O2A BCL KB . -45.59 -9.72 1.62
NB BCL KB . -46.55 -6.39 -6.04
C1B BCL KB . -46.73 -7.73 -5.99
C2B BCL KB . -47.31 -8.12 -7.17
C3B BCL KB . -47.48 -7.04 -7.95
C4B BCL KB . -46.99 -5.92 -7.24
CMB BCL KB . -47.65 -9.57 -7.40
CAB BCL KB . -48.10 -7.01 -9.34
OBB BCL KB . -48.53 -6.02 -9.78
CBB BCL KB . -47.72 -7.96 -10.43
NC BCL KB . -46.16 -3.62 -5.52
C1C BCL KB . -46.65 -3.56 -6.77
C2C BCL KB . -46.80 -2.14 -7.27
C3C BCL KB . -46.40 -1.28 -6.13
C4C BCL KB . -45.77 -2.35 -5.24
CMC BCL KB . -45.74 -1.84 -8.29
CAC BCL KB . -47.74 -0.85 -5.54
CBC BCL KB . -47.60 0.37 -4.62
ND BCL KB . -45.10 -4.19 -3.21
C1D BCL KB . -44.85 -2.84 -3.07
C2D BCL KB . -44.36 -2.49 -1.82
C3D BCL KB . -44.31 -3.66 -1.19
C4D BCL KB . -44.74 -4.66 -2.04
CMD BCL KB . -44.00 -1.12 -1.34
CAD BCL KB . -43.96 -4.29 0.12
OBD BCL KB . -43.01 -4.01 0.96
CBD BCL KB . -44.60 -5.73 0.05
CGD BCL KB . -43.53 -6.65 0.67
O1D BCL KB . -43.51 -6.94 1.75
O2D BCL KB . -42.56 -7.08 0.02
CED BCL KB . -42.00 -8.36 0.61
C1 BCL KB . -46.49 -9.56 2.76
C2 BCL KB . -45.82 -8.87 3.93
C3 BCL KB . -45.78 -9.38 5.13
C4 BCL KB . -46.37 -10.73 5.42
C5 BCL KB . -44.93 -8.80 6.27
C6 BCL KB . -45.79 -8.67 7.54
C7 BCL KB . -44.95 -7.81 8.48
C8 BCL KB . -45.72 -7.36 9.70
C9 BCL KB . -47.10 -6.82 9.36
C10 BCL KB . -44.86 -6.27 10.26
C11 BCL KB . -44.85 -5.16 9.29
C12 BCL KB . -43.74 -4.26 9.79
C13 BCL KB . -44.24 -3.60 11.07
C14 BCL KB . -44.43 -2.12 10.77
C15 BCL KB . -43.22 -3.75 12.17
C16 BCL KB . -43.96 -3.41 13.41
C17 BCL KB . -43.19 -4.01 14.56
C18 BCL KB . -43.45 -3.29 15.87
C19 BCL KB . -42.48 -3.91 16.83
C20 BCL KB . -44.85 -3.66 16.40
CAB KGD LB . -41.38 -13.40 17.77
CAC KGD LB . -39.98 -13.25 18.29
CAD KGD LB . -41.30 -14.07 16.48
CAE KGD LB . -39.39 -14.62 18.42
CAF KGD LB . -42.20 -14.28 18.69
CAG KGD LB . -42.04 -12.04 17.64
CAH KGD LB . -40.35 -14.95 16.14
CAI KGD LB . -39.35 -15.33 17.12
CAJ KGD LB . -42.13 -13.49 15.44
CAK KGD LB . -40.54 -15.98 15.10
CAL KGD LB . -41.69 -13.51 14.20
CAM KGD LB . -42.45 -12.94 13.15
CAN KGD LB . -43.47 -11.95 13.52
CAO KGD LB . -42.16 -13.38 11.93
CAP KGD LB . -42.78 -12.86 10.78
CAQ KGD LB . -42.39 -13.36 9.62
CAR KGD LB . -42.87 -12.86 8.39
CAS KGD LB . -40.34 -9.09 -7.33
CAT KGD LB . -39.25 -8.03 -7.39
CAU KGD LB . -44.03 -11.96 8.40
CAV KGD LB . -42.19 -13.22 7.30
CAW KGD LB . -39.94 -10.21 -6.45
CAX KGD LB . -39.83 -6.74 -7.81
CAY KGD LB . -39.08 -5.75 -8.32
CAZ KGD LB . -38.95 -11.16 -6.93
CBA KGD LB . -40.51 -10.31 -5.25
CBB KGD LB . -42.49 -12.73 6.00
CBC KGD LB . -37.67 -5.93 -8.48
CBD KGD LB . -39.68 -4.47 -8.74
CBE KGD LB . -40.21 -11.34 -4.27
CBF KGD LB . -40.94 -11.40 -3.16
CBG KGD LB . -41.93 -13.30 4.94
CBH KGD LB . -40.69 -12.34 -2.09
CBI KGD LB . -42.16 -12.72 3.67
CBJ KGD LB . -41.22 -12.01 -0.90
CBK KGD LB . -39.89 -13.56 -2.32
CBL KGD LB . -41.61 -13.24 2.57
CBM KGD LB . -41.04 -12.76 0.28
CBN KGD LB . -41.82 -12.54 1.33
CBO KGD LB . -40.76 -14.44 2.56
OAA KGD LB . -38.54 -16.19 16.90
CAB KGD MB . -35.12 -2.19 29.05
CAC KGD MB . -33.70 -2.47 29.47
CAD KGD MB . -35.47 -3.14 27.96
CAE KGD MB . -33.56 -3.93 29.80
CAF KGD MB . -36.07 -2.41 30.20
CAG KGD MB . -35.23 -0.77 28.55
CAH KGD MB . -34.94 -4.34 27.80
CAI KGD MB . -33.80 -4.74 28.60
CAJ KGD MB . -36.54 -2.69 27.09
CAK KGD MB . -35.32 -5.26 26.72
CAL KGD MB . -36.27 -2.51 25.81
CAM KGD MB . -37.28 -2.02 24.90
CAN KGD MB . -38.42 -1.30 25.50
CAO KGD MB . -37.11 -2.25 23.61
CAP KGD MB . -38.02 -1.77 22.63
CAQ KGD MB . -38.01 -2.31 21.42
CAR KGD MB . -38.85 -1.82 20.36
CAS KGD MB . -40.65 0.39 4.46
CAT KGD MB . -39.46 0.79 3.64
CAU KGD MB . -39.65 -0.61 20.60
CAV KGD MB . -38.79 -2.48 19.21
CAW KGD MB . -40.24 -0.68 5.35
CAX KGD MB . -38.90 2.08 4.03
CAY KGD MB . -39.07 3.17 3.28
CAZ KGD MB . -39.66 -1.90 4.80
CBA KGD MB . -40.41 -0.51 6.64
CBB KGD MB . -39.51 -2.02 18.08
CBC KGD MB . -39.85 3.11 2.06
CBD KGD MB . -38.50 4.46 3.66
CBE KGD MB . -40.00 -1.49 7.57
CBF KGD MB . -40.42 -1.40 8.82
CBG KGD MB . -39.00 -2.36 16.91
CBH KGD MB . -39.99 -2.33 9.79
CBI KGD MB . -39.50 -1.94 15.65
CBJ KGD MB . -40.08 -1.91 11.04
CBK KGD MB . -39.48 -3.65 9.38
CBL KGD MB . -39.41 -2.71 14.57
CBM KGD MB . -39.64 -2.64 12.18
CBN KGD MB . -39.87 -2.11 13.36
CBO KGD MB . -38.86 -4.07 14.56
OAA KGD MB . -33.08 -5.66 28.30
MG BCL NB . -45.26 -23.36 8.26
CHA BCL NB . -48.49 -23.64 7.57
CHB BCL NB . -45.03 -26.68 8.47
CHC BCL NB . -41.97 -22.93 8.88
CHD BCL NB . -45.40 -19.99 7.23
NA BCL NB . -46.56 -24.94 7.97
C1A BCL NB . -47.93 -24.86 7.75
C2A BCL NB . -48.65 -26.16 8.09
C3A BCL NB . -47.49 -27.06 8.64
C4A BCL NB . -46.30 -26.22 8.24
CMA BCL NB . -47.53 -26.99 10.17
CAA BCL NB . -49.37 -26.72 6.88
CBA BCL NB . -48.64 -26.50 5.58
CGA BCL NB . -49.33 -27.29 4.47
O1A BCL NB . -49.97 -28.22 4.61
O2A BCL NB . -49.14 -26.88 3.32
NB BCL NB . -43.75 -24.55 8.60
C1B BCL NB . -43.87 -25.90 8.65
C2B BCL NB . -42.63 -26.41 8.94
C3B BCL NB . -41.75 -25.40 9.06
C4B BCL NB . -42.46 -24.19 8.85
CMB BCL NB . -42.39 -27.89 9.06
CAB BCL NB . -40.26 -25.55 9.38
OBB BCL NB . -39.92 -25.50 10.50
CBB BCL NB . -39.27 -26.26 8.52
NC BCL NB . -43.97 -21.78 7.99
C1C BCL NB . -42.68 -21.82 8.38
C2C BCL NB . -41.93 -20.58 8.00
C3C BCL NB . -42.93 -19.64 7.46
C4C BCL NB . -44.19 -20.50 7.58
CMC BCL NB . -41.46 -19.87 9.25
CAC BCL NB . -42.48 -19.52 6.00
CBC BCL NB . -42.48 -18.10 5.46
ND BCL NB . -46.53 -22.08 7.56
C1D BCL NB . -46.54 -20.76 7.17
C2D BCL NB . -47.80 -20.31 6.74
C3D BCL NB . -48.56 -21.39 6.90
C4D BCL NB . -47.78 -22.43 7.38
CMD BCL NB . -48.20 -18.95 6.25
CAD BCL NB . -49.95 -21.88 6.71
OBD BCL NB . -51.06 -21.21 6.72
CBD BCL NB . -49.94 -23.40 7.16
CGD BCL NB . -50.83 -23.42 8.43
O1D BCL NB . -50.45 -23.68 9.43
O2D BCL NB . -52.06 -23.49 8.31
CED BCL NB . -52.77 -22.91 9.53
C1 BCL NB . -50.11 -27.19 2.24
C2 BCL NB . -50.61 -25.94 1.53
C3 BCL NB . -49.97 -25.37 0.53
C4 BCL NB . -48.56 -25.76 0.22
C5 BCL NB . -50.62 -24.35 -0.44
C6 BCL NB . -49.56 -23.71 -1.37
C7 BCL NB . -50.02 -22.27 -1.58
C8 BCL NB . -49.56 -21.66 -2.88
C9 BCL NB . -48.44 -20.64 -2.72
C10 BCL NB . -50.79 -21.00 -3.44
C11 BCL NB . -51.13 -19.85 -2.56
C12 BCL NB . -52.35 -19.25 -3.23
C13 BCL NB . -52.45 -17.78 -2.81
C14 BCL NB . -52.90 -17.77 -1.35
C15 BCL NB . -53.45 -17.03 -3.67
C16 BCL NB . -52.73 -15.80 -4.12
C17 BCL NB . -53.77 -14.79 -4.56
C18 BCL NB . -53.34 -13.34 -4.30
C19 BCL NB . -54.17 -12.87 -3.15
C20 BCL NB . -53.68 -12.42 -5.49
CAB KGD OB . -48.18 -9.19 18.05
CAC KGD OB . -47.41 -10.12 18.96
CAD KGD OB . -47.19 -8.41 17.26
CAE KGD OB . -46.43 -10.92 18.15
CAF KGD OB . -49.02 -9.95 17.13
CAG KGD OB . -49.06 -8.25 18.86
CAH KGD OB . -46.00 -8.86 16.85
CAI KGD OB . -45.45 -10.03 17.49
CAJ KGD OB . -47.59 -7.06 16.95
CAK KGD OB . -45.50 -8.67 15.48
CAL KGD OB . -47.52 -6.66 15.69
CAM KGD OB . -47.93 -5.35 15.32
CAN KGD OB . -48.49 -4.48 16.37
CAO KGD OB . -47.80 -5.03 14.04
CAP KGD OB . -48.22 -3.76 13.54
CAQ KGD OB . -48.11 -3.56 12.23
CAR KGD OB . -48.54 -2.36 11.64
CAS KGD OB . -54.16 6.18 -0.23
CAT KGD OB . -54.59 6.66 -1.56
CAU KGD OB . -48.93 -1.23 12.50
CAV KGD OB . -48.63 -2.36 10.31
CAW KGD OB . -53.07 5.22 -0.39
CAX KGD OB . -54.25 8.08 -1.62
CAY KGD OB . -55.14 8.98 -2.02
CAZ KGD OB . -52.33 5.12 -1.64
CBA KGD OB . -52.80 4.47 0.66
CBB KGD OB . -49.12 -1.25 9.59
CBC KGD OB . -54.78 10.41 -2.08
CBD KGD OB . -56.51 8.56 -2.41
CBE KGD OB . -51.81 3.47 0.75
CBF KGD OB . -51.58 3.07 1.98
CBG KGD OB . -49.31 -1.44 8.30
CBH KGD OB . -50.68 2.06 2.33
CBI KGD OB . -49.84 -0.43 7.48
CBJ KGD OB . -50.96 1.58 3.54
CBK KGD OB . -49.60 1.63 1.44
CBL KGD OB . -49.48 -0.32 6.21
CBM KGD OB . -50.25 0.55 4.18
CBN KGD OB . -50.12 0.68 5.47
CBO KGD OB . -48.50 -1.18 5.53
OAA KGD OB . -44.27 -10.27 17.48
MG BCL PB . -39.59 12.39 14.66
CHA BCL PB . -40.73 9.34 15.45
CHB BCL PB . -37.06 11.93 16.80
CHC BCL PB . -38.12 15.10 13.30
CHD BCL PB . -41.99 12.55 12.12
NA BCL PB . -38.98 10.84 15.92
C1A BCL PB . -39.65 9.67 16.19
C2A BCL PB . -38.85 8.76 17.12
C3A BCL PB . -37.85 9.77 17.78
C4A BCL PB . -37.97 10.91 16.80
CMA BCL PB . -38.45 10.29 19.08
CAA BCL PB . -38.22 7.64 16.33
CBA BCL PB . -38.49 6.26 16.85
CGA BCL PB . -37.23 5.77 17.53
O1A BCL PB . -36.56 6.41 18.18
O2A BCL PB . -36.68 4.81 16.99
NB BCL PB . -37.92 13.35 14.96
C1B BCL PB . -37.01 13.00 15.90
C2B BCL PB . -35.97 13.89 15.85
C3B BCL PB . -36.22 14.80 14.87
C4B BCL PB . -37.47 14.46 14.30
CMB BCL PB . -34.80 13.75 16.79
CAB BCL PB . -35.35 15.99 14.45
OBB BCL PB . -35.77 16.82 13.75
CBB BCL PB . -33.86 16.12 14.62
NC BCL PB . -39.97 13.50 12.98
C1C BCL PB . -39.26 14.61 12.66
C2C BCL PB . -39.97 15.46 11.64
C3C BCL PB . -41.33 14.87 11.54
C4C BCL PB . -41.01 13.48 12.08
CMC BCL PB . -40.26 16.81 12.23
CAC BCL PB . -41.57 14.87 10.03
CBC BCL PB . -40.59 14.01 9.23
ND BCL PB . -41.00 11.29 13.91
C1D BCL PB . -41.94 11.42 12.91
C2D BCL PB . -42.78 10.30 12.78
C3D BCL PB . -42.32 9.51 13.74
C4D BCL PB . -41.28 10.12 14.41
CMD BCL PB . -43.88 10.08 11.81
CAD BCL PB . -42.56 8.17 14.36
OBD BCL PB . -43.40 7.23 14.05
CBD BCL PB . -41.43 7.97 15.42
CGD BCL PB . -42.19 7.75 16.75
O1D BCL PB . -43.12 8.27 17.00
O2D BCL PB . -41.97 6.73 17.43
CED BCL PB . -42.20 7.01 18.92
C1 BCL PB . -36.91 3.45 17.49
C2 BCL PB . -35.79 3.00 18.41
C3 BCL PB . -35.62 1.76 18.80
C4 BCL PB . -36.57 0.69 18.38
C5 BCL PB . -34.81 1.40 20.06
C6 BCL PB . -35.49 2.01 21.30
C7 BCL PB . -34.37 2.17 22.33
C8 BCL PB . -34.86 2.09 23.75
C9 BCL PB . -35.69 3.29 24.16
C10 BCL PB . -33.60 2.08 24.54
C11 BCL PB . -33.53 0.74 25.15
C12 BCL PB . -32.05 0.48 25.24
C13 BCL PB . -31.87 -0.99 25.63
C14 BCL PB . -30.67 -1.06 26.57
C15 BCL PB . -31.63 -1.82 24.39
C16 BCL PB . -31.13 -3.16 24.87
C17 BCL PB . -31.32 -4.13 23.74
C18 BCL PB . -30.02 -4.68 23.18
C19 BCL PB . -29.59 -3.73 22.09
C20 BCL PB . -28.90 -4.69 24.24
MG BCL QB . -43.53 5.95 8.25
CHA BCL QB . -41.86 5.24 11.02
CHB BCL QB . -45.06 3.02 8.41
CHC BCL QB . -45.40 6.96 5.60
CHD BCL QB . -42.00 9.11 8.18
NA BCL QB . -43.59 4.43 9.62
C1A BCL QB . -42.71 4.24 10.67
C2A BCL QB . -43.15 3.07 11.53
C3A BCL QB . -43.82 2.16 10.43
C4A BCL QB . -44.22 3.26 9.47
CMA BCL QB . -42.73 1.38 9.70
CAA BCL QB . -44.09 3.53 12.62
CBA BCL QB . -44.62 2.41 13.44
CGA BCL QB . -43.46 1.47 13.73
O1A BCL QB . -43.41 0.36 13.49
O2A BCL QB . -42.64 1.89 14.56
NB BCL QB . -44.98 5.18 7.17
C1B BCL QB . -45.45 3.94 7.41
C2B BCL QB . -46.43 3.68 6.49
C3B BCL QB . -46.56 4.75 5.69
C4B BCL QB . -45.62 5.73 6.11
CMB BCL QB . -47.16 2.37 6.50
CAB BCL QB . -47.53 4.92 4.52
OBB BCL QB . -47.81 5.98 4.13
CBB BCL QB . -47.73 3.87 3.46
NC BCL QB . -43.80 7.77 7.31
C1C BCL QB . -44.61 7.93 6.23
C2C BCL QB . -44.55 9.33 5.68
C3C BCL QB . -43.63 10.08 6.57
C4C BCL QB . -43.04 8.90 7.35
CMC BCL QB . -43.79 9.31 4.38
CAC BCL QB . -44.60 10.86 7.45
CBC BCL QB . -43.90 12.01 8.19
ND BCL QB . -42.28 7.00 9.28
C1D BCL QB . -41.69 8.23 9.21
C2D BCL QB . -40.78 8.48 10.24
C3D BCL QB . -40.83 7.35 10.94
C4D BCL QB . -41.72 6.47 10.35
CMD BCL QB . -39.98 9.72 10.46
CAD BCL QB . -40.27 6.68 12.14
OBD BCL QB . -39.08 6.73 12.66
CBD BCL QB . -41.23 5.45 12.41
CGD BCL QB . -40.29 4.29 12.79
O1D BCL QB . -40.02 4.04 13.84
O2D BCL QB . -39.69 3.62 11.93
CED BCL QB . -39.31 2.25 12.48
C1 BCL QB . -43.12 2.30 15.89
C2 BCL QB . -41.99 2.82 16.75
C3 BCL QB . -41.73 2.35 17.95
C4 BCL QB . -42.51 1.20 18.51
C5 BCL QB . -40.45 2.72 18.74
C6 BCL QB . -40.86 3.09 20.18
C7 BCL QB . -39.60 3.72 20.76
C8 BCL QB . -39.84 4.37 22.09
C9 BCL QB . -41.10 5.25 22.11
C10 BCL QB . -38.63 5.23 22.29
C11 BCL QB . -38.63 6.27 21.24
C12 BCL QB . -37.24 6.86 21.34
C13 BCL QB . -37.16 7.66 22.64
C14 BCL QB . -37.07 9.14 22.25
C15 BCL QB . -35.94 7.27 23.43
C16 BCL QB . -36.18 7.83 24.78
C17 BCL QB . -35.28 7.07 25.71
C18 BCL QB . -34.96 7.87 26.98
C19 BCL QB . -33.93 7.04 27.68
C20 BCL QB . -36.18 7.88 27.90
MG BCL RB . -43.70 -11.22 22.13
CHA BCL RB . -46.96 -10.68 22.40
CHB BCL RB . -44.22 -14.47 22.58
CHC BCL RB . -40.37 -11.64 21.78
CHD BCL RB . -43.31 -7.95 20.86
NA BCL RB . -45.36 -12.42 22.37
C1A BCL RB . -46.67 -11.99 22.52
C2A BCL RB . -47.56 -13.05 23.17
C3A BCL RB . -46.54 -14.22 23.47
C4A BCL RB . -45.36 -13.72 22.67
CMA BCL RB . -46.11 -14.11 24.93
CAA BCL RB . -48.71 -13.44 22.27
CBA BCL RB . -48.37 -13.43 20.81
CGA BCL RB . -49.51 -14.04 20.02
O1A BCL RB . -50.29 -14.77 20.41
O2A BCL RB . -49.59 -13.72 18.82
NB BCL RB . -42.48 -12.75 22.15
C1B BCL RB . -42.90 -14.02 22.37
C2B BCL RB . -41.80 -14.84 22.34
C3B BCL RB . -40.71 -14.08 22.12
C4B BCL RB . -41.14 -12.74 22.00
CMB BCL RB . -41.90 -16.31 22.54
CAB BCL RB . -39.28 -14.60 22.03
OBB BCL RB . -38.62 -14.62 23.00
CBB BCL RB . -38.78 -15.57 21.00
NC BCL RB . -42.21 -10.04 21.35
C1C BCL RB . -40.91 -10.39 21.39
C2C BCL RB . -40.02 -9.40 20.70
C3C BCL RB . -40.88 -8.24 20.36
C4C BCL RB . -42.22 -8.74 20.90
CMC BCL RB . -39.04 -8.82 21.69
CAC BCL RB . -40.86 -8.28 18.84
CBC BCL RB . -40.68 -6.92 18.17
ND BCL RB . -44.77 -9.67 21.68
C1D BCL RB . -44.58 -8.39 21.20
C2D BCL RB . -45.76 -7.65 21.09
C3D BCL RB . -46.67 -8.50 21.55
C4D BCL RB . -46.06 -9.69 21.90
CMD BCL RB . -45.94 -6.25 20.60
CAD BCL RB . -48.13 -8.61 21.81
OBD BCL RB . -49.00 -7.69 22.06
CBD BCL RB . -48.36 -10.07 22.38
CGD BCL RB . -48.81 -9.83 23.84
O1D BCL RB . -48.24 -10.16 24.72
O2D BCL RB . -50.01 -9.59 24.08
CED BCL RB . -50.17 -8.81 25.39
C1 BCL RB . -50.87 -13.79 18.09
C2 BCL RB . -51.24 -12.47 17.42
C3 BCL RB . -50.80 -12.11 16.24
C4 BCL RB . -49.68 -12.86 15.59
C5 BCL RB . -51.44 -10.99 15.40
C6 BCL RB . -50.58 -10.65 14.16
C7 BCL RB . -50.72 -9.15 13.93
C8 BCL RB . -50.53 -8.72 12.52
C9 BCL RB . -49.20 -8.01 12.25
C10 BCL RB . -51.66 -7.77 12.26
C11 BCL RB . -51.44 -6.55 13.07
C12 BCL RB . -52.63 -5.67 12.71
C13 BCL RB . -52.24 -4.22 13.00
C14 BCL RB . -52.23 -4.05 14.53
C15 BCL RB . -53.24 -3.26 12.40
C16 BCL RB . -52.42 -2.26 11.64
C17 BCL RB . -53.26 -1.02 11.40
C18 BCL RB . -52.43 0.27 11.40
C19 BCL RB . -52.75 0.96 12.69
C20 BCL RB . -52.87 1.22 10.27
CAB KGD SB . -40.11 3.22 30.54
CAC KGD SB . -39.38 2.20 31.38
CAD KGD SB . -39.13 3.78 29.59
CAE KGD SB . -38.83 1.15 30.49
CAF KGD SB . -41.20 2.57 29.75
CAG KGD SB . -40.70 4.32 31.42
CAH KGD SB . -38.20 3.03 28.98
CAI KGD SB . -37.89 1.72 29.51
CAJ KGD SB . -39.42 5.15 29.17
CAK KGD SB . -37.19 3.55 28.04
CAL KGD SB . -39.23 5.56 27.91
CAM KGD SB . -39.57 6.94 27.57
CAN KGD SB . -39.60 7.91 28.67
CAO KGD SB . -39.84 7.21 26.27
CAP KGD SB . -40.25 8.51 25.80
CAQ KGD SB . -40.40 8.70 24.48
CAR KGD SB . -40.87 9.95 23.91
CAS KGD SB . -48.14 19.63 12.93
CAT KGD SB . -47.63 21.03 13.00
CAU KGD SB . -41.05 11.11 24.81
CAV KGD SB . -41.17 9.98 22.60
CAW KGD SB . -47.02 18.65 12.83
CAX KGD SB . -48.00 21.77 11.77
CAY KGD SB . -47.77 23.08 11.65
CAZ KGD SB . -46.40 18.39 11.54
CBA KGD SB . -46.61 18.03 13.94
CBB KGD SB . -41.72 11.15 21.95
CBC KGD SB . -48.15 23.79 10.41
CBD KGD SB . -47.14 23.83 12.74
CBE KGD SB . -45.56 17.03 13.94
CBF KGD SB . -45.55 16.19 14.96
CBG KGD SB . -41.91 11.17 20.62
CBH KGD SB . -44.63 15.10 15.15
CBI KGD SB . -42.55 12.30 20.00
CBJ KGD SB . -44.54 14.67 16.40
CBK KGD SB . -43.88 14.53 14.02
CBL KGD SB . -42.79 12.33 18.68
CBM KGD SB . -43.73 13.58 16.84
CBN KGD SB . -43.51 13.44 18.15
CBO KGD SB . -42.40 11.26 17.74
OAA KGD SB . -36.88 1.15 29.20
MG BCL TB . -28.55 22.51 23.77
CHA BCL TB . -30.06 19.77 24.97
CHB BCL TB . -25.73 21.54 25.28
CHC BCL TB . -26.93 24.85 21.96
CHD BCL TB . -31.40 23.16 21.85
NA BCL TB . -27.98 20.88 24.93
C1A BCL TB . -28.79 19.88 25.42
C2A BCL TB . -28.00 18.82 26.19
C3A BCL TB . -26.67 19.60 26.53
C4A BCL TB . -26.81 20.74 25.55
CMA BCL TB . -26.83 20.23 27.92
CAA BCL TB . -27.81 17.59 25.33
CBA BCL TB . -28.23 16.30 25.97
CGA BCL TB . -26.97 15.56 26.38
O1A BCL TB . -26.06 16.05 26.82
O2A BCL TB . -26.76 14.50 25.78
NB BCL TB . -26.69 23.10 23.61
C1B BCL TB . -25.68 22.58 24.34
C2B BCL TB . -24.52 23.23 23.99
C3B BCL TB . -24.81 24.16 23.06
C4B BCL TB . -26.20 24.09 22.81
CMB BCL TB . -23.22 22.84 24.64
CAB BCL TB . -23.84 25.13 22.38
OBB BCL TB . -24.24 26.03 21.75
CBB BCL TB . -22.36 24.95 22.19
NC BCL TB . -29.10 23.67 22.16
C1C BCL TB . -28.27 24.59 21.62
C2C BCL TB . -29.01 25.57 20.75
C3C BCL TB . -30.44 25.28 21.01
C4C BCL TB . -30.28 23.85 21.53
CMC BCL TB . -28.87 26.97 21.32
CAC BCL TB . -31.03 25.34 19.59
CBC BCL TB . -30.47 24.28 18.64
ND BCL TB . -30.29 21.74 23.43
C1D BCL TB . -31.39 22.05 22.67
C2D BCL TB . -32.45 21.13 22.80
C3D BCL TB . -31.95 20.26 23.67
C4D BCL TB . -30.67 20.64 24.04
CMD BCL TB . -33.79 21.14 22.12
CAD BCL TB . -32.31 19.01 24.41
OBD BCL TB . -33.36 18.26 24.35
CBD BCL TB . -31.01 18.58 25.19
CGD BCL TB . -31.46 18.54 26.66
O1D BCL TB . -32.18 19.24 27.09
O2D BCL TB . -31.30 17.50 27.33
CED BCL TB . -31.10 17.82 28.80
C1 BCL TB . -27.14 13.22 26.39
C2 BCL TB . -25.95 12.55 27.05
C3 BCL TB . -25.94 11.31 27.46
C4 BCL TB . -27.16 10.46 27.32
C5 BCL TB . -24.95 10.79 28.51
C6 BCL TB . -25.17 11.55 29.83
C7 BCL TB . -23.84 11.45 30.57
C8 BCL TB . -23.98 11.50 32.06
C9 BCL TB . -24.43 12.85 32.59
C10 BCL TB . -22.59 11.23 32.54
C11 BCL TB . -22.65 9.90 33.19
C12 BCL TB . -21.27 9.34 32.95
C13 BCL TB . -21.32 7.87 33.36
C14 BCL TB . -19.96 7.56 34.01
C15 BCL TB . -21.55 7.00 32.15
C16 BCL TB . -21.23 5.60 32.57
C17 BCL TB . -21.89 4.67 31.57
C18 BCL TB . -20.89 3.85 30.76
C19 BCL TB . -20.55 4.69 29.56
C20 BCL TB . -19.58 3.62 31.54
MG BCL UB . -35.22 16.86 18.94
CHA BCL UB . -33.05 15.83 21.24
CHB BCL UB . -37.23 14.36 19.71
CHC BCL UB . -37.45 18.21 16.78
CHD BCL UB . -33.11 19.58 18.23
NA BCL UB . -35.22 15.41 20.41
C1A BCL UB . -34.16 15.06 21.21
C2A BCL UB . -34.60 14.03 22.24
C3A BCL UB . -35.72 13.28 21.42
C4A BCL UB . -36.11 14.43 20.51
CMA BCL UB . -35.05 12.26 20.50
CAA BCL UB . -35.09 14.72 23.49
CBA BCL UB . -35.62 13.77 24.50
CGA BCL UB . -34.65 12.59 24.56
O1A BCL UB . -34.91 11.50 24.42
O2A BCL UB . -33.58 12.83 25.13
NB BCL UB . -37.02 16.43 18.34
C1B BCL UB . -37.67 15.32 18.78
C2B BCL UB . -38.89 15.28 18.16
C3B BCL UB . -38.99 16.33 17.32
C4B BCL UB . -37.79 17.08 17.43
CMB BCL UB . -39.84 14.16 18.45
CAB BCL UB . -40.17 16.69 16.44
OBB BCL UB . -40.33 17.78 16.05
CBB BCL UB . -40.87 15.69 15.56
NC BCL UB . -35.32 18.67 17.96
C1C BCL UB . -36.32 18.99 17.11
C2C BCL UB . -36.12 20.33 16.45
C3C BCL UB . -34.87 20.86 17.02
C4C BCL UB . -34.35 19.60 17.71
CMC BCL UB . -35.76 20.11 15.00
CAC BCL UB . -35.36 21.86 18.05
CBC BCL UB . -34.28 22.84 18.49
ND BCL UB . -33.54 17.61 19.53
C1D BCL UB . -32.73 18.68 19.22
C2D BCL UB . -31.55 18.73 19.96
C3D BCL UB . -31.65 17.66 20.74
C4D BCL UB . -32.85 16.99 20.46
CMD BCL UB . -30.47 19.76 19.87
CAD BCL UB . -30.96 16.90 21.81
OBD BCL UB . -29.69 16.69 22.00
CBD BCL UB . -32.05 15.94 22.40
CGD BCL UB . -31.31 14.60 22.63
O1D BCL UB . -30.84 14.31 23.59
O2D BCL UB . -31.12 13.79 21.69
CED BCL UB . -30.91 12.38 22.23
C1 BCL UB . -33.58 13.37 26.49
C2 BCL UB . -32.18 13.64 26.99
C3 BCL UB . -31.72 13.14 28.12
C4 BCL UB . -32.54 12.21 28.95
C5 BCL UB . -30.23 13.23 28.53
C6 BCL UB . -30.15 13.71 29.99
C7 BCL UB . -28.68 14.04 30.18
C8 BCL UB . -28.41 14.77 31.47
C9 BCL UB . -29.39 15.90 31.74
C10 BCL UB . -27.04 15.32 31.29
C11 BCL UB . -27.08 16.32 30.20
C12 BCL UB . -25.63 16.57 29.88
C13 BCL UB . -25.04 17.36 31.05
C14 BCL UB . -24.74 18.77 30.55
C15 BCL UB . -23.77 16.72 31.54
C16 BCL UB . -23.51 17.34 32.86
C17 BCL UB . -22.58 16.42 33.60
C18 BCL UB . -21.78 17.15 34.67
C19 BCL UB . -20.80 16.13 35.16
C20 BCL UB . -22.68 17.46 35.87
CAB KGD VB . -23.72 7.03 37.75
CAC KGD VB . -23.06 5.97 38.60
CAD KGD VB . -24.31 6.39 36.55
CAE KGD VB . -22.24 5.04 37.76
CAF KGD VB . -24.84 7.68 38.53
CAG KGD VB . -22.72 8.08 37.35
CAH KGD VB . -24.05 5.14 36.14
CAI KGD VB . -23.07 4.34 36.79
CAJ KGD VB . -25.40 7.11 35.94
CAK KGD VB . -24.64 4.53 34.94
CAL KGD VB . -25.38 7.28 34.63
CAM KGD VB . -26.40 7.99 33.94
CAN KGD VB . -26.97 9.19 34.60
CAO KGD VB . -26.78 7.54 32.75
CAP KGD VB . -27.75 8.24 32.00
CAQ KGD VB . -28.06 7.80 30.79
CAR KGD VB . -28.99 8.51 29.96
CAS KGD VB . -34.65 10.62 14.79
CAT KGD VB . -33.40 11.05 14.04
CAU KGD VB . -29.50 9.81 30.44
CAV KGD VB . -29.28 7.97 28.80
CAW KGD VB . -34.30 9.46 15.63
CAX KGD VB . -33.61 12.33 13.36
CAY KGD VB . -32.58 13.12 13.02
CAZ KGD VB . -34.33 8.12 15.03
CBA KGD VB . -33.98 9.67 16.89
CBB KGD VB . -30.12 8.59 27.83
CBC KGD VB . -32.81 14.40 12.35
CBD KGD VB . -31.20 12.73 13.34
CBE KGD VB . -33.59 8.65 17.82
CBF KGD VB . -33.51 8.97 19.11
CBG KGD VB . -30.20 7.99 26.65
CBH KGD VB . -33.06 8.05 20.11
CBI KGD VB . -30.91 8.54 25.55
CBJ KGD VB . -32.87 8.58 21.31
CBK KGD VB . -32.81 6.64 19.77
CBL KGD VB . -31.41 7.77 24.59
CBM KGD VB . -32.36 7.82 22.39
CBN KGD VB . -32.01 8.46 23.50
CBO KGD VB . -31.37 6.30 24.56
OAA KGD VB . -22.95 3.16 36.58
MG BCL WB . -35.37 0.48 33.73
CHA BCL WB . -38.25 1.74 34.77
CHB BCL WB . -36.44 -2.58 34.56
CHC BCL WB . -32.44 -0.70 32.59
CHD BCL WB . -34.65 3.54 32.14
NA BCL WB . -37.15 -0.31 34.48
C1A BCL WB . -38.23 0.40 34.93
C2A BCL WB . -39.13 -0.41 35.86
C3A BCL WB . -38.34 -1.77 35.98
C4A BCL WB . -37.34 -1.57 34.88
CMA BCL WB . -37.53 -1.73 37.28
CAA BCL WB . -40.53 -0.54 35.31
CBA BCL WB . -40.59 -0.64 33.82
CGA BCL WB . -42.01 -0.99 33.39
O1A BCL WB . -42.79 -1.53 34.02
O2A BCL WB . -42.33 -0.69 32.23
NB BCL WB . -34.56 -1.29 33.57
C1B BCL WB . -35.17 -2.43 33.98
C2B BCL WB . -34.31 -3.48 33.74
C3B BCL WB . -33.20 -3.00 33.19
C4B BCL WB . -33.33 -1.60 33.08
CMB BCL WB . -34.68 -4.90 34.08
CAB BCL WB . -31.98 -3.83 32.78
OBB BCL WB . -31.11 -3.99 33.55
CBB BCL WB . -31.99 -4.90 31.74
NC BCL WB . -33.92 1.26 32.51
C1C BCL WB . -32.77 0.61 32.24
C2C BCL WB . -31.90 1.36 31.27
C3C BCL WB . -32.55 2.69 31.08
C4C BCL WB . -33.78 2.51 31.97
CMC BCL WB . -30.60 1.73 31.93
CAC BCL WB . -32.95 2.62 29.60
CBC BCL WB . -32.66 3.89 28.81
ND BCL WB . -36.17 2.21 33.46
C1D BCL WB . -35.84 3.40 32.83
C2D BCL WB . -36.82 4.40 32.97
C3D BCL WB . -37.74 3.78 33.71
C4D BCL WB . -37.33 2.49 34.00
CMD BCL WB . -36.82 5.79 32.43
CAD BCL WB . -39.08 4.01 34.34
OBD BCL WB . -39.62 5.12 34.73
CBD BCL WB . -39.45 2.66 35.06
CGD BCL WB . -39.43 3.02 36.56
O1D BCL WB . -38.73 2.59 37.30
O2D BCL WB . -40.45 3.54 37.08
CED BCL WB . -40.07 4.36 38.31
C1 BCL WB . -43.73 -0.49 31.86
C2 BCL WB . -43.98 0.87 31.21
C3 BCL WB . -43.80 1.10 29.93
C4 BCL WB . -43.09 0.11 29.07
C5 BCL WB . -44.39 2.33 29.19
C6 BCL WB . -43.84 2.42 27.74
C7 BCL WB . -43.70 3.92 27.46
C8 BCL WB . -43.81 4.27 25.99
C9 BCL WB . -42.48 4.64 25.35
C10 BCL WB . -44.74 5.44 25.95
C11 BCL WB . -44.05 6.59 26.59
C12 BCL WB . -45.07 7.72 26.47
C13 BCL WB . -44.33 9.05 26.54
C14 BCL WB . -43.87 9.24 28.00
C15 BCL WB . -45.22 10.20 26.13
C16 BCL WB . -44.43 10.96 25.11
C17 BCL WB . -45.02 12.35 25.00
C18 BCL WB . -43.96 13.42 24.68
C19 BCL WB . -43.77 14.20 25.96
C20 BCL WB . -44.46 14.43 23.63
CAB KGD XB . -26.67 14.09 39.48
CAC KGD XB . -26.10 13.04 40.39
CAD KGD XB . -25.68 14.26 38.39
CAE KGD XB . -25.94 11.77 39.61
CAF KGD XB . -27.96 13.64 38.86
CAG KGD XB . -26.88 15.39 40.21
CAH KGD XB . -25.06 13.26 37.78
CAI KGD XB . -25.08 11.94 38.40
CAJ KGD XB . -25.53 15.63 37.95
CAK KGD XB . -24.81 13.26 36.34
CAL KGD XB . -26.37 16.08 37.02
CAM KGD XB . -26.35 17.44 36.57
CAN KGD XB . -26.14 18.46 37.63
CAO KGD XB . -26.58 17.72 35.27
CAP KGD XB . -26.64 19.08 34.83
CAQ KGD XB . -27.47 19.32 33.82
CAR KGD XB . -27.75 20.62 33.25
CAS KGD XB . -35.50 30.98 23.88
CAT KGD XB . -34.69 32.21 23.68
CAU KGD XB . -27.27 21.84 33.93
CAV KGD XB . -28.48 20.62 32.14
CAW KGD XB . -34.69 29.78 23.59
CAX KGD XB . -35.36 33.08 22.69
CAY KGD XB . -34.98 34.34 22.51
CAZ KGD XB . -34.60 29.28 22.22
CBA KGD XB . -34.06 29.20 24.58
CBB KGD XB . -28.93 21.81 31.50
CBC KGD XB . -35.67 35.18 21.51
CBD KGD XB . -33.86 34.92 23.28
CBE KGD XB . -33.28 28.02 24.38
CBF KGD XB . -33.19 27.20 25.40
CBG KGD XB . -29.43 21.75 30.28
CBH KGD XB . -32.48 25.98 25.38
CBI KGD XB . -29.97 22.92 29.70
CBJ KGD XB . -32.01 25.60 26.55
CBK KGD XB . -32.36 25.20 24.13
CBL KGD XB . -30.53 22.89 28.49
CBM KGD XB . -31.32 24.38 26.76
CBN KGD XB . -31.12 24.07 28.03
CBO KGD XB . -30.62 21.68 27.65
OAA KGD XB . -24.45 11.00 37.94
MG BCL YB . -13.49 29.54 28.71
CHA BCL YB . -15.16 27.28 30.52
CHB BCL YB . -10.65 27.95 29.46
CHC BCL YB . -11.98 31.39 26.31
CHD BCL YB . -16.55 30.83 27.60
NA BCL YB . -12.98 27.85 29.81
C1A BCL YB . -13.82 27.08 30.58
C2A BCL YB . -13.11 25.87 31.19
C3A BCL YB . -11.61 26.31 31.09
C4A BCL YB . -11.75 27.43 30.08
CMA BCL YB . -11.20 27.00 32.40
CAA BCL YB . -13.46 24.63 30.43
CBA BCL YB . -13.95 23.49 31.27
CGA BCL YB . -12.84 22.47 31.37
O1A BCL YB . -11.75 22.73 31.50
O2A BCL YB . -13.06 21.38 30.83
NB BCL YB . -11.67 29.66 27.98
C1B BCL YB . -10.63 28.93 28.44
C2B BCL YB . -9.51 29.27 27.74
C3B BCL YB . -9.83 30.23 26.84
C4B BCL YB . -11.22 30.49 27.00
CMB BCL YB . -8.21 28.60 28.03
CAB BCL YB . -8.91 30.92 25.84
OBB BCL YB . -9.27 31.88 25.26
CBB BCL YB . -7.63 30.38 25.27
NC BCL YB . -14.19 30.77 27.22
C1C BCL YB . -13.37 31.46 26.38
C2C BCL YB . -14.09 32.58 25.68
C3C BCL YB . -15.41 32.65 26.34
C4C BCL YB . -15.44 31.23 26.93
CMC BCL YB . -13.47 33.90 26.05
CAC BCL YB . -16.36 32.81 25.15
CBC BCL YB . -16.36 31.63 24.18
ND BCL YB . -15.38 29.21 28.93
C1D BCL YB . -16.56 29.76 28.47
C2D BCL YB . -17.71 29.14 28.98
C3D BCL YB . -17.19 28.20 29.76
C4D BCL YB . -15.81 28.25 29.72
CMD BCL YB . -19.14 29.46 28.70
CAD BCL YB . -17.58 27.08 30.67
OBD BCL YB . -18.75 26.60 30.97
CBD BCL YB . -16.25 26.36 31.08
CGD BCL YB . -16.26 26.46 32.62
O1D BCL YB . -16.63 27.32 33.18
O2D BCL YB . -16.14 25.42 33.31
CED BCL YB . -15.47 25.71 34.64
C1 BCL YB . -13.53 20.25 31.64
C2 BCL YB . -12.39 19.32 32.00
C3 BCL YB . -12.55 18.12 32.50
C4 BCL YB . -13.91 17.59 32.79
C5 BCL YB . -11.42 17.39 33.28
C6 BCL YB . -11.08 18.21 34.54
C7 BCL YB . -9.65 17.81 34.87
C8 BCL YB . -9.33 17.91 36.34
C9 BCL YB . -9.29 19.34 36.86
C10 BCL YB . -7.96 17.31 36.44
C11 BCL YB . -8.14 16.06 37.19
C12 BCL YB . -7.05 15.17 36.63
C13 BCL YB . -7.31 13.77 37.16
C14 BCL YB . -5.93 13.14 37.43
C15 BCL YB . -8.08 12.96 36.15
C16 BCL YB . -7.97 11.52 36.59
C17 BCL YB . -9.08 10.78 35.90
C18 BCL YB . -8.58 9.72 34.91
C19 BCL YB . -8.43 10.42 33.59
C20 BCL YB . -7.19 9.19 35.31
MG BCL ZB . -22.36 25.76 26.46
CHA BCL ZB . -19.92 24.24 28.14
CHB BCL ZB . -24.59 23.83 27.96
CHC BCL ZB . -24.73 27.60 24.91
CHD BCL ZB . -19.97 27.87 24.98
NA BCL ZB . -22.28 24.35 27.98
C1A BCL ZB . -21.14 23.77 28.48
C2A BCL ZB . -21.49 22.89 29.67
C3A BCL ZB . -22.94 22.43 29.25
C4A BCL ZB . -23.30 23.62 28.40
CMA BCL ZB . -22.83 21.27 28.27
CAA BCL ZB . -21.42 23.69 30.94
CBA BCL ZB . -21.85 22.89 32.14
CGA BCL ZB . -21.21 21.53 32.02
O1A BCL ZB . -21.74 20.53 32.03
O2A BCL ZB . -19.99 21.50 32.24
NB BCL ZB . -24.31 25.76 26.42
C1B BCL ZB . -25.04 24.86 27.11
C2B BCL ZB . -26.37 25.11 26.85
C3B BCL ZB . -26.45 26.17 26.01
C4B BCL ZB . -25.14 26.58 25.71
CMB BCL ZB . -27.43 24.28 27.50
CAB BCL ZB . -27.73 26.79 25.47
OBB BCL ZB . -27.72 27.89 25.04
CBB BCL ZB . -28.86 26.00 24.89
NC BCL ZB . -22.31 27.53 25.41
C1C BCL ZB . -23.42 28.08 24.85
C2C BCL ZB . -23.11 29.32 24.06
C3C BCL ZB . -21.66 29.53 24.21
C4C BCL ZB . -21.27 28.19 24.83
CMC BCL ZB . -23.24 29.00 22.58
CAC BCL ZB . -21.58 30.63 25.26
CBC BCL ZB . -20.21 31.31 25.29
ND BCL ZB . -20.46 26.07 26.49
C1D BCL ZB . -19.55 26.90 25.89
C2D BCL ZB . -18.22 26.67 26.27
C3D BCL ZB . -18.35 25.67 27.12
C4D BCL ZB . -19.68 25.31 27.24
CMD BCL ZB . -17.01 27.39 25.80
CAD BCL ZB . -17.57 24.76 28.01
OBD BCL ZB . -16.39 24.24 27.87
CBD BCL ZB . -18.64 24.10 28.97
CGD BCL ZB . -18.19 22.62 29.08
O1D BCL ZB . -17.56 22.23 29.89
O2D BCL ZB . -18.48 21.78 28.21
CED BCL ZB . -18.47 20.37 28.77
C1 BCL ZB . -19.47 22.03 33.50
C2 BCL ZB . -17.97 21.94 33.57
C3 BCL ZB . -17.33 21.35 34.56
C4 BCL ZB . -18.07 20.66 35.66
C5 BCL ZB . -15.82 21.08 34.54
C6 BCL ZB . -15.20 21.53 35.87
C7 BCL ZB . -13.69 21.50 35.62
C8 BCL ZB . -12.90 22.15 36.72
C9 BCL ZB . -13.47 23.49 37.15
C10 BCL ZB . -11.55 22.33 36.12
C11 BCL ZB . -11.68 23.30 35.02
C12 BCL ZB . -10.36 23.19 34.28
C13 BCL ZB . -9.29 23.82 35.18
C14 BCL ZB . -8.82 25.11 34.50
C15 BCL ZB . -8.12 22.89 35.34
C16 BCL ZB . -7.35 23.45 36.49
C17 BCL ZB . -6.50 22.32 37.00
C18 BCL ZB . -5.27 22.83 37.74
C19 BCL ZB . -4.46 21.60 38.02
C20 BCL ZB . -5.69 23.37 39.11
CAB KGD AC . -8.51 13.92 41.97
CAC KGD AC . -7.29 13.15 41.56
CAD KGD AC . -9.62 13.41 41.16
CAE KGD AC . -7.53 11.69 41.86
CAF KGD AC . -8.84 13.68 43.42
CAG KGD AC . -8.32 15.37 41.71
CAH KGD AC . -9.82 12.11 40.90
CAI KGD AC . -8.73 11.17 41.14
CAJ KGD AC . -10.53 14.41 40.66
CAK KGD AC . -11.16 11.51 40.98
CAL KGD AC . -11.24 14.16 39.57
CAM KGD AC . -12.12 15.17 39.07
CAN KGD AC . -12.07 16.49 39.72
CAO KGD AC . -12.91 14.85 38.06
CAP KGD AC . -13.77 15.80 37.46
CAQ KGD AC . -14.70 15.36 36.62
CAR KGD AC . -15.55 16.27 35.94
CAS KGD AC . -24.15 19.74 22.64
CAT KGD AC . -23.05 19.88 21.62
CAU KGD AC . -15.59 17.67 36.38
CAV KGD AC . -16.25 15.77 34.92
CAW KGD AC . -23.88 18.56 23.45
CAX KGD AC . -23.20 21.16 20.91
CAY KGD AC . -22.26 21.63 20.10
CAZ KGD AC . -24.31 17.25 22.95
CBA KGD AC . -23.28 18.70 24.61
CBB KGD AC . -17.08 16.59 34.11
CBC KGD AC . -22.46 22.91 19.41
CBD KGD AC . -21.01 20.89 19.87
CBE KGD AC . -22.94 17.61 25.45
CBF KGD AC . -22.46 17.88 26.65
CBG KGD AC . -17.80 15.99 33.19
CBH KGD AC . -22.04 16.85 27.52
CBI KGD AC . -18.58 16.75 32.30
CBJ KGD AC . -21.20 17.25 28.46
CBK KGD AC . -22.51 15.45 27.33
CBL KGD AC . -19.32 16.14 31.39
CBM KGD AC . -20.59 16.40 29.40
CBN KGD AC . -20.02 16.94 30.46
CBO KGD AC . -19.41 14.67 31.27
OAA KGD AC . -8.80 10.01 40.80
MG BCL BC . -22.07 10.03 41.95
CHA BCL BC . -24.14 11.98 43.65
CHB BCL BC . -23.54 7.35 43.30
CHC BCL BC . -19.95 8.16 40.13
CHD BCL BC . -21.14 12.81 39.99
NA BCL BC . -23.68 9.72 43.23
C1A BCL BC . -24.39 10.68 43.91
C2A BCL BC . -25.14 10.12 45.12
C3A BCL BC . -24.69 8.61 45.12
C4A BCL BC . -24.03 8.54 43.76
CMA BCL BC . -23.55 8.46 46.13
CAA BCL BC . -26.63 10.34 44.98
CBA BCL BC . -27.15 10.24 43.57
CGA BCL BC . -28.66 10.25 43.60
O1A BCL BC . -29.33 9.94 44.46
O2A BCL BC . -29.23 10.62 42.55
NB BCL BC . -21.77 8.12 41.71
C1B BCL BC . -22.49 7.17 42.38
C2B BCL BC . -22.00 5.94 41.98
C3B BCL BC . -21.01 6.13 41.10
C4B BCL BC . -20.84 7.51 40.93
CMB BCL BC . -22.58 4.66 42.52
CAB BCL BC . -20.20 5.01 40.45
OBB BCL BC . -19.20 4.65 40.95
CBB BCL BC . -20.76 3.97 39.53
NC BCL BC . -20.88 10.43 40.33
C1C BCL BC . -20.05 9.52 39.80
C2C BCL BC . -19.34 10.02 38.56
C3C BCL BC . -19.70 11.45 38.46
C4C BCL BC . -20.62 11.60 39.67
CMC BCL BC . -17.86 10.06 38.80
CAC BCL BC . -20.52 11.48 37.17
CBC BCL BC . -20.18 12.63 36.22
ND BCL BC . -22.47 11.92 41.77
C1D BCL BC . -22.07 12.97 41.00
C2D BCL BC . -22.71 14.18 41.32
C3D BCL BC . -23.49 13.82 42.34
C4D BCL BC . -23.33 12.47 42.59
CMD BCL BC . -22.54 15.53 40.70
CAD BCL BC . -24.49 14.37 43.30
OBD BCL BC . -24.63 15.60 43.73
CBD BCL BC . -24.95 13.17 44.19
CGD BCL BC . -24.42 13.52 45.60
O1D BCL BC . -23.65 12.94 46.13
O2D BCL BC . -25.09 14.28 46.33
CED BCL BC . -24.19 14.99 47.35
C1 BCL BC . -30.59 11.16 42.57
C2 BCL BC . -30.69 12.52 41.92
C3 BCL BC . -30.85 12.69 40.62
C4 BCL BC . -30.66 11.54 39.68
C5 BCL BC . -31.31 14.03 39.98
C6 BCL BC . -31.20 13.97 38.43
C7 BCL BC . -30.80 15.38 38.00
C8 BCL BC . -31.25 15.74 36.60
C9 BCL BC . -30.11 15.77 35.58
C10 BCL BC . -31.84 17.10 36.73
C11 BCL BC . -30.76 18.06 37.06
C12 BCL BC . -31.47 19.39 37.14
C13 BCL BC . -30.44 20.50 36.90
C14 BCL BC . -29.56 20.58 38.14
C15 BCL BC . -31.12 21.83 36.66
C16 BCL BC . -30.50 22.37 35.40
C17 BCL BC . -30.75 23.86 35.35
C18 BCL BC . -29.61 24.62 34.67
C19 BCL BC . -28.89 25.34 35.78
C20 BCL BC . -30.16 25.72 33.72
CAB KGD CC . -9.42 21.27 44.27
CAC KGD CC . -9.01 20.10 45.15
CAD KGD CC . -8.79 21.08 42.96
CAE KGD CC . -9.31 18.82 44.45
CAF KGD CC . -8.93 22.57 44.86
CAG KGD CC . -10.93 21.31 44.13
CAH KGD CC . -8.58 19.92 42.36
CAI KGD CC . -8.59 18.71 43.16
CAJ KGD CC . -8.36 22.31 42.32
CAK KGD CC . -8.87 19.72 40.93
CAL KGD CC . -9.21 22.92 41.50
CAM KGD CC . -8.86 24.17 40.89
CAN KGD CC . -7.58 24.78 41.31
CAO KGD CC . -9.73 24.68 40.02
CAP KGD CC . -9.52 25.94 39.38
CAQ KGD CC . -10.48 26.35 38.55
CAR KGD CC . -10.47 27.62 37.88
CAS KGD CC . -16.98 39.71 29.25
CAT KGD CC . -18.17 40.47 29.76
CAU KGD CC . -9.50 28.63 38.34
CAV KGD CC . -11.38 27.82 36.92
CAW KGD CC . -17.21 38.25 29.28
CAX KGD CC . -18.64 41.47 28.74
CAY KGD CC . -17.84 42.33 28.09
CAZ KGD CC . -18.17 37.65 28.36
CBA KGD CC . -16.52 37.53 30.13
CBB KGD CC . -11.51 29.08 36.24
CBC KGD CC . -16.38 42.43 28.33
CBD KGD CC . -18.43 43.26 27.08
CBE KGD CC . -16.65 36.11 30.22
CBF KGD CC . -15.72 35.45 30.89
CBG KGD CC . -12.61 29.26 35.49
CBH KGD CC . -15.74 34.05 31.07
CBI KGD CC . -12.87 30.52 34.85
CBJ KGD CC . -14.99 33.60 32.08
CBK KGD CC . -16.50 33.19 30.15
CBL KGD CC . -13.67 30.63 33.78
CBM KGD CC . -14.87 32.25 32.45
CBN KGD CC . -13.88 31.95 33.30
CBO KGD CC . -14.33 29.51 33.09
OAA KGD CC . -8.04 17.70 42.84
MG BCL DC . 3.55 33.54 29.66
CHA BCL DC . 1.86 31.68 31.88
CHB BCL DC . 6.09 31.39 29.88
CHC BCL DC . 4.85 35.02 26.93
CHD BCL DC . 0.64 35.43 29.15
NA BCL DC . 3.91 31.78 30.72
C1A BCL DC . 3.11 31.21 31.68
C2A BCL DC . 3.68 29.88 32.18
C3A BCL DC . 5.19 29.99 31.75
C4A BCL DC . 5.06 31.12 30.74
CMA BCL DC . 5.99 30.59 32.91
CAA BCL DC . 2.93 28.72 31.57
CBA BCL DC . 2.41 27.72 32.56
CGA BCL DC . 3.29 26.50 32.47
O1A BCL DC . 4.41 26.52 32.35
O2A BCL DC . 2.74 25.48 32.04
NB BCL DC . 5.14 33.28 28.57
C1B BCL DC . 6.09 32.34 28.84
C2B BCL DC . 7.08 32.44 27.91
C3B BCL DC . 6.77 33.43 27.06
C4B BCL DC . 5.54 33.99 27.48
CMB BCL DC . 8.25 31.51 27.96
CAB BCL DC . 7.59 33.92 25.85
OBB BCL DC . 7.32 34.93 25.31
CBB BCL DC . 8.57 33.12 25.05
NC BCL DC . 2.80 34.88 28.29
C1C BCL DC . 3.54 35.38 27.28
C2C BCL DC . 2.93 36.62 26.68
C3C BCL DC . 1.82 36.97 27.61
C4C BCL DC . 1.64 35.59 28.24
CMC BCL DC . 3.87 37.79 26.86
CAC BCL DC . 0.70 37.31 26.62
CBC BCL DC . 0.26 36.17 25.72
ND BCL DC . 1.71 33.60 30.29
C1D BCL DC . 0.60 34.39 30.06
C2D BCL DC . -0.51 34.02 30.81
C3D BCL DC . -0.05 32.99 31.52
C4D BCL DC . 1.28 32.76 31.19
CMD BCL DC . -1.88 34.63 30.82
CAD BCL DC . -0.47 31.99 32.54
OBD BCL DC . -1.62 31.76 33.09
CBD BCL DC . 0.76 31.00 32.70
CGD BCL DC . 1.10 31.10 34.20
O1D BCL DC . 1.02 32.04 34.79
O2D BCL DC . 1.13 30.07 34.91
CED BCL DC . 2.13 30.22 36.05
C1 BCL DC . 2.24 24.46 32.97
C2 BCL DC . 3.22 23.32 33.13
C3 BCL DC . 2.93 22.18 33.71
C4 BCL DC . 1.58 21.94 34.30
C5 BCL DC . 4.02 21.24 34.27
C6 BCL DC . 4.78 21.97 35.40
C7 BCL DC . 6.15 21.28 35.45
C8 BCL DC . 6.78 21.32 36.81
C9 BCL DC . 7.22 22.72 37.24
C10 BCL DC . 7.98 20.45 36.65
C11 BCL DC . 7.72 19.27 37.48
C12 BCL DC . 8.46 18.17 36.75
C13 BCL DC . 8.04 16.85 37.40
C14 BCL DC . 9.28 15.96 37.40
C15 BCL DC . 6.93 16.21 36.60
C16 BCL DC . 6.83 14.80 37.08
C17 BCL DC . 5.48 14.28 36.66
C18 BCL DC . 5.54 13.14 35.64
C19 BCL DC . 5.55 13.80 34.28
C20 BCL DC . 6.84 12.34 35.77
MG BCL EC . -6.20 31.65 29.58
CHA BCL EC . -3.80 29.66 30.72
CHB BCL EC . -8.34 30.30 31.72
CHC BCL EC . -8.46 33.94 28.51
CHD BCL EC . -3.88 33.14 27.41
NA BCL EC . -6.04 30.30 31.13
C1A BCL EC . -4.96 29.48 31.38
C2A BCL EC . -5.19 28.72 32.68
C3A BCL EC . -6.75 28.59 32.67
C4A BCL EC . -7.06 29.82 31.84
CMA BCL EC . -7.15 27.41 31.78
CAA BCL EC . -4.63 29.51 33.84
CBA BCL EC . -4.89 28.86 35.16
CGA BCL EC . -4.60 27.38 34.99
O1A BCL EC . -5.31 26.53 35.21
O2A BCL EC . -3.40 27.08 34.91
NB BCL EC . -8.05 32.10 30.01
C1B BCL EC . -8.76 31.39 30.93
C2B BCL EC . -10.02 31.93 30.99
C3B BCL EC . -10.09 32.95 30.11
C4B BCL EC . -8.84 33.06 29.47
CMB BCL EC . -11.04 31.36 31.93
CAB BCL EC . -11.31 33.84 29.85
OBB BCL EC . -11.18 34.89 29.36
CBB BCL EC . -12.69 33.30 29.63
NC BCL EC . -6.06 33.35 28.42
C1C BCL EC . -7.12 34.12 28.10
C2C BCL EC . -6.78 35.24 27.17
C3C BCL EC . -5.31 35.13 26.95
C4C BCL EC . -5.08 33.75 27.55
CMC BCL EC . -7.34 34.93 25.80
CAC BCL EC . -4.75 36.21 27.86
CBC BCL EC . -3.31 36.57 27.50
ND BCL EC . -4.33 31.53 29.13
C1D BCL EC . -3.45 32.14 28.25
C2D BCL EC . -2.16 31.62 28.32
C3D BCL EC . -2.27 30.68 29.24
C4D BCL EC . -3.57 30.64 29.72
CMD BCL EC . -0.98 32.04 27.51
CAD BCL EC . -1.49 29.64 29.99
OBD BCL EC . -0.53 28.87 29.60
CBD BCL EC . -2.40 29.26 31.21
CGD BCL EC . -2.26 27.72 31.33
O1D BCL EC . -1.54 27.21 31.99
O2D BCL EC . -2.94 26.96 30.62
CED BCL EC . -3.08 25.58 31.27
C1 BCL EC . -2.48 27.51 35.96
C2 BCL EC . -1.05 27.10 35.67
C3 BCL EC . -0.33 26.40 36.52
C4 BCL EC . -0.90 25.92 37.81
C5 BCL EC . 1.03 25.79 36.14
C6 BCL EC . 2.05 26.12 37.25
C7 BCL EC . 3.41 25.75 36.64
C8 BCL EC . 4.57 26.23 37.47
C9 BCL EC . 4.42 27.68 37.94
C10 BCL EC . 5.73 26.09 36.55
C11 BCL EC . 5.53 27.05 35.44
C12 BCL EC . 6.57 26.63 34.41
C13 BCL EC . 7.94 27.02 34.97
C14 BCL EC . 8.48 28.16 34.11
C15 BCL EC . 8.88 25.86 34.91
C16 BCL EC . 10.02 26.25 35.80
C17 BCL EC . 10.72 24.97 36.16
C18 BCL EC . 12.18 25.22 36.55
C19 BCL EC . 12.75 23.85 36.71
C20 BCL EC . 12.25 25.86 37.94
CAB KGD FC . 8.07 16.92 42.45
CAC KGD FC . 9.06 16.39 41.45
CAD KGD FC . 6.75 16.72 41.85
CAE KGD FC . 8.86 14.91 41.25
CAF KGD FC . 8.27 18.39 42.70
CAG KGD FC . 8.18 16.17 43.76
CAH KGD FC . 6.42 15.56 41.30
CAI KGD FC . 7.42 14.49 41.32
CAJ KGD FC . 6.05 17.92 41.46
CAK KGD FC . 5.03 15.08 41.24
CAL KGD FC . 5.31 17.91 40.36
CAM KGD FC . 4.61 19.10 39.93
CAN KGD FC . 5.17 20.39 40.33
CAO KGD FC . 3.50 18.91 39.21
CAP KGD FC . 2.72 20.00 38.69
CAQ KGD FC . 1.46 19.77 38.32
CAR KGD FC . 0.67 20.83 37.72
CAS KGD FC . -10.33 25.97 26.45
CAT KGD FC . -9.50 25.90 25.16
CAU KGD FC . 1.17 22.21 37.82
CAV KGD FC . -0.45 20.50 37.07
CAW KGD FC . -10.03 24.80 27.29
CAX KGD FC . -9.43 27.25 24.54
CAY KGD FC . -8.44 27.61 23.73
CAZ KGD FC . -10.79 23.57 27.08
CBA KGD FC . -9.09 24.90 28.22
CBB KGD FC . -1.24 21.47 36.39
CBC KGD FC . -8.41 28.95 23.13
CBD KGD FC . -7.34 26.68 23.40
CBE KGD FC . -8.70 23.81 29.08
CBF KGD FC . -7.99 24.05 30.18
CBG KGD FC . -2.33 21.10 35.71
CBH KGD FC . -7.55 22.96 31.02
CBI KGD FC . -3.11 22.06 34.96
CBJ KGD FC . -6.45 23.20 31.75
CBK KGD FC . -8.28 21.69 31.02
CBL KGD FC . -4.18 21.65 34.27
CBM KGD FC . -5.82 22.23 32.58
CBN KGD FC . -4.89 22.61 33.47
CBO KGD FC . -4.64 20.25 34.24
OAA KGD FC . 7.10 13.32 41.44
MG BCL GC . -5.31 16.57 45.67
CHA BCL GC . -6.41 18.96 47.66
CHB BCL GC . -6.91 14.30 47.52
CHC BCL GC . -4.17 14.23 43.53
CHD BCL GC . -4.34 19.02 43.33
NA BCL GC . -6.57 16.63 47.32
C1A BCL GC . -6.87 17.75 48.07
C2A BCL GC . -7.38 17.40 49.47
C3A BCL GC . -7.28 15.83 49.48
C4A BCL GC . -7.01 15.59 48.01
CMA BCL GC . -5.98 15.44 50.18
CAA BCL GC . -8.78 17.93 49.69
CBA BCL GC . -9.65 17.93 48.46
CGA BCL GC . -11.07 18.28 48.85
O1A BCL GC . -11.54 18.13 49.88
O2A BCL GC . -11.79 18.73 47.94
NB BCL GC . -5.49 14.63 45.51
C1B BCL GC . -6.20 13.87 46.39
C2B BCL GC . -6.10 12.56 45.99
C3B BCL GC . -5.35 12.50 44.88
C4B BCL GC . -4.94 13.81 44.57
CMB BCL GC . -6.77 11.45 46.74
CAB BCL GC . -4.98 11.22 44.13
OBB BCL GC . -3.99 10.66 44.40
CBB BCL GC . -5.96 10.32 43.47
NC BCL GC . -4.53 16.65 43.78
C1C BCL GC . -4.05 15.57 43.13
C2C BCL GC . -3.61 15.87 41.72
C3C BCL GC . -3.66 17.36 41.60
C4C BCL GC . -4.19 17.73 42.99
CMC BCL GC . -2.14 15.59 41.60
CAC BCL GC . -4.76 17.53 40.55
CBC BCL GC . -4.42 18.56 39.47
ND BCL GC . -5.34 18.48 45.45
C1D BCL GC . -4.93 19.42 44.52
C2D BCL GC . -5.20 20.74 44.91
C3D BCL GC . -5.75 20.59 46.10
C4D BCL GC . -5.83 19.24 46.42
CMD BCL GC . -4.91 22.01 44.15
CAD BCL GC . -6.34 21.37 47.23
OBD BCL GC . -6.11 22.59 47.59
CBD BCL GC . -6.80 20.31 48.29
CGD BCL GC . -5.87 20.56 49.50
O1D BCL GC . -5.13 19.84 49.88
O2D BCL GC . -6.15 21.47 50.32
CED BCL GC . -4.89 21.98 51.03
C1 BCL GC . -12.96 19.57 48.26
C2 BCL GC . -12.93 20.91 47.54
C3 BCL GC . -13.37 21.09 46.31
C4 BCL GC . -13.68 19.91 45.44
C5 BCL GC . -13.70 22.47 45.70
C6 BCL GC . -14.00 22.36 44.19
C7 BCL GC . -13.44 23.65 43.57
C8 BCL GC . -14.13 24.06 42.30
C9 BCL GC . -13.30 23.82 41.03
C10 BCL GC . -14.37 25.53 42.46
C11 BCL GC . -13.06 26.22 42.44
C12 BCL GC . -13.44 27.68 42.61
C13 BCL GC . -12.29 28.53 42.04
C14 BCL GC . -11.13 28.44 43.02
C15 BCL GC . -12.71 29.97 41.86
C16 BCL GC . -12.33 30.33 40.46
C17 BCL GC . -12.27 31.85 40.36
C18 BCL GC . -11.21 32.32 39.36
C19 BCL GC . -10.10 32.89 40.20
C20 BCL GC . -11.73 33.50 38.50
CAB KGD HC . 9.72 24.28 43.49
CAC KGD HC . 10.24 23.07 44.24
CAD KGD HC . 9.64 23.95 42.04
CAE KGD HC . 9.45 21.86 43.85
CAF KGD HC . 8.34 24.65 43.97
CAG KGD HC . 10.65 25.45 43.72
CAH KGD HC . 9.47 22.72 41.55
CAI KGD HC . 9.60 21.57 42.42
CAJ KGD HC . 10.12 24.99 41.17
CAK KGD HC . 9.51 22.44 40.10
CAL KGD HC . 9.38 26.09 41.09
CAM KGD HC . 9.76 27.23 40.31
CAN KGD HC . 11.17 27.67 40.42
CAO KGD HC . 8.82 27.83 39.56
CAP KGD HC . 9.11 28.99 38.80
CAQ KGD HC . 8.13 29.55 38.10
CAR KGD HC . 8.32 30.76 37.35
CAS KGD HC . 2.87 44.38 31.05
CAT KGD HC . 1.97 45.46 30.50
CAU KGD HC . 9.70 31.31 37.21
CAV KGD HC . 7.21 31.34 36.87
CAW KGD HC . 2.28 43.02 30.87
CAX KGD HC . 2.51 45.92 29.19
CAY KGD HC . 3.35 46.95 29.08
CAZ KGD HC . 1.22 42.79 29.88
CBA KGD HC . 2.77 42.05 31.62
CBB KGD HC . 7.20 32.60 36.17
CBC KGD HC . 3.82 47.70 30.25
CBD KGD HC . 3.84 47.35 27.74
CBE KGD HC . 2.36 40.68 31.62
CBF KGD HC . 3.30 39.76 31.78
CBG KGD HC . 6.05 32.98 35.64
CBH KGD HC . 3.02 38.37 31.86
CBI KGD HC . 5.91 34.27 35.00
CBJ KGD HC . 3.83 37.72 32.68
CBK KGD HC . 1.90 37.78 31.10
CBL KGD HC . 4.82 34.58 34.30
CBM KGD HC . 3.78 36.34 33.00
CBN KGD HC . 4.75 35.91 33.80
CBO KGD HC . 3.68 33.69 34.06
OAA KGD HC . 9.85 20.46 42.00
MG BCL IC . 8.17 9.04 3.42
CHA BCL IC . 5.71 10.07 5.41
CHB BCL IC . 10.14 9.06 6.12
CHC BCL IC . 10.43 7.33 1.59
CHD BCL IC . 5.85 8.49 0.87
NA BCL IC . 7.95 9.41 5.45
C1A BCL IC . 6.80 9.72 6.14
C2A BCL IC . 7.11 10.06 7.60
C3A BCL IC . 8.60 10.53 7.48
C4A BCL IC . 8.94 9.69 6.26
CMA BCL IC . 8.57 11.97 6.98
CAA BCL IC . 6.97 8.88 8.52
CBA BCL IC . 5.73 8.07 8.31
CGA BCL IC . 6.10 6.69 7.81
O1A BCL IC . 5.45 6.10 7.09
O2A BCL IC . 6.77 5.99 8.58
NB BCL IC . 9.95 8.31 3.74
C1B BCL IC . 10.57 8.43 4.93
C2B BCL IC . 11.79 7.84 4.83
C3B BCL IC . 11.95 7.33 3.59
C4B BCL IC . 10.75 7.63 2.87
CMB BCL IC . 12.64 7.88 6.06
CAB BCL IC . 13.17 6.58 3.06
OBB BCL IC . 13.14 5.96 2.06
CBB BCL IC . 14.57 6.97 3.37
NC BCL IC . 8.11 8.16 1.57
C1C BCL IC . 9.21 7.66 0.97
C2C BCL IC . 8.91 7.10 -0.39
C3C BCL IC . 7.41 6.98 -0.40
C4C BCL IC . 7.11 8.05 0.65
CMC BCL IC . 9.19 8.16 -1.44
CAC BCL IC . 7.28 5.58 0.21
CBC BCL IC . 5.87 4.96 0.15
ND BCL IC . 6.28 9.20 3.13
C1D BCL IC . 5.41 8.96 2.10
C2D BCL IC . 4.09 9.27 2.42
C3D BCL IC . 4.17 9.70 3.68
C4D BCL IC . 5.50 9.65 4.08
CMD BCL IC . 2.90 9.16 1.55
CAD BCL IC . 3.34 10.23 4.81
OBD BCL IC . 2.22 10.87 4.74
CBD BCL IC . 4.37 10.56 5.96
CGD BCL IC . 4.42 12.10 6.02
O1D BCL IC . 4.98 12.73 5.31
O2D BCL IC . 4.32 12.66 7.13
CED BCL IC . 5.17 13.93 7.14
C1 BCL IC . 6.27 4.65 8.90
C2 BCL IC . 7.37 3.67 9.29
C3 BCL IC . 7.73 3.50 10.53
C4 BCL IC . 6.74 3.62 11.65
C5 BCL IC . 9.18 3.78 11.00
C6 BCL IC . 9.26 5.20 11.61
C7 BCL IC . 10.36 5.90 10.81
C8 BCL IC . 10.44 7.37 11.08
C9 BCL IC . 9.15 7.95 11.63
C10 BCL IC . 10.70 7.96 9.73
C11 BCL IC . 11.20 9.32 9.96
C12 BCL IC . 12.68 9.19 9.65
C13 BCL IC . 13.27 10.61 9.56
C14 BCL IC . 12.29 11.47 8.76
C15 BCL IC . 14.61 10.57 8.90
C16 BCL IC . 14.92 12.01 8.62
C17 BCL IC . 16.13 12.39 9.45
C18 BCL IC . 16.56 13.83 9.18
C19 BCL IC . 17.97 13.93 9.67
C20 BCL IC . 15.72 14.82 10.02
MG BCL JC . 1.17 4.94 -4.06
CHA BCL JC . 4.40 4.05 -3.64
CHB BCL JC . 0.49 2.93 -1.46
CHC BCL JC . -1.83 6.37 -3.95
CHD BCL JC . 2.21 7.40 -6.30
NA BCL JC . 2.21 3.57 -2.92
C1A BCL JC . 3.57 3.29 -2.89
C2A BCL JC . 3.79 1.90 -2.24
C3A BCL JC . 2.33 1.33 -2.17
C4A BCL JC . 1.67 2.69 -2.11
CMA BCL JC . 1.97 0.78 -3.55
CAA BCL JC . 4.42 1.98 -0.88
CBA BCL JC . 5.33 0.85 -0.51
CGA BCL JC . 6.40 1.35 0.46
O1A BCL JC . 6.25 1.55 1.57
O2A BCL JC . 7.55 1.42 0.02
NB BCL JC . -0.41 4.73 -2.92
C1B BCL JC . -0.49 3.85 -1.90
C2B BCL JC . -1.72 3.94 -1.32
C3B BCL JC . -2.45 4.89 -1.97
C4B BCL JC . -1.59 5.41 -3.01
CMB BCL JC . -2.01 3.01 -0.16
CAB BCL JC . -3.90 5.37 -1.68
OBB BCL JC . -4.31 6.39 -2.10
CBB BCL JC . -4.91 4.76 -0.76
NC BCL JC . 0.45 6.71 -4.81
C1C BCL JC . -0.85 7.07 -4.66
C2C BCL JC . -1.28 8.01 -5.76
C3C BCL JC . -0.05 8.45 -6.45
C4C BCL JC . 0.97 7.53 -5.78
CMC BCL JC . -1.94 7.22 -6.86
CAC BCL JC . 0.13 9.88 -5.95
CBC BCL JC . -0.43 10.94 -6.90
ND BCL JC . 2.82 5.62 -4.81
C1D BCL JC . 3.17 6.60 -5.71
C2D BCL JC . 4.54 6.70 -5.95
C3D BCL JC . 5.03 5.74 -5.16
C4D BCL JC . 3.98 5.10 -4.50
CMD BCL JC . 5.27 7.66 -6.84
CAD BCL JC . 6.31 5.12 -4.75
OBD BCL JC . 7.53 5.56 -4.89
CBD BCL JC . 5.94 4.12 -3.59
CGD BCL JC . 6.53 2.79 -4.09
O1D BCL JC . 6.53 2.47 -5.14
O2D BCL JC . 7.34 2.17 -3.36
CED BCL JC . 8.67 2.03 -4.07
C1 BCL JC . 8.68 1.57 0.94
C2 BCL JC . 9.49 2.81 0.64
C3 BCL JC . 10.76 2.97 0.97
C4 BCL JC . 11.68 3.68 0.03
C5 BCL JC . 11.23 3.05 2.44
C6 BCL JC . 12.71 2.63 2.53
C7 BCL JC . 13.01 2.67 4.03
C8 BCL JC . 14.47 2.87 4.32
C9 BCL JC . 15.15 1.58 4.77
C10 BCL JC . 14.45 3.87 5.43
C11 BCL JC . 14.95 3.17 6.64
C12 BCL JC . 15.62 4.20 7.54
C13 BCL JC . 14.85 5.52 7.61
C14 BCL JC . 15.88 6.66 7.59
C15 BCL JC . 14.07 5.62 8.89
C16 BCL JC . 15.12 5.79 9.94
C17 BCL JC . 14.37 5.98 11.24
C18 BCL JC . 15.32 6.14 12.43
C19 BCL JC . 14.56 5.59 13.60
C20 BCL JC . 15.57 7.64 12.71
O1D BPH KC . 12.89 -1.81 12.02
CGD BPH KC . 13.91 -2.25 11.51
O2D BPH KC . 14.94 -2.49 12.32
CED BPH KC . 14.82 -1.87 13.56
CBD BPH KC . 14.13 -2.52 10.06
CHA BPH KC . 13.32 -1.57 9.22
C4D BPH KC . 12.33 -2.24 8.60
C3D BPH KC . 12.42 -3.66 8.86
CAD BPH KC . 13.57 -3.89 9.74
OBD BPH KC . 13.99 -4.94 10.13
C2D BPH KC . 11.43 -4.29 8.23
CMD BPH KC . 11.07 -5.68 8.16
C1D BPH KC . 10.67 -3.25 7.52
ND BPH KC . 11.28 -2.03 7.79
CHD BPH KC . 9.58 -3.47 6.76
C4C BPH KC . 8.91 -2.43 6.07
C3C BPH KC . 7.96 -2.71 4.96
CAC BPH KC . 8.62 -3.59 3.92
CBC BPH KC . 8.26 -5.01 4.14
C2C BPH KC . 7.69 -1.29 4.43
CMC BPH KC . 6.23 -0.95 4.47
C1C BPH KC . 8.44 -0.41 5.36
NC BPH KC . 9.08 -1.15 6.36
CHC BPH KC . 8.66 0.88 5.13
C4B BPH KC . 9.41 1.80 5.90
C3B BPH KC . 9.37 3.20 5.75
CAB BPH KC . 8.52 3.92 4.74
CBB BPH KC . 8.16 5.35 4.92
OBB BPH KC . 8.09 3.35 3.76
C2B BPH KC . 10.27 3.72 6.71
CMB BPH KC . 10.65 5.10 7.03
C1B BPH KC . 10.82 2.65 7.39
NB BPH KC . 10.29 1.48 6.89
CHB BPH KC . 11.76 2.79 8.43
C4A BPH KC . 12.46 1.82 9.01
C3A BPH KC . 13.40 2.04 10.14
CMA BPH KC . 12.64 2.54 11.33
C2A BPH KC . 13.93 0.64 10.42
C1A BPH KC . 13.41 -0.16 9.27
NA BPH KC . 12.61 0.52 8.46
CAA BPH KC . 15.44 0.59 10.54
CBA BPH KC . 16.16 1.10 9.32
CGA BPH KC . 17.41 1.67 9.85
O1A BPH KC . 17.66 1.75 11.05
O2A BPH KC . 18.32 2.15 8.98
C1 BPH KC . 19.43 2.80 9.60
C2 BPH KC . 19.27 4.27 9.48
C3 BPH KC . 19.06 5.05 10.55
C4 BPH KC . 18.98 4.46 11.91
C5 BPH KC . 18.90 6.52 10.42
C6 BPH KC . 19.50 7.04 9.14
C7 BPH KC . 19.13 8.50 8.96
C8 BPH KC . 19.59 8.98 7.59
C9 BPH KC . 21.05 8.61 7.41
C10 BPH KC . 19.44 10.49 7.50
C11 BPH KC . 18.25 10.85 6.63
C12 BPH KC . 18.43 10.35 5.24
C13 BPH KC . 17.07 9.97 4.70
C14 BPH KC . 17.25 9.29 3.36
C15 BPH KC . 16.20 11.19 4.52
C16 BPH KC . 14.79 10.83 4.89
C17 BPH KC . 13.88 12.01 4.80
C18 BPH KC . 12.47 11.52 4.62
C19 BPH KC . 12.27 11.05 3.19
C20 BPH KC . 11.49 12.60 4.96
CAC MQE LC . 5.73 -13.64 -6.68
CAD MQE LC . 3.51 -12.88 -2.45
CAE MQE LC . 9.02 -13.23 -9.99
CAF MQE LC . 0.51 -15.69 -0.36
CAG MQE LC . -3.09 -15.37 2.85
CAH MQE LC . 13.64 -13.62 -11.50
CAI MQE LC . 7.06 -12.87 -6.71
CAJ MQE LC . 4.16 -14.05 -3.19
CAK MQE LC . 1.88 -15.20 0.15
CAL MQE LC . 10.45 -13.23 -9.43
CAM MQE LC . -2.19 -16.46 2.26
CAN MQE LC . -4.82 -16.19 7.05
CAO MQE LC . 14.04 -12.19 -11.87
CAP MQE LC . 5.49 -14.06 -5.26
CAQ MQE LC . 2.76 -13.40 -1.26
CAR MQE LC . 8.14 -12.68 -8.92
CAS MQE LC . -5.56 -15.92 5.75
CAT MQE LC . -0.21 -16.33 0.78
CAU MQE LC . 14.79 -11.74 -15.61
CAV MQE LC . 12.69 -13.53 -10.35
CAW MQE LC . -4.09 -16.02 3.76
CAX MQE LC . -5.50 -16.11 11.79
CAY MQE LC . -6.30 -15.81 10.55
CAZ MQE LC . 14.98 -11.92 -14.13
CBA MQE LC . 14.93 -10.25 -15.94
CBB MQE LC . -5.77 -16.24 8.20
CBC MQE LC . 4.42 -13.61 -4.60
CBD MQE LC . 7.93 -13.38 -7.80
CBE MQE LC . 2.64 -14.70 -1.04
CBF MQE LC . 11.40 -13.33 -10.57
CBG MQE LC . -1.42 -15.86 1.13
CBH MQE LC . -4.56 -15.34 4.80
CBI MQE LC . 13.91 -12.02 -13.34
CBJ MQE LC . 12.91 -9.37 -19.11
CBK MQE LC . -4.88 -15.14 12.46
CBL MQE LC . -5.39 -15.78 9.38
CBM MQE LC . 14.03 -9.75 -18.19
CBN MQE LC . 13.83 -9.87 -16.89
CBO MQE LC . 12.88 -7.86 -19.23
CBP MQE LC . -4.69 -17.83 13.43
CBQ MQE LC . -5.46 -17.51 12.21
CBR MQE LC . -4.04 -16.82 14.13
CBS MQE LC . -4.09 -15.43 13.68
CBT MQE LC . 6.46 -14.98 -4.66
CBU MQE LC . 2.15 -12.40 -0.35
CBV MQE LC . 7.53 -11.35 -9.17
CBW MQE LC . 0.43 -17.46 1.44
CBX MQE LC . 13.26 -13.70 -9.01
CBY MQE LC . -4.53 -17.39 3.45
CBZ MQE LC . 16.36 -11.97 -13.60
CCA MQE LC . -7.10 -16.84 7.99
CCB MQE LC . 13.61 -7.44 -20.46
CCC MQE LC . 12.98 -6.78 -21.43
CCD MQE LC . 13.72 -6.35 -22.65
CCE MQE LC . -4.91 -13.73 12.03
CCF MQE LC . 15.36 -9.99 -18.81
CCG MQE LC . -4.63 -19.13 13.87
CCH MQE LC . -3.30 -17.12 15.27
CCI MQE LC . 12.74 -5.70 -23.63
CCJ MQE LC . -3.90 -19.43 15.01
CCK MQE LC . -3.24 -18.43 15.71
CCL MQE LC . 11.53 -6.46 -21.33
CCM MQE LC . 13.24 -4.34 -23.95
CCN MQE LC . 12.76 -3.65 -25.00
CCO MQE LC . 11.72 -4.24 -25.87
CCP MQE LC . 13.25 -2.30 -25.33
OAA MQE LC . -6.05 -18.36 11.59
OAB MQE LC . -3.51 -14.56 14.28
O1D BPH MC . -8.09 -2.06 -6.46
CGD BPH MC . -7.08 -2.34 -5.84
O2D BPH MC . -6.18 -3.12 -6.42
CED BPH MC . -6.70 -4.27 -7.03
CBD BPH MC . -6.73 -1.89 -4.46
CHA BPH MC . -7.95 -1.75 -3.60
C4D BPH MC . -8.08 -0.48 -3.20
C3D BPH MC . -7.02 0.36 -3.74
CAD BPH MC . -6.15 -0.47 -4.54
OBD BPH MC . -5.18 -0.16 -5.14
C2D BPH MC . -7.21 1.61 -3.31
CMD BPH MC . -6.46 2.83 -3.55
C1D BPH MC . -8.42 1.60 -2.48
ND BPH MC . -8.90 0.30 -2.45
CHD BPH MC . -8.93 2.69 -1.88
C4C BPH MC . -10.08 2.59 -1.03
C3C BPH MC . -10.78 3.82 -0.57
CAC BPH MC . -9.91 4.68 0.38
CBC BPH MC . -9.17 3.81 1.36
C2C BPH MC . -12.03 3.23 0.09
CMC BPH MC . -13.27 3.75 -0.57
C1C BPH MC . -11.93 1.77 -0.19
NC BPH MC . -10.75 1.47 -0.90
CHC BPH MC . -12.92 0.91 0.01
C4B BPH MC . -13.01 -0.43 -0.45
C3B BPH MC . -14.08 -1.28 -0.15
CAB BPH MC . -15.24 -0.93 0.67
CBB BPH MC . -16.60 -1.04 0.07
OBB BPH MC . -15.10 -0.55 1.82
C2B BPH MC . -13.81 -2.51 -0.75
CMB BPH MC . -14.61 -3.74 -0.75
C1B BPH MC . -12.59 -2.39 -1.42
NB BPH MC . -12.11 -1.11 -1.23
CHB BPH MC . -12.00 -3.45 -2.17
C4A BPH MC . -10.81 -3.43 -2.75
C3A BPH MC . -10.25 -4.57 -3.52
CMA BPH MC . -10.91 -4.65 -4.86
C2A BPH MC . -8.77 -4.21 -3.66
C1A BPH MC . -8.77 -2.80 -3.16
NA BPH MC . -9.82 -2.47 -2.45
CAA BPH MC . -7.87 -5.10 -2.83
CBA BPH MC . -8.41 -5.27 -1.41
CGA BPH MC . -7.30 -5.00 -0.49
O1A BPH MC . -6.70 -3.94 -0.44
O2A BPH MC . -6.92 -6.01 0.32
C1 BPH MC . -7.19 -5.86 1.71
C2 BPH MC . -8.40 -6.67 2.01
C3 BPH MC . -8.34 -8.00 2.08
C4 BPH MC . -7.08 -8.75 1.86
C5 BPH MC . -9.56 -8.80 2.36
C6 BPH MC . -10.18 -9.31 1.08
C7 BPH MC . -11.19 -8.32 0.55
C8 BPH MC . -11.64 -8.69 -0.85
C9 BPH MC . -10.42 -8.93 -1.73
C10 BPH MC . -12.45 -7.55 -1.42
C11 BPH MC . -13.35 -8.05 -2.53
C12 BPH MC . -14.05 -6.88 -3.18
C13 BPH MC . -15.46 -7.27 -3.55
C14 BPH MC . -15.41 -7.88 -4.93
C15 BPH MC . -16.35 -6.04 -3.62
C16 BPH MC . -17.67 -6.31 -2.93
C17 BPH MC . -17.96 -5.26 -1.86
C18 BPH MC . -19.41 -4.80 -1.91
C19 BPH MC . -20.32 -5.85 -2.53
C20 BPH MC . -19.57 -3.48 -2.65
P PGV NC . 9.76 29.89 10.03
C01 PGV NC . 7.45 28.28 13.74
C02 PGV NC . 7.97 27.98 12.31
C03 PGV NC . 7.77 29.19 11.44
C04 PGV NC . 9.80 29.08 7.71
C05 PGV NC . 8.77 29.30 6.63
C06 PGV NC . 7.82 28.12 6.69
O01 PGV NC . 7.35 26.80 11.83
O02 PGV NC . 9.21 25.63 12.20
O03 PGV NC . 6.57 27.27 14.15
O04 PGV NC . 6.85 27.75 16.31
O05 PGV NC . 9.36 29.36 5.38
O06 PGV NC . 6.85 28.34 5.73
O11 PGV NC . 8.35 28.99 10.18
O12 PGV NC . 9.98 30.24 8.41
O13 PGV NC . 10.86 29.00 10.41
O14 PGV NC . 9.50 31.24 10.65
C1 PGV NC . 8.01 25.64 12.10
C2 PGV NC . 7.18 24.41 12.26
C3 PGV NC . 8.01 23.36 13.03
C4 PGV NC . 7.16 22.28 13.62
C5 PGV NC . 7.99 21.29 14.48
C6 PGV NC . 7.21 20.86 15.74
C7 PGV NC . 7.74 19.53 16.29
C8 PGV NC . 6.87 18.96 17.39
C19 PGV NC . 6.62 26.91 15.46
C20 PGV NC . 6.38 25.45 15.72
C21 PGV NC . 5.96 25.21 17.10
C22 PGV NC . 5.81 23.72 17.43
C23 PGV NC . 4.80 23.42 18.54
C24 PGV NC . 5.30 22.46 19.57
C25 PGV NC . 4.26 21.47 19.92
P PGV OC . 17.41 -19.41 5.20
C01 PGV OC . 19.69 -17.27 1.41
C02 PGV OC . 19.71 -17.27 2.95
C03 PGV OC . 18.92 -18.44 3.50
C04 PGV OC . 16.54 -20.61 7.15
C05 PGV OC . 16.47 -20.90 8.65
C06 PGV OC . 17.64 -21.82 9.02
O01 PGV OC . 19.21 -16.07 3.38
O02 PGV OC . 21.09 -15.05 2.76
O03 PGV OC . 18.65 -16.49 0.90
O04 PGV OC . 18.45 -16.75 -1.31
O05 PGV OC . 15.28 -21.52 9.04
O06 PGV OC . 17.32 -22.34 10.24
O11 PGV OC . 18.56 -18.25 4.81
O12 PGV OC . 17.54 -19.72 6.85
O13 PGV OC . 17.84 -20.63 4.52
O14 PGV OC . 16.07 -18.73 4.98
C1 PGV OC . 19.91 -14.99 3.05
C2 PGV OC . 19.13 -13.75 3.10
C3 PGV OC . 19.93 -12.59 2.65
C4 PGV OC . 19.07 -11.37 2.50
C5 PGV OC . 19.56 -10.50 1.41
C6 PGV OC . 18.82 -9.19 1.42
C7 PGV OC . 19.23 -8.33 0.24
C8 PGV OC . 18.24 -8.43 -0.86
C9 PGV OC . 18.80 -7.88 -2.14
C10 PGV OC . 18.30 -6.49 -2.42
C11 PGV OC . 18.58 -5.51 -1.33
C12 PGV OC . 19.78 -5.02 -1.05
C13 PGV OC . 21.00 -5.39 -1.76
C14 PGV OC . 22.04 -4.30 -1.69
C15 PGV OC . 23.19 -4.63 -2.59
C16 PGV OC . 24.38 -3.78 -2.27
C17 PGV OC . 25.30 -4.50 -1.28
C18 PGV OC . 26.41 -3.57 -0.87
C19 PGV OC . 18.83 -16.06 -0.38
C20 PGV OC . 19.50 -14.75 -0.55
C21 PGV OC . 19.64 -14.42 -2.01
C22 PGV OC . 20.24 -13.03 -2.17
C23 PGV OC . 20.42 -12.67 -3.64
C24 PGV OC . 21.54 -11.66 -3.82
C25 PGV OC . 21.14 -10.31 -3.30
CAC MQE PC . 21.18 3.32 17.22
CAD MQE PC . 16.81 1.82 15.82
CAE MQE PC . 25.25 0.69 16.75
CAF MQE PC . 12.38 1.82 16.34
CAG MQE PC . 7.85 0.80 16.44
CAH MQE PC . 28.16 4.28 17.81
CAI MQE PC . 22.18 2.90 16.17
CAJ MQE PC . 17.75 2.98 15.64
CAK MQE PC . 13.14 2.67 15.35
CAL MQE PC . 25.59 1.42 18.04
CAM MQE PC . 8.82 1.11 15.31
CAN MQE PC . 8.67 -3.25 18.86
CAO MQE PC . 28.11 5.43 18.80
CAP MQE PC . 19.92 3.62 16.50
CAQ MQE PC . 15.48 2.41 16.03
CAR MQE PC . 24.17 1.47 16.09
CAS MQE PC . 7.68 -2.75 17.83
CAT MQE PC . 11.21 1.26 15.65
CAU MQE PC . 27.74 9.09 17.65
CAV MQE PC . 26.89 3.50 18.00
CAW MQE PC . 7.76 -0.67 16.54
CAX MQE PC . 9.99 -7.77 18.14
CAY MQE PC . 10.53 -6.41 17.95
CAZ MQE PC . 27.56 7.78 18.35
CBA MQE PC . 26.35 9.56 17.24
CBB MQE PC . 9.47 -4.28 18.18
CBC MQE PC . 19.00 2.67 16.34
CBD MQE PC . 23.26 2.12 16.81
CBE MQE PC . 14.49 2.11 15.20
CBF MQE PC . 26.86 2.17 17.86
CBG MQE PC . 10.01 1.68 15.96
CBH MQE PC . 7.78 -1.27 17.74
CBI MQE PC . 28.32 6.72 18.07
CBJ MQE PC . 25.34 13.11 16.21
CBK MQE PC . 9.31 -8.36 17.17
CBL MQE PC . 9.73 -5.44 18.73
CBM MQE PC . 25.29 11.70 16.69
CBN MQE PC . 26.41 10.98 16.78
CBO MQE PC . 24.48 13.17 14.95
CBP MQE PC . 9.75 -9.77 19.61
CBQ MQE PC . 10.28 -8.42 19.42
CBR MQE PC . 9.03 -10.38 18.60
CBS MQE PC . 8.77 -9.71 17.32
CBT MQE PC . 19.75 4.99 15.99
CBU MQE PC . 15.33 3.34 17.17
CBV MQE PC . 24.17 1.49 14.61
CBW MQE PC . 11.43 0.20 14.65
CBX MQE PC . 25.67 4.27 18.34
CBY MQE PC . 7.65 -1.40 15.30
CBZ MQE PC . 26.47 7.72 19.38
CCA MQE PC . 9.96 -3.98 16.82
CCB MQE PC . 24.57 14.52 14.38
CCC MQE PC . 23.54 15.38 14.44
CCD MQE PC . 23.69 16.71 13.85
CCE MQE PC . 9.05 -7.66 15.88
CCF MQE PC . 23.96 11.14 17.03
CCG MQE PC . 9.97 -10.42 20.80
CCH MQE PC . 8.54 -11.65 18.79
CCI MQE PC . 23.00 17.73 14.75
CCJ MQE PC . 9.49 -11.70 20.99
CCK MQE PC . 8.77 -12.31 19.99
CCL MQE PC . 22.25 15.02 15.05
CCM MQE PC . 22.59 18.82 13.85
CCN MQE PC . 21.36 19.33 13.88
CCO MQE PC . 21.05 20.41 12.91
CCP MQE PC . 20.29 18.85 14.80
OAA MQE PC . 10.90 -7.88 20.31
OAB MQE PC . 8.13 -10.25 16.45
FE FE QC . 2.58 -13.41 16.95
MG BCL RC . -4.09 7.72 0.57
CHA BCL RC . -6.68 7.05 2.53
CHB BCL RC . -2.24 5.57 2.21
CHC BCL RC . -1.51 8.74 -1.37
CHD BCL RC . -6.10 10.02 -1.20
NA BCL RC . -4.36 6.64 2.30
C1A BCL RC . -5.57 6.36 2.91
C2A BCL RC . -5.37 5.48 4.14
C3A BCL RC . -3.94 4.86 3.88
C4A BCL RC . -3.48 5.76 2.77
CMA BCL RC . -3.03 5.21 5.05
CAA BCL RC . -6.46 4.43 4.26
CBA BCL RC . -6.39 3.66 5.55
CGA BCL RC . -7.14 2.37 5.41
O1A BCL RC . -6.96 1.42 6.00
O2A BCL RC . -7.86 2.26 4.39
NB BCL RC . -2.19 7.28 0.42
C1B BCL RC . -1.63 6.33 1.20
C2B BCL RC . -0.31 6.22 0.85
C3B BCL RC . -0.06 7.10 -0.15
C4B BCL RC . -1.26 7.77 -0.44
CMB BCL RC . 0.56 5.24 1.59
CAB BCL RC . 1.28 7.33 -0.87
OBB BCL RC . 1.36 8.16 -1.69
CBB BCL RC . 2.43 6.39 -0.93
NC BCL RC . -3.87 9.21 -0.84
C1C BCL RC . -2.71 9.44 -1.50
C2C BCL RC . -2.83 10.55 -2.51
C3C BCL RC . -4.29 10.66 -2.78
C4C BCL RC . -4.81 9.91 -1.55
CMC BCL RC . -2.53 11.87 -1.85
CAC BCL RC . -4.48 9.85 -4.05
CBC BCL RC . -4.05 10.57 -5.33
ND BCL RC . -5.90 8.43 0.58
C1D BCL RC . -6.66 9.32 -0.15
C2D BCL RC . -7.97 9.44 0.30
C3D BCL RC . -7.99 8.58 1.33
C4D BCL RC . -6.75 7.98 1.47
CMD BCL RC . -9.07 10.30 -0.21
CAD BCL RC . -8.90 8.04 2.36
OBD BCL RC . -10.17 8.19 2.55
CBD BCL RC . -8.02 7.14 3.29
CGD BCL RC . -7.83 8.01 4.54
O1D BCL RC . -7.92 7.63 5.57
O2D BCL RC . -7.95 9.26 4.47
CED BCL RC . -7.11 9.97 5.53
C1 BCL RC . -8.42 0.98 3.95
C2 BCL RC . -9.60 0.55 4.80
C3 BCL RC . -10.86 0.89 4.55
C4 BCL RC . -11.25 1.55 3.28
C5 BCL RC . -12.05 0.45 5.42
C6 BCL RC . -13.18 -0.04 4.50
C7 BCL RC . -13.14 -1.56 4.60
C8 BCL RC . -14.31 -2.13 5.33
C9 BCL RC . -14.09 -2.21 6.84
C10 BCL RC . -14.42 -3.52 4.79
C11 BCL RC . -15.79 -3.67 4.27
C12 BCL RC . -15.75 -5.05 3.67
C13 BCL RC . -16.59 -5.02 2.39
C14 BCL RC . -18.05 -5.00 2.85
C15 BCL RC . -16.37 -6.20 1.49
C16 BCL RC . -16.06 -7.37 2.37
C17 BCL RC . -16.51 -8.61 1.63
C18 BCL RC . -15.35 -9.40 1.02
C19 BCL RC . -16.00 -10.47 0.21
C20 BCL RC . -14.55 -10.13 2.11
O1D BPH SC . -11.49 -10.29 8.87
CGD BPH SC . -12.55 -9.89 9.34
O2D BPH SC . -13.55 -10.78 9.55
CED BPH SC . -13.14 -12.09 9.86
CBD BPH SC . -12.86 -8.47 9.71
CHA BPH SC . -12.39 -7.54 8.63
C4D BPH SC . -11.47 -6.69 9.14
C3D BPH SC . -11.21 -6.97 10.55
CAD BPH SC . -12.05 -8.08 10.95
OBD BPH SC . -12.13 -8.60 12.02
C2D BPH SC . -10.31 -6.10 11.00
CMD BPH SC . -9.71 -5.94 12.32
C1D BPH SC . -9.93 -5.23 9.88
ND BPH SC . -10.68 -5.64 8.76
CHD BPH SC . -9.05 -4.25 9.94
C4C BPH SC . -8.62 -3.62 8.74
C3C BPH SC . -7.53 -2.61 8.72
CAC BPH SC . -7.73 -1.58 9.81
CBC BPH SC . -6.96 -0.33 9.45
C2C BPH SC . -7.69 -2.03 7.31
CMC BPH SC . -6.37 -2.04 6.57
C1C BPH SC . -8.64 -2.99 6.67
NC BPH SC . -9.32 -3.74 7.63
CHC BPH SC . -8.93 -2.95 5.37
C4B BPH SC . -9.82 -3.77 4.66
C3B BPH SC . -10.09 -3.61 3.30
CAB BPH SC . -9.48 -2.58 2.46
CBB BPH SC . -8.07 -2.23 2.75
OBB BPH SC . -10.09 -2.05 1.55
C2B BPH SC . -11.00 -4.57 2.91
CMB BPH SC . -11.57 -4.79 1.58
C1B BPH SC . -11.30 -5.34 4.05
NB BPH SC . -10.57 -4.84 5.12
CHB BPH SC . -12.21 -6.43 4.07
C4A BPH SC . -12.54 -7.11 5.17
C3A BPH SC . -13.33 -8.38 5.16
CMA BPH SC . -12.44 -9.52 4.71
C2A BPH SC . -13.74 -8.56 6.64
C1A BPH SC . -12.90 -7.50 7.31
NA BPH SC . -12.37 -6.61 6.49
CAA BPH SC . -15.23 -8.34 6.83
CBA BPH SC . -15.99 -9.28 5.91
CGA BPH SC . -17.43 -8.91 5.90
O1A BPH SC . -17.90 -7.95 6.50
O2A BPH SC . -18.23 -9.71 5.17
C1 BPH SC . -19.62 -9.40 5.14
C2 BPH SC . -20.36 -10.69 4.98
C3 BPH SC . -20.03 -11.56 4.02
C4 BPH SC . -18.90 -11.30 3.09
C5 BPH SC . -20.77 -12.85 3.86
C6 BPH SC . -19.84 -13.98 3.44
C7 BPH SC . -19.13 -14.57 4.65
C8 BPH SC . -19.22 -16.11 4.64
C9 BPH SC . -20.09 -16.57 5.81
C10 BPH SC . -17.82 -16.74 4.74
C11 BPH SC . -16.84 -15.82 5.46
C12 BPH SC . -16.01 -15.02 4.46
C13 BPH SC . -15.91 -13.56 4.92
C14 BPH SC . -16.52 -12.66 3.85
C15 BPH SC . -14.47 -13.13 5.19
C16 BPH SC . -13.75 -12.87 3.87
C17 BPH SC . -13.62 -14.12 3.02
C18 BPH SC . -12.43 -13.97 2.07
C19 BPH SC . -11.18 -13.59 2.86
C20 BPH SC . -12.70 -12.95 0.98
CAG MQE TC . -18.06 -12.76 -4.34
CAM MQE TC . -17.96 -12.98 -2.85
CAN MQE TC . -19.29 -8.98 -6.37
CAS MQE TC . -18.85 -9.08 -4.98
CAW MQE TC . -18.81 -11.51 -4.52
CAX MQE TC . -17.08 -5.01 -7.17
CAY MQE TC . -18.11 -5.72 -7.94
CBB MQE TC . -19.24 -7.56 -6.77
CBH MQE TC . -18.16 -10.39 -4.79
CBK MQE TC . -15.78 -5.19 -7.37
CBL MQE TC . -18.21 -7.10 -7.48
CBP MQE TC . -16.62 -3.34 -5.42
CBQ MQE TC . -17.60 -4.06 -6.18
CBR MQE TC . -15.29 -3.53 -5.61
CBS MQE TC . -14.79 -4.47 -6.59
CBY MQE TC . -20.26 -11.59 -4.38
CCA MQE TC . -20.37 -6.71 -6.35
CCE MQE TC . -15.22 -6.13 -8.35
CCG MQE TC . -17.05 -2.46 -4.48
CCH MQE TC . -14.39 -2.84 -4.87
CCJ MQE TC . -16.16 -1.77 -3.74
CCK MQE TC . -14.83 -1.95 -3.94
OAA MQE TC . -18.79 -3.88 -6.00
OAB MQE TC . -13.60 -4.63 -6.76
P PGV UC . -24.96 17.15 9.58
C01 PGV UC . -27.17 18.77 6.98
C02 PGV UC . -25.93 18.32 6.24
C03 PGV UC . -24.92 17.92 7.23
C04 PGV UC . -23.41 15.23 9.84
C05 PGV UC . -22.54 14.66 10.94
C06 PGV UC . -22.28 13.22 10.56
O01 PGV UC . -25.40 19.40 5.49
O02 PGV UC . -26.61 18.81 3.70
O03 PGV UC . -28.09 19.22 6.03
O04 PGV UC . -29.29 20.08 7.65
O05 PGV UC . -23.18 14.74 12.14
O06 PGV UC . -21.52 12.67 11.59
O11 PGV UC . -25.30 16.82 7.99
O12 PGV UC . -24.57 15.73 10.39
O13 PGV UC . -26.25 17.57 10.14
O14 PGV UC . -23.70 17.99 9.61
C1 PGV UC . -25.77 19.54 4.20
C2 PGV UC . -25.05 20.67 3.47
C3 PGV UC . -25.45 20.72 1.97
C4 PGV UC . -24.39 21.42 1.13
C5 PGV UC . -24.62 21.15 -0.34
C6 PGV UC . -23.36 21.43 -1.14
C19 PGV UC . -28.98 20.10 6.47
C20 PGV UC . -29.52 21.05 5.44
C21 PGV UC . -28.36 21.78 4.76
C22 PGV UC . -28.84 23.09 4.16
C23 PGV UC . -27.66 23.87 3.56
C24 PGV UC . -26.96 24.72 4.63
C25 PGV UC . -25.67 25.37 4.10
C26 PGV UC . -24.56 24.34 3.92
C27 PGV UC . -23.22 25.00 3.65
C28 PGV UC . -22.41 24.17 2.65
C29 PGV UC . -20.96 24.61 2.61
MG BCL VC . 20.38 32.46 25.11
CHA BCL VC . 19.13 31.15 27.94
CHB BCL VC . 22.24 29.71 24.72
CHC BCL VC . 21.02 33.51 21.97
CHD BCL VC . 18.05 35.06 25.37
NA BCL VC . 20.63 30.69 26.17
C1A BCL VC . 20.09 30.36 27.40
C2A BCL VC . 20.43 28.94 27.82
C3A BCL VC . 21.70 28.64 26.92
C4A BCL VC . 21.53 29.74 25.90
CMA BCL VC . 22.96 29.01 27.69
CAA BCL VC . 19.26 28.02 27.60
CBA BCL VC . 18.87 27.21 28.80
CGA BCL VC . 19.33 25.79 28.56
O1A BCL VC . 20.32 25.51 28.09
O2A BCL VC . 18.44 24.95 28.43
NB BCL VC . 21.41 31.77 23.61
C1B BCL VC . 22.11 30.61 23.66
C2B BCL VC . 22.73 30.43 22.44
C3B BCL VC . 22.41 31.47 21.63
C4B BCL VC . 21.57 32.33 22.38
CMB BCL VC . 23.58 29.22 22.21
CAB BCL VC . 22.87 31.70 20.19
OBB BCL VC . 22.70 32.73 19.68
CBB BCL VC . 23.31 30.65 19.20
NC BCL VC . 19.59 33.94 23.93
C1C BCL VC . 20.05 34.22 22.68
C2C BCL VC . 19.61 35.56 22.19
C3C BCL VC . 18.99 36.21 23.38
C4C BCL VC . 18.69 34.94 24.19
CMC BCL VC . 20.81 36.44 21.94
CAC BCL VC . 17.73 36.83 22.79
CBC BCL VC . 16.74 35.84 22.19
ND BCL VC . 18.95 33.03 26.28
C1D BCL VC . 18.06 34.08 26.35
C2D BCL VC . 17.20 34.04 27.45
C3D BCL VC . 17.60 32.92 28.07
C4D BCL VC . 18.64 32.35 27.36
CMD BCL VC . 16.13 35.00 27.83
CAD BCL VC . 17.32 32.09 29.27
OBD BCL VC . 16.42 32.19 30.18
CBD BCL VC . 18.24 30.81 29.13
CGD BCL VC . 19.08 30.84 30.43
O1D BCL VC . 19.45 31.76 30.91
O2D BCL VC . 19.09 29.84 31.18
CED BCL VC . 20.42 29.73 31.93
C1 BCL VC . 18.04 24.12 29.57
C2 BCL VC . 18.70 22.76 29.53
C3 BCL VC . 18.34 21.74 30.29
C4 BCL VC . 17.25 21.89 31.30
C5 BCL VC . 19.29 20.55 30.55
C6 BCL VC . 20.53 21.05 31.30
C7 BCL VC . 21.62 20.03 30.98
C8 BCL VC . 22.65 19.91 32.05
C9 BCL VC . 23.55 21.15 32.18
C10 BCL VC . 23.48 18.76 31.61
C11 BCL VC . 23.23 17.69 32.60
C12 BCL VC . 23.38 16.43 31.79
C13 BCL VC . 22.88 15.27 32.66
C14 BCL VC . 23.79 14.09 32.35
C15 BCL VC . 21.45 14.95 32.33
C16 BCL VC . 21.16 13.62 32.95
C17 BCL VC . 19.67 13.49 33.05
C18 BCL VC . 19.09 12.37 32.19
C19 BCL VC . 18.81 12.98 30.84
C20 BCL VC . 20.12 11.24 31.97
MG BCL WC . 11.15 33.38 28.17
CHA BCL WC . 13.22 30.84 28.75
CHB BCL WC . 9.48 32.65 30.94
CHC BCL WC . 9.34 36.17 27.59
CHD BCL WC . 13.03 34.17 25.32
NA BCL WC . 11.43 32.04 29.73
C1A BCL WC . 12.28 30.97 29.73
C2A BCL WC . 12.28 30.32 31.11
C3A BCL WC . 10.80 30.60 31.55
C4A BCL WC . 10.58 31.85 30.73
CMA BCL WC . 9.89 29.56 30.91
CAA BCL WC . 13.34 30.94 31.99
CBA BCL WC . 13.33 30.39 33.38
CGA BCL WC . 13.18 28.89 33.26
O1A BCL WC . 12.37 28.25 33.75
O2A BCL WC . 14.18 28.29 32.88
NB BCL WC . 9.69 34.30 29.07
C1B BCL WC . 9.12 33.80 30.21
C2B BCL WC . 8.12 34.66 30.56
C3B BCL WC . 8.04 35.65 29.66
C4B BCL WC . 9.04 35.42 28.69
CMB BCL WC . 7.32 34.39 31.81
CAB BCL WC . 7.06 36.82 29.67
OBB BCL WC . 7.30 37.80 29.08
CBB BCL WC . 5.59 36.67 29.91
NC BCL WC . 11.36 34.96 26.87
C1C BCL WC . 10.49 35.98 26.81
C2C BCL WC . 10.80 36.96 25.72
C3C BCL WC . 12.06 36.47 25.11
C4C BCL WC . 12.11 35.08 25.74
CMC BCL WC . 9.81 36.80 24.60
CAC BCL WC . 13.12 37.37 25.73
CBC BCL WC . 14.43 37.33 24.95
ND BCL WC . 12.72 32.76 27.23
C1D BCL WC . 13.41 33.10 26.09
C2D BCL WC . 14.50 32.26 25.83
C3D BCL WC . 14.45 31.40 26.84
C4D BCL WC . 13.37 31.70 27.66
CMD BCL WC . 15.47 32.36 24.69
CAD BCL WC . 15.13 30.20 27.41
OBD BCL WC . 15.71 29.20 26.84
CBD BCL WC . 14.55 30.08 28.88
CGD BCL WC . 14.33 28.56 29.08
O1D BCL WC . 15.07 27.89 29.55
O2D BCL WC . 13.30 28.00 28.65
CED BCL WC . 13.03 26.71 29.43
C1 BCL WC . 15.45 28.46 33.59
C2 BCL WC . 16.57 27.69 32.95
C3 BCL WC . 17.32 26.83 33.61
C4 BCL WC . 17.06 26.53 35.04
C5 BCL WC . 18.31 25.88 32.92
C6 BCL WC . 19.66 25.94 33.66
C7 BCL WC . 20.63 25.23 32.73
C8 BCL WC . 22.06 25.39 33.15
C9 BCL WC . 22.43 26.83 33.51
C10 BCL WC . 22.84 24.94 31.95
C11 BCL WC . 22.56 25.91 30.86
C12 BCL WC . 23.12 25.22 29.63
C13 BCL WC . 24.64 25.25 29.75
C14 BCL WC . 25.17 26.20 28.67
C15 BCL WC . 25.21 23.87 29.52
C16 BCL WC . 26.61 23.96 30.01
C17 BCL WC . 27.06 22.55 30.27
C18 BCL WC . 28.57 22.40 30.21
C19 BCL WC . 28.81 20.93 30.33
C20 BCL WC . 29.20 23.02 31.46
CAB KGD XC . 24.83 15.76 37.39
CAC KGD XC . 25.25 14.46 36.74
CAD KGD XC . 23.37 15.82 37.30
CAE KGD XC . 24.58 13.34 37.45
CAF KGD XC . 25.20 15.76 38.86
CAG KGD XC . 25.48 16.92 36.70
CAH KGD XC . 22.55 14.78 37.44
CAI KGD XC . 23.11 13.44 37.42
CAJ KGD XC . 22.82 17.16 37.19
CAK KGD XC . 21.25 14.89 38.13
CAL KGD XC . 21.71 17.32 36.49
CAM KGD XC . 21.14 18.61 36.33
CAN KGD XC . 21.86 19.75 36.93
CAO KGD XC . 19.98 18.68 35.67
CAP KGD XC . 19.31 19.91 35.40
CAQ KGD XC . 17.99 19.99 35.46
CAR KGD XC . 17.35 21.22 35.10
CAS KGD XC . 5.28 28.89 27.41
CAT KGD XC . 5.62 28.64 25.97
CAU KGD XC . 18.10 22.49 35.21
CAV KGD XC . 16.10 21.12 34.65
CAW KGD XC . 5.48 27.65 28.14
CAX KGD XC . 6.02 29.91 25.31
CAY KGD XC . 6.30 29.94 24.00
CAZ KGD XC . 4.44 26.62 28.13
CBA KGD XC . 6.61 27.49 28.80
CBB KGD XC . 15.38 22.26 34.20
CBC KGD XC . 6.22 28.73 23.18
CBD KGD XC . 6.69 31.20 23.35
CBE KGD XC . 6.92 26.29 29.52
CBF KGD XC . 7.95 26.29 30.35
CBG KGD XC . 14.09 22.12 33.94
CBH KGD XC . 8.33 25.12 31.03
CBI KGD XC . 13.36 23.20 33.41
CBJ KGD XC . 9.62 25.08 31.34
CBK KGD XC . 7.35 24.06 31.33
CBL KGD XC . 12.05 23.07 33.19
CBM KGD XC . 10.24 23.99 31.98
CBN KGD XC . 11.39 24.18 32.59
CBO KGD XC . 11.28 21.85 33.50
OAA KGD XC . 22.41 12.46 37.38
MG BCL YC . 12.98 18.75 44.60
CHA BCL YC . 13.14 21.37 46.61
CHB BCL YC . 11.47 17.00 47.03
CHC BCL YC . 12.82 16.17 42.44
CHD BCL YC . 13.79 20.84 41.89
NA BCL YC . 12.32 19.16 46.53
C1A BCL YC . 12.55 20.33 47.24
C2A BCL YC . 12.38 20.14 48.75
C3A BCL YC . 12.10 18.59 48.87
C4A BCL YC . 11.85 18.28 47.40
CMA BCL YC . 13.41 17.89 49.21
CAA BCL YC . 11.30 21.02 49.31
CBA BCL YC . 10.13 21.23 48.38
CGA BCL YC . 9.02 21.95 49.12
O1A BCL YC . 8.85 21.95 50.25
O2A BCL YC . 8.21 22.57 48.42
NB BCL YC . 12.27 16.92 44.67
C1B BCL YC . 11.70 16.39 45.79
C2B BCL YC . 11.34 15.10 45.49
C3B BCL YC . 11.69 14.83 44.22
C4B BCL YC . 12.31 15.98 43.69
CMB BCL YC . 10.67 14.21 46.49
CAB BCL YC . 11.50 13.50 43.51
OBB BCL YC . 12.35 12.69 43.54
CBB BCL YC . 10.17 12.87 43.23
NC BCL YC . 13.17 18.61 42.57
C1C BCL YC . 13.13 17.43 41.91
C2C BCL YC . 13.22 17.59 40.42
C3C BCL YC . 13.50 19.03 40.19
C4C BCL YC . 13.51 19.54 41.64
CMC BCL YC . 14.47 16.93 39.90
CAC BCL YC . 12.22 19.48 39.48
CBC BCL YC . 12.46 20.37 38.26
ND BCL YC . 13.36 20.61 44.24
C1D BCL YC . 13.69 21.39 43.16
C2D BCL YC . 13.89 22.74 43.48
C3D BCL YC . 13.68 22.74 44.80
C4D BCL YC . 13.38 21.47 45.23
CMD BCL YC . 14.24 23.88 42.58
CAD BCL YC . 13.67 23.66 45.97
OBD BCL YC . 14.31 24.79 46.14
CBD BCL YC . 13.31 22.77 47.22
CGD BCL YC . 14.59 22.79 48.09
O1D BCL YC . 15.19 21.90 48.29
O2D BCL YC . 14.79 23.75 48.86
CED BCL YC . 16.28 23.91 49.15
C1 BCL YC . 7.43 23.69 48.98
C2 BCL YC . 7.57 24.97 48.17
C3 BCL YC . 6.85 25.24 47.10
C4 BCL YC . 6.02 24.17 46.47
C5 BCL YC . 6.72 26.65 46.50
C6 BCL YC . 5.97 26.61 45.13
C7 BCL YC . 6.61 27.69 44.27
C8 BCL YC . 5.70 28.26 43.22
C9 BCL YC . 6.03 27.80 41.80
C10 BCL YC . 5.90 29.75 43.32
C11 BCL YC . 7.27 30.07 42.87
C12 BCL YC . 7.34 31.57 43.00
C13 BCL YC . 8.44 32.10 42.06
C14 BCL YC . 9.78 31.70 42.67
C15 BCL YC . 8.35 33.59 41.89
C16 BCL YC . 8.37 33.83 40.41
C17 BCL YC . 8.78 35.26 40.16
C18 BCL YC . 9.59 35.43 38.88
C19 BCL YC . 11.00 35.69 39.31
C20 BCL YC . 9.14 36.69 38.10
CAB KGD ZC . 28.53 22.57 37.75
CAC KGD ZC . 27.75 21.57 38.62
CAD KGD ZC . 28.08 22.46 36.35
CAE KGD ZC . 27.65 20.20 37.99
CAF KGD ZC . 28.29 23.98 38.23
CAG KGD ZC . 29.96 22.32 37.82
CAH KGD ZC . 27.32 21.47 35.86
CAI KGD ZC . 27.26 20.21 36.56
CAJ KGD ZC . 28.57 23.52 35.49
CAK KGD ZC . 26.24 21.70 34.88
CAL KGD ZC . 27.70 24.32 34.90
CAM KGD ZC . 28.16 25.42 34.11
CAN KGD ZC . 29.61 25.60 33.95
CAO KGD ZC . 27.20 26.22 33.60
CAP KGD ZC . 27.42 27.41 32.86
CAQ KGD ZC . 26.52 27.86 31.98
CAR KGD ZC . 26.73 29.12 31.33
CAS KGD ZC . 21.76 43.64 25.97
CAT KGD ZC . 23.04 44.17 25.38
CAU KGD ZC . 28.11 29.63 31.15
CAV KGD ZC . 25.62 29.79 30.99
CAW KGD ZC . 21.62 42.19 25.70
CAX KGD ZC . 22.82 44.50 23.97
CAY KGD ZC . 23.34 45.60 23.42
CAZ KGD ZC . 20.58 41.73 24.78
CBA KGD ZC . 22.41 41.32 26.32
CBB KGD ZC . 25.63 31.11 30.44
CBC KGD ZC . 23.11 45.89 22.01
CBD KGD ZC . 24.17 46.54 24.21
CBE KGD ZC . 22.23 39.92 26.07
CBF KGD ZC . 22.16 39.12 27.12
CBG KGD ZC . 24.49 31.62 29.96
CBH KGD ZC . 21.93 37.71 27.03
CBI KGD ZC . 24.48 32.99 29.53
CBJ KGD ZC . 22.70 36.95 27.80
CBK KGD ZC . 20.88 37.19 26.15
CBL KGD ZC . 23.37 33.53 29.03
CBM KGD ZC . 22.57 35.54 27.90
CBN KGD ZC . 23.40 34.92 28.74
CBO KGD ZC . 22.11 32.80 28.85
OAA KGD ZC . 26.90 19.20 36.00
MG BCL AD . 34.09 27.30 15.96
CHA BCL AD . 33.50 26.41 19.13
CHB BCL AD . 35.08 24.17 15.33
CHC BCL AD . 33.98 28.06 12.67
CHD BCL AD . 32.60 30.39 16.60
NA BCL AD . 34.24 25.54 17.06
C1A BCL AD . 34.04 25.39 18.42
C2A BCL AD . 34.17 23.94 18.87
C3A BCL AD . 34.99 23.31 17.68
C4A BCL AD . 34.77 24.40 16.64
CMA BCL AD . 36.48 23.38 18.02
CAA BCL AD . 32.81 23.33 19.08
CBA BCL AD . 32.62 22.67 20.42
CGA BCL AD . 32.65 21.17 20.20
O1A BCL AD . 33.37 20.65 19.49
O2A BCL AD . 31.60 20.58 20.42
NB BCL AD . 34.44 26.33 14.29
C1B BCL AD . 34.84 25.03 14.25
C2B BCL AD . 35.00 24.68 12.94
C3B BCL AD . 34.71 25.73 12.16
C4B BCL AD . 34.34 26.80 13.01
CMB BCL AD . 35.45 23.28 12.60
CAB BCL AD . 34.75 25.80 10.63
OBB BCL AD . 34.66 26.84 10.08
CBB BCL AD . 34.61 24.66 9.67
NC BCL AD . 33.34 28.89 14.90
C1C BCL AD . 33.45 29.00 13.56
C2C BCL AD . 33.18 30.40 13.08
C3C BCL AD . 33.12 31.21 14.32
C4C BCL AD . 32.80 30.08 15.30
CMC BCL AD . 34.41 30.95 12.42
CAC BCL AD . 31.91 32.11 14.06
CBC BCL AD . 30.60 31.36 13.87
ND BCL AD . 33.25 28.23 17.42
C1D BCL AD . 32.67 29.47 17.63
C2D BCL AD . 32.20 29.66 18.94
C3D BCL AD . 32.52 28.50 19.51
C4D BCL AD . 33.13 27.67 18.60
CMD BCL AD . 31.53 30.87 19.51
CAD BCL AD . 32.42 27.79 20.82
OBD BCL AD . 31.87 28.14 21.95
CBD BCL AD . 32.94 26.34 20.57
CGD BCL AD . 34.12 26.18 21.55
O1D BCL AD . 34.81 27.00 21.81
O2D BCL AD . 34.13 25.24 22.37
CED BCL AD . 35.57 24.83 22.72
C1 BCL AD . 31.39 19.90 21.71
C2 BCL AD . 31.69 18.41 21.61
C3 BCL AD . 31.36 17.55 22.53
C4 BCL AD . 30.68 17.98 23.79
C5 BCL AD . 32.04 16.16 22.64
C6 BCL AD . 33.54 16.38 22.94
C7 BCL AD . 34.21 15.10 22.43
C8 BCL AD . 35.47 14.77 23.18
C9 BCL AD . 36.61 15.75 22.91
C10 BCL AD . 35.85 13.44 22.63
C11 BCL AD . 35.67 12.49 23.74
C12 BCL AD . 35.28 11.20 23.05
C13 BCL AD . 34.83 10.23 24.15
C14 BCL AD . 35.31 8.84 23.72
C15 BCL AD . 33.33 10.26 24.27
C16 BCL AD . 32.96 9.06 25.08
C17 BCL AD . 31.56 9.30 25.61
C18 BCL AD . 30.52 8.33 25.07
C19 BCL AD . 29.99 8.95 23.80
C20 BCL AD . 31.15 6.97 24.68
CAB KGD BD . 38.00 10.13 28.23
CAC KGD BD . 38.15 8.77 27.66
CAD KGD BD . 36.62 10.28 28.67
CAE KGD BD . 37.77 7.80 28.73
CAF KGD BD . 38.90 10.32 29.42
CAG KGD BD . 38.31 11.18 27.18
CAH KGD BD . 35.82 9.29 29.07
CAI KGD BD . 36.37 7.94 29.16
CAJ KGD BD . 36.21 11.66 28.69
CAK KGD BD . 34.54 9.51 29.76
CAL KGD BD . 35.29 12.10 27.84
CAM KGD BD . 35.01 13.50 27.85
CAN KGD BD . 36.20 14.34 28.04
CAO KGD BD . 33.78 13.97 27.67
CAP KGD BD . 33.58 15.39 27.62
CAQ KGD BD . 32.33 15.86 27.55
CAR KGD BD . 32.03 17.26 27.40
CAS KGD BD . 20.46 27.77 22.37
CAT KGD BD . 19.99 27.34 21.00
CAU KGD BD . 33.13 18.24 27.38
CAV KGD BD . 30.74 17.57 27.25
CAW KGD BD . 20.45 26.59 23.25
CAX KGD BD . 20.26 28.38 19.98
CAY KGD BD . 19.50 28.45 18.90
CAZ KGD BD . 19.16 26.05 23.67
CBA KGD BD . 21.61 26.06 23.63
CBB KGD BD . 30.21 18.88 27.01
CBC KGD BD . 18.41 27.51 18.73
CBD KGD BD . 19.72 29.47 17.85
CBE KGD BD . 21.74 24.88 24.46
CBF KGD BD . 22.96 24.51 24.84
CBG KGD BD . 28.88 19.00 26.95
CBH KGD BD . 23.23 23.32 25.61
CBI KGD BD . 28.23 20.22 26.60
CBJ KGD BD . 24.49 22.88 25.48
CBK KGD BD . 22.19 22.69 26.44
CBL KGD BD . 26.92 20.41 26.81
CBM KGD BD . 25.04 21.70 26.06
CBN KGD BD . 26.35 21.64 26.32
CBO KGD BD . 26.03 19.44 27.47
OAA KGD BD . 35.74 6.99 29.58
P PGV CD . 21.47 4.37 34.91
C01 PGV CD . 17.47 5.34 32.60
C02 PGV CD . 18.92 5.84 32.72
C03 PGV CD . 19.47 5.62 34.06
C04 PGV CD . 21.69 2.07 34.27
C05 PGV CD . 22.34 2.06 32.89
C06 PGV CD . 21.20 2.17 31.91
O01 PGV CD . 18.96 7.19 32.33
O02 PGV CD . 19.48 6.66 30.29
O03 PGV CD . 16.66 5.94 33.49
O04 PGV CD . 14.51 5.75 33.77
O05 PGV CD . 23.00 0.90 32.70
O06 PGV CD . 20.52 3.32 32.25
O11 PGV CD . 20.86 5.55 33.92
O12 PGV CD . 20.76 3.06 34.34
O13 PGV CD . 20.95 4.57 36.22
O14 PGV CD . 22.91 4.37 34.60
C1 PGV CD . 18.87 7.35 31.02
C2 PGV CD . 17.99 8.32 30.61
C3 PGV CD . 18.54 8.97 29.40
C4 PGV CD . 17.56 9.94 28.85
C5 PGV CD . 17.90 10.23 27.48
C6 PGV CD . 18.88 11.35 27.49
C7 PGV CD . 18.68 12.22 26.28
C8 PGV CD . 18.82 11.39 25.06
C19 PGV CD . 15.42 6.12 33.07
C20 PGV CD . 15.32 6.85 31.75
C21 PGV CD . 13.96 6.72 31.13
C22 PGV CD . 14.03 5.94 29.79
C23 PGV CD . 14.38 6.86 28.61
C24 PGV CD . 13.30 7.93 28.38
C25 PGV CD . 13.83 9.16 27.66
C26 PGV CD . 12.76 9.67 26.72
C27 PGV CD . 13.00 11.12 26.26
C28 PGV CD . 13.45 11.25 24.83
C29 PGV CD . 14.94 11.58 24.77
C30 PGV CD . 15.53 11.51 23.39
P PGV DD . 21.64 0.42 29.34
C01 PGV DD . 18.80 2.62 25.42
C02 PGV DD . 20.10 1.89 26.02
C03 PGV DD . 20.14 1.78 27.56
C04 PGV DD . 23.56 -0.85 28.60
C05 PGV DD . 24.35 -1.00 29.88
C06 PGV DD . 25.54 -0.02 29.81
O01 PGV DD . 21.20 2.55 25.55
O02 PGV DD . 22.48 0.85 25.30
O03 PGV DD . 18.90 2.49 24.02
O04 PGV DD . 17.09 2.28 22.80
O05 PGV DD . 24.79 -2.26 29.94
O06 PGV DD . 25.47 0.80 30.98
O11 PGV DD . 21.40 1.26 27.84
O12 PGV DD . 22.27 -1.03 28.92
O13 PGV DD . 20.43 0.06 30.06
O14 PGV DD . 22.73 1.27 29.91
C1 PGV DD . 22.42 1.97 25.45
C2 PGV DD . 23.62 2.84 25.61
C3 PGV DD . 24.38 3.05 24.35
C4 PGV DD . 23.91 4.25 23.65
C5 PGV DD . 24.71 4.40 22.46
C6 PGV DD . 24.48 5.71 21.93
C7 PGV DD . 23.12 5.80 21.34
C8 PGV DD . 23.09 6.93 20.30
C9 PGV DD . 23.93 6.61 19.13
C10 PGV DD . 23.21 7.13 17.96
C11 PGV DD . 23.69 8.47 17.58
C12 PGV DD . 24.11 8.68 16.36
C19 PGV DD . 18.00 2.94 23.14
C20 PGV DD . 18.24 4.26 22.56
C21 PGV DD . 17.79 4.33 21.11
C22 PGV DD . 18.38 5.63 20.56
C23 PGV DD . 17.77 6.09 19.24
C24 PGV DD . 18.78 6.90 18.41
C25 PGV DD . 18.13 7.34 17.15
C26 PGV DD . 19.09 7.41 16.00
C27 PGV DD . 18.76 8.57 15.16
C28 PGV DD . 19.20 8.47 13.73
C29 PGV DD . 18.29 9.29 12.84
C30 PGV DD . 18.16 10.72 13.25
MG BCL ED . 26.88 30.41 21.52
CHA BCL ED . 28.38 27.45 21.75
CHB BCL ED . 25.99 30.20 24.71
CHC BCL ED . 25.68 33.55 21.21
CHD BCL ED . 27.96 30.64 18.19
NA BCL ED . 27.29 29.09 23.06
C1A BCL ED . 27.84 27.84 22.93
C2A BCL ED . 28.10 27.23 24.31
C3A BCL ED . 26.92 27.91 25.12
C4A BCL ED . 26.77 29.14 24.28
CMA BCL ED . 25.64 27.11 24.88
CAA BCL ED . 29.48 27.61 24.79
CBA BCL ED . 29.75 27.12 26.17
CGA BCL ED . 29.23 25.70 26.26
O1A BCL ED . 28.49 25.30 27.01
O2A BCL ED . 29.90 24.85 25.67
NB BCL ED . 26.01 31.69 22.70
C1B BCL ED . 25.71 31.39 24.00
C2B BCL ED . 25.09 32.47 24.54
C3B BCL ED . 24.97 33.43 23.60
C4B BCL ED . 25.56 32.94 22.40
CMB BCL ED . 24.65 32.45 25.98
CAB BCL ED . 24.35 34.81 23.77
OBB BCL ED . 24.62 35.69 23.03
CBB BCL ED . 23.02 35.04 24.41
NC BCL ED . 27.07 31.85 20.07
C1C BCL ED . 26.46 33.06 20.15
C2C BCL ED . 26.66 33.90 18.92
C3C BCL ED . 27.53 33.10 18.03
C4C BCL ED . 27.45 31.76 18.76
CMC BCL ED . 25.38 33.97 18.15
CAC BCL ED . 28.90 33.72 18.23
CBC BCL ED . 29.88 33.33 17.12
ND BCL ED . 27.91 29.40 20.24
C1D BCL ED . 28.30 29.52 18.93
C2D BCL ED . 29.03 28.44 18.45
C3D BCL ED . 29.08 27.63 19.52
C4D BCL ED . 28.39 28.22 20.57
CMD BCL ED . 29.61 28.24 17.08
CAD BCL ED . 29.60 26.33 19.99
OBD BCL ED . 29.74 25.19 19.37
CBD BCL ED . 29.48 26.39 21.55
CGD BCL ED . 28.98 24.98 21.97
O1D BCL ED . 29.65 24.15 22.28
O2D BCL ED . 27.77 24.68 21.91
CED BCL ED . 27.44 23.52 22.86
C1 BCL ED . 31.34 24.72 25.97
C2 BCL ED . 32.01 23.67 25.10
C3 BCL ED . 32.69 22.67 25.62
C4 BCL ED . 32.81 22.48 27.09
C5 BCL ED . 33.18 21.49 24.77
C6 BCL ED . 34.67 21.23 25.09
C7 BCL ED . 35.13 20.27 24.01
C8 BCL ED . 36.62 20.07 23.99
C9 BCL ED . 37.40 21.38 24.08
C10 BCL ED . 36.88 19.42 22.67
C11 BCL ED . 36.52 20.39 21.61
C12 BCL ED . 36.51 19.55 20.35
C13 BCL ED . 37.96 19.20 20.02
C14 BCL ED . 38.34 19.96 18.76
C15 BCL ED . 38.09 17.72 19.78
C16 BCL ED . 39.56 17.46 19.85
C17 BCL ED . 39.72 15.99 20.12
C18 BCL ED . 41.07 15.48 19.64
C19 BCL ED . 40.99 13.99 19.83
C20 BCL ED . 42.18 15.95 20.60
MG BCL FD . 30.08 16.24 38.14
CHA BCL FD . 31.44 18.79 39.76
CHB BCL FD . 29.01 14.99 41.05
CHC BCL FD . 28.69 13.73 36.39
CHD BCL FD . 30.51 17.99 35.12
NA BCL FD . 30.14 16.85 40.13
C1A BCL FD . 30.83 17.94 40.62
C2A BCL FD . 31.08 17.84 42.13
C3A BCL FD . 30.49 16.42 42.47
C4A BCL FD . 29.76 16.14 41.18
CMA BCL FD . 31.66 15.41 42.50
CAA BCL FD . 30.45 18.99 42.88
CBA BCL FD . 29.15 19.46 42.30
CGA BCL FD . 28.50 20.44 43.25
O1A BCL FD . 28.68 20.52 44.37
O2A BCL FD . 27.68 21.23 42.75
NB BCL FD . 29.03 14.65 38.59
C1B BCL FD . 28.70 14.31 39.87
C2B BCL FD . 27.98 13.14 39.81
C3B BCL FD . 27.87 12.75 38.52
C4B BCL FD . 28.55 13.71 37.73
CMB BCL FD . 27.45 12.47 41.04
CAB BCL FD . 27.16 11.49 38.03
OBB BCL FD . 27.78 10.51 37.90
CBB BCL FD . 25.71 11.22 38.21
NC BCL FD . 29.61 16.01 36.16
C1C BCL FD . 29.12 14.85 35.66
C2C BCL FD . 28.79 14.95 34.19
C3C BCL FD . 29.31 16.26 33.76
C4C BCL FD . 29.87 16.79 35.08
CMC BCL FD . 29.64 13.98 33.42
CAC BCL FD . 28.01 17.00 33.40
CBC BCL FD . 28.09 17.77 32.07
ND BCL FD . 30.76 17.93 37.51
C1D BCL FD . 30.92 18.58 36.30
C2D BCL FD . 31.52 19.84 36.42
C3D BCL FD . 31.72 19.94 37.73
C4D BCL FD . 31.27 18.79 38.36
CMD BCL FD . 31.84 20.83 35.33
CAD BCL FD . 32.28 20.86 38.76
OBD BCL FD . 33.17 21.78 38.63
CBD BCL FD . 32.10 20.12 40.14
CGD BCL FD . 33.55 19.84 40.60
O1D BCL FD . 33.96 18.82 40.73
O2D BCL FD . 34.19 20.73 41.19
CED BCL FD . 35.69 20.53 41.02
C1 BCL FD . 27.40 22.53 43.39
C2 BCL FD . 27.58 23.70 42.45
C3 BCL FD . 26.65 24.12 41.61
C4 BCL FD . 25.45 23.28 41.34
C5 BCL FD . 26.67 25.51 40.92
C6 BCL FD . 25.58 25.62 39.85
C7 BCL FD . 26.17 26.48 38.73
C8 BCL FD . 25.15 27.23 37.93
C9 BCL FD . 24.92 26.67 36.53
C10 BCL FD . 25.70 28.62 37.83
C11 BCL FD . 26.91 28.58 36.97
C12 BCL FD . 27.36 30.02 36.92
C13 BCL FD . 28.21 30.22 35.67
C14 BCL FD . 29.55 29.53 35.91
C15 BCL FD . 28.43 31.70 35.39
C16 BCL FD . 28.07 31.87 33.93
C17 BCL FD . 28.70 33.15 33.44
C18 BCL FD . 29.11 33.09 31.97
C19 BCL FD . 30.61 32.99 31.96
C20 BCL FD . 28.76 34.39 31.23
CAB KGD GD . 43.23 15.55 27.27
CAC KGD GD . 43.19 14.16 27.83
CAD KGD GD . 42.37 15.61 26.07
CAE KGD GD . 41.78 13.69 27.96
CAF KGD GD . 44.63 15.91 26.84
CAG KGD GD . 42.79 16.54 28.28
CAH KGD GD . 41.29 14.85 25.85
CAI KGD GD . 41.13 13.65 26.66
CAJ KGD GD . 42.79 16.62 25.11
CAK KGD GD . 40.00 15.39 25.39
CAL KGD GD . 42.00 17.00 24.11
CAM KGD GD . 42.48 18.03 23.22
CAN KGD GD . 43.87 17.90 22.77
CAO KGD GD . 41.63 19.00 22.90
CAP KGD GD . 41.99 20.10 22.04
CAQ KGD GD . 41.01 20.83 21.51
CAR KGD GD . 41.27 21.97 20.69
CAS KGD GD . 38.94 36.55 14.80
CAT KGD GD . 38.32 37.89 14.61
CAU KGD GD . 42.53 22.05 19.93
CAV KGD GD . 40.32 22.92 20.67
CAW KGD GD . 37.90 35.56 15.08
CAX KGD GD . 38.20 38.15 13.16
CAY KGD GD . 38.97 39.03 12.54
CAZ KGD GD . 36.52 35.75 14.61
CBA KGD GD . 38.25 34.50 15.77
CBB KGD GD . 40.46 24.15 19.94
CBC KGD GD . 39.98 39.81 13.28
CBD KGD GD . 38.82 39.26 11.09
CBE KGD GD . 37.39 33.45 16.14
CBF KGD GD . 37.98 32.39 16.64
CBG KGD GD . 39.40 24.96 19.84
CBH KGD GD . 37.31 31.24 17.09
CBI KGD GD . 39.52 26.21 19.17
CBJ KGD GD . 38.11 30.40 17.73
CBK KGD GD . 35.86 31.05 16.83
CBL KGD GD . 38.50 27.07 19.13
CBM KGD GD . 37.75 29.19 18.32
CBN KGD GD . 38.73 28.31 18.50
CBO KGD GD . 37.18 26.84 19.73
OAA KGD GD . 40.51 12.69 26.28
MG BCL HD . 43.28 18.32 4.03
CHA BCL HD . 43.44 17.75 7.33
CHB BCL HD . 43.38 15.01 3.52
CHC BCL HD . 42.39 18.92 0.83
CHD BCL HD . 42.70 21.71 4.70
NA BCL HD . 43.37 16.63 5.25
C1A BCL HD . 43.53 16.60 6.62
C2A BCL HD . 43.49 15.19 7.18
C3A BCL HD . 43.80 14.33 5.89
C4A BCL HD . 43.52 15.38 4.83
CMA BCL HD . 45.30 14.07 5.82
CAA BCL HD . 42.15 14.91 7.81
CBA BCL HD . 42.22 14.39 9.21
CGA BCL HD . 41.88 12.91 9.17
O1A BCL HD . 42.24 12.20 8.36
O2A BCL HD . 40.84 12.58 9.73
NB BCL HD . 42.93 17.21 2.45
C1B BCL HD . 43.04 15.86 2.45
C2B BCL HD . 42.75 15.40 1.19
C3B BCL HD . 42.46 16.46 0.40
C4B BCL HD . 42.58 17.62 1.20
CMB BCL HD . 42.78 13.94 0.90
CAB BCL HD . 42.07 16.45 -1.08
OBB BCL HD . 42.05 17.44 -1.70
CBB BCL HD . 41.44 15.31 -1.84
NC BCL HD . 42.60 19.99 3.04
C1C BCL HD . 42.34 20.00 1.72
C2C BCL HD . 42.25 21.40 1.17
C3C BCL HD . 42.71 22.26 2.28
C4C BCL HD . 42.46 21.29 3.44
CMC BCL HD . 43.33 21.61 0.14
CAC BCL HD . 41.69 23.40 2.25
CBC BCL HD . 40.24 22.97 2.51
ND BCL HD . 43.09 19.49 5.56
C1D BCL HD . 42.87 20.83 5.77
C2D BCL HD . 42.84 21.20 7.11
C3D BCL HD . 43.06 20.03 7.73
C4D BCL HD . 43.21 19.04 6.78
CMD BCL HD . 42.63 22.55 7.72
CAD BCL HD . 43.20 19.42 9.08
OBD BCL HD . 43.07 19.95 10.26
CBD BCL HD . 43.32 17.88 8.85
CGD BCL HD . 44.66 17.51 9.51
O1D BCL HD . 45.55 18.16 9.48
O2D BCL HD . 44.71 16.63 10.39
CED BCL HD . 46.07 15.93 10.38
C1 BCL HD . 40.87 12.04 11.09
C2 BCL HD . 40.80 10.52 11.07
C3 BCL HD . 40.58 9.80 12.15
C4 BCL HD . 40.40 10.44 13.49
C5 BCL HD . 40.97 8.30 12.23
C6 BCL HD . 42.50 8.19 12.10
C7 BCL HD . 42.74 6.77 11.57
C8 BCL HD . 44.06 6.19 11.98
C9 BCL HD . 45.25 6.87 11.32
C10 BCL HD . 43.98 4.78 11.51
C11 BCL HD . 43.93 3.96 12.74
C12 BCL HD . 43.11 2.76 12.31
C13 BCL HD . 42.80 1.98 13.59
C14 BCL HD . 42.83 0.49 13.21
C15 BCL HD . 41.43 2.35 14.11
C16 BCL HD . 41.06 1.30 15.12
C17 BCL HD . 39.96 1.89 15.97
C18 BCL HD . 38.62 1.16 15.84
C19 BCL HD . 37.90 1.82 14.70
C20 BCL HD . 38.83 -0.32 15.45
CAB KGD ID . 46.80 1.39 16.42
CAC KGD ID . 46.15 0.10 16.03
CAD KGD ID . 45.74 2.22 17.04
CAE KGD ID . 45.62 -0.54 17.26
CAF KGD ID . 47.34 2.09 15.21
CAG KGD ID . 47.92 1.14 17.42
CAH KGD ID . 44.77 1.73 17.81
CAI KGD ID . 44.60 0.31 17.92
CAJ KGD ID . 45.69 3.59 16.56
CAK KGD ID . 44.24 2.44 18.99
CAL KGD ID . 44.82 4.44 17.07
CAM KGD ID . 44.75 5.79 16.62
CAN KGD ID . 45.93 6.31 15.90
CAO KGD ID . 43.65 6.47 16.89
CAP KGD ID . 43.46 7.82 16.48
CAQ KGD ID . 42.58 8.57 17.14
CAR KGD ID . 42.34 9.93 16.72
CAS KGD ID . 32.23 22.59 14.09
CAT KGD ID . 32.24 22.20 12.61
CAU KGD ID . 43.36 10.59 15.90
CAV KGD ID . 41.19 10.49 17.13
CAW KGD ID . 32.24 21.37 14.92
CAX KGD ID . 31.02 22.71 11.94
CAY KGD ID . 31.06 23.43 10.82
CAZ KGD ID . 31.01 20.98 15.62
CBA KGD ID . 33.36 20.66 15.03
CBB KGD ID . 40.81 11.80 16.75
CBC KGD ID . 32.32 23.77 10.19
CBD KGD ID . 29.83 23.91 10.17
CBE KGD ID . 33.47 19.45 15.81
CBF KGD ID . 34.67 18.91 16.01
CBG KGD ID . 39.60 12.22 17.11
CBH KGD ID . 34.85 17.67 16.74
CBI KGD ID . 39.11 13.51 16.71
CBJ KGD ID . 36.01 17.05 16.49
CBK KGD ID . 33.82 17.19 17.68
CBL KGD ID . 38.01 14.02 17.26
CBM KGD ID . 36.37 15.79 17.08
CBN KGD ID . 37.57 15.28 16.77
CBO KGD ID . 37.22 13.33 18.30
OAA KGD ID . 43.69 -0.16 18.54
MG BCL JD . 38.73 23.39 10.96
CHA BCL JD . 39.58 20.18 11.07
CHB BCL JD . 38.76 23.50 14.27
CHC BCL JD . 38.17 26.71 10.67
CHD BCL JD . 38.84 23.25 7.46
NA BCL JD . 39.29 22.07 12.46
C1A BCL JD . 39.49 20.72 12.31
C2A BCL JD . 40.01 20.13 13.61
C3A BCL JD . 39.27 21.07 14.64
C4A BCL JD . 39.15 22.29 13.76
CMA BCL JD . 37.84 20.57 14.83
CAA BCL JD . 41.50 20.19 13.66
CBA BCL JD . 42.05 19.69 14.96
CGA BCL JD . 41.29 18.43 15.33
O1A BCL JD . 40.72 18.24 16.29
O2A BCL JD . 41.58 17.44 14.66
NB BCL JD . 38.51 24.87 12.20
C1B BCL JD . 38.55 24.70 13.54
C2B BCL JD . 38.34 25.92 14.14
C3B BCL JD . 38.18 26.85 13.17
C4B BCL JD . 38.27 26.18 11.92
CMB BCL JD . 38.34 26.04 15.63
CAB BCL JD . 37.92 28.33 13.36
OBB BCL JD . 38.15 29.09 12.50
CBB BCL JD . 36.91 28.88 14.32
NC BCL JD . 38.78 24.70 9.38
C1C BCL JD . 38.50 26.02 9.51
C2C BCL JD . 38.51 26.74 8.18
C3C BCL JD . 38.90 25.73 7.18
C4C BCL JD . 38.75 24.47 8.03
CMC BCL JD . 37.10 27.07 7.79
CAC BCL JD . 40.37 26.03 6.94
CBC BCL JD . 40.89 25.39 5.66
ND BCL JD . 39.11 22.13 9.55
C1D BCL JD . 39.13 22.11 8.17
C2D BCL JD . 39.46 20.86 7.63
C3D BCL JD . 39.63 20.12 8.72
C4D BCL JD . 39.42 20.88 9.85
CMD BCL JD . 39.55 20.50 6.19
CAD BCL JD . 39.98 18.74 9.16
OBD BCL JD . 39.70 17.59 8.65
CBD BCL JD . 40.33 18.89 10.70
CGD BCL JD . 39.69 17.64 11.36
O1D BCL JD . 40.23 16.70 11.55
O2D BCL JD . 38.47 17.62 11.65
CED BCL JD . 38.20 16.61 12.77
C1 BCL JD . 42.98 17.00 14.58
C2 BCL JD . 43.14 15.79 13.68
C3 BCL JD . 43.72 14.69 14.07
C4 BCL JD . 44.21 14.52 15.47
C5 BCL JD . 43.69 13.39 13.25
C6 BCL JD . 45.12 12.81 13.18
C7 BCL JD . 45.04 11.73 12.10
C8 BCL JD . 46.38 11.20 11.71
C9 BCL JD . 47.41 12.30 11.46
C10 BCL JD . 46.11 10.46 10.44
C11 BCL JD . 45.69 11.45 9.43
C12 BCL JD . 45.13 10.60 8.30
C13 BCL JD . 46.32 9.91 7.63
C14 BCL JD . 46.48 10.51 6.24
C15 BCL JD . 46.07 8.43 7.51
C16 BCL JD . 47.42 7.85 7.21
C17 BCL JD . 47.33 6.39 7.56
C18 BCL JD . 48.35 5.56 6.80
C19 BCL JD . 48.01 4.14 7.14
C20 BCL JD . 49.75 5.79 7.37
MG BCL KD . 43.50 9.45 27.41
CHA BCL KD . 45.76 11.69 28.34
CHB BCL KD . 43.07 8.59 30.61
CHC BCL KD . 41.17 7.27 26.35
CHD BCL KD . 43.40 10.95 24.23
NA BCL KD . 44.25 10.12 29.23
C1A BCL KD . 45.26 11.03 29.42
C2A BCL KD . 45.92 10.92 30.79
C3A BCL KD . 45.16 9.70 31.42
C4A BCL KD . 44.05 9.54 30.42
CMA BCL KD . 46.04 8.46 31.24
CAA BCL KD . 45.78 12.22 31.58
CBA BCL KD . 44.49 12.95 31.32
CGA BCL KD . 44.37 14.09 32.31
O1A BCL KD . 44.87 14.17 33.34
O2A BCL KD . 43.62 15.03 31.98
NB BCL KD . 42.31 8.17 28.27
C1B BCL KD . 42.30 7.95 29.62
C2B BCL KD . 41.37 6.98 29.88
C3B BCL KD . 40.82 6.59 28.71
C4B BCL KD . 41.42 7.34 27.67
CMB BCL KD . 41.09 6.50 31.26
CAB BCL KD . 39.76 5.50 28.56
OBB BCL KD . 40.09 4.40 28.36
CBB BCL KD . 38.38 5.57 29.15
NC BCL KD . 42.45 9.27 25.66
C1C BCL KD . 41.60 8.24 25.43
C2C BCL KD . 40.90 8.37 24.11
C3C BCL KD . 41.54 9.51 23.41
C4C BCL KD . 42.54 9.94 24.47
CMC BCL KD . 41.27 7.19 23.22
CAC BCL KD . 40.38 10.50 23.34
CBC BCL KD . 40.23 11.19 21.98
ND BCL KD . 44.31 10.93 26.44
C1D BCL KD . 44.26 11.48 25.19
C2D BCL KD . 45.11 12.58 25.01
C3D BCL KD . 45.69 12.66 26.21
C4D BCL KD . 45.21 11.67 27.04
CMD BCL KD . 45.30 13.42 23.80
CAD BCL KD . 46.69 13.47 26.95
OBD BCL KD . 47.69 14.17 26.49
CBD BCL KD . 46.77 12.85 28.39
CGD BCL KD . 48.20 12.26 28.47
O1D BCL KD . 48.41 11.18 28.57
O2D BCL KD . 49.15 13.00 28.78
CED BCL KD . 50.47 12.46 28.23
C1 BCL KD . 43.80 16.38 32.54
C2 BCL KD . 43.95 17.45 31.47
C3 BCL KD . 42.93 18.03 30.88
C4 BCL KD . 41.55 17.48 31.03
C5 BCL KD . 43.05 19.35 30.08
C6 BCL KD . 41.73 19.67 29.34
C7 BCL KD . 42.15 20.33 28.02
C8 BCL KD . 41.12 21.27 27.46
C9 BCL KD . 40.39 20.73 26.24
C10 BCL KD . 41.90 22.50 27.07
C11 BCL KD . 42.78 22.14 25.93
C12 BCL KD . 43.49 23.46 25.63
C13 BCL KD . 43.96 23.40 24.17
C14 BCL KD . 45.15 22.44 24.12
C15 BCL KD . 44.40 24.77 23.69
C16 BCL KD . 43.68 24.99 22.39
C17 BCL KD . 44.41 26.07 21.62
C18 BCL KD . 44.35 25.86 20.11
C19 BCL KD . 45.73 25.42 19.70
C20 BCL KD . 44.07 27.18 19.37
CAB KGD LD . 52.89 5.67 13.30
CAC KGD LD . 53.03 4.33 14.00
CAD KGD LD . 51.58 5.66 12.62
CAE KGD LD . 51.85 4.11 14.91
CAF KGD LD . 52.91 6.79 14.29
CAG KGD LD . 54.00 5.88 12.29
CAH KGD LD . 50.53 4.94 12.98
CAI KGD LD . 50.58 4.09 14.16
CAJ KGD LD . 51.63 6.25 11.30
CAK KGD LD . 49.19 5.17 12.42
CAL KGD LD . 51.29 7.53 11.20
CAM KGD LD . 51.39 8.18 9.92
CAN KGD LD . 52.37 7.61 8.98
CAO KGD LD . 50.62 9.25 9.68
CAP KGD LD . 50.74 9.96 8.44
CAQ KGD LD . 50.18 11.16 8.37
CAR KGD LD . 50.28 12.03 7.23
CAS KGD LD . 49.21 26.73 0.56
CAT KGD LD . 48.57 27.64 -0.46
CAU KGD LD . 51.04 11.59 6.05
CAV KGD LD . 49.69 13.22 7.37
CAW KGD LD . 48.20 25.91 1.25
CAX KGD LD . 49.24 27.39 -1.76
CAY KGD LD . 49.30 28.28 -2.76
CAZ KGD LD . 46.87 26.47 1.51
CBA KGD LD . 48.52 24.68 1.62
CBB KGD LD . 49.76 14.25 6.38
CBC KGD LD . 48.68 29.60 -2.64
CBD KGD LD . 50.00 27.93 -4.00
CBE KGD LD . 47.64 23.80 2.34
CBF KGD LD . 48.21 22.78 2.96
CBG KGD LD . 49.06 15.37 6.60
CBH KGD LD . 47.52 21.83 3.76
CBI KGD LD . 49.15 16.48 5.73
CBJ KGD LD . 48.24 20.75 4.07
CBK KGD LD . 46.13 22.07 4.19
CBL KGD LD . 48.27 17.48 5.75
CBM KGD LD . 47.80 19.69 4.90
CBN KGD LD . 48.53 18.58 4.90
CBO KGD LD . 47.07 17.54 6.61
OAA KGD LD . 49.65 3.39 14.50
MG BCL MD . 45.63 7.12 -8.74
CHA BCL MD . 46.85 6.62 -5.66
CHB BCL MD . 44.80 3.90 -8.89
CHC BCL MD . 43.80 7.86 -11.47
CHD BCL MD . 46.11 10.57 -8.29
NA BCL MD . 45.79 5.50 -7.45
C1A BCL MD . 46.42 5.46 -6.22
C2A BCL MD . 46.27 4.11 -5.53
C3A BCL MD . 45.89 3.18 -6.75
C4A BCL MD . 45.48 4.24 -7.74
CMA BCL MD . 47.16 2.55 -7.30
CAA BCL MD . 45.22 4.21 -4.44
CBA BCL MD . 45.67 3.71 -3.11
CGA BCL MD . 45.03 2.36 -2.87
O1A BCL MD . 44.90 1.56 -3.67
O2A BCL MD . 44.21 2.31 -1.95
NB BCL MD . 44.49 6.11 -9.96
C1B BCL MD . 44.29 4.77 -9.85
C2B BCL MD . 43.46 4.38 -10.87
C3B BCL MD . 43.15 5.45 -11.62
C4B BCL MD . 43.82 6.57 -11.05
CMB BCL MD . 43.06 2.94 -11.00
CAB BCL MD . 42.27 5.50 -12.87
OBB BCL MD . 42.25 6.45 -13.55
CBB BCL MD . 41.17 4.55 -13.23
NC BCL MD . 45.03 8.90 -9.61
C1C BCL MD . 44.32 8.94 -10.75
C2C BCL MD . 44.35 10.31 -11.39
C3C BCL MD . 45.36 11.05 -10.60
C4C BCL MD . 45.34 10.20 -9.34
CMC BCL MD . 45.00 10.22 -12.75
CAC BCL MD . 44.68 12.40 -10.41
CBC BCL MD . 43.38 12.35 -9.62
ND BCL MD . 46.28 8.36 -7.38
C1D BCL MD . 46.46 9.71 -7.27
C2D BCL MD . 47.00 10.10 -6.03
C3D BCL MD . 47.16 8.93 -5.41
C4D BCL MD . 46.73 7.90 -6.24
CMD BCL MD . 47.32 11.48 -5.55
CAD BCL MD . 47.64 8.34 -4.13
OBD BCL MD . 48.08 8.90 -3.05
CBD BCL MD . 47.32 6.81 -4.21
CGD BCL MD . 48.70 6.14 -4.03
O1D BCL MD . 49.64 6.54 -4.44
O2D BCL MD . 48.87 5.29 -3.12
CED BCL MD . 49.93 4.26 -3.52
C1 BCL MD . 44.61 1.82 -0.63
C2 BCL MD . 44.21 0.35 -0.45
C3 BCL MD . 44.24 -0.26 0.71
C4 BCL MD . 44.70 0.43 1.94
C5 BCL MD . 44.29 -1.80 0.81
C6 BCL MD . 45.60 -2.31 0.17
C7 BCL MD . 45.30 -3.75 -0.24
C8 BCL MD . 46.51 -4.63 -0.26
C9 BCL MD . 47.50 -4.27 -1.37
C10 BCL MD . 45.95 -5.98 -0.51
C11 BCL MD . 46.17 -6.74 0.74
C12 BCL MD . 45.01 -7.70 0.77
C13 BCL MD . 45.01 -8.36 2.15
C14 BCL MD . 44.58 -9.81 1.94
C15 BCL MD . 44.06 -7.64 3.07
C16 BCL MD . 43.86 -8.54 4.25
C17 BCL MD . 43.30 -7.68 5.36
C18 BCL MD . 41.88 -8.06 5.78
C19 BCL MD . 40.96 -7.27 4.90
C20 BCL MD . 41.59 -9.55 5.52
CAB KGD ND . 49.34 -9.16 3.73
CAC KGD ND . 50.10 -10.19 4.54
CAD KGD ND . 48.89 -8.15 4.65
CAE KGD ND . 49.23 -10.76 5.67
CAF KGD ND . 50.22 -8.48 2.74
CAG KGD ND . 48.15 -9.80 3.01
CAH KGD ND . 48.47 -8.44 5.88
CAI KGD ND . 48.16 -9.81 6.11
CAJ KGD ND . 49.22 -6.80 4.27
CAK KGD ND . 48.96 -7.75 7.06
CAL KGD ND . 48.42 -5.82 4.63
CAM KGD ND . 48.74 -4.49 4.21
CAN KGD ND . 49.91 -4.32 3.34
CAO KGD ND . 47.94 -3.52 4.63
CAP KGD ND . 48.15 -2.18 4.24
CAQ KGD ND . 47.34 -1.31 4.80
CAR KGD ND . 47.37 0.06 4.47
CAS KGD ND . 39.98 14.22 3.45
CAT KGD ND . 39.06 13.84 2.31
CAU KGD ND . 48.18 0.51 3.32
CAV KGD ND . 46.60 0.85 5.20
CAW KGD ND . 40.00 13.11 4.39
CAX KGD ND . 39.11 14.85 1.25
CAY KGD ND . 38.15 14.95 0.35
CAZ KGD ND . 38.99 13.04 5.45
CBA KGD ND . 40.95 12.19 4.26
CBB KGD ND . 46.50 2.23 4.92
CBC KGD ND . 37.00 14.04 0.38
CBD KGD ND . 38.21 15.97 -0.72
CBE KGD ND . 41.03 11.04 5.11
CBF KGD ND . 42.15 10.35 5.15
CBG KGD ND . 45.44 2.83 5.41
CBH KGD ND . 42.25 9.16 5.92
CBI KGD ND . 45.19 4.19 5.14
CBJ KGD ND . 42.94 8.21 5.33
CBK KGD ND . 41.61 9.05 7.24
CBL KGD ND . 44.47 4.93 5.96
CBM KGD ND . 43.15 6.91 5.87
CBN KGD ND . 44.25 6.26 5.53
CBO KGD ND . 43.87 4.46 7.23
OAA KGD ND . 47.12 -10.18 6.60
MG BCL OD . 45.10 13.20 -1.66
CHA BCL OD . 45.26 9.89 -1.38
CHB BCL OD . 46.22 13.51 1.44
CHC BCL OD . 45.17 16.54 -2.21
CHD BCL OD . 44.04 12.83 -4.98
NA BCL OD . 45.82 11.89 -0.24
C1A BCL OD . 45.69 10.51 -0.26
C2A BCL OD . 46.46 9.91 0.91
C3A BCL OD . 46.31 11.05 1.96
C4A BCL OD . 46.16 12.21 1.01
CMA BCL OD . 44.94 10.93 2.65
CAA BCL OD . 47.87 9.61 0.49
CBA BCL OD . 48.71 9.08 1.62
CGA BCL OD . 47.86 8.06 2.36
O1A BCL OD . 47.61 8.07 3.46
O2A BCL OD . 47.71 6.99 1.78
NB BCL OD . 45.61 14.77 -0.63
C1B BCL OD . 46.04 14.68 0.67
C2B BCL OD . 46.29 15.94 1.11
C3B BCL OD . 46.01 16.82 0.13
C4B BCL OD . 45.56 16.08 -0.99
CMB BCL OD . 46.79 16.16 2.51
CAB BCL OD . 46.14 18.33 0.19
OBB BCL OD . 46.23 18.97 -0.79
CBB BCL OD . 45.63 19.17 1.33
NC BCL OD . 44.91 14.36 -3.35
C1C BCL OD . 44.96 15.72 -3.32
C2C BCL OD . 44.70 16.33 -4.66
C3C BCL OD . 44.52 15.19 -5.60
C4C BCL OD . 44.40 14.07 -4.58
CMC BCL OD . 43.33 16.96 -4.66
CAC BCL OD . 45.87 15.12 -6.30
CBC BCL OD . 45.80 14.30 -7.59
ND BCL OD . 44.74 11.80 -2.93
C1D BCL OD . 44.31 11.70 -4.24
C2D BCL OD . 44.18 10.37 -4.68
C3D BCL OD . 44.54 9.68 -3.61
C4D BCL OD . 44.86 10.54 -2.58
CMD BCL OD . 43.73 9.91 -6.03
CAD BCL OD . 44.72 8.29 -3.11
OBD BCL OD . 44.05 7.21 -3.35
CBD BCL OD . 45.56 8.44 -1.79
CGD BCL OD . 44.93 7.43 -0.80
O1D BCL OD . 45.30 6.40 -0.65
O2D BCL OD . 43.90 7.71 -0.16
CED BCL OD . 43.80 6.86 1.12
C1 BCL OD . 48.88 6.22 1.34
C2 BCL OD . 48.49 4.96 0.60
C3 BCL OD . 48.93 3.77 0.95
C4 BCL OD . 49.80 3.59 2.15
C5 BCL OD . 48.37 2.47 0.35
C6 BCL OD . 49.55 1.56 -0.07
C7 BCL OD . 48.90 0.47 -0.90
C8 BCL OD . 49.91 -0.39 -1.62
C9 BCL OD . 51.00 0.42 -2.30
C10 BCL OD . 49.09 -1.12 -2.63
C11 BCL OD . 48.57 -0.12 -3.58
C12 BCL OD . 47.54 -0.89 -4.37
C13 BCL OD . 48.27 -1.88 -5.27
C14 BCL OD . 48.09 -1.42 -6.72
C15 BCL OD . 47.70 -3.26 -5.10
C16 BCL OD . 48.71 -4.17 -5.72
C17 BCL OD . 48.46 -5.54 -5.16
C18 BCL OD . 48.98 -6.63 -6.09
C19 BCL OD . 48.49 -7.90 -5.46
C20 BCL OD . 50.51 -6.69 -6.00
MG BCL PD . 51.95 -0.41 14.32
CHA BCL PD . 54.81 1.27 14.21
CHB BCL PD . 52.40 -0.95 17.59
CHC BCL PD . 49.01 -2.05 14.30
CHD BCL PD . 51.14 0.87 11.14
NA BCL PD . 53.37 0.16 15.72
C1A BCL PD . 54.56 0.83 15.46
C2A BCL PD . 55.58 0.65 16.59
C3A BCL PD . 54.84 -0.33 17.57
C4A BCL PD . 53.44 -0.27 16.98
CMA BCL PD . 55.33 -1.75 17.31
CAA BCL PD . 55.97 1.98 17.19
CBA BCL PD . 54.85 2.98 17.24
CGA BCL PD . 55.28 4.18 18.07
O1A BCL PD . 56.09 4.19 18.87
O2A BCL PD . 54.68 5.24 17.85
NB BCL PD . 50.87 -1.33 15.66
C1B BCL PD . 51.25 -1.44 16.97
C2B BCL PD . 50.27 -2.15 17.62
C3B BCL PD . 49.30 -2.47 16.74
C4B BCL PD . 49.68 -1.96 15.48
CMB BCL PD . 50.36 -2.46 19.08
CAB BCL PD . 48.05 -3.28 17.06
OBB BCL PD . 48.07 -4.44 16.92
CBB BCL PD . 46.98 -2.85 18.01
NC BCL PD . 50.38 -0.46 13.00
C1C BCL PD . 49.31 -1.27 13.18
C2C BCL PD . 48.26 -1.06 12.13
C3C BCL PD . 48.86 -0.15 11.12
C4C BCL PD . 50.22 0.10 11.77
CMC BCL PD . 48.08 -2.33 11.34
CAC BCL PD . 47.96 1.09 11.27
CBC BCL PD . 47.53 1.72 9.94
ND BCL PD . 52.69 0.76 12.96
C1D BCL PD . 52.34 1.23 11.72
C2D BCL PD . 53.30 2.08 11.15
C3D BCL PD . 54.25 2.11 12.09
C4D BCL PD . 53.87 1.31 13.16
CMD BCL PD . 53.27 2.78 9.83
CAD BCL PD . 55.58 2.69 12.39
OBD BCL PD . 56.50 3.10 11.56
CBD BCL PD . 55.99 2.16 13.80
CGD BCL PD . 57.21 1.25 13.54
O1D BCL PD . 57.22 0.17 13.71
O2D BCL PD . 58.35 1.77 13.43
CED BCL PD . 59.27 0.89 12.60
C1 BCL PD . 55.30 6.55 18.14
C2 BCL PD . 55.33 7.48 16.94
C3 BCL PD . 54.31 8.25 16.61
C4 BCL PD . 52.97 8.06 17.25
C5 BCL PD . 54.43 9.45 15.64
C6 BCL PD . 53.04 10.03 15.30
C7 BCL PD . 53.14 10.50 13.84
C8 BCL PD . 52.20 11.62 13.48
C9 BCL PD . 51.02 11.17 12.63
C10 BCL PD . 53.04 12.59 12.73
C11 BCL PD . 53.41 11.97 11.43
C12 BCL PD . 54.24 13.04 10.76
C13 BCL PD . 54.21 12.80 9.25
C14 BCL PD . 55.08 11.57 8.97
C15 BCL PD . 54.73 13.99 8.48
C16 BCL PD . 53.69 14.28 7.43
C17 BCL PD . 54.33 15.12 6.35
C18 BCL PD . 53.75 14.82 4.97
C19 BCL PD . 54.81 14.05 4.22
C20 BCL PD . 53.53 16.13 4.17
CAB KGD QD . 54.70 -6.68 -1.30
CAC KGD QD . 54.90 -7.86 -0.36
CAD KGD QD . 53.31 -6.73 -1.79
CAE KGD QD . 53.85 -7.83 0.72
CAF KGD QD . 55.64 -6.75 -2.47
CAG KGD QD . 54.92 -5.38 -0.58
CAH KGD QD . 52.27 -7.09 -1.05
CAI KGD QD . 52.49 -7.91 0.14
CAJ KGD QD . 53.15 -6.19 -3.12
CAK KGD QD . 50.86 -6.84 -1.43
CAL KGD QD . 52.76 -4.92 -3.27
CAM KGD QD . 52.70 -4.36 -4.60
CAN KGD QD . 53.33 -5.18 -5.67
CAO KGD QD . 52.13 -3.15 -4.77
CAP KGD QD . 52.10 -2.50 -6.06
CAQ KGD QD . 51.74 -1.21 -6.10
CAR KGD QD . 51.74 -0.41 -7.31
CAS KGD QD . 51.56 13.63 -15.39
CAT KGD QD . 50.76 13.63 -16.70
CAU KGD QD . 52.21 -1.02 -8.58
CAV KGD QD . 51.33 0.86 -7.18
CAW KGD QD . 50.80 12.93 -14.30
CAX KGD QD . 50.90 14.95 -17.39
CAY KGD QD . 50.84 15.08 -18.72
CAZ KGD QD . 50.07 13.74 -13.33
CBA KGD QD . 50.82 11.61 -14.20
CBB KGD QD . 51.34 1.82 -8.27
CBC KGD QD . 50.99 16.41 -19.33
CBD KGD QD . 50.63 13.92 -19.61
CBE KGD QD . 50.09 10.97 -13.14
CBF KGD QD . 50.75 10.25 -12.23
CBG KGD QD . 51.13 3.10 -7.96
CBH KGD QD . 50.09 9.57 -11.16
CBI KGD QD . 51.21 4.17 -8.92
CBJ KGD QD . 50.61 8.37 -10.87
CBK KGD QD . 48.95 10.18 -10.47
CBL KGD QD . 50.55 5.33 -8.77
CBM KGD QD . 50.16 7.50 -9.83
CBN KGD QD . 50.78 6.32 -9.76
CBO KGD QD . 49.65 5.66 -7.63
OAA KGD QD . 51.65 -8.62 0.60
CAB KGD RD . 45.46 -21.84 -7.15
CAC KGD RD . 44.96 -23.07 -6.41
CAD KGD RD . 45.27 -20.67 -6.28
CAE KGD RD . 45.51 -23.07 -5.00
CAF KGD RD . 46.94 -21.98 -7.43
CAG KGD RD . 44.71 -21.67 -8.45
CAH KGD RD . 44.93 -20.68 -4.99
CAI KGD RD . 45.01 -21.91 -4.24
CAJ KGD RD . 45.34 -19.39 -6.93
CAK KGD RD . 44.05 -19.65 -4.41
CAL KGD RD . 46.06 -18.45 -6.35
CAM KGD RD . 46.15 -17.18 -6.99
CAN KGD RD . 46.87 -17.15 -8.26
CAO KGD RD . 45.55 -16.15 -6.40
CAP KGD RD . 45.58 -14.86 -7.00
CAQ KGD RD . 45.74 -13.77 -6.27
CAR KGD RD . 45.71 -12.49 -6.90
CAS KGD RD . 41.77 3.38 -7.48
CAT KGD RD . 40.31 3.71 -7.72
CAU KGD RD . 46.15 -12.39 -8.31
CAV KGD RD . 45.28 -11.48 -6.16
CAW KGD RD . 41.89 2.35 -6.44
CAX KGD RD . 40.17 4.27 -9.08
CAY KGD RD . 39.08 4.89 -9.50
CAZ KGD RD . 41.44 2.65 -5.08
CBA KGD RD . 42.45 1.18 -6.75
CBB KGD RD . 45.17 -10.16 -6.71
CBC KGD RD . 37.90 5.05 -8.65
CBD KGD RD . 39.03 5.42 -10.88
CBE KGD RD . 42.62 0.10 -5.83
CBF KGD RD . 43.27 -0.99 -6.23
CBG KGD RD . 44.90 -9.16 -5.87
CBH KGD RD . 43.47 -2.13 -5.38
CBI KGD RD . 44.73 -7.84 -6.38
CBJ KGD RD . 43.77 -3.26 -6.03
CBK KGD RD . 43.35 -2.02 -3.92
CBL KGD RD . 44.51 -6.84 -5.55
CBM KGD RD . 43.98 -4.50 -5.37
CBN KGD RD . 44.31 -5.54 -6.12
CBO KGD RD . 44.45 -6.97 -4.07
OAA KGD RD . 44.67 -21.99 -3.08
MG BCL SD . 44.13 1.44 -13.83
CHA BCL SD . 43.53 -1.77 -13.16
CHB BCL SD . 46.45 1.49 -11.48
CHC BCL SD . 44.83 4.58 -14.84
CHD BCL SD . 41.75 1.29 -16.39
NA BCL SD . 45.00 0.01 -12.61
C1A BCL SD . 44.53 -1.27 -12.39
C2A BCL SD . 45.51 -2.05 -11.53
C3A BCL SD . 46.11 -0.87 -10.67
C4A BCL SD . 45.88 0.25 -11.66
CMA BCL SD . 45.16 -0.57 -9.52
CAA BCL SD . 46.51 -2.76 -12.41
CBA BCL SD . 47.55 -3.48 -11.61
CGA BCL SD . 46.86 -4.18 -10.47
O1A BCL SD . 47.09 -4.06 -9.37
O2A BCL SD . 46.20 -5.17 -10.78
NB BCL SD . 45.40 2.82 -13.31
C1B BCL SD . 46.28 2.63 -12.28
C2B BCL SD . 47.02 3.78 -12.15
C3B BCL SD . 46.59 4.67 -13.07
C4B BCL SD . 45.55 4.06 -13.81
CMB BCL SD . 48.07 3.88 -11.11
CAB BCL SD . 47.13 6.08 -13.29
OBB BCL SD . 46.96 6.63 -14.31
CBB BCL SD . 47.36 7.06 -12.18
NC BCL SD . 43.57 2.55 -15.46
C1C BCL SD . 43.97 3.82 -15.65
C2C BCL SD . 43.35 4.46 -16.87
C3C BCL SD . 42.53 3.40 -17.48
C4C BCL SD . 42.54 2.38 -16.35
CMC BCL SD . 42.33 5.47 -16.44
CAC BCL SD . 43.39 2.91 -18.64
CBC BCL SD . 42.59 2.11 -19.66
ND BCL SD . 42.93 0.16 -14.65
C1D BCL SD . 41.99 0.15 -15.65
C2D BCL SD . 41.36 -1.07 -15.81
C3D BCL SD . 41.92 -1.82 -14.88
C4D BCL SD . 42.86 -1.06 -14.18
CMD BCL SD . 40.30 -1.43 -16.81
CAD BCL SD . 41.93 -3.19 -14.28
OBD BCL SD . 40.96 -4.03 -14.10
CBD BCL SD . 43.25 -3.26 -13.43
CGD BCL SD . 42.84 -4.01 -12.14
O1D BCL SD . 42.96 -5.09 -11.99
O2D BCL SD . 42.28 -3.41 -11.19
CED BCL SD . 42.65 -4.08 -9.87
C1 BCL SD . 46.85 -6.26 -11.52
C2 BCL SD . 45.88 -7.38 -11.86
C3 BCL SD . 46.10 -8.63 -11.54
C4 BCL SD . 47.32 -9.03 -10.76
C5 BCL SD . 45.15 -9.80 -11.84
C6 BCL SD . 45.69 -10.71 -12.97
C7 BCL SD . 44.46 -11.50 -13.44
C8 BCL SD . 44.72 -12.44 -14.58
C9 BCL SD . 45.91 -12.05 -15.45
C10 BCL SD . 43.46 -12.36 -15.38
C11 BCL SD . 42.45 -13.11 -14.60
C12 BCL SD . 41.27 -13.21 -15.55
C13 BCL SD . 40.16 -13.93 -14.80
C14 BCL SD . 40.03 -13.30 -13.42
C15 BCL SD . 40.46 -15.40 -14.66
C16 BCL SD . 39.27 -15.99 -13.99
C17 BCL SD . 39.15 -17.43 -14.41
C18 BCL SD . 39.77 -18.40 -13.39
C19 BCL SD . 38.69 -18.65 -12.38
C20 BCL SD . 40.13 -19.76 -14.03
MG BCL TD . 52.97 -12.56 0.68
CHA BCL TD . 55.89 -11.68 -0.63
CHB BCL TD . 54.46 -12.99 3.64
CHC BCL TD . 49.95 -13.39 1.90
CHD BCL TD . 51.37 -11.32 -2.20
NA BCL TD . 54.89 -12.27 1.43
C1A BCL TD . 56.02 -11.96 0.69
C2A BCL TD . 57.32 -12.31 1.42
C3A BCL TD . 56.78 -13.01 2.72
C4A BCL TD . 55.32 -12.64 2.63
CMA BCL TD . 56.83 -14.53 2.52
CAA BCL TD . 58.17 -11.10 1.65
CBA BCL TD . 57.39 -9.84 1.93
CGA BCL TD . 58.34 -8.74 2.36
O1A BCL TD . 59.37 -8.88 2.83
O2A BCL TD . 57.95 -7.58 2.20
NB BCL TD . 52.28 -13.08 2.42
C1B BCL TD . 53.07 -13.21 3.54
C2B BCL TD . 52.27 -13.60 4.57
C3B BCL TD . 51.01 -13.72 4.13
C4B BCL TD . 51.01 -13.40 2.75
CMB BCL TD . 52.81 -13.84 5.94
CAB BCL TD . 49.81 -14.16 4.96
OBB BCL TD . 49.52 -15.30 5.01
CBB BCL TD . 49.28 -13.42 6.15
NC BCL TD . 51.07 -12.29 -0.01
C1C BCL TD . 49.98 -12.79 0.64
C2C BCL TD . 48.69 -12.39 -0.02
C3C BCL TD . 49.07 -11.72 -1.29
C4C BCL TD . 50.59 -11.79 -1.19
CMC BCL TD . 47.97 -13.62 -0.51
CAC BCL TD . 48.59 -10.29 -1.04
CBC BCL TD . 47.85 -9.66 -2.23
ND BCL TD . 53.41 -11.70 -1.00
C1D BCL TD . 52.75 -11.24 -2.11
C2D BCL TD . 53.59 -10.70 -3.09
C3D BCL TD . 54.79 -10.86 -2.54
C4D BCL TD . 54.66 -11.47 -1.30
CMD BCL TD . 53.23 -10.11 -4.42
CAD BCL TD . 56.24 -10.62 -2.81
OBD BCL TD . 56.86 -10.50 -3.93
CBD BCL TD . 57.01 -11.15 -1.53
CGD BCL TD . 57.82 -12.34 -2.06
O1D BCL TD . 57.66 -13.38 -1.74
O2D BCL TD . 58.93 -12.15 -2.61
CED BCL TD . 59.27 -13.28 -3.58
C1 BCL TD . 58.90 -6.46 2.08
C2 BCL TD . 58.69 -5.64 0.81
C3 BCL TD . 57.82 -4.66 0.73
C4 BCL TD . 56.79 -4.47 1.79
C5 BCL TD . 57.84 -3.59 -0.40
C6 BCL TD . 56.57 -2.70 -0.34
C7 BCL TD . 56.23 -2.37 -1.79
C8 BCL TD . 55.50 -1.07 -1.97
C9 BCL TD . 54.02 -1.25 -2.31
C10 BCL TD . 56.19 -0.40 -3.12
C11 BCL TD . 55.93 -1.17 -4.35
C12 BCL TD . 56.66 -0.38 -5.42
C13 BCL TD . 56.03 -0.71 -6.77
C14 BCL TD . 56.46 -2.14 -7.14
C15 BCL TD . 56.49 0.26 -7.84
C16 BCL TD . 55.23 0.74 -8.51
C17 BCL TD . 55.60 1.31 -9.86
C18 BCL TD . 54.51 1.09 -10.91
C19 BCL TD . 55.03 0.03 -11.84
C20 BCL TD . 54.30 2.36 -11.77
CAB KGD UD . 19.18 -10.02 -18.47
CAC KGD UD . 18.52 -8.93 -19.30
CAD KGD UD . 18.69 -11.39 -18.97
CAE KGD UD . 18.68 -9.30 -20.78
CAF KGD UD . 20.58 -9.99 -18.62
CAG KGD UD . 18.83 -9.80 -16.99
CAH KGD UD . 18.09 -11.60 -20.15
CAI KGD UD . 17.94 -10.48 -21.08
CAJ KGD UD . 18.92 -12.52 -18.09
CAK KGD UD . 17.24 -12.79 -20.46
CAL KGD UD . 19.99 -13.31 -18.29
CAM KGD UD . 20.30 -14.43 -17.40
CAN KGD UD . 19.80 -14.31 -16.00
CAO KGD UD . 21.06 -15.48 -17.81
CAP KGD UD . 21.45 -16.61 -16.93
CAQ KGD UD . 22.09 -17.73 -17.38
CAR KGD UD . 22.52 -18.78 -16.45
CAS KGD UD . 32.22 -31.12 -15.83
CAT KGD UD . 33.54 -30.45 -15.62
CAU KGD UD . 22.40 -18.47 -15.00
CAV KGD UD . 23.02 -19.98 -16.86
CAW KGD UD . 31.24 -30.27 -16.55
CAX KGD UD . 34.13 -30.99 -14.36
CAY KGD UD . 35.00 -32.01 -14.32
CAZ KGD UD . 30.78 -30.70 -17.88
CBA KGD UD . 30.76 -29.18 -15.99
CBB KGD UD . 23.44 -20.89 -15.80
CBC KGD UD . 35.45 -32.68 -15.54
CBD KGD UD . 35.53 -32.49 -13.02
CBE KGD UD . 29.78 -28.42 -16.70
CBF KGD UD . 28.66 -28.06 -16.08
CBG KGD UD . 23.72 -22.20 -15.90
CBH KGD UD . 27.64 -27.33 -16.75
CBI KGD UD . 23.60 -22.96 -17.10
CBJ KGD UD . 26.99 -26.34 -16.13
CBK KGD UD . 27.32 -27.74 -18.13
CBL KGD UD . 24.29 -24.09 -17.33
CBM KGD UD . 25.97 -25.66 -16.86
CBN KGD UD . 25.28 -24.61 -16.41
CBO KGD UD . 24.10 -24.83 -18.58
OAA KGD UD . 17.21 -10.51 -22.04
CHA HEM VD . -8.15 30.46 -54.83
CHB HEM VD . -4.96 27.60 -57.06
CHC HEM VD . -6.69 23.82 -54.57
CHD HEM VD . -9.84 26.71 -52.33
C1A HEM VD . -7.14 29.96 -55.63
C2A HEM VD . -6.34 30.79 -56.43
C3A HEM VD . -5.44 30.03 -57.06
C4A HEM VD . -5.66 28.71 -56.66
CMA HEM VD . -4.40 30.51 -58.02
CAA HEM VD . -6.49 32.27 -56.57
CBA HEM VD . -7.39 32.47 -57.79
CGA HEM VD . -7.90 33.88 -57.85
O1A HEM VD . -7.78 34.50 -58.87
O2A HEM VD . -8.75 34.31 -56.92
C1B HEM VD . -5.23 26.37 -56.49
C2B HEM VD . -4.39 25.30 -56.86
C3B HEM VD . -4.83 24.21 -56.19
C4B HEM VD . -5.98 24.68 -55.39
CMB HEM VD . -3.25 25.40 -57.81
CAB HEM VD . -4.27 22.86 -56.26
CBB HEM VD . -3.03 22.62 -55.82
C1C HEM VD . -7.67 24.28 -53.75
C2C HEM VD . -8.35 23.52 -52.80
C3C HEM VD . -9.25 24.36 -52.17
C4C HEM VD . -9.09 25.65 -52.76
CMC HEM VD . -8.15 22.07 -52.52
CAC HEM VD . -10.20 24.01 -51.11
CBC HEM VD . -9.78 23.78 -49.88
C1D HEM VD . -9.62 28.00 -52.78
C2D HEM VD . -10.30 29.20 -52.27
C3D HEM VD . -9.82 30.24 -52.97
C4D HEM VD . -8.85 29.69 -53.92
CMD HEM VD . -11.33 29.26 -51.18
CAD HEM VD . -10.21 31.68 -52.84
CBD HEM VD . -9.13 32.44 -52.10
CGD HEM VD . -9.79 33.61 -51.45
O1D HEM VD . -9.17 34.62 -51.26
O2D HEM VD . -11.12 33.66 -51.43
NA HEM VD . -6.70 28.66 -55.77
NB HEM VD . -6.17 25.99 -55.60
NC HEM VD . -8.10 25.57 -53.72
ND HEM VD . -8.78 28.37 -53.73
FE HEM VD . -7.59 27.17 -54.80
CHA HEM WD . -14.14 20.94 -43.20
CHB HEM WD . -11.19 23.66 -45.87
CHC HEM WD . -8.76 24.90 -41.85
CHD HEM WD . -11.73 22.13 -39.22
C1A HEM WD . -13.52 21.58 -44.24
C2A HEM WD . -13.90 21.43 -45.59
C3A HEM WD . -13.09 22.18 -46.35
C4A HEM WD . -12.19 22.82 -45.49
CMA HEM WD . -13.11 22.33 -47.84
CAA HEM WD . -15.02 20.56 -46.09
CBA HEM WD . -14.46 19.24 -46.60
CGA HEM WD . -15.58 18.37 -47.08
O1A HEM WD . -16.63 18.38 -46.50
O2A HEM WD . -15.37 17.48 -48.05
C1B HEM WD . -10.32 24.16 -44.91
C2B HEM WD . -9.26 24.96 -45.37
C3B HEM WD . -8.55 25.34 -44.29
C4B HEM WD . -9.22 24.72 -43.13
CMB HEM WD . -9.01 25.32 -46.81
CAB HEM WD . -7.33 26.19 -44.27
CBB HEM WD . -7.42 27.49 -44.53
C1C HEM WD . -9.36 24.25 -40.81
C2C HEM WD . -8.92 24.29 -39.50
C3C HEM WD . -9.75 23.50 -38.75
C4C HEM WD . -10.73 22.98 -39.64
CMC HEM WD . -7.73 25.07 -39.02
CAC HEM WD . -9.67 23.26 -37.30
CBC HEM WD . -10.28 24.11 -36.48
C1D HEM WD . -12.64 21.52 -40.08
C2D HEM WD . -13.66 20.55 -39.67
C3D HEM WD . -14.32 20.23 -40.80
C4D HEM WD . -13.72 21.00 -41.88
CMD HEM WD . -13.90 20.02 -38.29
CAD HEM WD . -15.46 19.27 -40.93
CBD HEM WD . -14.90 17.95 -41.45
CGD HEM WD . -16.04 17.03 -41.78
O1D HEM WD . -16.20 16.04 -41.11
O2D HEM WD . -16.69 17.17 -42.93
NA HEM WD . -12.45 22.45 -44.22
NB HEM WD . -10.28 24.00 -43.57
NC HEM WD . -10.45 23.45 -40.91
ND HEM WD . -12.73 21.73 -41.37
FE HEM WD . -11.61 22.96 -42.47
CHA HEM XD . -7.73 22.54 -14.02
CHB HEM XD . -6.25 18.23 -12.40
CHC HEM XD . -3.91 17.54 -16.60
CHD HEM XD . -4.68 22.19 -17.71
C1A HEM XD . -7.51 21.42 -13.24
C2A HEM XD . -8.09 21.21 -11.98
C3A HEM XD . -7.68 20.00 -11.50
C4A HEM XD . -6.87 19.44 -12.47
CMA HEM XD . -8.03 19.37 -10.19
CAA HEM XD . -8.97 22.18 -11.26
CBA HEM XD . -8.08 22.87 -10.24
CGA HEM XD . -8.65 24.17 -9.83
O1A HEM XD . -9.20 24.24 -8.76
O2A HEM XD . -8.12 25.29 -10.35
C1B HEM XD . -5.53 17.77 -13.49
C2B HEM XD . -4.97 16.48 -13.41
C3B HEM XD . -4.36 16.27 -14.57
C4B HEM XD . -4.49 17.48 -15.36
CMB HEM XD . -5.09 15.50 -12.28
CAB HEM XD . -3.57 15.06 -14.92
CBB HEM XD . -4.16 14.05 -15.55
C1C HEM XD . -3.87 18.76 -17.21
C2C HEM XD . -3.12 19.07 -18.35
C3C HEM XD . -3.38 20.39 -18.64
C4C HEM XD . -4.25 20.89 -17.66
CMC HEM XD . -2.24 18.13 -19.11
CAC HEM XD . -2.78 21.23 -19.72
CBC HEM XD . -2.69 20.87 -21.00
C1D HEM XD . -5.62 22.71 -16.82
C2D HEM XD . -6.19 24.05 -16.88
C3D HEM XD . -7.04 24.13 -15.84
C4D HEM XD . -7.00 22.85 -15.15
CMD HEM XD . -5.90 25.13 -17.88
CAD HEM XD . -7.88 25.30 -15.47
CBD HEM XD . -9.25 24.98 -16.04
CGD HEM XD . -10.27 25.88 -15.42
O1D HEM XD . -11.38 25.85 -15.86
O2D HEM XD . -9.86 26.96 -14.75
NA HEM XD . -6.76 20.30 -13.51
NB HEM XD . -5.22 18.36 -14.65
NC HEM XD . -4.54 19.87 -16.78
ND HEM XD . -6.13 22.08 -15.79
FE HEM XD . -5.79 20.19 -15.26
CHA HEM YD . -0.37 25.53 -28.28
CHB HEM YD . -3.07 23.14 -25.06
CHC HEM YD . -6.67 23.00 -28.29
CHD HEM YD . -3.56 24.45 -31.73
C1A HEM YD . -0.82 24.90 -27.13
C2A HEM YD . -0.08 24.81 -25.95
C3A HEM YD . -0.81 24.14 -25.03
C4A HEM YD . -2.03 23.81 -25.64
CMA HEM YD . -0.42 23.81 -23.62
CAA HEM YD . 1.30 25.36 -25.74
CBA HEM YD . 2.31 24.26 -26.11
CGA HEM YD . 3.49 24.37 -25.21
O1A HEM YD . 4.40 23.58 -25.31
O2A HEM YD . 3.61 25.40 -24.37
C1B HEM YD . -4.25 22.96 -25.76
C2B HEM YD . -5.33 22.36 -25.09
C3B HEM YD . -6.36 22.30 -25.96
C4B HEM YD . -5.86 22.91 -27.19
CMB HEM YD . -5.32 21.87 -23.67
CAB HEM YD . -7.71 21.76 -25.73
CBB HEM YD . -8.63 22.58 -25.24
C1C HEM YD . -6.11 23.32 -29.50
C2C HEM YD . -6.76 23.18 -30.72
C3C HEM YD . -5.88 23.60 -31.70
C4C HEM YD . -4.66 23.98 -31.05
CMC HEM YD . -8.17 22.70 -30.93
CAC HEM YD . -6.21 23.58 -33.13
CBC HEM YD . -5.97 24.60 -33.94
C1D HEM YD . -2.41 24.91 -31.08
C2D HEM YD . -1.26 25.52 -31.75
C3D HEM YD . -0.37 25.81 -30.78
C4D HEM YD . -0.98 25.40 -29.52
CMD HEM YD . -1.09 25.77 -33.23
CAD HEM YD . 0.97 26.47 -30.92
CBD HEM YD . 0.73 27.95 -30.65
CGD HEM YD . 2.01 28.72 -30.75
O1D HEM YD . 3.04 28.13 -30.94
O2D HEM YD . 2.05 29.97 -30.29
NA HEM YD . -2.03 24.27 -26.91
NB HEM YD . -4.58 23.28 -27.03
NC HEM YD . -4.85 23.77 -29.69
ND HEM YD . -2.17 24.87 -29.80
FE HEM YD . -3.40 24.19 -28.38
P PGV ZD . -12.54 1.57 -21.02
C01 PGV ZD . -9.49 -0.99 -18.81
C02 PGV ZD . -10.47 0.14 -18.88
C03 PGV ZD . -10.35 0.79 -20.21
C04 PGV ZD . -13.70 3.05 -19.41
C05 PGV ZD . -14.79 4.06 -19.19
C06 PGV ZD . -14.98 4.19 -17.69
O01 PGV ZD . -10.34 1.09 -17.78
O02 PGV ZD . -8.44 2.14 -17.19
O03 PGV ZD . -9.87 -1.89 -17.83
O04 PGV ZD . -8.15 -3.12 -18.44
O05 PGV ZD . -15.95 3.65 -19.77
O06 PGV ZD . -16.33 4.11 -17.47
O11 PGV ZD . -11.12 1.94 -20.25
O12 PGV ZD . -13.58 2.84 -20.78
O13 PGV ZD . -13.11 0.42 -20.33
O14 PGV ZD . -12.21 1.59 -22.48
C1 PGV ZD . -9.20 1.20 -17.03
C2 PGV ZD . -8.96 0.12 -16.00
C3 PGV ZD . -8.32 0.73 -14.80
C4 PGV ZD . -8.34 -0.18 -13.58
C5 PGV ZD . -7.14 -1.07 -13.49
C6 PGV ZD . -6.63 -1.13 -12.06
C7 PGV ZD . -5.44 -2.05 -11.93
C8 PGV ZD . -5.86 -3.41 -11.50
C9 PGV ZD . -4.71 -4.38 -11.58
C10 PGV ZD . -4.89 -5.60 -10.69
C11 PGV ZD . -4.21 -5.45 -9.38
C12 PGV ZD . -4.58 -6.12 -8.29
C13 PGV ZD . -5.73 -7.05 -8.25
C14 PGV ZD . -5.71 -7.92 -7.00
C15 PGV ZD . -6.76 -7.48 -5.97
C16 PGV ZD . -8.13 -7.58 -6.52
C17 PGV ZD . -9.10 -8.30 -5.59
C18 PGV ZD . -10.38 -8.63 -6.31
C19 PGV ZD . -9.08 -2.95 -17.68
C20 PGV ZD . -9.43 -3.84 -16.58
C21 PGV ZD . -8.25 -4.58 -16.10
C22 PGV ZD . -8.66 -5.67 -15.17
C23 PGV ZD . -7.49 -6.35 -14.55
C24 PGV ZD . -7.83 -7.72 -13.98
C25 PGV ZD . -8.02 -7.66 -12.50
C26 PGV ZD . -8.10 -9.07 -11.90
C27 PGV ZD . -8.12 -9.04 -10.39
C28 PGV ZD . -9.03 -10.10 -9.82
MG BCL AE . 40.49 -5.22 -19.98
CHA BCL AE . 42.64 -5.57 -17.44
CHB BCL AE . 39.24 -8.26 -19.26
CHC BCL AE . 37.91 -4.51 -22.05
CHD BCL AE . 41.51 -1.88 -20.29
NA BCL AE . 40.88 -6.69 -18.56
C1A BCL AE . 41.90 -6.68 -17.63
C2A BCL AE . 41.83 -7.91 -16.71
C3A BCL AE . 40.95 -8.89 -17.55
C4A BCL AE . 40.28 -7.87 -18.46
CMA BCL AE . 41.86 -9.79 -18.39
CAA BCL AE . 41.26 -7.52 -15.37
CBA BCL AE . 42.09 -7.93 -14.19
CGA BCL AE . 41.41 -9.10 -13.54
O1A BCL AE . 40.91 -9.95 -14.10
O2A BCL AE . 40.97 -8.91 -12.39
NB BCL AE . 38.87 -6.16 -20.57
C1B BCL AE . 38.56 -7.42 -20.18
C2B BCL AE . 37.39 -7.78 -20.79
C3B BCL AE . 36.97 -6.76 -21.56
C4B BCL AE . 37.92 -5.72 -21.44
CMB BCL AE . 36.80 -9.13 -20.52
CAB BCL AE . 35.71 -6.71 -22.44
OBB BCL AE . 35.57 -5.85 -23.22
CBB BCL AE . 34.45 -7.49 -22.24
NC BCL AE . 39.83 -3.48 -20.88
C1C BCL AE . 38.78 -3.45 -21.73
C2C BCL AE . 38.75 -2.19 -22.55
C3C BCL AE . 40.06 -1.55 -22.28
C4C BCL AE . 40.38 -2.23 -20.95
CMC BCL AE . 38.86 -2.54 -24.02
CAC BCL AE . 39.65 -0.08 -22.11
CBC BCL AE . 38.71 0.18 -20.93
ND BCL AE . 41.71 -3.97 -19.14
C1D BCL AE . 42.09 -2.66 -19.32
C2D BCL AE . 43.08 -2.23 -18.42
C3D BCL AE . 43.30 -3.33 -17.70
C4D BCL AE . 42.48 -4.35 -18.14
CMD BCL AE . 43.71 -0.89 -18.31
CAD BCL AE . 44.11 -3.84 -16.57
OBD BCL AE . 44.98 -3.24 -15.80
CBD BCL AE . 43.60 -5.31 -16.27
CGD BCL AE . 44.87 -6.18 -16.44
O1D BCL AE . 45.64 -5.98 -17.20
O2D BCL AE . 45.24 -6.93 -15.53
CED BCL AE . 45.96 -8.16 -16.07
C1 BCL AE . 41.75 -9.31 -11.22
C2 BCL AE . 41.06 -10.45 -10.49
C3 BCL AE . 41.61 -11.12 -9.51
C4 BCL AE . 42.76 -10.56 -8.71
C5 BCL AE . 41.48 -12.66 -9.40
C6 BCL AE . 42.88 -13.32 -9.35
C7 BCL AE . 43.06 -13.94 -10.74
C8 BCL AE . 43.30 -15.42 -10.78
C9 BCL AE . 44.27 -15.88 -11.87
C10 BCL AE . 41.96 -16.02 -11.06
C11 BCL AE . 42.00 -17.38 -10.47
C12 BCL AE . 41.46 -17.18 -9.06
C13 BCL AE . 42.47 -17.83 -8.10
C14 BCL AE . 42.95 -19.12 -8.77
C15 BCL AE . 41.84 -18.11 -6.75
C16 BCL AE . 40.97 -19.32 -6.95
C17 BCL AE . 40.77 -19.97 -5.61
C18 BCL AE . 40.48 -21.47 -5.71
C19 BCL AE . 39.05 -21.62 -5.27
C20 BCL AE . 40.54 -21.94 -7.18
CA1 DGA BE . 17.19 -27.11 2.20
CA2 DGA BE . 16.80 -25.75 1.72
CA3 DGA BE . 16.43 -25.81 0.25
CA4 DGA BE . 16.48 -24.40 -0.31
CA5 DGA BE . 15.76 -24.22 -1.64
CA6 DGA BE . 16.34 -23.06 -2.43
CA7 DGA BE . 15.74 -22.90 -3.82
CA8 DGA BE . 14.90 -21.66 -3.98
CA9 DGA BE . 14.23 -21.45 -5.35
CAA DGA BE . 15.13 -20.91 -6.40
CBA DGA BE . 14.41 -19.89 -7.27
OA1 DGA BE . 16.80 -28.19 1.81
CB1 DGA BE . 19.69 -24.35 5.43
CB2 DGA BE . 19.49 -23.92 4.01
CB3 DGA BE . 20.39 -22.76 3.68
CB4 DGA BE . 20.37 -22.52 2.18
CB5 DGA BE . 19.16 -21.72 1.74
CB6 DGA BE . 18.93 -21.80 0.27
CB7 DGA BE . 19.50 -20.61 -0.47
CB8 DGA BE . 19.50 -20.77 -1.96
CB9 DGA BE . 19.70 -19.48 -2.73
CAB DGA BE . 19.96 -19.71 -4.22
CBB DGA BE . 18.73 -20.27 -4.92
CCB DGA BE . 18.96 -21.59 -5.69
CDB DGA BE . 19.36 -22.74 -4.78
CEB DGA BE . 19.10 -24.10 -5.40
CFB DGA BE . 19.97 -25.19 -4.81
CGB DGA BE . 19.73 -25.39 -3.30
CHB DGA BE . 20.29 -26.75 -2.82
CIB DGA BE . 20.38 -26.84 -1.31
OB1 DGA BE . 20.59 -24.13 6.20
OG1 DGA BE . 18.10 -27.02 3.22
CG1 DGA BE . 17.56 -26.85 4.50
CG2 DGA BE . 18.71 -26.46 5.48
OG2 DGA BE . 18.60 -25.10 5.80
CG3 DGA BE . 18.59 -27.23 6.81
OXT DGA BE . 19.83 -27.15 7.42
P PGV CE . 16.93 0.75 32.27
C01 PGV CE . 15.32 2.44 28.62
C02 PGV CE . 16.70 2.88 29.06
C03 PGV CE . 16.92 2.52 30.52
C04 PGV CE . 15.01 0.50 33.81
C05 PGV CE . 14.29 1.79 34.23
C06 PGV CE . 14.80 2.18 35.65
O01 PGV CE . 16.80 4.31 28.87
O02 PGV CE . 18.54 5.07 27.66
O03 PGV CE . 15.31 2.07 27.26
O04 PGV CE . 13.29 3.01 27.01
O05 PGV CE . 12.91 1.60 34.27
O06 PGV CE . 14.19 3.40 35.97
O11 PGV CE . 17.19 1.17 30.66
O12 PGV CE . 15.27 0.57 32.46
O13 PGV CE . 17.32 1.90 33.09
O14 PGV CE . 17.49 -0.65 32.42
C1 PGV CE . 17.35 4.79 27.71
C2 PGV CE . 16.40 4.98 26.56
C3 PGV CE . 16.37 6.47 26.15
C4 PGV CE . 16.74 6.70 24.68
C5 PGV CE . 15.70 7.60 24.00
C6 PGV CE . 15.93 7.60 22.51
C7 PGV CE . 15.11 8.65 21.82
C8 PGV CE . 15.85 9.96 21.80
C19 PGV CE . 14.21 2.39 26.51
C20 PGV CE . 14.26 1.92 25.10
C21 PGV CE . 13.32 2.71 24.21
C22 PGV CE . 13.84 4.08 23.85
C23 PGV CE . 13.18 4.65 22.57
C24 PGV CE . 13.72 4.03 21.30
C25 PGV CE . 13.76 5.01 20.09
C26 PGV CE . 12.42 5.65 19.83
C27 PGV CE . 12.36 6.37 18.45
C28 PGV CE . 10.96 6.98 18.29
C29 PGV CE . 10.62 7.51 16.89
C30 PGV CE . 9.14 7.90 16.85
C31 PGV CE . 8.68 8.34 15.49
C32 PGV CE . 9.15 9.75 15.11
#